data_7FAF
#
_entry.id   7FAF
#
_cell.length_a   1.00
_cell.length_b   1.00
_cell.length_c   1.00
_cell.angle_alpha   90.00
_cell.angle_beta   90.00
_cell.angle_gamma   90.00
#
_symmetry.space_group_name_H-M   'P 1'
#
loop_
_entity.id
_entity.type
_entity.pdbx_description
1 polymer 'Spike glycoprotein'
2 polymer 'P36-5D2 heavy chain'
3 polymer 'P36-5D2 light chain'
#
loop_
_entity_poly.entity_id
_entity_poly.type
_entity_poly.pdbx_seq_one_letter_code
_entity_poly.pdbx_strand_id
1 'polypeptide(L)'
;MFVFLVLLPLVSSQCVNLTTRTQLPPAYTNSFTRGVYYPDKVFRSSVLHSTQDLFLPFFSNVTWFHAIHVSGTNGTKRFD
NPVLPFNDGVYFASTEKSNIIRGWIFGTTLDSKTQSLLIVNNATNVVIKVCEFQFCNDPFLGVYYHKNNKSWMESEFRVY
SSANNCTFEYVSQPFLMDLEGKQGNFKNLREFVFKNIDGYFKIYSKHTPINLVRDLPQGFSALEPLVDLPIGINITRFQT
LLALHRSYLTPGDSSSGWTAGAAAYYVGYLQPRTFLLKYNENGTITDAVDCALDPLSETKCTLKSFTVEKGIYQTSNFRV
QPTESIVRFPNITNLCPFGEVFNATRFASVYAWNRKRISNCVADYSVLYNSASFSTFKCYGVSPTKLNDLCFTNVYADSF
VIRGDEVRQIAPGQTGKIADYNYKLPDDFTGCVIAWNSNNLDSKVGGNYNYLYRLFRKSNLKPFERDISTEIYQAGSTPC
NGVEGFNCYFPLQSYGFQPTNGVGYQPYRVVVLSFELLHAPATVCGPKKSTNLVKNKCVNFNFNGLTGTGVLTESNKKFL
PFQQFGRDIADTTDAVRDPQTLEILDITPCSFGGVSVITPGTNTSNQVAVLYQDVNCTEVPVAIHADQLTPTWRVYSTGS
NVFQTRAGCLIGAEHVNNSYECDIPIGAGICASYQTQTNSPGSASSVASQSIIAYTMSLGAENSVAYSNNSIAIPTNFTI
SVTTEILPVSMTKTSVDCTMYICGDSTECSNLLLQYGSFCTQLNRALTGIAVEQDKNTQEVFAQVKQIYKTPPIKDFGGF
NFSQILPDPSKPSKRSPIEDLLFNKVTLADAGFIKQYGDCLGDIAARDLICAQKFNGLTVLPPLLTDEMIAQYTSALLAG
TITSGWTFGAGPALQIPFPMQMAYRFNGIGVTQNVLYENQKLIANQFNSAIGKIQDSLSSTPSALGKLQDVVNQNAQALN
TLVKQLSSNFGAISSVLNDILSRLDPPEAEVQIDRLITGRLQSLQTYVTQQLIRAAEIRASANLAATKMSECVLGQSKRV
DFCGKGYHLMSFPQSAPHGVVFLHVTYVPAQEKNFTTAPAICHDGKAHFPREGVFVSNGTHWFVTQRNFYEPQIITTDNT
FVSGNCDVVIGIVNNTVYDPLQPELDSFKEELDKYFKNHTSPDVDLGDISGINASVVNIQKEIDRLNEVAKNLNESLIDL
QELGKYEQGSGYIPEAPRDGQAYVRKDGEWVLLSTFLGRSLEVLFQGPGHHHHHHHHSAWSHPQFEKGGGSGGGGSGGSA
WSHPQFEKGSDYKDDDDK
;
A,B,C
2 'polypeptide(L)'
;MGWSCIILFLVATATGVHSQVQLVQSGAEVKKPGASVKVSCKASGYTFTTYAMHWVRQAPGQRLEWMGWINAGNGNTKYS
QKFQGRVTITRDTSASTAYMELSSLRSEDTAVYYCAGGGGRRLQFDYFDYWGQGTLVTVSSASTKGPSVFPLAPSSKSTS
GGTAALGCLVKDYFPEPVTVSWNSGALTSGVHTFPAVLQSSGLYSLSSVVTVPSSSLGTQTYICNVNHKPSNTKVDKKVE
PKSCDKTHTCPPCPAPELLGGPSVFLFPPKPKDTLMISRTPEVTCVVVDVSHEDPEVKFNWYVDGVEVHNAKTKPREEQY
NSTYRVVSVLTVLHQDWLNGKEYKCKVSNKALPAPIEKTISKAKGQPREPQVYTLPPSRDELTKNQVSLTCLVKGFYPSD
IAVEWESNGQPENNYKTTPPVLDSDGSFFLYSKLTVDKSRWQQGNVFSCSVMHEALHNHYTQKSLSLSPGK
;
H,d,g
3 'polypeptide(L)'
;MGWSCIILFLVATATGVHSDIQMTQSPSTLSASVGDRVTITCRASQSISSWLAWYQQKPGKAPKLLIYDASSLESGVPSR
FSGSGSGTEFTLTISSLQPDDFATYYCQQYNGYPWTFGQGTKVEIKRTVAAPSVFIFPPSDEQLKSGTASVVCLLNNFYP
REAKVQWKVDNALQSGNSQESVTEQDSKDSTYSLSSTLTLSKADYEKHKVYACEVTHQGLSSPVTKSFNRGEC
;
L,c,f
#
# COMPACT_ATOMS: atom_id res chain seq x y z
N ALA A 27 -20.13 -31.52 -44.13
CA ALA A 27 -18.89 -32.28 -44.01
C ALA A 27 -17.89 -31.53 -43.13
N TYR A 28 -16.95 -32.27 -42.54
CA TYR A 28 -15.88 -31.72 -41.72
C TYR A 28 -14.55 -32.20 -42.28
N THR A 29 -13.50 -31.42 -42.04
CA THR A 29 -12.17 -31.75 -42.54
C THR A 29 -11.17 -31.44 -41.43
N ASN A 30 -9.95 -31.92 -41.63
CA ASN A 30 -8.87 -31.81 -40.64
C ASN A 30 -7.76 -30.95 -41.22
N SER A 31 -7.59 -29.75 -40.67
CA SER A 31 -6.38 -28.99 -40.92
C SER A 31 -5.18 -29.75 -40.37
N PHE A 32 -3.99 -29.45 -40.89
CA PHE A 32 -2.79 -30.08 -40.39
C PHE A 32 -1.86 -29.09 -39.70
N THR A 33 -1.38 -28.06 -40.41
CA THR A 33 -0.61 -26.96 -39.84
C THR A 33 -1.03 -25.71 -40.60
N ARG A 34 -2.10 -25.05 -40.16
CA ARG A 34 -2.72 -23.99 -40.94
C ARG A 34 -3.21 -22.88 -40.03
N GLY A 35 -3.13 -21.65 -40.55
CA GLY A 35 -3.59 -20.49 -39.81
C GLY A 35 -2.57 -19.95 -38.82
N VAL A 36 -1.32 -19.85 -39.24
CA VAL A 36 -0.28 -19.17 -38.48
C VAL A 36 -0.09 -17.80 -39.09
N TYR A 37 -0.14 -16.77 -38.26
CA TYR A 37 0.06 -15.41 -38.71
C TYR A 37 1.17 -14.80 -37.88
N TYR A 38 1.86 -13.84 -38.48
CA TYR A 38 2.84 -13.09 -37.72
C TYR A 38 2.09 -12.39 -36.61
N PRO A 39 2.28 -12.76 -35.34
CA PRO A 39 1.50 -12.14 -34.25
C PRO A 39 1.53 -10.64 -34.35
N ASP A 40 2.62 -10.10 -34.90
CA ASP A 40 2.74 -8.63 -35.03
C ASP A 40 3.73 -8.32 -36.15
N LYS A 41 4.51 -7.25 -35.97
CA LYS A 41 5.56 -6.92 -36.96
C LYS A 41 6.90 -7.21 -36.30
N VAL A 42 7.89 -6.32 -36.47
CA VAL A 42 9.27 -6.49 -35.89
C VAL A 42 10.00 -7.66 -36.58
N PHE A 43 11.16 -7.39 -37.16
CA PHE A 43 11.93 -8.44 -37.87
C PHE A 43 12.60 -9.37 -36.86
N ARG A 44 12.55 -10.69 -37.10
CA ARG A 44 13.29 -11.61 -36.27
C ARG A 44 14.15 -12.44 -37.22
N SER A 45 15.24 -13.01 -36.72
CA SER A 45 15.98 -13.98 -37.51
C SER A 45 15.91 -15.29 -36.74
N SER A 46 16.73 -16.28 -37.11
CA SER A 46 16.50 -17.61 -36.56
C SER A 46 16.46 -17.54 -35.03
N VAL A 47 15.24 -17.61 -34.49
CA VAL A 47 14.99 -17.55 -33.06
C VAL A 47 13.75 -18.40 -32.78
N LEU A 48 13.92 -19.44 -31.96
CA LEU A 48 12.77 -20.26 -31.61
C LEU A 48 11.92 -19.51 -30.59
N HIS A 49 11.14 -18.55 -31.08
CA HIS A 49 10.44 -17.61 -30.21
C HIS A 49 9.09 -18.17 -29.80
N SER A 50 8.76 -18.04 -28.52
CA SER A 50 7.52 -18.59 -27.97
C SER A 50 6.51 -17.48 -27.76
N THR A 51 5.27 -17.72 -28.19
CA THR A 51 4.20 -16.73 -28.10
C THR A 51 2.97 -17.33 -27.44
N GLN A 52 2.17 -16.45 -26.84
CA GLN A 52 0.83 -16.75 -26.35
C GLN A 52 -0.13 -15.82 -27.09
N ASP A 53 -1.10 -16.41 -27.79
CA ASP A 53 -2.01 -15.59 -28.61
C ASP A 53 -3.21 -16.47 -28.99
N LEU A 54 -4.06 -15.94 -29.87
CA LEU A 54 -5.21 -16.66 -30.39
C LEU A 54 -4.79 -17.34 -31.69
N PHE A 55 -4.70 -18.67 -31.66
CA PHE A 55 -4.29 -19.46 -32.81
C PHE A 55 -5.38 -20.46 -33.17
N LEU A 56 -5.27 -21.02 -34.37
CA LEU A 56 -6.06 -22.17 -34.74
C LEU A 56 -5.24 -23.40 -34.37
N PRO A 57 -5.67 -24.19 -33.39
CA PRO A 57 -4.82 -25.30 -32.92
C PRO A 57 -4.58 -26.32 -34.01
N PHE A 58 -3.48 -27.06 -33.88
CA PHE A 58 -3.07 -28.00 -34.90
C PHE A 58 -4.01 -29.20 -34.94
N PHE A 59 -4.25 -29.68 -36.16
CA PHE A 59 -5.14 -30.81 -36.43
C PHE A 59 -6.53 -30.55 -35.83
N SER A 60 -7.18 -29.53 -36.37
CA SER A 60 -8.48 -29.06 -35.90
C SER A 60 -9.61 -29.67 -36.73
N ASN A 61 -10.83 -29.37 -36.31
CA ASN A 61 -12.07 -29.86 -36.90
C ASN A 61 -12.73 -28.68 -37.60
N VAL A 62 -12.41 -28.49 -38.89
CA VAL A 62 -12.87 -27.32 -39.63
C VAL A 62 -14.10 -27.71 -40.45
N THR A 63 -15.13 -26.89 -40.38
CA THR A 63 -16.35 -27.11 -41.13
C THR A 63 -16.08 -26.97 -42.63
N TRP A 64 -16.81 -27.75 -43.44
CA TRP A 64 -16.72 -27.71 -44.89
C TRP A 64 -18.04 -27.22 -45.47
N PHE A 65 -17.97 -26.28 -46.41
CA PHE A 65 -19.14 -25.76 -47.08
C PHE A 65 -18.96 -25.85 -48.60
N HIS A 66 -20.02 -26.24 -49.29
CA HIS A 66 -20.02 -26.33 -50.75
C HIS A 66 -20.97 -25.29 -51.33
N ALA A 67 -20.86 -25.11 -52.65
CA ALA A 67 -21.71 -24.18 -53.38
C ALA A 67 -21.56 -24.42 -54.89
N ASN A 81 -24.74 -18.82 -48.26
CA ASN A 81 -24.38 -19.84 -47.29
C ASN A 81 -24.72 -19.19 -45.93
N PRO A 82 -25.03 -19.98 -44.89
CA PRO A 82 -25.81 -19.44 -43.78
C PRO A 82 -25.00 -18.55 -42.87
N VAL A 83 -25.65 -18.21 -41.76
CA VAL A 83 -25.14 -17.24 -40.81
C VAL A 83 -24.37 -18.00 -39.73
N LEU A 84 -23.09 -17.66 -39.57
CA LEU A 84 -22.16 -18.35 -38.69
C LEU A 84 -21.78 -17.48 -37.50
N PRO A 85 -21.26 -18.06 -36.43
CA PRO A 85 -20.76 -17.26 -35.31
C PRO A 85 -19.34 -16.78 -35.55
N PHE A 86 -18.91 -15.86 -34.69
CA PHE A 86 -17.53 -15.36 -34.69
C PHE A 86 -16.80 -15.75 -33.40
N ASN A 87 -17.26 -15.22 -32.27
CA ASN A 87 -17.08 -15.59 -30.87
C ASN A 87 -15.65 -15.52 -30.36
N ASP A 88 -14.66 -15.78 -31.22
CA ASP A 88 -13.25 -15.41 -31.03
C ASP A 88 -12.47 -15.62 -32.31
N GLY A 89 -12.32 -14.61 -33.16
CA GLY A 89 -11.51 -14.77 -34.36
C GLY A 89 -12.04 -15.83 -35.33
N VAL A 90 -11.54 -15.81 -36.57
CA VAL A 90 -11.95 -16.81 -37.57
C VAL A 90 -10.80 -17.09 -38.53
N TYR A 91 -10.56 -18.37 -38.80
CA TYR A 91 -9.75 -18.81 -39.93
C TYR A 91 -10.68 -19.16 -41.09
N PHE A 92 -10.28 -18.76 -42.31
CA PHE A 92 -11.18 -18.85 -43.46
C PHE A 92 -10.34 -19.09 -44.72
N ALA A 93 -10.42 -20.28 -45.29
CA ALA A 93 -9.76 -20.61 -46.55
C ALA A 93 -10.80 -20.75 -47.66
N SER A 94 -10.32 -20.70 -48.90
CA SER A 94 -11.19 -20.84 -50.08
C SER A 94 -10.33 -21.24 -51.27
N THR A 95 -10.96 -21.89 -52.27
CA THR A 95 -10.25 -22.47 -53.40
C THR A 95 -11.09 -22.40 -54.66
N GLU A 96 -10.56 -21.74 -55.70
CA GLU A 96 -11.16 -21.62 -57.03
C GLU A 96 -10.15 -20.94 -57.96
N LYS A 97 -10.46 -20.96 -59.26
CA LYS A 97 -9.83 -20.07 -60.23
C LYS A 97 -10.69 -18.87 -60.55
N SER A 98 -11.97 -19.09 -60.80
CA SER A 98 -12.93 -18.00 -60.83
C SER A 98 -13.03 -17.40 -59.42
N ASN A 99 -13.83 -16.35 -59.30
CA ASN A 99 -14.01 -15.67 -58.02
C ASN A 99 -15.48 -15.73 -57.66
N ILE A 100 -15.87 -16.81 -56.98
CA ILE A 100 -17.21 -16.92 -56.43
C ILE A 100 -17.27 -16.34 -55.03
N ILE A 101 -16.19 -16.48 -54.24
CA ILE A 101 -16.12 -15.89 -52.92
C ILE A 101 -15.82 -14.40 -53.08
N ARG A 102 -16.80 -13.57 -52.76
CA ARG A 102 -16.76 -12.13 -53.04
C ARG A 102 -16.87 -11.32 -51.75
N GLY A 103 -16.12 -11.69 -50.73
CA GLY A 103 -16.12 -10.93 -49.50
C GLY A 103 -17.07 -11.45 -48.46
N TRP A 104 -17.14 -10.72 -47.36
CA TRP A 104 -17.85 -11.16 -46.16
C TRP A 104 -18.62 -10.00 -45.55
N ILE A 105 -19.57 -10.34 -44.67
CA ILE A 105 -20.37 -9.35 -43.95
C ILE A 105 -20.36 -9.73 -42.48
N PHE A 106 -20.16 -8.75 -41.60
CA PHE A 106 -19.92 -8.97 -40.19
C PHE A 106 -20.93 -8.18 -39.36
N GLY A 107 -20.84 -8.33 -38.04
CA GLY A 107 -21.65 -7.55 -37.13
C GLY A 107 -22.35 -8.44 -36.12
N THR A 108 -23.33 -7.85 -35.44
CA THR A 108 -24.11 -8.55 -34.42
C THR A 108 -25.52 -8.89 -34.86
N THR A 109 -26.18 -8.02 -35.63
CA THR A 109 -27.53 -8.28 -36.07
C THR A 109 -27.69 -8.34 -37.58
N LEU A 110 -26.66 -7.95 -38.33
CA LEU A 110 -26.66 -8.04 -39.79
C LEU A 110 -27.86 -7.30 -40.39
N ASP A 111 -28.17 -6.15 -39.81
CA ASP A 111 -29.34 -5.38 -40.22
C ASP A 111 -29.16 -3.97 -39.69
N SER A 112 -30.22 -3.16 -39.78
CA SER A 112 -30.30 -1.89 -39.07
C SER A 112 -30.42 -2.18 -37.58
N LYS A 113 -30.66 -1.12 -36.80
CA LYS A 113 -30.82 -1.10 -35.34
C LYS A 113 -29.48 -1.30 -34.66
N THR A 114 -28.43 -1.59 -35.43
CA THR A 114 -27.07 -1.73 -34.92
C THR A 114 -26.12 -1.76 -36.12
N GLN A 115 -24.93 -1.19 -35.92
CA GLN A 115 -23.98 -0.99 -37.01
C GLN A 115 -23.34 -2.31 -37.44
N SER A 116 -22.88 -2.35 -38.69
CA SER A 116 -22.20 -3.54 -39.17
C SER A 116 -21.18 -3.18 -40.25
N LEU A 117 -20.21 -4.07 -40.42
CA LEU A 117 -19.20 -3.95 -41.46
C LEU A 117 -19.65 -4.71 -42.70
N LEU A 118 -19.12 -4.28 -43.85
CA LEU A 118 -19.41 -4.92 -45.13
C LEU A 118 -18.16 -4.87 -45.97
N ILE A 119 -17.62 -6.03 -46.36
CA ILE A 119 -16.44 -6.10 -47.22
C ILE A 119 -16.85 -6.82 -48.49
N VAL A 120 -16.80 -6.10 -49.62
CA VAL A 120 -17.33 -6.57 -50.90
C VAL A 120 -16.22 -6.48 -51.95
N ASN A 121 -16.31 -7.33 -52.98
CA ASN A 121 -15.38 -7.20 -54.11
C ASN A 121 -16.17 -7.47 -55.39
N ASN A 122 -16.42 -6.41 -56.17
CA ASN A 122 -16.94 -6.60 -57.52
C ASN A 122 -15.85 -7.19 -58.39
N ALA A 123 -16.12 -7.24 -59.69
CA ALA A 123 -15.08 -7.37 -60.68
C ALA A 123 -14.12 -6.17 -60.70
N THR A 124 -14.33 -5.11 -59.91
CA THR A 124 -13.45 -3.95 -59.98
C THR A 124 -12.32 -4.04 -58.96
N ASN A 125 -12.66 -3.97 -57.67
CA ASN A 125 -11.70 -3.94 -56.56
C ASN A 125 -12.49 -3.93 -55.25
N VAL A 126 -11.74 -4.00 -54.14
CA VAL A 126 -12.34 -4.13 -52.82
C VAL A 126 -13.10 -2.88 -52.42
N VAL A 127 -14.20 -3.08 -51.68
CA VAL A 127 -15.00 -2.02 -51.09
C VAL A 127 -15.28 -2.37 -49.63
N ILE A 128 -14.56 -1.73 -48.71
CA ILE A 128 -14.89 -1.79 -47.28
C ILE A 128 -15.89 -0.70 -46.98
N LYS A 129 -16.85 -1.00 -46.11
CA LYS A 129 -17.88 -0.02 -45.77
C LYS A 129 -18.39 -0.31 -44.37
N VAL A 130 -18.70 0.75 -43.63
CA VAL A 130 -19.33 0.58 -42.32
C VAL A 130 -20.52 1.51 -42.19
N CYS A 131 -21.72 0.93 -42.16
CA CYS A 131 -22.91 1.74 -42.05
C CYS A 131 -23.82 0.94 -41.13
N GLU A 132 -25.07 1.33 -41.00
CA GLU A 132 -26.11 0.38 -40.61
C GLU A 132 -26.84 0.00 -41.89
N PHE A 133 -27.07 -1.29 -42.08
CA PHE A 133 -27.58 -1.78 -43.34
C PHE A 133 -28.96 -2.40 -43.15
N GLN A 134 -29.52 -2.89 -44.25
CA GLN A 134 -30.66 -3.80 -44.23
C GLN A 134 -30.25 -4.95 -45.13
N PHE A 135 -29.70 -6.00 -44.53
CA PHE A 135 -29.14 -7.10 -45.30
C PHE A 135 -30.24 -8.07 -45.68
N CYS A 136 -30.23 -8.50 -46.94
CA CYS A 136 -31.04 -9.64 -47.34
C CYS A 136 -30.69 -10.83 -46.48
N ASN A 137 -31.71 -11.62 -46.10
CA ASN A 137 -31.43 -12.83 -45.34
C ASN A 137 -30.63 -13.84 -46.16
N ASP A 138 -30.70 -13.74 -47.49
CA ASP A 138 -29.84 -14.52 -48.39
C ASP A 138 -29.22 -13.55 -49.39
N PRO A 139 -28.19 -12.82 -48.99
CA PRO A 139 -27.60 -11.80 -49.87
C PRO A 139 -26.49 -12.35 -50.75
N PHE A 140 -26.43 -11.85 -51.99
CA PHE A 140 -25.32 -12.18 -52.87
C PHE A 140 -25.16 -11.08 -53.91
N LEU A 141 -24.32 -11.37 -54.91
CA LEU A 141 -24.24 -10.64 -56.16
C LEU A 141 -24.31 -11.63 -57.32
N GLY A 142 -24.93 -11.20 -58.42
CA GLY A 142 -25.13 -12.05 -59.57
C GLY A 142 -23.95 -12.04 -60.53
N VAL A 143 -24.24 -12.38 -61.79
CA VAL A 143 -23.23 -12.37 -62.84
C VAL A 143 -23.92 -12.40 -64.20
N MET A 153 -24.59 -8.30 -69.60
CA MET A 153 -25.35 -8.21 -68.35
C MET A 153 -24.42 -7.96 -67.15
N GLU A 154 -24.09 -9.01 -66.41
CA GLU A 154 -23.18 -8.97 -65.27
C GLU A 154 -23.63 -7.92 -64.26
N SER A 155 -24.95 -7.91 -64.00
CA SER A 155 -25.57 -7.06 -63.00
C SER A 155 -25.82 -7.88 -61.74
N GLU A 156 -25.65 -7.25 -60.58
CA GLU A 156 -25.39 -7.99 -59.35
C GLU A 156 -25.95 -7.21 -58.16
N PHE A 157 -25.47 -7.57 -56.97
CA PHE A 157 -25.68 -6.82 -55.73
C PHE A 157 -27.14 -6.77 -55.32
N ARG A 158 -27.71 -7.94 -54.99
CA ARG A 158 -28.86 -7.96 -54.12
C ARG A 158 -28.47 -8.18 -52.66
N VAL A 159 -27.29 -7.67 -52.27
CA VAL A 159 -26.79 -7.89 -50.92
C VAL A 159 -27.67 -7.20 -49.88
N TYR A 160 -27.74 -5.88 -49.93
CA TYR A 160 -28.49 -5.12 -48.94
C TYR A 160 -29.55 -4.27 -49.63
N SER A 161 -30.26 -3.48 -48.82
CA SER A 161 -31.21 -2.49 -49.33
C SER A 161 -31.18 -1.19 -48.53
N SER A 162 -30.13 -0.96 -47.73
CA SER A 162 -30.04 0.25 -46.93
C SER A 162 -28.57 0.53 -46.61
N ALA A 163 -28.21 1.80 -46.60
CA ALA A 163 -26.83 2.23 -46.36
C ALA A 163 -26.81 3.49 -45.48
N ASN A 164 -27.56 3.48 -44.38
CA ASN A 164 -27.70 4.68 -43.58
C ASN A 164 -26.55 4.86 -42.59
N ASN A 165 -26.40 6.11 -42.11
CA ASN A 165 -25.49 6.48 -41.02
C ASN A 165 -24.07 5.97 -41.22
N CYS A 166 -23.54 6.16 -42.42
CA CYS A 166 -22.23 5.62 -42.75
C CYS A 166 -21.13 6.30 -41.94
N THR A 167 -20.37 5.49 -41.21
CA THR A 167 -19.32 5.95 -40.32
C THR A 167 -17.93 5.60 -40.84
N PHE A 168 -17.84 4.84 -41.93
CA PHE A 168 -16.56 4.45 -42.52
C PHE A 168 -16.78 4.01 -43.96
N GLU A 169 -16.00 4.54 -44.89
CA GLU A 169 -16.06 4.18 -46.30
C GLU A 169 -14.67 3.89 -46.82
N TYR A 170 -14.62 3.10 -47.88
CA TYR A 170 -13.39 2.83 -48.64
C TYR A 170 -13.78 2.29 -50.01
N VAL A 171 -13.09 2.76 -51.05
CA VAL A 171 -13.24 2.23 -52.40
C VAL A 171 -11.88 2.30 -53.07
N SER A 172 -11.77 1.78 -54.28
CA SER A 172 -10.53 1.86 -55.06
C SER A 172 -10.82 1.78 -56.56
N LYS A 187 -5.58 -24.61 -58.51
CA LYS A 187 -6.12 -23.27 -58.74
C LYS A 187 -5.53 -22.29 -57.73
N ASN A 188 -6.36 -21.78 -56.82
CA ASN A 188 -5.89 -20.80 -55.85
C ASN A 188 -6.36 -21.19 -54.45
N LEU A 189 -5.55 -20.87 -53.45
CA LEU A 189 -5.92 -21.01 -52.05
C LEU A 189 -5.70 -19.66 -51.36
N ARG A 190 -6.77 -19.13 -50.76
CA ARG A 190 -6.76 -17.77 -50.21
C ARG A 190 -7.16 -17.85 -48.74
N GLU A 191 -6.18 -17.76 -47.85
CA GLU A 191 -6.39 -17.90 -46.42
C GLU A 191 -6.49 -16.55 -45.73
N PHE A 192 -7.38 -16.46 -44.75
CA PHE A 192 -7.64 -15.23 -44.04
C PHE A 192 -7.80 -15.54 -42.56
N VAL A 193 -7.31 -14.63 -41.72
CA VAL A 193 -7.55 -14.65 -40.27
C VAL A 193 -8.16 -13.30 -39.91
N PHE A 194 -9.35 -13.34 -39.31
CA PHE A 194 -10.07 -12.14 -38.88
C PHE A 194 -10.10 -12.11 -37.35
N LYS A 195 -9.74 -10.98 -36.77
CA LYS A 195 -9.84 -10.82 -35.32
C LYS A 195 -10.27 -9.40 -34.97
N ASN A 196 -10.83 -9.24 -33.77
CA ASN A 196 -11.47 -7.98 -33.37
C ASN A 196 -11.14 -7.72 -31.91
N ILE A 197 -10.10 -6.93 -31.67
CA ILE A 197 -9.60 -6.62 -30.33
C ILE A 197 -9.61 -5.11 -30.13
N ASP A 198 -10.39 -4.63 -29.15
CA ASP A 198 -10.21 -3.28 -28.62
C ASP A 198 -10.57 -2.19 -29.62
N GLY A 199 -11.73 -2.34 -30.27
CA GLY A 199 -12.06 -1.44 -31.37
C GLY A 199 -11.21 -1.64 -32.60
N TYR A 200 -10.43 -2.70 -32.62
CA TYR A 200 -9.38 -2.97 -33.58
C TYR A 200 -9.81 -4.11 -34.47
N PHE A 201 -10.14 -3.85 -35.73
CA PHE A 201 -10.48 -4.98 -36.58
C PHE A 201 -9.26 -5.28 -37.45
N LYS A 202 -8.65 -6.44 -37.20
CA LYS A 202 -7.40 -6.85 -37.81
C LYS A 202 -7.62 -8.00 -38.78
N ILE A 203 -7.01 -7.87 -39.96
CA ILE A 203 -7.13 -8.86 -41.03
C ILE A 203 -5.74 -9.26 -41.47
N TYR A 204 -5.44 -10.56 -41.35
CA TYR A 204 -4.26 -11.21 -41.92
C TYR A 204 -4.68 -12.07 -43.10
N SER A 205 -3.77 -12.23 -44.06
CA SER A 205 -4.14 -12.92 -45.29
C SER A 205 -2.91 -13.57 -45.91
N LYS A 206 -3.15 -14.52 -46.80
CA LYS A 206 -2.11 -15.18 -47.57
C LYS A 206 -2.73 -15.81 -48.81
N HIS A 207 -2.05 -15.67 -49.94
CA HIS A 207 -2.50 -16.24 -51.22
C HIS A 207 -1.46 -17.26 -51.68
N THR A 208 -1.76 -18.57 -51.49
CA THR A 208 -0.84 -19.57 -52.02
C THR A 208 -1.47 -20.27 -53.21
N PRO A 209 -0.67 -20.68 -54.20
CA PRO A 209 -1.22 -21.44 -55.31
C PRO A 209 -1.25 -22.94 -55.03
N ILE A 210 -2.43 -23.54 -55.10
CA ILE A 210 -2.54 -24.99 -55.02
C ILE A 210 -2.29 -25.58 -56.39
N ASN A 211 -2.01 -26.88 -56.44
CA ASN A 211 -1.99 -27.63 -57.70
C ASN A 211 -3.22 -28.51 -57.82
N LEU A 212 -4.26 -28.23 -57.04
CA LEU A 212 -5.56 -28.87 -57.11
C LEU A 212 -6.57 -27.78 -57.44
N VAL A 213 -7.87 -28.11 -57.34
CA VAL A 213 -8.88 -27.10 -57.58
C VAL A 213 -9.54 -26.67 -56.28
N ARG A 214 -10.21 -27.58 -55.56
CA ARG A 214 -11.07 -27.17 -54.45
C ARG A 214 -11.03 -28.15 -53.27
N ASP A 215 -9.83 -28.56 -52.84
CA ASP A 215 -9.72 -29.30 -51.58
C ASP A 215 -8.62 -28.70 -50.72
N LEU A 216 -8.78 -28.86 -49.42
CA LEU A 216 -7.84 -28.29 -48.44
C LEU A 216 -6.53 -29.06 -48.46
N PRO A 217 -5.39 -28.41 -48.76
CA PRO A 217 -4.11 -29.12 -48.86
C PRO A 217 -3.38 -29.28 -47.54
N GLN A 218 -2.12 -29.75 -47.59
CA GLN A 218 -1.25 -29.87 -46.42
C GLN A 218 0.02 -29.05 -46.63
N GLY A 219 0.54 -28.47 -45.56
CA GLY A 219 1.75 -27.67 -45.63
C GLY A 219 1.75 -26.59 -44.56
N PHE A 220 2.80 -25.75 -44.62
CA PHE A 220 2.97 -24.64 -43.70
C PHE A 220 3.18 -23.34 -44.49
N SER A 221 2.42 -22.31 -44.14
CA SER A 221 2.52 -21.01 -44.81
C SER A 221 2.03 -19.94 -43.83
N ALA A 222 2.92 -19.02 -43.45
CA ALA A 222 2.57 -17.98 -42.49
C ALA A 222 1.76 -16.88 -43.16
N LEU A 223 0.81 -16.32 -42.41
CA LEU A 223 -0.10 -15.31 -42.90
C LEU A 223 0.35 -13.93 -42.46
N GLU A 224 0.42 -13.00 -43.40
CA GLU A 224 0.92 -11.65 -43.17
C GLU A 224 -0.21 -10.66 -43.01
N PRO A 225 -0.13 -9.80 -41.99
CA PRO A 225 -1.22 -8.85 -41.73
C PRO A 225 -1.43 -7.93 -42.91
N LEU A 226 -2.70 -7.63 -43.16
CA LEU A 226 -3.10 -6.84 -44.31
C LEU A 226 -3.76 -5.52 -43.90
N VAL A 227 -4.80 -5.57 -43.07
CA VAL A 227 -5.62 -4.39 -42.83
C VAL A 227 -5.69 -4.10 -41.34
N ASP A 228 -6.20 -2.93 -41.02
CA ASP A 228 -6.27 -2.44 -39.66
C ASP A 228 -7.37 -1.39 -39.64
N LEU A 229 -8.53 -1.70 -39.08
CA LEU A 229 -9.69 -0.81 -39.20
C LEU A 229 -10.16 -0.20 -37.88
N PRO A 230 -10.37 1.16 -37.88
CA PRO A 230 -10.86 2.08 -36.82
C PRO A 230 -12.33 2.16 -36.44
N ILE A 231 -12.89 1.05 -35.99
CA ILE A 231 -14.34 1.01 -35.96
C ILE A 231 -14.92 1.12 -34.54
N GLY A 232 -14.53 0.23 -33.64
CA GLY A 232 -15.21 0.05 -32.37
C GLY A 232 -16.46 -0.80 -32.46
N ILE A 233 -16.74 -1.35 -33.65
CA ILE A 233 -17.95 -2.14 -33.87
C ILE A 233 -18.00 -3.32 -32.91
N ASN A 234 -19.22 -3.71 -32.54
CA ASN A 234 -19.44 -5.04 -32.01
C ASN A 234 -19.61 -6.08 -33.10
N ILE A 235 -19.08 -7.27 -32.85
CA ILE A 235 -19.18 -8.41 -33.75
C ILE A 235 -19.55 -9.65 -32.96
N THR A 236 -20.63 -10.31 -33.37
CA THR A 236 -20.94 -11.65 -32.90
C THR A 236 -21.22 -12.62 -34.03
N ARG A 237 -21.20 -12.18 -35.29
CA ARG A 237 -21.74 -13.00 -36.36
C ARG A 237 -21.15 -12.53 -37.68
N PHE A 238 -21.17 -13.43 -38.67
CA PHE A 238 -20.63 -13.11 -40.00
C PHE A 238 -21.20 -14.07 -41.03
N GLN A 239 -20.98 -13.73 -42.30
CA GLN A 239 -21.56 -14.48 -43.42
C GLN A 239 -20.55 -14.46 -44.57
N THR A 240 -21.00 -14.87 -45.76
CA THR A 240 -20.20 -14.93 -46.97
C THR A 240 -21.09 -14.50 -48.14
N LEU A 241 -20.45 -14.00 -49.21
CA LEU A 241 -21.16 -13.56 -50.41
C LEU A 241 -20.65 -14.35 -51.60
N LEU A 242 -21.54 -14.71 -52.51
CA LEU A 242 -21.20 -15.55 -53.66
C LEU A 242 -21.74 -14.95 -54.95
N ALA A 243 -21.03 -15.21 -56.05
CA ALA A 243 -21.42 -14.76 -57.38
C ALA A 243 -22.15 -15.92 -58.07
N LEU A 244 -23.33 -15.65 -58.60
CA LEU A 244 -24.23 -16.73 -59.01
C LEU A 244 -23.96 -17.37 -60.35
N HIS A 245 -24.87 -18.26 -60.73
CA HIS A 245 -24.95 -18.84 -62.06
C HIS A 245 -26.16 -18.22 -62.76
N ARG A 246 -25.89 -17.39 -63.76
CA ARG A 246 -26.96 -16.84 -64.59
C ARG A 246 -26.67 -16.94 -66.08
N SER A 247 -25.41 -17.16 -66.48
CA SER A 247 -25.05 -17.34 -67.87
C SER A 247 -24.29 -18.65 -68.05
N ALA A 264 -16.63 -24.01 -52.29
CA ALA A 264 -15.87 -24.77 -51.31
C ALA A 264 -15.10 -23.85 -50.38
N TYR A 265 -15.49 -23.79 -49.11
CA TYR A 265 -14.75 -22.99 -48.15
C TYR A 265 -14.93 -23.55 -46.75
N TYR A 266 -14.06 -23.12 -45.84
CA TYR A 266 -13.93 -23.69 -44.52
C TYR A 266 -13.92 -22.59 -43.47
N VAL A 267 -14.34 -22.91 -42.25
CA VAL A 267 -14.43 -21.93 -41.17
C VAL A 267 -13.91 -22.57 -39.87
N GLY A 268 -12.72 -22.14 -39.44
CA GLY A 268 -12.21 -22.50 -38.14
C GLY A 268 -12.40 -21.39 -37.13
N TYR A 269 -12.03 -21.67 -35.88
CA TYR A 269 -12.12 -20.70 -34.82
C TYR A 269 -10.83 -20.71 -34.01
N LEU A 270 -10.52 -19.56 -33.41
CA LEU A 270 -9.25 -19.36 -32.74
C LEU A 270 -9.45 -19.41 -31.23
N GLN A 271 -8.45 -19.95 -30.55
CA GLN A 271 -8.46 -20.09 -29.10
C GLN A 271 -7.11 -19.63 -28.56
N PRO A 272 -7.04 -19.26 -27.28
CA PRO A 272 -5.74 -18.88 -26.70
C PRO A 272 -4.82 -20.09 -26.53
N ARG A 273 -3.80 -20.16 -27.36
CA ARG A 273 -2.78 -21.19 -27.32
C ARG A 273 -1.41 -20.55 -27.13
N THR A 274 -0.41 -21.41 -26.89
CA THR A 274 0.99 -21.01 -26.90
C THR A 274 1.69 -21.80 -28.00
N PHE A 275 2.46 -21.09 -28.82
CA PHE A 275 3.16 -21.68 -29.94
C PHE A 275 4.65 -21.37 -29.84
N LEU A 276 5.45 -22.19 -30.52
CA LEU A 276 6.88 -21.99 -30.64
C LEU A 276 7.22 -21.85 -32.12
N LEU A 277 7.53 -20.64 -32.55
CA LEU A 277 7.73 -20.30 -33.96
C LEU A 277 9.22 -20.35 -34.27
N LYS A 278 9.56 -20.93 -35.42
CA LYS A 278 10.93 -20.95 -35.93
C LYS A 278 11.07 -19.90 -37.02
N TYR A 279 11.96 -18.94 -36.80
CA TYR A 279 12.17 -17.86 -37.76
C TYR A 279 13.36 -18.22 -38.65
N ASN A 280 13.30 -17.77 -39.90
CA ASN A 280 14.41 -17.95 -40.82
C ASN A 280 15.45 -16.85 -40.58
N GLU A 281 16.61 -16.99 -41.22
CA GLU A 281 17.64 -15.97 -41.10
C GLU A 281 17.19 -14.64 -41.69
N ASN A 282 16.16 -14.68 -42.55
CA ASN A 282 15.62 -13.56 -43.30
C ASN A 282 14.41 -12.93 -42.63
N GLY A 283 13.78 -13.59 -41.66
CA GLY A 283 12.63 -13.05 -40.99
C GLY A 283 11.30 -13.73 -41.19
N THR A 284 11.23 -14.81 -41.96
CA THR A 284 9.94 -15.45 -42.20
C THR A 284 9.77 -16.66 -41.29
N ILE A 285 8.52 -16.87 -40.87
CA ILE A 285 8.15 -18.04 -40.10
C ILE A 285 8.15 -19.26 -41.02
N THR A 286 9.02 -20.23 -40.75
CA THR A 286 9.14 -21.43 -41.56
C THR A 286 8.50 -22.66 -40.94
N ASP A 287 8.52 -22.78 -39.61
CA ASP A 287 7.94 -23.93 -38.93
C ASP A 287 7.39 -23.45 -37.59
N ALA A 288 6.51 -24.27 -37.00
CA ALA A 288 5.91 -23.93 -35.72
C ALA A 288 5.63 -25.21 -34.94
N VAL A 289 5.50 -25.05 -33.62
CA VAL A 289 5.13 -26.14 -32.73
C VAL A 289 3.95 -25.66 -31.89
N ASP A 290 2.90 -26.47 -31.85
CA ASP A 290 1.77 -26.23 -30.95
C ASP A 290 2.04 -26.94 -29.63
N CYS A 291 2.30 -26.16 -28.58
CA CYS A 291 2.77 -26.67 -27.30
C CYS A 291 1.68 -27.40 -26.51
N ALA A 292 0.51 -27.63 -27.09
CA ALA A 292 -0.56 -28.31 -26.36
C ALA A 292 -1.12 -29.51 -27.11
N LEU A 293 -0.41 -30.07 -28.09
CA LEU A 293 -0.92 -31.19 -28.85
C LEU A 293 -0.67 -32.52 -28.12
N ASP A 294 0.60 -32.84 -27.88
CA ASP A 294 0.97 -34.15 -27.34
C ASP A 294 2.15 -33.95 -26.40
N PRO A 295 2.51 -34.98 -25.63
CA PRO A 295 3.65 -34.83 -24.70
C PRO A 295 4.94 -34.41 -25.38
N LEU A 296 5.17 -34.88 -26.62
CA LEU A 296 6.40 -34.52 -27.32
C LEU A 296 6.45 -33.03 -27.64
N SER A 297 5.33 -32.45 -28.08
CA SER A 297 5.33 -31.03 -28.37
C SER A 297 5.52 -30.20 -27.10
N GLU A 298 4.93 -30.64 -26.00
CA GLU A 298 5.15 -29.96 -24.73
C GLU A 298 6.61 -30.06 -24.29
N THR A 299 7.25 -31.22 -24.54
CA THR A 299 8.67 -31.37 -24.25
C THR A 299 9.52 -30.43 -25.10
N LYS A 300 9.20 -30.35 -26.40
CA LYS A 300 9.87 -29.39 -27.28
C LYS A 300 9.72 -27.98 -26.74
N CYS A 301 8.51 -27.64 -26.31
CA CYS A 301 8.23 -26.29 -25.85
C CYS A 301 8.98 -25.99 -24.55
N THR A 302 9.05 -26.98 -23.66
CA THR A 302 9.82 -26.82 -22.42
C THR A 302 11.29 -26.60 -22.71
N LEU A 303 11.85 -27.34 -23.67
CA LEU A 303 13.27 -27.17 -23.98
C LEU A 303 13.54 -26.00 -24.92
N LYS A 304 12.52 -25.46 -25.57
CA LYS A 304 12.67 -24.42 -26.59
C LYS A 304 13.55 -24.89 -27.74
N SER A 305 13.16 -26.01 -28.35
CA SER A 305 13.95 -26.62 -29.40
C SER A 305 13.05 -27.46 -30.29
N PHE A 306 13.62 -27.90 -31.41
CA PHE A 306 12.93 -28.79 -32.34
C PHE A 306 13.53 -30.19 -32.38
N THR A 307 14.67 -30.41 -31.72
CA THR A 307 15.25 -31.74 -31.58
C THR A 307 15.50 -32.01 -30.10
N VAL A 308 14.76 -32.96 -29.54
CA VAL A 308 14.93 -33.41 -28.18
C VAL A 308 15.76 -34.69 -28.21
N GLU A 309 16.85 -34.71 -27.46
CA GLU A 309 17.70 -35.89 -27.32
C GLU A 309 17.18 -36.77 -26.17
N LYS A 310 17.73 -37.98 -26.08
CA LYS A 310 17.24 -38.95 -25.12
C LYS A 310 17.54 -38.51 -23.67
N GLY A 311 16.61 -38.84 -22.78
CA GLY A 311 16.68 -38.42 -21.40
C GLY A 311 15.32 -38.61 -20.74
N ILE A 312 15.10 -37.93 -19.63
CA ILE A 312 13.76 -37.83 -19.05
C ILE A 312 13.54 -36.40 -18.55
N TYR A 313 12.44 -35.80 -18.95
CA TYR A 313 12.20 -34.37 -18.77
C TYR A 313 10.92 -34.16 -18.01
N GLN A 314 11.00 -33.43 -16.90
CA GLN A 314 9.80 -32.93 -16.25
C GLN A 314 9.19 -31.87 -17.13
N THR A 315 7.90 -32.00 -17.40
CA THR A 315 7.24 -31.18 -18.39
C THR A 315 6.12 -30.33 -17.83
N SER A 316 5.31 -30.85 -16.91
CA SER A 316 4.27 -30.08 -16.25
C SER A 316 3.83 -30.77 -14.97
N ASN A 317 2.71 -30.32 -14.40
CA ASN A 317 2.22 -30.85 -13.15
C ASN A 317 0.78 -31.32 -13.32
N PHE A 318 0.37 -32.27 -12.49
CA PHE A 318 -0.98 -32.79 -12.46
C PHE A 318 -1.60 -32.44 -11.13
N ARG A 319 -2.73 -31.72 -11.17
CA ARG A 319 -3.39 -31.16 -10.00
C ARG A 319 -4.88 -31.51 -10.11
N VAL A 320 -5.36 -32.34 -9.19
CA VAL A 320 -6.76 -32.76 -9.19
C VAL A 320 -7.66 -31.55 -8.94
N GLN A 321 -8.83 -31.52 -9.60
CA GLN A 321 -9.62 -30.31 -9.54
C GLN A 321 -10.78 -30.44 -8.56
N PRO A 322 -11.05 -29.38 -7.80
CA PRO A 322 -12.24 -29.35 -6.94
C PRO A 322 -13.44 -28.68 -7.59
N THR A 323 -14.61 -29.19 -7.26
CA THR A 323 -15.90 -28.65 -7.65
C THR A 323 -16.72 -28.45 -6.37
N GLU A 324 -17.75 -27.58 -6.43
CA GLU A 324 -18.78 -27.42 -5.37
C GLU A 324 -18.31 -27.04 -3.95
N SER A 325 -18.08 -25.76 -3.67
CA SER A 325 -17.83 -25.30 -2.30
C SER A 325 -18.94 -25.73 -1.34
N ILE A 326 -18.62 -26.61 -0.38
CA ILE A 326 -19.53 -26.98 0.71
C ILE A 326 -19.25 -26.07 1.90
N VAL A 327 -20.30 -25.53 2.50
CA VAL A 327 -20.15 -24.38 3.39
C VAL A 327 -20.86 -24.72 4.71
N ARG A 328 -20.10 -24.93 5.78
CA ARG A 328 -20.59 -25.61 6.97
C ARG A 328 -20.58 -24.75 8.23
N PHE A 329 -21.76 -24.42 8.75
CA PHE A 329 -21.81 -23.45 9.88
C PHE A 329 -22.81 -23.91 10.94
N PRO A 330 -22.61 -23.53 12.23
CA PRO A 330 -23.58 -23.88 13.28
C PRO A 330 -24.92 -23.13 13.15
N ASN A 331 -25.88 -23.46 14.02
CA ASN A 331 -27.22 -22.83 13.95
C ASN A 331 -27.18 -21.44 14.58
N ILE A 332 -28.18 -20.60 14.28
CA ILE A 332 -28.21 -19.21 14.81
C ILE A 332 -28.76 -19.23 16.24
N THR A 333 -28.65 -18.10 16.97
CA THR A 333 -29.08 -18.06 18.38
C THR A 333 -30.14 -16.98 18.59
N ASN A 334 -30.13 -16.32 19.76
CA ASN A 334 -31.14 -15.27 20.10
C ASN A 334 -31.23 -14.22 18.98
N LEU A 335 -32.42 -14.08 18.39
CA LEU A 335 -32.60 -13.04 17.33
C LEU A 335 -32.64 -11.66 18.00
N CYS A 336 -32.10 -10.64 17.31
CA CYS A 336 -32.09 -9.26 17.86
C CYS A 336 -33.54 -8.76 18.01
N PRO A 337 -33.91 -8.14 19.16
CA PRO A 337 -35.25 -7.58 19.34
C PRO A 337 -35.59 -6.57 18.24
N PHE A 338 -36.45 -6.95 17.30
CA PHE A 338 -36.83 -6.06 16.17
C PHE A 338 -38.36 -5.98 16.09
N GLY A 339 -39.04 -7.07 16.47
CA GLY A 339 -40.52 -7.11 16.39
C GLY A 339 -41.17 -6.21 17.42
N GLU A 340 -40.50 -5.97 18.55
CA GLU A 340 -41.06 -5.10 19.62
C GLU A 340 -40.97 -3.63 19.19
N VAL A 341 -39.95 -3.30 18.37
CA VAL A 341 -39.80 -1.90 17.86
C VAL A 341 -40.61 -1.76 16.57
N PHE A 342 -41.42 -2.77 16.23
CA PHE A 342 -42.27 -2.70 15.02
C PHE A 342 -43.74 -2.85 15.42
N ASN A 343 -44.00 -3.56 16.53
CA ASN A 343 -45.39 -3.80 16.96
C ASN A 343 -45.56 -3.41 18.43
N ALA A 344 -46.31 -2.35 18.70
CA ALA A 344 -46.57 -1.92 20.10
C ALA A 344 -47.92 -1.20 20.17
N THR A 345 -48.83 -1.66 21.03
CA THR A 345 -50.15 -0.99 21.21
C THR A 345 -49.92 0.48 21.53
N ARG A 346 -49.08 0.76 22.54
CA ARG A 346 -48.73 2.16 22.86
C ARG A 346 -47.41 2.50 22.17
N PHE A 347 -47.46 2.79 20.85
CA PHE A 347 -46.23 3.17 20.11
C PHE A 347 -45.76 4.54 20.63
N ALA A 348 -44.46 4.81 20.61
CA ALA A 348 -43.91 6.06 21.23
C ALA A 348 -44.30 7.33 20.47
N SER A 349 -43.99 8.49 21.07
CA SER A 349 -44.26 9.81 20.41
C SER A 349 -42.94 10.32 19.82
N VAL A 350 -42.98 11.39 19.02
CA VAL A 350 -41.76 11.88 18.33
C VAL A 350 -40.86 12.67 19.28
N TYR A 351 -41.35 13.03 20.46
CA TYR A 351 -40.48 13.71 21.45
C TYR A 351 -40.22 12.70 22.58
N ALA A 352 -40.89 11.55 22.52
CA ALA A 352 -40.74 10.51 23.56
C ALA A 352 -40.23 9.21 22.95
N TRP A 353 -39.29 9.28 22.01
CA TRP A 353 -38.77 8.07 21.33
C TRP A 353 -37.92 7.23 22.29
N ASN A 354 -38.19 5.93 22.38
CA ASN A 354 -37.47 5.06 23.34
C ASN A 354 -36.10 4.68 22.77
N ARG A 355 -35.01 5.03 23.47
CA ARG A 355 -33.65 4.66 23.01
C ARG A 355 -33.34 3.24 23.48
N LYS A 356 -32.91 2.37 22.56
CA LYS A 356 -32.59 0.97 22.92
C LYS A 356 -31.09 0.72 22.70
N ARG A 357 -30.45 -0.04 23.59
CA ARG A 357 -29.01 -0.38 23.43
C ARG A 357 -28.91 -1.86 23.04
N ILE A 358 -29.74 -2.30 22.08
CA ILE A 358 -29.75 -3.73 21.64
C ILE A 358 -28.34 -4.14 21.20
N SER A 359 -27.84 -5.27 21.70
CA SER A 359 -26.46 -5.70 21.35
C SER A 359 -26.31 -7.21 21.56
N ASN A 360 -25.15 -7.77 21.18
CA ASN A 360 -24.87 -9.23 21.38
C ASN A 360 -26.07 -10.07 20.96
N CYS A 361 -26.46 -9.99 19.68
CA CYS A 361 -27.57 -10.86 19.22
C CYS A 361 -27.35 -11.34 17.79
N VAL A 362 -28.34 -12.05 17.21
CA VAL A 362 -28.21 -12.63 15.91
C VAL A 362 -29.32 -12.00 15.07
N ALA A 363 -29.02 -10.89 14.40
CA ALA A 363 -29.99 -10.26 13.54
C ALA A 363 -30.26 -11.14 12.33
N ASP A 364 -31.39 -10.88 11.68
CA ASP A 364 -31.72 -11.59 10.45
C ASP A 364 -32.66 -10.68 9.66
N TYR A 365 -32.13 -10.05 8.63
CA TYR A 365 -32.86 -9.01 7.93
C TYR A 365 -33.66 -9.52 6.74
N SER A 366 -33.70 -10.83 6.50
CA SER A 366 -34.41 -11.36 5.35
C SER A 366 -35.90 -11.00 5.40
N VAL A 367 -36.60 -11.50 6.41
CA VAL A 367 -38.04 -11.23 6.51
C VAL A 367 -38.30 -9.76 6.76
N LEU A 368 -37.44 -9.12 7.58
CA LEU A 368 -37.54 -7.69 7.81
C LEU A 368 -37.49 -6.93 6.49
N TYR A 369 -36.74 -7.46 5.53
CA TYR A 369 -36.59 -6.81 4.24
C TYR A 369 -37.77 -7.13 3.32
N ASN A 370 -38.27 -8.36 3.38
CA ASN A 370 -39.32 -8.82 2.48
C ASN A 370 -40.58 -9.23 3.24
N SER A 371 -40.94 -8.46 4.26
CA SER A 371 -42.23 -8.64 4.90
C SER A 371 -43.39 -8.22 3.99
N ALA A 372 -43.08 -7.55 2.87
CA ALA A 372 -44.09 -7.18 1.87
C ALA A 372 -45.19 -6.31 2.47
N SER A 373 -44.86 -5.55 3.52
CA SER A 373 -45.84 -4.71 4.18
C SER A 373 -45.34 -3.32 4.52
N PHE A 374 -44.06 -3.02 4.33
CA PHE A 374 -43.47 -1.77 4.77
C PHE A 374 -43.59 -0.75 3.65
N SER A 375 -44.42 0.28 3.86
CA SER A 375 -44.62 1.28 2.84
C SER A 375 -43.35 2.03 2.51
N THR A 376 -42.40 2.12 3.45
CA THR A 376 -41.17 2.89 3.25
C THR A 376 -40.02 2.20 3.97
N PHE A 377 -39.19 1.48 3.20
CA PHE A 377 -37.91 0.99 3.70
C PHE A 377 -36.79 1.70 2.95
N LYS A 378 -35.89 2.35 3.69
CA LYS A 378 -34.82 3.06 3.00
C LYS A 378 -33.71 3.34 4.00
N CYS A 379 -32.49 3.46 3.50
CA CYS A 379 -31.41 3.90 4.39
C CYS A 379 -30.15 4.26 3.61
N TYR A 380 -29.13 4.66 4.36
CA TYR A 380 -27.93 5.33 3.91
C TYR A 380 -26.72 4.60 4.46
N GLY A 381 -25.54 4.99 4.00
CA GLY A 381 -24.31 4.48 4.60
C GLY A 381 -24.08 3.02 4.28
N VAL A 382 -25.12 2.22 4.45
CA VAL A 382 -25.11 0.78 4.23
C VAL A 382 -26.11 0.43 3.15
N SER A 383 -25.68 -0.38 2.19
CA SER A 383 -26.57 -0.86 1.15
C SER A 383 -27.64 -1.75 1.76
N PRO A 384 -28.84 -1.78 1.16
CA PRO A 384 -29.92 -2.59 1.72
C PRO A 384 -29.64 -4.08 1.75
N THR A 385 -28.70 -4.56 0.92
CA THR A 385 -28.48 -5.99 0.77
C THR A 385 -27.25 -6.50 1.51
N LYS A 386 -26.15 -5.75 1.47
CA LYS A 386 -24.94 -6.20 2.16
C LYS A 386 -25.15 -6.26 3.66
N LEU A 387 -26.18 -5.59 4.16
CA LEU A 387 -26.38 -5.47 5.60
C LEU A 387 -26.70 -6.81 6.24
N ASN A 388 -26.80 -7.85 5.43
CA ASN A 388 -27.08 -9.18 5.96
C ASN A 388 -25.96 -9.69 6.85
N ASP A 389 -24.72 -9.27 6.61
CA ASP A 389 -23.59 -9.97 7.23
C ASP A 389 -22.56 -9.09 7.92
N LEU A 390 -22.50 -7.79 7.67
CA LEU A 390 -21.42 -6.99 8.25
C LEU A 390 -21.62 -6.85 9.76
N CYS A 391 -20.69 -7.43 10.53
CA CYS A 391 -20.84 -7.55 11.97
C CYS A 391 -20.65 -6.19 12.63
N PHE A 392 -21.56 -5.84 13.54
CA PHE A 392 -21.71 -4.47 14.01
C PHE A 392 -21.25 -4.35 15.45
N THR A 393 -20.63 -3.22 15.75
CA THR A 393 -20.15 -3.00 17.11
C THR A 393 -21.33 -2.92 18.06
N ASN A 394 -22.15 -1.90 17.89
CA ASN A 394 -23.39 -1.80 18.64
C ASN A 394 -24.44 -1.15 17.75
N VAL A 395 -25.70 -1.48 18.00
CA VAL A 395 -26.82 -1.02 17.19
C VAL A 395 -27.86 -0.43 18.11
N TYR A 396 -28.45 0.69 17.68
CA TYR A 396 -29.52 1.31 18.46
C TYR A 396 -30.81 1.36 17.66
N ALA A 397 -31.91 1.08 18.35
CA ALA A 397 -33.25 1.09 17.77
C ALA A 397 -34.09 2.15 18.48
N ASP A 398 -34.73 3.00 17.68
CA ASP A 398 -35.63 4.05 18.14
C ASP A 398 -36.96 3.92 17.41
N SER A 399 -38.03 4.42 18.03
CA SER A 399 -39.36 4.26 17.43
C SER A 399 -40.26 5.41 17.87
N PHE A 400 -41.25 5.70 17.03
CA PHE A 400 -42.25 6.74 17.32
C PHE A 400 -43.37 6.65 16.28
N VAL A 401 -44.32 7.58 16.38
CA VAL A 401 -45.46 7.67 15.46
C VAL A 401 -45.52 9.09 14.92
N ILE A 402 -45.64 9.23 13.60
CA ILE A 402 -45.63 10.53 12.95
C ILE A 402 -46.88 10.69 12.09
N ARG A 403 -47.11 11.93 11.65
CA ARG A 403 -48.10 12.18 10.62
C ARG A 403 -47.62 11.59 9.29
N GLY A 404 -48.58 11.24 8.45
CA GLY A 404 -48.31 10.54 7.21
C GLY A 404 -47.31 11.20 6.28
N ASP A 405 -47.66 12.38 5.77
CA ASP A 405 -46.84 13.05 4.77
C ASP A 405 -45.47 13.42 5.31
N GLU A 406 -45.36 13.70 6.62
CA GLU A 406 -44.12 14.16 7.23
C GLU A 406 -43.01 13.13 7.21
N VAL A 407 -43.26 11.93 6.69
CA VAL A 407 -42.32 10.82 6.84
C VAL A 407 -40.98 11.15 6.18
N ARG A 408 -41.02 11.92 5.08
CA ARG A 408 -39.78 12.27 4.40
C ARG A 408 -38.84 13.05 5.31
N GLN A 409 -39.38 13.81 6.25
CA GLN A 409 -38.56 14.66 7.11
C GLN A 409 -37.67 13.86 8.05
N ILE A 410 -37.91 12.56 8.21
CA ILE A 410 -37.00 11.70 8.96
C ILE A 410 -35.97 11.20 7.96
N ALA A 411 -34.96 12.02 7.73
CA ALA A 411 -33.83 11.77 6.85
C ALA A 411 -32.83 12.90 7.05
N PRO A 412 -31.55 12.68 6.82
CA PRO A 412 -30.57 13.75 7.03
C PRO A 412 -30.71 14.85 5.99
N GLY A 413 -30.60 16.10 6.45
CA GLY A 413 -30.45 17.22 5.56
C GLY A 413 -31.72 17.82 4.98
N GLN A 414 -32.74 18.00 5.81
CA GLN A 414 -33.93 18.74 5.42
C GLN A 414 -34.64 19.22 6.68
N THR A 415 -35.73 19.95 6.49
CA THR A 415 -36.46 20.55 7.59
C THR A 415 -37.94 20.16 7.53
N GLY A 416 -38.65 20.54 8.59
CA GLY A 416 -40.04 20.19 8.76
C GLY A 416 -40.35 20.21 10.24
N LYS A 417 -41.50 20.80 10.61
CA LYS A 417 -41.81 21.08 12.01
C LYS A 417 -41.54 19.89 12.92
N ILE A 418 -41.64 18.66 12.39
CA ILE A 418 -41.40 17.49 13.19
C ILE A 418 -39.91 17.16 13.24
N ALA A 419 -39.19 17.32 12.13
CA ALA A 419 -37.75 17.11 12.11
C ALA A 419 -36.98 18.32 12.64
N ASP A 420 -37.67 19.43 12.90
CA ASP A 420 -37.02 20.63 13.41
C ASP A 420 -36.89 20.63 14.92
N TYR A 421 -37.92 20.15 15.63
CA TYR A 421 -37.99 20.30 17.08
C TYR A 421 -38.01 18.98 17.84
N ASN A 422 -38.27 17.87 17.19
CA ASN A 422 -38.53 16.61 17.88
C ASN A 422 -37.49 15.54 17.61
N TYR A 423 -36.98 15.46 16.38
CA TYR A 423 -36.08 14.37 16.00
C TYR A 423 -35.36 14.78 14.73
N LYS A 424 -34.03 14.84 14.77
CA LYS A 424 -33.28 14.96 13.53
C LYS A 424 -31.99 14.19 13.63
N LEU A 425 -31.44 13.88 12.47
CA LEU A 425 -30.44 12.86 12.29
C LEU A 425 -29.12 13.49 11.87
N PRO A 426 -28.01 13.14 12.51
CA PRO A 426 -26.72 13.70 12.08
C PRO A 426 -26.43 13.29 10.64
N ASP A 427 -25.74 14.17 9.92
CA ASP A 427 -25.50 13.94 8.50
C ASP A 427 -24.55 12.78 8.24
N ASP A 428 -23.87 12.26 9.27
CA ASP A 428 -23.00 11.09 9.14
C ASP A 428 -23.73 9.80 9.51
N PHE A 429 -25.03 9.74 9.26
CA PHE A 429 -25.85 8.63 9.74
C PHE A 429 -25.50 7.34 9.01
N THR A 430 -25.46 6.25 9.77
CA THR A 430 -25.07 4.93 9.27
C THR A 430 -26.00 3.85 9.80
N GLY A 431 -27.31 4.09 9.74
CA GLY A 431 -28.31 3.11 10.12
C GLY A 431 -29.33 2.90 9.02
N CYS A 432 -30.55 2.56 9.42
CA CYS A 432 -31.63 2.38 8.45
C CYS A 432 -32.96 2.89 9.00
N VAL A 433 -33.83 3.33 8.09
CA VAL A 433 -35.09 3.97 8.46
C VAL A 433 -36.23 3.15 7.87
N ILE A 434 -37.21 2.83 8.71
CA ILE A 434 -38.38 2.11 8.23
C ILE A 434 -39.61 2.83 8.75
N ALA A 435 -40.63 2.91 7.90
CA ALA A 435 -41.94 3.38 8.31
C ALA A 435 -42.99 2.65 7.51
N TRP A 436 -44.16 2.44 8.12
CA TRP A 436 -45.25 1.84 7.38
C TRP A 436 -46.54 2.40 7.94
N ASN A 437 -47.53 2.42 7.08
CA ASN A 437 -48.84 2.95 7.40
C ASN A 437 -49.54 2.05 8.40
N SER A 438 -50.13 2.68 9.43
CA SER A 438 -50.87 1.93 10.42
C SER A 438 -51.89 2.88 11.04
N ASN A 439 -53.12 2.81 10.56
CA ASN A 439 -54.26 3.41 11.23
C ASN A 439 -55.23 2.36 11.74
N ASN A 440 -55.20 1.16 11.18
CA ASN A 440 -56.02 0.06 11.66
C ASN A 440 -55.67 -0.33 13.08
N LEU A 441 -54.51 0.12 13.58
CA LEU A 441 -54.11 -0.09 14.96
C LEU A 441 -54.01 1.18 15.78
N ASP A 442 -53.80 2.34 15.15
CA ASP A 442 -53.48 3.54 15.92
C ASP A 442 -54.55 4.62 15.90
N SER A 443 -55.47 4.59 14.93
CA SER A 443 -56.46 5.64 14.78
C SER A 443 -57.77 5.16 15.42
N LYS A 444 -57.92 5.43 16.71
CA LYS A 444 -59.20 5.17 17.37
C LYS A 444 -60.28 6.00 16.69
N VAL A 445 -61.33 5.32 16.21
CA VAL A 445 -62.28 5.96 15.30
C VAL A 445 -62.83 7.23 15.91
N GLY A 446 -62.87 8.30 15.12
CA GLY A 446 -63.32 9.57 15.62
C GLY A 446 -62.22 10.45 16.17
N GLY A 447 -61.01 9.92 16.32
CA GLY A 447 -59.86 10.70 16.76
C GLY A 447 -59.08 10.07 17.89
N ASN A 448 -57.79 9.81 17.66
CA ASN A 448 -56.87 9.41 18.72
C ASN A 448 -56.22 10.67 19.28
N TYR A 449 -55.81 10.61 20.54
CA TYR A 449 -55.24 11.78 21.21
C TYR A 449 -54.09 11.41 22.13
N ASN A 450 -53.55 10.21 21.98
CA ASN A 450 -52.40 9.76 22.75
C ASN A 450 -51.09 10.27 22.19
N TYR A 451 -51.12 10.92 21.03
CA TYR A 451 -49.92 11.25 20.28
C TYR A 451 -49.79 12.76 20.17
N LEU A 452 -48.68 13.29 20.71
CA LEU A 452 -48.45 14.72 20.79
C LEU A 452 -47.02 15.01 20.35
N TYR A 453 -46.83 16.20 19.79
CA TYR A 453 -45.52 16.60 19.29
C TYR A 453 -45.33 18.09 19.56
N ARG A 454 -44.09 18.47 19.85
CA ARG A 454 -43.78 19.87 20.09
C ARG A 454 -43.99 20.68 18.82
N LEU A 455 -44.37 21.94 19.00
CA LEU A 455 -44.45 22.86 17.88
C LEU A 455 -43.50 24.04 18.03
N PHE A 456 -43.34 24.57 19.24
CA PHE A 456 -42.55 25.78 19.46
C PHE A 456 -41.43 25.49 20.44
N ARG A 457 -40.20 25.78 20.03
CA ARG A 457 -39.05 25.74 20.92
C ARG A 457 -38.07 26.81 20.49
N LYS A 458 -37.34 27.35 21.47
CA LYS A 458 -36.44 28.47 21.23
C LYS A 458 -35.34 28.08 20.24
N SER A 459 -34.81 26.87 20.37
CA SER A 459 -33.63 26.45 19.64
C SER A 459 -33.94 25.25 18.76
N ASN A 460 -33.28 25.20 17.59
CA ASN A 460 -33.29 23.99 16.80
C ASN A 460 -32.63 22.86 17.58
N LEU A 461 -33.04 21.64 17.28
CA LEU A 461 -32.73 20.48 18.13
C LEU A 461 -31.42 19.84 17.70
N LYS A 462 -30.42 19.90 18.58
CA LYS A 462 -29.18 19.17 18.35
C LYS A 462 -29.50 17.69 18.15
N PRO A 463 -28.89 17.03 17.15
CA PRO A 463 -29.25 15.63 16.87
C PRO A 463 -29.12 14.73 18.08
N PHE A 464 -30.04 13.76 18.17
CA PHE A 464 -30.05 12.73 19.21
C PHE A 464 -30.15 13.35 20.60
N GLU A 465 -31.29 13.99 20.88
CA GLU A 465 -31.60 14.35 22.24
C GLU A 465 -33.11 14.33 22.45
N ARG A 466 -33.52 13.91 23.64
CA ARG A 466 -34.91 13.94 24.07
C ARG A 466 -35.13 15.14 24.96
N ASP A 467 -36.12 15.96 24.60
CA ASP A 467 -36.48 17.14 25.38
C ASP A 467 -37.95 16.97 25.79
N ILE A 468 -38.15 16.27 26.90
CA ILE A 468 -39.50 15.91 27.33
C ILE A 468 -40.21 17.10 27.95
N SER A 469 -39.50 17.89 28.75
CA SER A 469 -40.13 18.85 29.63
C SER A 469 -40.96 19.88 28.86
N THR A 470 -42.12 20.21 29.39
CA THR A 470 -43.03 21.17 28.78
C THR A 470 -43.05 22.46 29.60
N GLU A 471 -42.91 23.59 28.91
CA GLU A 471 -43.07 24.90 29.51
C GLU A 471 -43.81 25.77 28.52
N ILE A 472 -43.83 27.08 28.75
CA ILE A 472 -44.56 28.02 27.91
C ILE A 472 -43.55 28.82 27.10
N TYR A 473 -43.95 29.19 25.88
CA TYR A 473 -43.10 29.86 24.92
C TYR A 473 -43.36 31.37 24.95
N GLN A 474 -42.62 32.09 24.10
CA GLN A 474 -42.76 33.53 23.97
C GLN A 474 -42.67 33.92 22.51
N ALA A 475 -43.29 35.06 22.18
CA ALA A 475 -43.25 35.60 20.83
C ALA A 475 -42.85 37.07 20.90
N GLY A 476 -41.75 37.41 20.24
CA GLY A 476 -41.25 38.78 20.29
C GLY A 476 -40.97 39.21 21.71
N SER A 477 -41.47 40.37 22.09
CA SER A 477 -41.38 40.87 23.45
C SER A 477 -42.74 40.67 24.14
N THR A 478 -42.87 41.24 25.35
CA THR A 478 -44.02 41.03 26.23
C THR A 478 -44.13 39.55 26.56
N PRO A 479 -43.21 39.01 27.36
CA PRO A 479 -43.11 37.56 27.54
C PRO A 479 -44.10 37.00 28.55
N CYS A 480 -44.16 35.68 28.59
CA CYS A 480 -45.05 34.92 29.46
C CYS A 480 -44.32 34.35 30.67
N ASN A 481 -45.10 34.01 31.69
CA ASN A 481 -44.58 33.24 32.83
C ASN A 481 -45.75 32.54 33.50
N GLY A 482 -45.92 31.25 33.20
CA GLY A 482 -47.02 30.48 33.75
C GLY A 482 -48.38 30.86 33.25
N VAL A 483 -48.47 31.82 32.33
CA VAL A 483 -49.74 32.35 31.84
C VAL A 483 -49.84 32.02 30.35
N GLU A 484 -51.07 32.12 29.84
CA GLU A 484 -51.39 31.67 28.50
C GLU A 484 -52.14 32.77 27.75
N GLY A 485 -52.12 32.70 26.43
CA GLY A 485 -52.82 33.67 25.60
C GLY A 485 -51.95 34.34 24.56
N PHE A 486 -51.96 35.68 24.54
CA PHE A 486 -51.13 36.42 23.61
C PHE A 486 -49.66 36.14 23.86
N ASN A 487 -48.91 35.91 22.78
CA ASN A 487 -47.48 35.63 22.85
C ASN A 487 -47.20 34.34 23.62
N CYS A 488 -48.25 33.65 24.05
CA CYS A 488 -48.16 32.56 25.01
C CYS A 488 -48.82 31.31 24.44
N TYR A 489 -48.06 30.23 24.28
CA TYR A 489 -48.58 29.00 23.69
C TYR A 489 -48.13 27.80 24.49
N PHE A 490 -48.87 26.69 24.34
CA PHE A 490 -48.48 25.39 24.89
C PHE A 490 -47.76 24.61 23.81
N PRO A 491 -46.61 23.99 24.11
CA PRO A 491 -45.80 23.41 23.04
C PRO A 491 -46.38 22.15 22.44
N LEU A 492 -47.10 21.35 23.22
CA LEU A 492 -47.55 20.03 22.78
C LEU A 492 -48.90 20.16 22.09
N GLN A 493 -48.90 20.11 20.77
CA GLN A 493 -50.13 19.99 20.00
C GLN A 493 -50.56 18.52 20.00
N SER A 494 -51.60 18.18 19.25
CA SER A 494 -52.09 16.81 19.23
C SER A 494 -52.40 16.38 17.81
N TYR A 495 -52.29 15.07 17.58
CA TYR A 495 -52.75 14.47 16.34
C TYR A 495 -54.19 14.01 16.52
N GLY A 496 -55.05 14.40 15.59
CA GLY A 496 -56.41 13.91 15.57
C GLY A 496 -56.55 12.70 14.66
N PHE A 497 -55.90 11.59 15.02
CA PHE A 497 -55.85 10.44 14.14
C PHE A 497 -57.21 9.77 14.04
N GLN A 498 -57.99 10.15 13.03
CA GLN A 498 -59.31 9.64 12.70
C GLN A 498 -59.25 8.82 11.42
N PRO A 499 -59.87 7.65 11.40
CA PRO A 499 -59.82 6.82 10.17
C PRO A 499 -60.48 7.48 8.98
N THR A 500 -61.39 8.42 9.21
CA THR A 500 -62.01 9.16 8.12
C THR A 500 -61.03 10.05 7.38
N ASN A 501 -59.82 10.21 7.91
CA ASN A 501 -58.81 11.05 7.28
C ASN A 501 -58.32 10.42 5.98
N GLY A 502 -57.69 11.26 5.16
CA GLY A 502 -57.07 10.80 3.94
C GLY A 502 -55.71 10.18 4.19
N VAL A 503 -55.11 9.69 3.10
CA VAL A 503 -53.81 9.01 3.20
C VAL A 503 -52.74 9.97 3.70
N GLY A 504 -52.83 11.23 3.33
CA GLY A 504 -51.79 12.19 3.67
C GLY A 504 -51.65 12.44 5.15
N TYR A 505 -52.70 12.20 5.94
CA TYR A 505 -52.65 12.43 7.38
C TYR A 505 -52.93 11.16 8.18
N GLN A 506 -52.76 9.99 7.59
CA GLN A 506 -52.81 8.77 8.39
C GLN A 506 -51.62 8.74 9.35
N PRO A 507 -51.76 8.05 10.47
CA PRO A 507 -50.60 7.85 11.35
C PRO A 507 -49.66 6.82 10.78
N TYR A 508 -48.38 7.07 10.98
CA TYR A 508 -47.34 6.18 10.49
C TYR A 508 -46.49 5.73 11.64
N ARG A 509 -46.28 4.44 11.70
CA ARG A 509 -45.41 3.93 12.72
C ARG A 509 -44.00 3.89 12.12
N VAL A 510 -43.04 4.48 12.84
CA VAL A 510 -41.71 4.72 12.30
C VAL A 510 -40.68 4.22 13.29
N VAL A 511 -39.57 3.78 12.75
CA VAL A 511 -38.48 3.20 13.50
C VAL A 511 -37.19 3.49 12.78
N VAL A 512 -36.10 3.57 13.54
CA VAL A 512 -34.80 3.85 12.96
C VAL A 512 -33.73 3.07 13.71
N LEU A 513 -32.78 2.55 12.95
CA LEU A 513 -31.68 1.73 13.40
C LEU A 513 -30.37 2.46 13.14
N SER A 514 -29.39 2.19 13.99
CA SER A 514 -28.13 2.88 13.88
C SER A 514 -27.00 1.89 14.10
N THR A 523 -20.26 -7.14 18.25
CA THR A 523 -21.09 -8.05 19.09
C THR A 523 -22.37 -8.40 18.33
N VAL A 524 -22.87 -7.46 17.53
CA VAL A 524 -24.14 -7.69 16.76
C VAL A 524 -23.78 -8.25 15.39
N CYS A 525 -23.53 -9.56 15.31
CA CYS A 525 -23.21 -10.22 14.00
C CYS A 525 -24.50 -10.58 13.26
N GLY A 526 -24.39 -11.11 12.04
CA GLY A 526 -25.57 -11.48 11.24
C GLY A 526 -25.94 -12.95 11.43
N PRO A 527 -26.30 -13.77 10.39
CA PRO A 527 -26.55 -15.20 10.59
C PRO A 527 -25.53 -16.15 9.91
N LYS A 528 -25.95 -17.39 9.62
CA LYS A 528 -25.06 -18.39 8.95
C LYS A 528 -25.92 -19.39 8.16
N LYS A 529 -25.31 -20.47 7.64
CA LYS A 529 -26.07 -21.44 6.80
C LYS A 529 -25.67 -22.89 7.15
N SER A 530 -25.59 -23.78 6.16
CA SER A 530 -25.21 -25.21 6.36
C SER A 530 -25.29 -25.95 5.02
N THR A 531 -24.51 -27.03 4.83
CA THR A 531 -24.60 -27.85 3.60
C THR A 531 -24.39 -29.33 3.96
N ASN A 532 -24.25 -30.19 2.94
CA ASN A 532 -23.96 -31.64 3.18
C ASN A 532 -22.45 -31.83 3.12
N LEU A 533 -21.84 -32.39 4.18
CA LEU A 533 -20.36 -32.57 4.23
C LEU A 533 -19.94 -33.36 3.04
N VAL A 534 -19.24 -32.70 2.07
CA VAL A 534 -18.97 -33.79 1.15
C VAL A 534 -17.57 -34.31 1.46
N LYS A 535 -17.51 -35.39 2.24
CA LYS A 535 -16.24 -36.01 2.56
C LYS A 535 -15.68 -36.74 1.34
N ASN A 536 -14.36 -36.88 1.30
CA ASN A 536 -13.64 -37.61 0.26
C ASN A 536 -13.83 -37.03 -1.14
N LYS A 537 -13.41 -35.78 -1.31
CA LYS A 537 -13.27 -35.15 -2.61
C LYS A 537 -12.51 -33.84 -2.43
N CYS A 538 -11.48 -33.59 -3.24
CA CYS A 538 -10.85 -32.27 -3.19
C CYS A 538 -11.90 -31.24 -3.51
N VAL A 539 -12.39 -30.59 -2.45
CA VAL A 539 -13.53 -29.70 -2.49
C VAL A 539 -13.18 -28.50 -1.62
N ASN A 540 -13.39 -27.30 -2.15
CA ASN A 540 -13.17 -26.12 -1.34
C ASN A 540 -14.05 -26.19 -0.10
N PHE A 541 -13.54 -25.67 1.01
CA PHE A 541 -14.24 -25.76 2.26
C PHE A 541 -13.99 -24.53 3.11
N ASN A 542 -15.00 -24.19 3.89
CA ASN A 542 -14.90 -23.20 4.96
C ASN A 542 -15.53 -23.84 6.17
N PHE A 543 -14.80 -23.88 7.27
CA PHE A 543 -15.29 -24.43 8.52
C PHE A 543 -15.18 -23.32 9.55
N ASN A 544 -16.30 -22.61 9.74
CA ASN A 544 -16.45 -21.46 10.63
C ASN A 544 -15.18 -20.61 10.72
N GLY A 545 -14.60 -20.28 9.57
CA GLY A 545 -13.43 -19.43 9.52
C GLY A 545 -12.25 -20.05 8.81
N LEU A 546 -12.05 -21.36 9.01
CA LEU A 546 -10.93 -22.07 8.37
C LEU A 546 -11.25 -22.28 6.90
N THR A 547 -10.61 -21.49 6.05
CA THR A 547 -10.78 -21.60 4.61
C THR A 547 -9.68 -22.47 4.05
N GLY A 548 -10.05 -23.47 3.25
CA GLY A 548 -9.03 -24.28 2.64
C GLY A 548 -9.57 -25.10 1.48
N THR A 549 -8.68 -25.92 0.94
CA THR A 549 -9.00 -26.84 -0.13
C THR A 549 -8.38 -28.18 0.22
N GLY A 550 -9.01 -29.26 -0.18
CA GLY A 550 -8.45 -30.57 0.10
C GLY A 550 -9.50 -31.65 0.02
N VAL A 551 -9.04 -32.87 0.23
CA VAL A 551 -9.89 -34.03 0.37
C VAL A 551 -10.19 -34.23 1.85
N LEU A 552 -11.48 -34.34 2.17
CA LEU A 552 -11.97 -34.49 3.53
C LEU A 552 -12.27 -35.96 3.79
N THR A 553 -11.62 -36.54 4.80
CA THR A 553 -11.82 -37.96 5.08
C THR A 553 -12.20 -38.14 6.54
N GLU A 554 -12.95 -39.21 6.81
CA GLU A 554 -13.30 -39.54 8.19
C GLU A 554 -12.05 -39.88 8.99
N SER A 555 -11.95 -39.32 10.19
CA SER A 555 -10.75 -39.42 10.99
C SER A 555 -10.89 -40.53 12.03
N ASN A 556 -9.78 -40.82 12.70
CA ASN A 556 -9.79 -41.70 13.86
C ASN A 556 -9.01 -41.08 15.01
N LYS A 557 -8.76 -39.78 14.92
CA LYS A 557 -7.96 -39.07 15.95
C LYS A 557 -8.90 -38.42 16.96
N LYS A 558 -8.63 -38.58 18.25
CA LYS A 558 -9.47 -37.96 19.30
C LYS A 558 -9.01 -36.51 19.48
N PHE A 559 -9.94 -35.58 19.71
CA PHE A 559 -9.57 -34.18 20.01
C PHE A 559 -9.99 -33.90 21.45
N LEU A 560 -9.29 -32.99 22.14
CA LEU A 560 -9.82 -32.63 23.48
C LEU A 560 -11.14 -31.87 23.25
N PRO A 561 -12.19 -31.97 24.11
CA PRO A 561 -13.51 -31.40 23.79
C PRO A 561 -13.57 -29.89 23.97
N PHE A 562 -12.51 -29.21 23.54
CA PHE A 562 -12.52 -27.77 23.33
C PHE A 562 -11.69 -27.37 22.12
N GLN A 563 -11.16 -28.36 21.39
CA GLN A 563 -10.30 -28.05 20.21
C GLN A 563 -11.08 -28.32 18.93
N GLN A 564 -10.76 -27.59 17.85
CA GLN A 564 -11.57 -27.72 16.61
C GLN A 564 -10.68 -27.80 15.37
N PHE A 565 -9.36 -27.64 15.50
CA PHE A 565 -8.47 -27.82 14.33
C PHE A 565 -7.08 -28.32 14.75
N GLY A 566 -6.68 -29.50 14.26
CA GLY A 566 -5.40 -30.09 14.64
C GLY A 566 -4.27 -29.74 13.70
N ARG A 567 -3.07 -29.41 14.18
CA ARG A 567 -1.93 -28.97 13.41
C ARG A 567 -0.86 -30.03 13.31
N ASP A 568 -0.13 -29.99 12.20
CA ASP A 568 1.01 -30.83 11.93
C ASP A 568 2.29 -30.17 12.42
N ILE A 569 3.38 -30.92 12.34
CA ILE A 569 4.70 -30.30 12.40
C ILE A 569 4.94 -29.52 11.13
N ALA A 570 5.56 -28.35 11.26
CA ALA A 570 5.69 -27.30 10.24
C ALA A 570 4.37 -26.55 10.07
N ASP A 571 3.40 -26.77 10.95
CA ASP A 571 2.24 -25.90 11.12
C ASP A 571 1.39 -25.78 9.85
N THR A 572 0.80 -26.91 9.46
CA THR A 572 -0.16 -26.94 8.38
C THR A 572 -1.46 -27.60 8.83
N THR A 573 -2.58 -27.06 8.36
CA THR A 573 -3.89 -27.51 8.80
C THR A 573 -4.16 -28.93 8.36
N ASP A 574 -4.21 -29.90 9.31
CA ASP A 574 -4.40 -31.28 8.85
C ASP A 574 -5.62 -31.98 9.43
N ALA A 575 -6.22 -31.44 10.49
CA ALA A 575 -7.47 -32.04 11.02
C ALA A 575 -8.44 -30.93 11.42
N VAL A 576 -9.75 -31.23 11.48
CA VAL A 576 -10.77 -30.23 11.91
C VAL A 576 -11.84 -30.93 12.76
N ARG A 577 -12.72 -30.14 13.38
CA ARG A 577 -13.87 -30.70 14.13
C ARG A 577 -15.11 -30.03 13.55
N ASP A 578 -15.93 -30.79 12.82
CA ASP A 578 -17.12 -30.20 12.13
C ASP A 578 -17.90 -29.31 13.10
N PRO A 579 -18.24 -28.05 12.73
CA PRO A 579 -19.04 -27.17 13.59
C PRO A 579 -20.51 -27.61 13.71
N GLN A 580 -20.88 -28.71 13.04
CA GLN A 580 -22.29 -29.19 13.08
C GLN A 580 -22.36 -30.55 13.77
N THR A 581 -21.81 -31.60 13.15
CA THR A 581 -21.90 -32.98 13.71
C THR A 581 -20.82 -33.18 14.78
N LEU A 582 -19.86 -32.25 14.88
CA LEU A 582 -18.77 -32.34 15.89
C LEU A 582 -17.98 -33.64 15.74
N GLU A 583 -17.77 -34.09 14.50
CA GLU A 583 -16.94 -35.29 14.26
C GLU A 583 -15.59 -34.83 13.72
N ILE A 584 -14.58 -35.69 13.78
CA ILE A 584 -13.21 -35.28 13.35
C ILE A 584 -13.02 -35.68 11.88
N LEU A 585 -12.42 -34.79 11.08
CA LEU A 585 -12.16 -35.10 9.68
C LEU A 585 -10.74 -34.70 9.37
N ASP A 586 -10.01 -35.59 8.70
CA ASP A 586 -8.67 -35.27 8.25
C ASP A 586 -8.74 -34.54 6.91
N ILE A 587 -8.16 -33.34 6.88
CA ILE A 587 -8.04 -32.52 5.68
C ILE A 587 -6.73 -32.87 5.00
N THR A 588 -6.73 -33.87 4.14
CA THR A 588 -5.51 -34.14 3.40
C THR A 588 -5.41 -33.17 2.23
N PRO A 589 -4.23 -32.60 1.96
CA PRO A 589 -4.12 -31.63 0.87
C PRO A 589 -4.56 -32.25 -0.43
N CYS A 590 -4.83 -31.45 -1.45
CA CYS A 590 -5.35 -32.05 -2.66
C CYS A 590 -4.28 -32.91 -3.30
N SER A 591 -4.66 -33.74 -4.27
CA SER A 591 -3.74 -34.64 -4.94
C SER A 591 -2.95 -33.88 -5.97
N PHE A 592 -1.64 -34.11 -5.99
CA PHE A 592 -0.80 -33.34 -6.90
C PHE A 592 0.49 -34.10 -7.15
N GLY A 593 1.16 -33.71 -8.23
CA GLY A 593 2.43 -34.33 -8.56
C GLY A 593 3.00 -33.87 -9.88
N GLY A 594 4.32 -33.97 -10.04
CA GLY A 594 4.93 -33.60 -11.29
C GLY A 594 4.52 -34.51 -12.42
N VAL A 595 4.77 -34.06 -13.64
CA VAL A 595 4.52 -34.84 -14.84
C VAL A 595 5.81 -34.92 -15.64
N SER A 596 6.26 -36.14 -15.92
CA SER A 596 7.50 -36.39 -16.62
C SER A 596 7.22 -37.04 -17.97
N VAL A 597 7.95 -36.61 -18.99
CA VAL A 597 7.79 -37.08 -20.36
C VAL A 597 9.03 -37.86 -20.75
N ILE A 598 8.85 -39.13 -21.10
CA ILE A 598 9.94 -39.99 -21.58
C ILE A 598 9.78 -40.12 -23.08
N THR A 599 10.81 -39.75 -23.83
CA THR A 599 10.80 -39.88 -25.28
C THR A 599 12.10 -40.54 -25.73
N PRO A 600 12.03 -41.48 -26.68
CA PRO A 600 13.25 -42.07 -27.23
C PRO A 600 14.06 -41.12 -28.10
N GLY A 601 13.58 -39.90 -28.32
CA GLY A 601 14.23 -38.91 -29.14
C GLY A 601 13.43 -38.68 -30.41
N THR A 602 13.28 -37.39 -30.78
CA THR A 602 12.56 -37.04 -32.00
C THR A 602 13.25 -37.55 -33.26
N ASN A 603 14.51 -37.92 -33.17
CA ASN A 603 15.29 -38.46 -34.28
C ASN A 603 15.14 -39.97 -34.40
N THR A 604 14.36 -40.59 -33.53
CA THR A 604 14.06 -42.02 -33.57
C THR A 604 12.58 -42.30 -33.68
N SER A 605 11.74 -41.49 -33.06
CA SER A 605 10.30 -41.71 -33.01
C SER A 605 9.67 -40.48 -32.37
N ASN A 606 8.36 -40.33 -32.54
CA ASN A 606 7.61 -39.27 -31.87
C ASN A 606 6.64 -39.83 -30.84
N GLN A 607 6.69 -41.14 -30.57
CA GLN A 607 5.93 -41.71 -29.47
C GLN A 607 6.48 -41.21 -28.13
N VAL A 608 5.59 -41.18 -27.13
CA VAL A 608 5.92 -40.60 -25.83
C VAL A 608 5.28 -41.44 -24.73
N ALA A 609 5.96 -41.51 -23.59
CA ALA A 609 5.41 -42.08 -22.37
C ALA A 609 5.33 -41.00 -21.29
N VAL A 610 4.39 -41.16 -20.36
CA VAL A 610 4.12 -40.14 -19.36
C VAL A 610 4.08 -40.77 -17.97
N LEU A 611 4.80 -40.18 -17.03
CA LEU A 611 4.80 -40.58 -15.63
C LEU A 611 4.18 -39.46 -14.81
N TYR A 612 3.13 -39.79 -14.06
CA TYR A 612 2.55 -38.89 -13.07
C TYR A 612 3.19 -39.27 -11.73
N GLN A 613 3.99 -38.37 -11.18
CA GLN A 613 4.89 -38.73 -10.10
C GLN A 613 4.11 -38.91 -8.79
N ASP A 614 4.42 -40.01 -8.10
CA ASP A 614 3.79 -40.45 -6.84
C ASP A 614 2.30 -40.09 -6.78
N VAL A 615 1.58 -40.46 -7.84
CA VAL A 615 0.12 -40.36 -7.90
C VAL A 615 -0.42 -41.75 -8.17
N ASN A 616 -1.44 -42.16 -7.42
CA ASN A 616 -2.08 -43.44 -7.67
C ASN A 616 -2.71 -43.42 -9.07
N CYS A 617 -2.50 -44.51 -9.81
CA CYS A 617 -2.81 -44.55 -11.23
C CYS A 617 -4.31 -44.65 -11.52
N THR A 618 -5.15 -44.55 -10.50
CA THR A 618 -6.61 -44.58 -10.65
C THR A 618 -7.22 -43.18 -10.74
N GLU A 619 -6.48 -42.13 -10.36
CA GLU A 619 -6.99 -40.77 -10.35
C GLU A 619 -6.22 -39.89 -11.34
N VAL A 620 -5.73 -40.47 -12.43
CA VAL A 620 -4.91 -39.76 -13.40
C VAL A 620 -5.74 -38.74 -14.17
N PRO A 621 -6.87 -39.12 -14.80
CA PRO A 621 -7.61 -38.08 -15.51
C PRO A 621 -8.74 -37.48 -14.68
N SER A 640 -5.19 -49.52 -23.63
CA SER A 640 -3.92 -48.83 -23.44
C SER A 640 -3.09 -49.46 -22.34
N ASN A 641 -1.97 -48.83 -22.03
CA ASN A 641 -1.05 -49.31 -21.00
C ASN A 641 -1.07 -48.32 -19.84
N VAL A 642 -1.58 -48.77 -18.70
CA VAL A 642 -1.38 -48.10 -17.42
C VAL A 642 -0.64 -49.07 -16.51
N PHE A 643 0.45 -48.61 -15.91
CA PHE A 643 1.33 -49.47 -15.12
C PHE A 643 1.72 -48.70 -13.87
N GLN A 644 1.57 -49.33 -12.71
CA GLN A 644 1.83 -48.68 -11.43
C GLN A 644 3.26 -48.96 -10.99
N THR A 645 3.96 -47.90 -10.60
CA THR A 645 5.36 -47.92 -10.21
C THR A 645 5.45 -47.30 -8.81
N ARG A 646 6.44 -47.76 -8.04
CA ARG A 646 6.76 -47.10 -6.79
C ARG A 646 7.05 -45.61 -6.98
N ALA A 647 7.30 -45.16 -8.22
CA ALA A 647 7.54 -43.76 -8.52
C ALA A 647 6.35 -43.04 -9.11
N GLY A 648 5.18 -43.69 -9.22
CA GLY A 648 3.97 -43.06 -9.74
C GLY A 648 3.31 -43.91 -10.81
N CYS A 649 2.52 -43.27 -11.67
CA CYS A 649 1.75 -43.98 -12.69
C CYS A 649 2.35 -43.73 -14.09
N LEU A 650 2.58 -44.82 -14.84
CA LEU A 650 3.20 -44.77 -16.16
C LEU A 650 2.17 -45.15 -17.23
N ILE A 651 2.00 -44.26 -18.22
CA ILE A 651 1.04 -44.45 -19.30
C ILE A 651 1.78 -44.31 -20.63
N GLY A 652 1.56 -45.27 -21.53
CA GLY A 652 2.24 -45.28 -22.81
C GLY A 652 3.41 -46.24 -22.91
N ALA A 653 3.69 -47.02 -21.87
CA ALA A 653 4.74 -48.03 -21.89
C ALA A 653 4.18 -49.34 -21.37
N GLU A 654 4.48 -50.43 -22.08
CA GLU A 654 4.06 -51.76 -21.65
C GLU A 654 5.13 -52.36 -20.76
N HIS A 655 4.69 -53.11 -19.76
CA HIS A 655 5.59 -53.72 -18.80
C HIS A 655 5.99 -55.11 -19.31
N VAL A 656 7.30 -55.34 -19.43
CA VAL A 656 7.82 -56.61 -19.88
C VAL A 656 8.46 -57.34 -18.70
N ASN A 657 8.79 -58.61 -18.92
CA ASN A 657 9.28 -59.48 -17.86
C ASN A 657 10.76 -59.83 -18.06
N ASN A 658 11.39 -59.40 -19.15
CA ASN A 658 12.84 -59.47 -19.24
C ASN A 658 13.47 -58.40 -18.34
N SER A 659 14.81 -58.38 -18.29
CA SER A 659 15.57 -57.32 -17.63
C SER A 659 16.79 -57.00 -18.47
N TYR A 660 16.92 -55.74 -18.88
CA TYR A 660 18.02 -55.28 -19.68
C TYR A 660 18.88 -54.32 -18.85
N GLU A 661 19.92 -53.79 -19.47
CA GLU A 661 20.66 -52.70 -18.86
C GLU A 661 19.83 -51.41 -18.92
N CYS A 662 19.99 -50.56 -17.90
CA CYS A 662 19.18 -49.36 -17.81
C CYS A 662 19.47 -48.40 -18.96
N ASP A 663 18.40 -47.86 -19.55
CA ASP A 663 18.50 -46.96 -20.68
C ASP A 663 17.96 -45.57 -20.36
N ILE A 664 16.70 -45.47 -19.93
CA ILE A 664 16.07 -44.23 -19.50
C ILE A 664 15.57 -44.45 -18.08
N PRO A 665 16.07 -43.71 -17.08
CA PRO A 665 15.76 -44.05 -15.68
C PRO A 665 14.41 -43.51 -15.24
N ILE A 666 13.51 -44.40 -14.84
CA ILE A 666 12.24 -44.00 -14.22
C ILE A 666 12.37 -43.92 -12.70
N GLY A 667 12.70 -45.02 -12.04
CA GLY A 667 12.92 -45.03 -10.62
C GLY A 667 12.45 -46.29 -9.93
N ALA A 668 12.89 -46.45 -8.68
CA ALA A 668 12.54 -47.61 -7.85
C ALA A 668 12.91 -48.91 -8.54
N GLY A 669 14.07 -48.93 -9.19
CA GLY A 669 14.52 -50.09 -9.92
C GLY A 669 14.04 -50.20 -11.34
N ILE A 670 13.19 -49.28 -11.78
CA ILE A 670 12.51 -49.37 -13.06
C ILE A 670 13.22 -48.45 -14.06
N CYS A 671 13.48 -48.97 -15.25
CA CYS A 671 13.92 -48.18 -16.39
C CYS A 671 13.02 -48.46 -17.59
N ALA A 672 13.23 -47.68 -18.65
CA ALA A 672 12.38 -47.70 -19.84
C ALA A 672 13.25 -47.69 -21.10
N SER A 673 12.73 -48.32 -22.16
CA SER A 673 13.48 -48.40 -23.42
C SER A 673 12.52 -48.41 -24.62
N TYR A 674 13.02 -47.93 -25.75
CA TYR A 674 12.30 -47.99 -27.01
C TYR A 674 12.81 -49.21 -27.79
N GLN A 675 12.35 -50.38 -27.36
CA GLN A 675 12.82 -51.62 -27.97
C GLN A 675 11.72 -52.48 -28.56
N THR A 676 10.67 -52.73 -27.77
CA THR A 676 9.74 -53.81 -28.06
C THR A 676 8.29 -53.32 -28.13
N GLN A 690 8.91 -50.42 -31.80
CA GLN A 690 7.50 -50.75 -31.70
C GLN A 690 6.78 -49.87 -30.66
N SER A 691 7.34 -49.79 -29.45
CA SER A 691 6.78 -48.93 -28.40
C SER A 691 7.79 -48.78 -27.28
N ILE A 692 7.43 -47.95 -26.30
CA ILE A 692 8.16 -47.84 -25.04
C ILE A 692 7.80 -49.04 -24.16
N ILE A 693 8.82 -49.61 -23.51
CA ILE A 693 8.66 -50.72 -22.58
C ILE A 693 9.32 -50.33 -21.26
N ALA A 694 8.85 -50.97 -20.18
CA ALA A 694 9.39 -50.75 -18.85
C ALA A 694 9.82 -52.08 -18.25
N TYR A 695 10.81 -52.02 -17.35
CA TYR A 695 11.26 -53.21 -16.66
C TYR A 695 12.07 -52.87 -15.41
N THR A 696 12.41 -53.87 -14.61
CA THR A 696 13.36 -53.74 -13.51
C THR A 696 14.74 -54.00 -14.09
N MET A 697 15.62 -53.01 -14.02
CA MET A 697 16.90 -53.08 -14.69
C MET A 697 17.73 -54.28 -14.22
N SER A 698 18.72 -54.66 -15.01
CA SER A 698 19.60 -55.78 -14.69
C SER A 698 20.85 -55.27 -13.99
N LEU A 699 21.17 -55.88 -12.86
CA LEU A 699 22.40 -55.53 -12.18
C LEU A 699 23.59 -55.92 -13.05
N GLY A 700 23.45 -57.02 -13.76
CA GLY A 700 24.49 -57.53 -14.63
C GLY A 700 24.23 -58.99 -14.91
N ALA A 701 25.18 -59.58 -15.63
CA ALA A 701 25.09 -61.00 -15.93
C ALA A 701 25.53 -61.81 -14.71
N GLU A 702 25.81 -63.10 -14.90
CA GLU A 702 26.03 -63.99 -13.76
C GLU A 702 27.22 -64.89 -14.06
N ASN A 703 28.29 -64.78 -13.28
CA ASN A 703 29.44 -65.66 -13.39
C ASN A 703 29.49 -66.57 -12.17
N SER A 704 29.70 -67.86 -12.41
CA SER A 704 29.66 -68.85 -11.34
C SER A 704 31.07 -69.28 -10.97
N VAL A 705 31.63 -68.68 -9.91
CA VAL A 705 33.01 -69.05 -9.44
C VAL A 705 33.03 -70.55 -9.13
N ALA A 706 33.91 -71.30 -9.80
CA ALA A 706 33.98 -72.77 -9.61
C ALA A 706 35.06 -73.13 -8.58
N TYR A 707 34.84 -72.75 -7.31
CA TYR A 707 35.87 -73.01 -6.26
C TYR A 707 35.82 -74.48 -5.84
N SER A 708 36.98 -75.14 -5.81
CA SER A 708 37.04 -76.53 -5.31
C SER A 708 37.46 -76.50 -3.83
N ASN A 709 38.74 -76.77 -3.56
CA ASN A 709 39.26 -76.73 -2.17
C ASN A 709 40.76 -76.39 -2.22
N ASN A 710 41.48 -76.98 -3.18
CA ASN A 710 42.94 -76.71 -3.32
C ASN A 710 43.26 -76.57 -4.81
N SER A 711 42.78 -75.50 -5.45
CA SER A 711 42.97 -75.35 -6.91
C SER A 711 43.10 -73.87 -7.30
N ILE A 712 44.14 -73.51 -8.06
CA ILE A 712 44.38 -72.09 -8.45
C ILE A 712 44.26 -71.98 -9.98
N ALA A 713 43.52 -70.99 -10.47
CA ALA A 713 43.34 -70.83 -11.94
C ALA A 713 44.46 -69.98 -12.56
N ILE A 714 45.08 -70.43 -13.66
CA ILE A 714 46.22 -69.68 -14.17
C ILE A 714 45.92 -69.28 -15.61
N PRO A 715 46.17 -68.03 -16.09
CA PRO A 715 45.98 -67.69 -17.51
C PRO A 715 47.14 -68.12 -18.42
N THR A 716 46.83 -68.59 -19.62
CA THR A 716 47.90 -69.10 -20.54
C THR A 716 48.28 -68.04 -21.56
N ASN A 717 47.30 -67.36 -22.18
CA ASN A 717 47.60 -66.27 -23.14
C ASN A 717 47.30 -64.93 -22.47
N PHE A 718 47.05 -63.86 -23.25
CA PHE A 718 46.67 -62.56 -22.66
C PHE A 718 46.25 -61.50 -23.69
N THR A 719 46.13 -60.24 -23.25
CA THR A 719 45.70 -59.08 -24.05
C THR A 719 46.20 -57.76 -23.46
N ILE A 720 46.63 -56.87 -24.35
CA ILE A 720 46.92 -55.47 -24.00
C ILE A 720 45.73 -54.62 -24.37
N SER A 721 45.27 -53.79 -23.45
CA SER A 721 44.10 -52.96 -23.68
C SER A 721 44.43 -51.51 -23.38
N VAL A 722 43.75 -50.61 -24.09
CA VAL A 722 43.88 -49.18 -23.87
C VAL A 722 42.49 -48.57 -23.81
N THR A 723 42.25 -47.78 -22.78
CA THR A 723 40.98 -47.11 -22.60
C THR A 723 41.22 -45.61 -22.51
N THR A 724 40.15 -44.84 -22.55
CA THR A 724 40.25 -43.40 -22.45
C THR A 724 39.61 -42.90 -21.17
N GLU A 725 40.00 -41.68 -20.82
CA GLU A 725 39.25 -40.98 -19.81
C GLU A 725 39.34 -39.49 -20.08
N ILE A 726 38.20 -38.83 -19.99
CA ILE A 726 38.05 -37.41 -20.28
C ILE A 726 37.91 -36.70 -18.94
N LEU A 727 38.57 -35.54 -18.80
CA LEU A 727 38.52 -34.79 -17.54
C LEU A 727 38.48 -33.29 -17.86
N PRO A 728 37.44 -32.58 -17.43
CA PRO A 728 37.44 -31.12 -17.60
C PRO A 728 38.36 -30.44 -16.59
N VAL A 729 39.21 -29.54 -17.08
CA VAL A 729 40.16 -28.81 -16.24
C VAL A 729 39.73 -27.35 -16.09
N SER A 730 39.13 -26.77 -17.12
CA SER A 730 38.83 -25.36 -17.12
C SER A 730 37.40 -25.09 -17.55
N MET A 731 36.93 -23.89 -17.22
CA MET A 731 35.73 -23.31 -17.79
C MET A 731 36.06 -21.89 -18.21
N THR A 732 35.03 -21.15 -18.60
CA THR A 732 35.23 -19.84 -19.20
C THR A 732 35.22 -18.74 -18.14
N LYS A 733 36.13 -17.80 -18.30
CA LYS A 733 36.32 -16.71 -17.36
C LYS A 733 35.44 -15.57 -17.83
N THR A 734 34.48 -15.15 -17.01
CA THR A 734 33.60 -14.07 -17.40
C THR A 734 33.73 -12.91 -16.43
N SER A 735 33.42 -11.73 -16.94
CA SER A 735 33.36 -10.53 -16.12
C SER A 735 32.06 -9.79 -16.41
N VAL A 736 31.44 -9.28 -15.35
CA VAL A 736 30.29 -8.43 -15.49
C VAL A 736 30.63 -7.08 -14.89
N ASP A 737 30.12 -6.04 -15.53
CA ASP A 737 30.21 -4.68 -15.02
C ASP A 737 28.85 -4.39 -14.40
N CYS A 738 28.81 -4.32 -13.07
CA CYS A 738 27.54 -4.27 -12.35
C CYS A 738 26.68 -3.09 -12.81
N THR A 739 27.26 -1.89 -12.80
CA THR A 739 26.50 -0.70 -13.16
C THR A 739 25.95 -0.82 -14.58
N MET A 740 26.74 -1.35 -15.50
CA MET A 740 26.30 -1.47 -16.89
C MET A 740 25.31 -2.60 -17.10
N TYR A 741 25.25 -3.56 -16.18
CA TYR A 741 24.19 -4.54 -16.26
C TYR A 741 22.88 -4.00 -15.70
N ILE A 742 22.96 -3.23 -14.62
CA ILE A 742 21.75 -2.84 -13.90
C ILE A 742 21.20 -1.52 -14.43
N CYS A 743 22.06 -0.53 -14.61
CA CYS A 743 21.66 0.79 -15.07
C CYS A 743 21.74 0.96 -16.58
N GLY A 744 22.81 0.50 -17.21
CA GLY A 744 22.94 0.64 -18.64
C GLY A 744 23.13 2.08 -19.08
N ASP A 745 24.07 2.79 -18.44
CA ASP A 745 24.45 4.14 -18.82
C ASP A 745 23.28 5.11 -18.70
N SER A 746 22.79 5.22 -17.47
CA SER A 746 21.77 6.21 -17.14
C SER A 746 22.04 6.74 -15.74
N THR A 747 22.19 8.06 -15.62
CA THR A 747 22.64 8.67 -14.38
C THR A 747 21.62 8.57 -13.26
N GLU A 748 20.33 8.60 -13.57
CA GLU A 748 19.31 8.46 -12.53
C GLU A 748 19.44 7.12 -11.82
N CYS A 749 19.48 6.03 -12.60
CA CYS A 749 19.69 4.71 -12.04
C CYS A 749 21.02 4.62 -11.32
N SER A 750 22.08 5.18 -11.91
CA SER A 750 23.41 5.03 -11.33
C SER A 750 23.53 5.79 -10.01
N ASN A 751 22.74 6.86 -9.83
CA ASN A 751 22.70 7.55 -8.54
C ASN A 751 21.85 6.80 -7.52
N LEU A 752 20.74 6.20 -7.95
CA LEU A 752 20.00 5.34 -7.02
C LEU A 752 20.85 4.15 -6.56
N LEU A 753 21.69 3.64 -7.45
CA LEU A 753 22.50 2.45 -7.17
C LEU A 753 23.46 2.67 -6.00
N LEU A 754 23.96 3.88 -5.83
CA LEU A 754 24.96 4.15 -4.81
C LEU A 754 24.44 3.89 -3.40
N GLN A 755 23.12 3.98 -3.20
CA GLN A 755 22.54 3.76 -1.89
C GLN A 755 22.64 2.32 -1.43
N TYR A 756 23.04 1.41 -2.30
CA TYR A 756 23.19 0.00 -1.96
C TYR A 756 24.59 -0.34 -1.50
N GLY A 757 25.48 0.63 -1.42
CA GLY A 757 26.79 0.42 -0.84
C GLY A 757 27.73 -0.30 -1.80
N SER A 758 28.26 -1.45 -1.38
CA SER A 758 29.38 -2.08 -2.05
C SER A 758 29.04 -3.49 -2.50
N PHE A 759 27.80 -3.74 -2.91
CA PHE A 759 27.44 -5.04 -3.45
C PHE A 759 28.19 -5.30 -4.76
N CYS A 760 28.30 -4.28 -5.61
CA CYS A 760 28.87 -4.47 -6.94
C CYS A 760 30.39 -4.57 -6.92
N THR A 761 31.05 -4.20 -5.82
CA THR A 761 32.47 -4.48 -5.68
C THR A 761 32.73 -5.90 -5.20
N GLN A 762 31.95 -6.37 -4.22
CA GLN A 762 32.07 -7.77 -3.82
C GLN A 762 31.81 -8.68 -5.01
N LEU A 763 30.87 -8.29 -5.89
CA LEU A 763 30.59 -9.13 -7.04
C LEU A 763 31.79 -9.24 -7.96
N ASN A 764 32.39 -8.11 -8.32
CA ASN A 764 33.52 -8.17 -9.22
C ASN A 764 34.71 -8.86 -8.56
N ARG A 765 34.89 -8.66 -7.25
CA ARG A 765 35.91 -9.41 -6.54
C ARG A 765 35.69 -10.91 -6.68
N ALA A 766 34.46 -11.37 -6.45
CA ALA A 766 34.16 -12.79 -6.56
C ALA A 766 34.50 -13.30 -7.95
N LEU A 767 34.04 -12.60 -8.97
CA LEU A 767 34.25 -13.07 -10.34
C LEU A 767 35.73 -13.09 -10.70
N THR A 768 36.50 -12.11 -10.25
CA THR A 768 37.94 -12.15 -10.47
C THR A 768 38.59 -13.32 -9.73
N GLY A 769 38.16 -13.54 -8.49
CA GLY A 769 38.71 -14.65 -7.72
C GLY A 769 38.49 -15.99 -8.38
N ILE A 770 37.38 -16.14 -9.10
CA ILE A 770 37.21 -17.39 -9.83
C ILE A 770 37.81 -17.36 -11.23
N ALA A 771 38.02 -16.18 -11.82
CA ALA A 771 38.69 -16.13 -13.11
C ALA A 771 40.16 -16.51 -12.99
N VAL A 772 40.80 -16.14 -11.89
CA VAL A 772 42.22 -16.45 -11.74
C VAL A 772 42.45 -17.95 -11.54
N GLU A 773 41.66 -18.58 -10.67
CA GLU A 773 41.83 -20.01 -10.41
C GLU A 773 41.58 -20.86 -11.62
N GLN A 774 40.84 -20.35 -12.59
CA GLN A 774 40.67 -21.08 -13.82
C GLN A 774 42.00 -21.27 -14.55
N ASP A 775 42.81 -20.21 -14.63
CA ASP A 775 44.14 -20.44 -15.16
C ASP A 775 44.99 -21.31 -14.24
N LYS A 776 44.96 -21.05 -12.93
CA LYS A 776 45.76 -21.88 -12.03
C LYS A 776 45.45 -23.37 -12.21
N ASN A 777 44.20 -23.71 -12.50
CA ASN A 777 43.83 -25.07 -12.85
C ASN A 777 44.68 -25.59 -13.98
N THR A 778 44.71 -24.86 -15.10
CA THR A 778 45.46 -25.29 -16.27
C THR A 778 46.94 -25.42 -15.98
N GLN A 779 47.52 -24.46 -15.26
CA GLN A 779 48.95 -24.57 -15.05
C GLN A 779 49.30 -25.74 -14.15
N GLU A 780 48.48 -26.05 -13.16
CA GLU A 780 48.84 -27.20 -12.35
C GLU A 780 48.56 -28.52 -13.02
N VAL A 781 47.55 -28.62 -13.88
CA VAL A 781 47.47 -29.84 -14.63
C VAL A 781 48.67 -29.97 -15.56
N PHE A 782 48.83 -29.09 -16.54
CA PHE A 782 49.74 -29.39 -17.63
C PHE A 782 51.21 -29.05 -17.39
N ALA A 783 51.52 -28.06 -16.56
CA ALA A 783 52.92 -27.69 -16.35
C ALA A 783 53.56 -28.62 -15.31
N GLN A 784 53.86 -29.83 -15.77
CA GLN A 784 54.66 -30.77 -14.98
C GLN A 784 55.92 -31.23 -15.72
N VAL A 785 56.48 -30.37 -16.55
CA VAL A 785 57.76 -30.63 -17.16
C VAL A 785 58.58 -29.35 -17.12
N LYS A 786 59.90 -29.50 -16.96
CA LYS A 786 60.81 -28.36 -17.03
C LYS A 786 61.31 -28.13 -18.45
N GLN A 787 61.78 -29.18 -19.10
CA GLN A 787 62.25 -29.09 -20.47
C GLN A 787 61.10 -29.33 -21.44
N ILE A 788 61.29 -28.99 -22.72
CA ILE A 788 60.31 -29.28 -23.75
C ILE A 788 60.84 -30.45 -24.57
N TYR A 789 60.40 -31.65 -24.24
CA TYR A 789 60.98 -32.85 -24.83
C TYR A 789 60.54 -33.07 -26.29
N LYS A 790 61.49 -33.50 -27.13
CA LYS A 790 61.25 -33.84 -28.53
C LYS A 790 61.63 -35.30 -28.81
N THR A 791 60.98 -35.89 -29.80
CA THR A 791 61.23 -37.28 -30.15
C THR A 791 62.34 -37.38 -31.20
N PRO A 792 63.03 -38.52 -31.29
CA PRO A 792 64.06 -38.68 -32.31
C PRO A 792 63.45 -38.70 -33.70
N PRO A 793 64.19 -38.25 -34.72
CA PRO A 793 63.63 -38.28 -36.07
C PRO A 793 63.42 -39.68 -36.62
N ILE A 794 64.34 -40.61 -36.37
CA ILE A 794 64.17 -42.00 -36.78
C ILE A 794 63.53 -42.76 -35.62
N LYS A 795 62.36 -43.32 -35.86
CA LYS A 795 61.50 -43.80 -34.79
C LYS A 795 61.30 -45.31 -34.93
N ASP A 796 62.17 -46.07 -34.28
CA ASP A 796 62.00 -47.51 -34.14
C ASP A 796 61.87 -47.85 -32.65
N PHE A 797 60.65 -48.25 -32.25
CA PHE A 797 60.40 -48.63 -30.83
C PHE A 797 60.36 -50.15 -30.69
N GLY A 798 59.65 -50.83 -31.60
CA GLY A 798 59.53 -52.30 -31.53
C GLY A 798 58.13 -52.76 -31.90
N GLY A 799 57.53 -52.16 -32.92
CA GLY A 799 56.16 -52.51 -33.34
C GLY A 799 55.13 -51.65 -32.62
N PHE A 800 55.59 -50.61 -31.93
CA PHE A 800 54.67 -49.72 -31.17
C PHE A 800 54.45 -48.44 -31.96
N ASN A 801 53.47 -48.44 -32.85
CA ASN A 801 53.24 -47.24 -33.72
C ASN A 801 52.41 -46.22 -32.95
N PHE A 802 52.97 -45.03 -32.72
CA PHE A 802 52.22 -43.94 -32.02
C PHE A 802 51.92 -42.83 -33.03
N SER A 803 51.89 -43.16 -34.33
CA SER A 803 51.73 -42.09 -35.36
C SER A 803 50.36 -41.43 -35.30
N GLN A 804 49.47 -41.89 -34.42
CA GLN A 804 48.19 -41.22 -34.29
C GLN A 804 48.08 -40.36 -33.03
N ILE A 805 49.09 -40.38 -32.16
CA ILE A 805 49.11 -39.51 -31.00
C ILE A 805 50.36 -38.65 -30.94
N LEU A 806 51.14 -38.61 -31.99
CA LEU A 806 52.27 -37.70 -31.99
C LEU A 806 51.93 -36.46 -32.81
N PRO A 807 52.49 -35.24 -32.53
CA PRO A 807 52.07 -34.02 -33.23
C PRO A 807 52.29 -34.00 -34.74
N ASP A 808 51.27 -33.55 -35.49
CA ASP A 808 51.40 -33.43 -36.97
C ASP A 808 51.57 -31.94 -37.30
N PRO A 809 52.66 -31.53 -37.98
CA PRO A 809 52.83 -30.13 -38.39
C PRO A 809 51.64 -29.61 -39.22
N SER A 810 51.15 -30.41 -40.16
CA SER A 810 50.01 -30.00 -41.02
C SER A 810 48.77 -29.76 -40.15
N LYS A 811 48.54 -30.62 -39.16
CA LYS A 811 47.38 -30.45 -38.24
C LYS A 811 47.52 -29.12 -37.50
N PRO A 812 46.44 -28.32 -37.34
CA PRO A 812 46.51 -26.99 -36.70
C PRO A 812 47.15 -27.00 -35.31
N SER A 813 47.90 -25.95 -34.97
CA SER A 813 48.56 -25.86 -33.63
C SER A 813 49.45 -27.06 -33.36
N LYS A 814 50.12 -27.60 -34.40
CA LYS A 814 50.98 -28.81 -34.28
C LYS A 814 50.30 -29.83 -33.37
N ARG A 815 49.09 -30.28 -33.75
CA ARG A 815 48.34 -31.21 -32.85
C ARG A 815 48.35 -32.63 -33.41
N SER A 816 47.92 -33.61 -32.62
CA SER A 816 47.96 -35.03 -33.06
C SER A 816 46.65 -35.41 -33.75
N PRO A 817 46.63 -36.45 -34.61
CA PRO A 817 45.37 -36.92 -35.22
C PRO A 817 44.25 -37.16 -34.21
N ILE A 818 44.57 -37.69 -33.02
CA ILE A 818 43.53 -37.90 -31.98
C ILE A 818 43.05 -36.53 -31.48
N GLU A 819 43.99 -35.66 -31.09
CA GLU A 819 43.64 -34.30 -30.58
C GLU A 819 42.75 -33.58 -31.60
N ASP A 820 42.83 -33.97 -32.87
CA ASP A 820 42.02 -33.34 -33.91
C ASP A 820 40.56 -33.76 -33.82
N LEU A 821 40.32 -35.07 -33.73
CA LEU A 821 38.96 -35.55 -33.52
C LEU A 821 38.38 -34.96 -32.24
N LEU A 822 39.21 -34.84 -31.19
CA LEU A 822 38.71 -34.26 -29.96
C LEU A 822 38.21 -32.83 -30.16
N PHE A 823 39.01 -31.97 -30.79
CA PHE A 823 38.57 -30.58 -30.94
C PHE A 823 37.53 -30.39 -32.02
N ASN A 824 37.29 -31.39 -32.88
CA ASN A 824 36.16 -31.24 -33.80
C ASN A 824 34.85 -31.75 -33.23
N LYS A 825 34.89 -32.66 -32.25
CA LYS A 825 33.65 -33.15 -31.66
C LYS A 825 32.98 -32.18 -30.69
N VAL A 826 33.75 -31.38 -29.95
CA VAL A 826 33.17 -30.49 -28.97
C VAL A 826 33.71 -29.06 -29.07
N PHE A 855 27.86 -8.15 -24.26
CA PHE A 855 26.69 -7.59 -24.92
C PHE A 855 26.14 -6.38 -24.16
N ASN A 856 26.07 -6.49 -22.84
CA ASN A 856 25.81 -5.31 -22.00
C ASN A 856 26.50 -5.54 -20.64
N GLY A 857 27.75 -5.08 -20.54
CA GLY A 857 28.55 -5.30 -19.36
C GLY A 857 28.98 -6.73 -19.15
N LEU A 858 28.87 -7.58 -20.17
CA LEU A 858 29.25 -8.98 -20.10
C LEU A 858 30.41 -9.25 -21.03
N THR A 859 31.51 -9.76 -20.49
CA THR A 859 32.67 -10.04 -21.29
C THR A 859 33.22 -11.40 -20.91
N VAL A 860 33.95 -11.99 -21.84
CA VAL A 860 34.66 -13.26 -21.62
C VAL A 860 36.14 -13.00 -21.80
N LEU A 861 36.92 -13.41 -20.82
CA LEU A 861 38.35 -13.20 -20.96
C LEU A 861 38.99 -14.43 -21.59
N PRO A 862 40.07 -14.25 -22.33
CA PRO A 862 40.77 -15.40 -22.91
C PRO A 862 41.56 -16.15 -21.85
N PRO A 863 41.88 -17.41 -22.11
CA PRO A 863 42.82 -18.11 -21.24
C PRO A 863 44.25 -17.63 -21.47
N LEU A 864 44.98 -17.52 -20.36
CA LEU A 864 46.40 -17.18 -20.46
C LEU A 864 47.14 -18.15 -21.35
N LEU A 865 46.70 -19.40 -21.39
CA LEU A 865 47.43 -20.38 -22.16
C LEU A 865 46.59 -20.76 -23.37
N THR A 866 47.19 -20.61 -24.55
CA THR A 866 46.54 -20.87 -25.84
C THR A 866 46.38 -22.37 -26.04
N ASP A 867 45.71 -22.77 -27.12
CA ASP A 867 45.63 -24.20 -27.37
C ASP A 867 46.95 -24.73 -27.91
N GLU A 868 47.71 -23.90 -28.64
CA GLU A 868 49.02 -24.30 -29.12
C GLU A 868 49.94 -24.64 -27.96
N MET A 869 49.96 -23.82 -26.91
CA MET A 869 50.87 -24.04 -25.81
C MET A 869 50.51 -25.30 -25.03
N ILE A 870 49.22 -25.59 -24.87
CA ILE A 870 48.82 -26.86 -24.28
C ILE A 870 49.29 -28.02 -25.17
N ALA A 871 49.11 -27.90 -26.49
CA ALA A 871 49.54 -28.95 -27.39
C ALA A 871 51.03 -29.20 -27.29
N GLN A 872 51.81 -28.13 -27.15
CA GLN A 872 53.24 -28.27 -26.91
C GLN A 872 53.53 -28.98 -25.61
N TYR A 873 52.82 -28.60 -24.54
CA TYR A 873 52.99 -29.29 -23.27
C TYR A 873 52.78 -30.78 -23.43
N THR A 874 51.70 -31.16 -24.09
CA THR A 874 51.42 -32.58 -24.25
C THR A 874 52.46 -33.28 -25.11
N SER A 875 52.91 -32.64 -26.19
CA SER A 875 53.97 -33.24 -26.98
C SER A 875 55.24 -33.41 -26.16
N ALA A 876 55.53 -32.44 -25.28
CA ALA A 876 56.67 -32.57 -24.37
C ALA A 876 56.51 -33.78 -23.46
N LEU A 877 55.37 -33.89 -22.78
CA LEU A 877 55.14 -35.02 -21.89
C LEU A 877 55.26 -36.34 -22.65
N LEU A 878 54.72 -36.39 -23.87
CA LEU A 878 54.72 -37.63 -24.64
C LEU A 878 56.11 -37.99 -25.12
N ALA A 879 56.87 -37.01 -25.63
CA ALA A 879 58.25 -37.26 -26.01
C ALA A 879 59.07 -37.72 -24.83
N GLY A 880 58.85 -37.14 -23.65
CA GLY A 880 59.53 -37.61 -22.47
C GLY A 880 59.21 -39.05 -22.14
N THR A 881 57.92 -39.40 -22.09
CA THR A 881 57.59 -40.75 -21.64
C THR A 881 57.99 -41.81 -22.66
N ILE A 882 57.85 -41.52 -23.95
CA ILE A 882 58.16 -42.55 -24.94
C ILE A 882 59.64 -42.86 -24.97
N THR A 883 60.48 -42.03 -24.36
CA THR A 883 61.90 -42.14 -24.60
C THR A 883 62.74 -42.26 -23.34
N SER A 884 62.25 -41.83 -22.18
CA SER A 884 63.00 -42.02 -20.94
C SER A 884 62.24 -42.77 -19.86
N GLY A 885 61.09 -43.35 -20.19
CA GLY A 885 60.26 -43.92 -19.13
C GLY A 885 59.90 -42.88 -18.09
N TRP A 886 59.87 -43.32 -16.84
CA TRP A 886 59.49 -42.52 -15.68
C TRP A 886 60.67 -41.74 -15.07
N THR A 887 61.86 -41.78 -15.70
CA THR A 887 63.05 -41.14 -15.15
C THR A 887 62.97 -39.61 -15.19
N PHE A 888 62.31 -39.07 -16.22
CA PHE A 888 62.19 -37.60 -16.39
C PHE A 888 61.20 -37.04 -15.36
N GLY A 889 60.35 -37.92 -14.79
CA GLY A 889 59.35 -37.47 -13.80
C GLY A 889 59.91 -37.46 -12.39
N ALA A 890 61.22 -37.73 -12.25
CA ALA A 890 61.87 -37.76 -10.92
C ALA A 890 63.30 -37.22 -11.04
N GLY A 891 63.63 -36.61 -12.17
CA GLY A 891 64.98 -36.03 -12.35
C GLY A 891 65.42 -36.05 -13.80
N PRO A 892 66.67 -36.49 -14.10
CA PRO A 892 67.19 -36.46 -15.48
C PRO A 892 66.48 -37.45 -16.42
N ALA A 893 66.38 -37.09 -17.70
CA ALA A 893 65.74 -37.98 -18.69
C ALA A 893 66.74 -39.04 -19.14
N LEU A 894 66.86 -40.14 -18.38
CA LEU A 894 67.79 -41.24 -18.74
C LEU A 894 67.15 -42.06 -19.86
N GLN A 895 67.65 -41.93 -21.09
CA GLN A 895 67.03 -42.62 -22.25
C GLN A 895 67.21 -44.14 -22.16
N ILE A 896 66.18 -44.92 -22.53
CA ILE A 896 66.23 -46.39 -22.47
C ILE A 896 65.55 -46.92 -23.73
N PRO A 897 65.86 -48.15 -24.25
CA PRO A 897 65.11 -48.71 -25.38
C PRO A 897 63.65 -48.99 -24.95
N PHE A 898 62.72 -48.89 -25.90
CA PHE A 898 61.30 -49.20 -25.58
C PHE A 898 61.13 -50.65 -25.09
N PRO A 899 61.66 -51.73 -25.72
CA PRO A 899 61.54 -53.08 -25.17
C PRO A 899 62.05 -53.18 -23.72
N MET A 900 63.19 -52.56 -23.41
CA MET A 900 63.72 -52.57 -22.03
C MET A 900 62.69 -51.95 -21.09
N GLN A 901 62.11 -50.81 -21.47
CA GLN A 901 61.16 -50.10 -20.63
C GLN A 901 59.87 -50.91 -20.44
N MET A 902 59.39 -51.53 -21.52
CA MET A 902 58.24 -52.43 -21.43
C MET A 902 58.57 -53.64 -20.56
N ALA A 903 59.80 -54.15 -20.64
CA ALA A 903 60.20 -55.24 -19.76
C ALA A 903 60.13 -54.81 -18.29
N TYR A 904 60.52 -53.56 -18.02
CA TYR A 904 60.41 -53.03 -16.67
C TYR A 904 58.97 -52.97 -16.20
N ARG A 905 58.07 -52.43 -17.02
CA ARG A 905 56.68 -52.30 -16.57
C ARG A 905 56.04 -53.67 -16.37
N PHE A 906 56.40 -54.64 -17.21
CA PHE A 906 55.96 -56.01 -16.99
C PHE A 906 56.47 -56.54 -15.66
N ASN A 907 57.74 -56.31 -15.35
CA ASN A 907 58.24 -56.68 -14.03
C ASN A 907 57.44 -55.98 -12.94
N GLY A 908 57.01 -54.74 -13.23
CA GLY A 908 56.22 -53.95 -12.30
C GLY A 908 54.85 -54.53 -11.99
N ILE A 909 54.22 -55.22 -12.95
CA ILE A 909 52.99 -55.93 -12.66
C ILE A 909 53.24 -57.40 -12.32
N GLY A 910 54.49 -57.77 -12.06
CA GLY A 910 54.79 -59.07 -11.47
C GLY A 910 55.07 -60.19 -12.43
N VAL A 911 55.21 -59.89 -13.71
CA VAL A 911 55.47 -60.92 -14.72
C VAL A 911 56.92 -60.78 -15.15
N THR A 912 57.52 -61.91 -15.51
CA THR A 912 58.95 -61.96 -15.81
C THR A 912 59.23 -61.33 -17.19
N GLN A 913 60.49 -60.96 -17.42
CA GLN A 913 60.84 -60.25 -18.64
C GLN A 913 60.83 -61.14 -19.88
N ASN A 914 61.26 -62.41 -19.77
CA ASN A 914 61.28 -63.28 -20.95
C ASN A 914 59.90 -63.37 -21.58
N VAL A 915 58.85 -63.20 -20.76
CA VAL A 915 57.48 -63.21 -21.24
C VAL A 915 57.25 -62.06 -22.21
N LEU A 916 57.78 -60.86 -21.90
CA LEU A 916 57.75 -59.81 -22.90
C LEU A 916 58.62 -60.18 -24.10
N TYR A 917 59.83 -60.70 -23.84
CA TYR A 917 60.85 -60.76 -24.87
C TYR A 917 60.61 -61.85 -25.92
N GLU A 918 59.93 -62.94 -25.57
CA GLU A 918 59.52 -63.93 -26.57
C GLU A 918 58.17 -63.59 -27.20
N ASN A 919 57.49 -62.55 -26.71
CA ASN A 919 56.16 -62.19 -27.19
C ASN A 919 56.11 -60.77 -27.74
N GLN A 920 57.24 -60.23 -28.18
CA GLN A 920 57.31 -58.82 -28.53
C GLN A 920 56.39 -58.49 -29.69
N LYS A 921 56.49 -59.25 -30.79
CA LYS A 921 55.72 -58.91 -31.99
C LYS A 921 54.22 -58.98 -31.73
N LEU A 922 53.77 -59.96 -30.95
CA LEU A 922 52.33 -60.02 -30.67
C LEU A 922 51.88 -58.81 -29.87
N ILE A 923 52.52 -58.55 -28.72
CA ILE A 923 52.13 -57.44 -27.85
C ILE A 923 52.12 -56.14 -28.63
N ALA A 924 53.17 -55.94 -29.43
CA ALA A 924 53.24 -54.98 -30.50
C ALA A 924 51.93 -54.85 -31.27
N ASN A 925 51.53 -55.95 -31.90
CA ASN A 925 50.41 -55.93 -32.82
C ASN A 925 49.13 -55.59 -32.07
N GLN A 926 48.96 -56.14 -30.86
CA GLN A 926 47.77 -55.86 -30.09
C GLN A 926 47.71 -54.39 -29.68
N PHE A 927 48.85 -53.81 -29.29
CA PHE A 927 48.86 -52.40 -28.95
C PHE A 927 48.48 -51.54 -30.14
N ASN A 928 49.06 -51.84 -31.31
CA ASN A 928 48.72 -51.06 -32.49
C ASN A 928 47.26 -51.21 -32.86
N SER A 929 46.73 -52.43 -32.75
CA SER A 929 45.29 -52.67 -33.04
C SER A 929 44.41 -51.98 -31.99
N ALA A 930 44.89 -51.89 -30.75
CA ALA A 930 44.10 -51.27 -29.67
C ALA A 930 44.03 -49.76 -29.89
N ILE A 931 45.13 -49.15 -30.30
CA ILE A 931 45.08 -47.69 -30.64
C ILE A 931 44.18 -47.56 -31.86
N GLY A 932 44.28 -48.48 -32.82
CA GLY A 932 43.41 -48.47 -34.02
C GLY A 932 41.95 -48.35 -33.65
N LYS A 933 41.47 -49.18 -32.71
CA LYS A 933 40.02 -49.17 -32.38
C LYS A 933 39.69 -47.98 -31.47
N ILE A 934 40.67 -47.49 -30.70
CA ILE A 934 40.45 -46.30 -29.82
C ILE A 934 40.09 -45.10 -30.70
N GLN A 935 40.72 -44.97 -31.87
CA GLN A 935 40.40 -43.85 -32.80
C GLN A 935 38.92 -43.92 -33.18
N ASP A 936 38.47 -45.09 -33.67
CA ASP A 936 37.07 -45.23 -34.13
C ASP A 936 36.10 -45.06 -32.96
N SER A 937 36.47 -45.56 -31.77
CA SER A 937 35.60 -45.46 -30.58
C SER A 937 35.38 -43.99 -30.22
N LEU A 938 36.43 -43.17 -30.32
CA LEU A 938 36.30 -41.71 -30.04
C LEU A 938 35.51 -41.07 -31.18
N SER A 939 35.86 -41.36 -32.43
CA SER A 939 35.16 -40.77 -33.60
C SER A 939 33.64 -40.95 -33.47
N SER A 940 33.19 -42.19 -33.22
CA SER A 940 31.74 -42.47 -33.07
C SER A 940 31.18 -41.69 -31.87
N GLY A 946 30.83 -36.29 -23.41
CA GLY A 946 29.68 -35.64 -22.81
C GLY A 946 30.03 -34.85 -21.55
N LYS A 947 31.05 -35.29 -20.83
CA LYS A 947 31.43 -34.62 -19.59
C LYS A 947 32.12 -33.30 -19.86
N LEU A 948 32.72 -33.13 -21.05
CA LEU A 948 33.17 -31.82 -21.46
C LEU A 948 32.02 -30.98 -21.99
N GLN A 949 31.11 -31.61 -22.74
CA GLN A 949 29.97 -30.88 -23.28
C GLN A 949 29.13 -30.28 -22.17
N ASP A 950 29.02 -30.98 -21.04
CA ASP A 950 28.05 -30.59 -20.01
C ASP A 950 28.46 -29.30 -19.31
N VAL A 951 29.76 -29.11 -19.04
CA VAL A 951 30.16 -27.87 -18.38
C VAL A 951 29.93 -26.67 -19.29
N VAL A 952 30.23 -26.81 -20.58
CA VAL A 952 29.94 -25.75 -21.55
C VAL A 952 28.46 -25.44 -21.56
N ASN A 953 27.62 -26.48 -21.63
CA ASN A 953 26.19 -26.28 -21.70
C ASN A 953 25.68 -25.57 -20.46
N GLN A 954 26.17 -25.95 -19.29
CA GLN A 954 25.74 -25.32 -18.06
C GLN A 954 26.14 -23.84 -18.02
N ASN A 955 27.38 -23.53 -18.40
CA ASN A 955 27.78 -22.12 -18.40
C ASN A 955 26.92 -21.31 -19.36
N ALA A 956 26.68 -21.87 -20.56
CA ALA A 956 25.87 -21.13 -21.53
C ALA A 956 24.46 -20.90 -21.02
N GLN A 957 23.83 -21.92 -20.45
CA GLN A 957 22.47 -21.74 -19.95
C GLN A 957 22.42 -20.69 -18.84
N ALA A 958 23.42 -20.67 -17.95
CA ALA A 958 23.41 -19.65 -16.91
C ALA A 958 23.59 -18.25 -17.49
N LEU A 959 24.47 -18.09 -18.48
CA LEU A 959 24.59 -16.77 -19.12
C LEU A 959 23.29 -16.35 -19.76
N ASN A 960 22.63 -17.27 -20.46
CA ASN A 960 21.40 -16.93 -21.14
C ASN A 960 20.31 -16.53 -20.16
N THR A 961 20.19 -17.23 -19.03
CA THR A 961 19.19 -16.79 -18.05
C THR A 961 19.54 -15.41 -17.50
N LEU A 962 20.83 -15.15 -17.22
CA LEU A 962 21.23 -13.84 -16.75
C LEU A 962 20.74 -12.75 -17.70
N VAL A 963 20.99 -12.93 -19.00
CA VAL A 963 20.56 -11.90 -19.95
C VAL A 963 19.03 -11.83 -20.02
N LYS A 964 18.36 -12.98 -20.10
CA LYS A 964 16.91 -12.99 -20.26
C LYS A 964 16.20 -12.39 -19.05
N GLN A 965 16.90 -12.21 -17.94
CA GLN A 965 16.29 -11.51 -16.82
C GLN A 965 16.16 -10.01 -17.03
N LEU A 966 16.84 -9.43 -18.01
CA LEU A 966 16.83 -7.99 -18.24
C LEU A 966 15.55 -7.50 -18.88
N SER A 967 14.56 -8.36 -19.03
CA SER A 967 13.28 -8.01 -19.63
C SER A 967 12.13 -8.45 -18.74
N SER A 968 12.30 -8.33 -17.43
CA SER A 968 11.23 -8.55 -16.48
C SER A 968 11.00 -7.27 -15.69
N ASN A 969 9.75 -7.03 -15.33
CA ASN A 969 9.42 -5.82 -14.58
C ASN A 969 9.73 -6.00 -13.10
N PHE A 970 9.47 -7.21 -12.58
CA PHE A 970 9.59 -7.52 -11.15
C PHE A 970 8.58 -6.75 -10.32
N GLY A 971 7.45 -6.35 -10.90
CA GLY A 971 6.51 -5.53 -10.18
C GLY A 971 6.78 -4.08 -10.50
N ALA A 972 7.27 -3.85 -11.71
CA ALA A 972 7.49 -2.52 -12.23
C ALA A 972 6.54 -2.34 -13.40
N ILE A 973 6.75 -1.25 -14.12
CA ILE A 973 5.70 -0.80 -15.01
C ILE A 973 6.12 -0.94 -16.47
N SER A 974 7.43 -1.06 -16.70
CA SER A 974 8.00 -1.63 -17.91
C SER A 974 9.30 -2.29 -17.50
N SER A 975 10.13 -2.65 -18.47
CA SER A 975 11.47 -3.17 -18.19
C SER A 975 12.58 -2.30 -18.75
N VAL A 976 12.25 -1.10 -19.24
CA VAL A 976 13.23 -0.21 -19.86
C VAL A 976 13.37 1.03 -18.99
N LEU A 977 14.62 1.44 -18.75
CA LEU A 977 14.86 2.67 -18.01
C LEU A 977 14.60 3.89 -18.87
N ASN A 978 14.51 3.71 -20.18
CA ASN A 978 13.97 4.72 -21.05
C ASN A 978 12.46 4.57 -21.21
N ASP A 979 11.83 3.84 -20.29
CA ASP A 979 10.39 3.88 -20.11
C ASP A 979 9.97 4.30 -18.71
N ILE A 980 10.90 4.61 -17.80
CA ILE A 980 10.48 4.96 -16.44
C ILE A 980 10.87 6.38 -16.04
N LEU A 981 12.02 6.88 -16.48
CA LEU A 981 12.21 8.33 -16.47
C LEU A 981 11.30 8.92 -17.48
N SER A 982 10.95 8.12 -18.48
CA SER A 982 10.22 8.68 -19.65
C SER A 982 8.76 8.97 -19.33
N ARG A 983 8.03 7.93 -18.96
CA ARG A 983 6.59 8.12 -18.68
C ARG A 983 6.41 8.62 -17.25
N LEU A 984 7.49 9.12 -16.61
CA LEU A 984 7.35 9.50 -15.18
C LEU A 984 8.38 10.49 -14.64
N ASP A 985 8.00 11.72 -14.31
CA ASP A 985 8.77 12.68 -13.51
C ASP A 985 9.67 11.95 -12.51
N PRO A 986 10.88 12.46 -12.29
CA PRO A 986 11.88 11.69 -11.50
C PRO A 986 11.35 11.29 -10.13
N PRO A 987 10.59 12.17 -9.47
CA PRO A 987 9.92 11.79 -8.22
C PRO A 987 9.28 10.42 -8.17
N GLU A 988 8.27 10.15 -8.99
CA GLU A 988 7.68 8.83 -8.91
C GLU A 988 8.59 7.79 -9.55
N ALA A 989 9.66 8.24 -10.23
CA ALA A 989 10.57 7.38 -11.00
C ALA A 989 11.47 6.57 -10.11
N GLU A 990 11.89 7.16 -9.01
CA GLU A 990 12.62 6.41 -8.02
C GLU A 990 11.89 5.14 -7.61
N VAL A 991 10.59 5.26 -7.32
CA VAL A 991 9.85 4.12 -6.76
C VAL A 991 9.69 3.02 -7.78
N GLN A 992 9.90 3.31 -9.06
CA GLN A 992 9.83 2.26 -10.06
C GLN A 992 11.21 1.77 -10.48
N ILE A 993 12.21 2.65 -10.40
CA ILE A 993 13.59 2.27 -10.71
C ILE A 993 14.12 1.34 -9.62
N ASP A 994 13.85 1.66 -8.35
CA ASP A 994 14.32 0.83 -7.25
C ASP A 994 13.81 -0.60 -7.36
N ARG A 995 12.56 -0.77 -7.79
CA ARG A 995 12.03 -2.10 -7.99
C ARG A 995 12.88 -2.89 -9.00
N LEU A 996 13.15 -2.26 -10.14
CA LEU A 996 14.04 -2.86 -11.13
C LEU A 996 15.40 -3.16 -10.53
N ILE A 997 15.93 -2.23 -9.73
CA ILE A 997 17.27 -2.39 -9.19
C ILE A 997 17.34 -3.60 -8.28
N THR A 998 16.42 -3.67 -7.31
CA THR A 998 16.37 -4.82 -6.43
C THR A 998 16.32 -6.11 -7.23
N GLY A 999 15.44 -6.16 -8.24
CA GLY A 999 15.34 -7.38 -9.02
C GLY A 999 16.64 -7.76 -9.70
N ARG A 1000 17.27 -6.80 -10.35
CA ARG A 1000 18.46 -7.10 -11.14
C ARG A 1000 19.63 -7.47 -10.24
N LEU A 1001 19.74 -6.81 -9.08
CA LEU A 1001 20.74 -7.20 -8.10
C LEU A 1001 20.54 -8.63 -7.64
N GLN A 1002 19.30 -9.00 -7.31
CA GLN A 1002 19.03 -10.38 -6.91
C GLN A 1002 19.50 -11.34 -7.96
N SER A 1003 19.15 -11.09 -9.22
CA SER A 1003 19.46 -12.06 -10.27
C SER A 1003 20.97 -12.16 -10.48
N LEU A 1004 21.67 -11.03 -10.45
CA LEU A 1004 23.13 -11.05 -10.61
C LEU A 1004 23.79 -11.81 -9.47
N GLN A 1005 23.35 -11.57 -8.23
CA GLN A 1005 23.88 -12.31 -7.09
C GLN A 1005 23.66 -13.81 -7.24
N THR A 1006 22.46 -14.21 -7.67
CA THR A 1006 22.18 -15.62 -7.84
C THR A 1006 23.13 -16.23 -8.86
N TYR A 1007 23.35 -15.54 -9.98
CA TYR A 1007 24.31 -16.03 -10.97
C TYR A 1007 25.67 -16.24 -10.35
N VAL A 1008 26.14 -15.26 -9.58
CA VAL A 1008 27.50 -15.35 -9.06
C VAL A 1008 27.63 -16.46 -8.02
N THR A 1009 26.64 -16.62 -7.15
CA THR A 1009 26.69 -17.73 -6.20
C THR A 1009 26.75 -19.07 -6.94
N GLN A 1010 25.91 -19.22 -7.97
CA GLN A 1010 25.92 -20.50 -8.66
C GLN A 1010 27.22 -20.72 -9.43
N GLN A 1011 27.88 -19.65 -9.87
CA GLN A 1011 29.19 -19.83 -10.48
C GLN A 1011 30.22 -20.25 -9.44
N LEU A 1012 30.15 -19.70 -8.24
CA LEU A 1012 31.05 -20.20 -7.18
C LEU A 1012 30.85 -21.68 -6.96
N ILE A 1013 29.59 -22.11 -6.90
CA ILE A 1013 29.31 -23.51 -6.61
C ILE A 1013 29.75 -24.41 -7.77
N ARG A 1014 29.67 -23.94 -9.01
CA ARG A 1014 30.18 -24.76 -10.10
C ARG A 1014 31.71 -24.79 -10.14
N ALA A 1015 32.35 -23.65 -9.83
CA ALA A 1015 33.81 -23.60 -9.81
C ALA A 1015 34.38 -24.54 -8.77
N ALA A 1016 33.72 -24.64 -7.60
CA ALA A 1016 34.19 -25.57 -6.59
C ALA A 1016 34.25 -27.00 -7.12
N GLU A 1017 33.51 -27.32 -8.16
CA GLU A 1017 33.49 -28.70 -8.63
C GLU A 1017 34.44 -28.90 -9.79
N ILE A 1018 34.52 -27.91 -10.68
CA ILE A 1018 35.58 -27.97 -11.68
C ILE A 1018 36.94 -28.06 -10.99
N ARG A 1019 37.07 -27.44 -9.82
CA ARG A 1019 38.34 -27.51 -9.10
C ARG A 1019 38.67 -28.93 -8.65
N ALA A 1020 37.68 -29.65 -8.09
CA ALA A 1020 37.94 -31.03 -7.69
C ALA A 1020 38.29 -31.89 -8.89
N SER A 1021 37.57 -31.70 -10.00
CA SER A 1021 37.90 -32.45 -11.21
C SER A 1021 39.34 -32.21 -11.65
N ALA A 1022 39.74 -30.94 -11.70
CA ALA A 1022 41.10 -30.63 -12.10
C ALA A 1022 42.11 -31.22 -11.14
N ASN A 1023 41.80 -31.26 -9.84
CA ASN A 1023 42.76 -31.83 -8.91
C ASN A 1023 42.93 -33.32 -9.13
N LEU A 1024 41.84 -34.04 -9.41
CA LEU A 1024 41.98 -35.45 -9.74
C LEU A 1024 42.79 -35.65 -11.02
N ALA A 1025 42.56 -34.79 -12.00
CA ALA A 1025 43.35 -34.86 -13.22
C ALA A 1025 44.84 -34.67 -12.90
N ALA A 1026 45.16 -33.71 -12.05
CA ALA A 1026 46.55 -33.50 -11.68
C ALA A 1026 47.16 -34.71 -11.02
N THR A 1027 46.46 -35.29 -10.05
CA THR A 1027 47.00 -36.46 -9.35
C THR A 1027 47.20 -37.60 -10.31
N LYS A 1028 46.25 -37.82 -11.20
CA LYS A 1028 46.39 -38.95 -12.07
C LYS A 1028 47.50 -38.70 -13.09
N MET A 1029 47.75 -37.45 -13.47
CA MET A 1029 48.86 -37.30 -14.39
C MET A 1029 50.16 -37.56 -13.64
N SER A 1030 50.23 -37.17 -12.38
CA SER A 1030 51.38 -37.56 -11.58
C SER A 1030 51.56 -39.06 -11.57
N GLU A 1031 50.47 -39.80 -11.39
CA GLU A 1031 50.55 -41.20 -10.99
C GLU A 1031 50.34 -42.20 -12.11
N CYS A 1032 50.15 -41.72 -13.35
CA CYS A 1032 50.08 -42.70 -14.48
C CYS A 1032 50.96 -42.30 -15.65
N VAL A 1033 51.18 -41.00 -15.86
CA VAL A 1033 51.96 -40.57 -17.05
C VAL A 1033 53.45 -40.65 -16.69
N LEU A 1034 53.84 -40.10 -15.54
CA LEU A 1034 55.28 -40.09 -15.15
C LEU A 1034 55.55 -41.22 -14.14
N GLY A 1035 54.78 -42.31 -14.20
CA GLY A 1035 55.00 -43.45 -13.29
C GLY A 1035 54.04 -44.59 -13.59
N GLN A 1036 54.13 -45.68 -12.81
CA GLN A 1036 53.21 -46.84 -12.99
C GLN A 1036 52.41 -47.00 -11.70
N SER A 1037 51.09 -46.80 -11.75
CA SER A 1037 50.32 -46.85 -10.51
C SER A 1037 49.93 -48.27 -10.16
N LYS A 1038 50.24 -48.67 -8.93
CA LYS A 1038 49.78 -49.92 -8.36
C LYS A 1038 48.36 -49.82 -7.81
N ARG A 1039 47.81 -48.61 -7.75
CA ARG A 1039 46.45 -48.43 -7.26
C ARG A 1039 45.47 -49.12 -8.19
N VAL A 1040 44.47 -49.75 -7.59
CA VAL A 1040 43.45 -50.49 -8.33
C VAL A 1040 42.46 -49.50 -8.93
N ASP A 1041 42.28 -49.58 -10.25
CA ASP A 1041 41.26 -48.81 -10.96
C ASP A 1041 41.47 -47.30 -10.80
N PHE A 1042 42.72 -46.86 -10.79
CA PHE A 1042 43.00 -45.43 -10.82
C PHE A 1042 43.48 -44.94 -12.19
N CYS A 1043 44.14 -45.79 -12.97
CA CYS A 1043 44.63 -45.38 -14.28
C CYS A 1043 44.16 -46.38 -15.35
N GLY A 1044 42.90 -46.80 -15.24
CA GLY A 1044 42.32 -47.80 -16.13
C GLY A 1044 41.77 -48.99 -15.36
N LYS A 1045 41.31 -49.98 -16.12
CA LYS A 1045 40.80 -51.23 -15.57
C LYS A 1045 41.65 -52.38 -16.10
N GLY A 1046 42.19 -53.20 -15.19
CA GLY A 1046 43.23 -54.15 -15.46
C GLY A 1046 44.47 -53.74 -14.70
N TYR A 1047 45.63 -54.14 -15.21
CA TYR A 1047 46.90 -53.78 -14.58
C TYR A 1047 47.51 -52.63 -15.36
N HIS A 1048 47.81 -51.54 -14.66
CA HIS A 1048 48.30 -50.34 -15.34
C HIS A 1048 49.72 -50.53 -15.89
N LEU A 1049 49.88 -50.20 -17.18
CA LEU A 1049 51.17 -50.23 -17.86
C LEU A 1049 51.70 -48.82 -18.13
N MET A 1050 50.86 -47.94 -18.69
CA MET A 1050 51.29 -46.58 -19.02
C MET A 1050 50.07 -45.75 -19.41
N SER A 1051 50.26 -44.42 -19.46
CA SER A 1051 49.22 -43.49 -19.90
C SER A 1051 49.80 -42.45 -20.85
N PHE A 1052 48.93 -41.89 -21.69
CA PHE A 1052 49.30 -40.79 -22.57
C PHE A 1052 48.22 -39.71 -22.54
N PRO A 1053 48.59 -38.46 -22.33
CA PRO A 1053 47.60 -37.38 -22.38
C PRO A 1053 47.42 -36.80 -23.77
N GLN A 1054 46.21 -36.32 -24.01
CA GLN A 1054 45.80 -35.60 -25.19
C GLN A 1054 44.91 -34.47 -24.73
N SER A 1055 45.02 -33.31 -25.34
CA SER A 1055 44.21 -32.22 -24.86
C SER A 1055 42.82 -32.28 -25.47
N ALA A 1056 41.92 -31.55 -24.84
CA ALA A 1056 40.54 -31.37 -25.28
C ALA A 1056 40.19 -29.94 -24.95
N PRO A 1057 39.18 -29.37 -25.64
CA PRO A 1057 38.90 -27.94 -25.53
C PRO A 1057 39.05 -27.32 -24.14
N HIS A 1058 38.34 -27.85 -23.14
CA HIS A 1058 38.50 -27.36 -21.78
C HIS A 1058 38.93 -28.48 -20.85
N GLY A 1059 39.72 -29.40 -21.35
CA GLY A 1059 40.12 -30.49 -20.50
C GLY A 1059 41.21 -31.32 -21.10
N VAL A 1060 41.37 -32.49 -20.52
CA VAL A 1060 42.38 -33.44 -20.94
C VAL A 1060 41.75 -34.82 -21.00
N VAL A 1061 42.14 -35.58 -22.02
CA VAL A 1061 41.82 -36.98 -22.13
C VAL A 1061 43.12 -37.74 -21.89
N PHE A 1062 43.00 -38.94 -21.34
CA PHE A 1062 44.14 -39.80 -21.12
C PHE A 1062 43.86 -41.15 -21.72
N LEU A 1063 44.88 -41.72 -22.34
CA LEU A 1063 44.85 -43.06 -22.90
C LEU A 1063 45.55 -43.97 -21.92
N HIS A 1064 44.79 -44.92 -21.39
CA HIS A 1064 45.22 -45.89 -20.40
C HIS A 1064 45.59 -47.20 -21.07
N VAL A 1065 46.85 -47.57 -20.94
CA VAL A 1065 47.40 -48.82 -21.47
C VAL A 1065 47.58 -49.76 -20.29
N THR A 1066 46.78 -50.84 -20.30
CA THR A 1066 46.72 -51.83 -19.23
C THR A 1066 46.90 -53.24 -19.80
N TYR A 1067 47.34 -54.13 -18.92
CA TYR A 1067 47.55 -55.54 -19.19
C TYR A 1067 46.39 -56.33 -18.57
N VAL A 1068 45.79 -57.23 -19.37
CA VAL A 1068 44.65 -58.03 -18.93
C VAL A 1068 44.96 -59.51 -19.19
N PRO A 1069 44.91 -60.37 -18.17
CA PRO A 1069 45.22 -61.79 -18.37
C PRO A 1069 44.10 -62.51 -19.12
N ALA A 1070 44.42 -63.62 -19.81
CA ALA A 1070 43.32 -64.32 -20.48
C ALA A 1070 43.64 -65.79 -20.72
N GLN A 1071 42.54 -66.53 -20.93
CA GLN A 1071 42.52 -67.96 -21.27
C GLN A 1071 43.04 -68.84 -20.13
N GLU A 1072 42.24 -68.91 -19.06
CA GLU A 1072 42.65 -69.54 -17.79
C GLU A 1072 42.28 -71.02 -17.68
N LYS A 1073 42.94 -71.71 -16.74
CA LYS A 1073 42.73 -73.18 -16.57
C LYS A 1073 42.99 -73.53 -15.11
N ASN A 1074 42.18 -74.42 -14.54
CA ASN A 1074 42.32 -74.76 -13.10
C ASN A 1074 43.24 -75.96 -12.92
N PHE A 1075 44.41 -75.75 -12.32
CA PHE A 1075 45.33 -76.88 -12.03
C PHE A 1075 45.36 -77.06 -10.50
N THR A 1076 45.46 -78.30 -10.01
CA THR A 1076 45.46 -78.50 -8.56
C THR A 1076 46.70 -77.90 -7.89
N THR A 1077 46.56 -77.56 -6.60
CA THR A 1077 47.67 -76.97 -5.86
C THR A 1077 47.80 -77.51 -4.45
N ALA A 1078 48.73 -76.83 -3.77
CA ALA A 1078 49.04 -76.90 -2.37
C ALA A 1078 50.00 -75.78 -2.07
N PRO A 1079 49.81 -75.12 -0.96
CA PRO A 1079 50.90 -74.32 -0.39
C PRO A 1079 52.26 -74.96 -0.11
N ALA A 1080 52.42 -76.28 0.07
CA ALA A 1080 53.73 -76.75 0.47
C ALA A 1080 54.03 -78.15 -0.07
N ILE A 1081 55.33 -78.46 -0.11
CA ILE A 1081 55.84 -79.74 -0.57
C ILE A 1081 56.70 -80.36 0.51
N CYS A 1082 56.41 -81.60 0.87
CA CYS A 1082 57.19 -82.35 1.85
C CYS A 1082 58.25 -83.18 1.13
N HIS A 1083 59.47 -83.15 1.66
CA HIS A 1083 60.55 -83.97 1.10
C HIS A 1083 61.63 -84.17 2.14
N ASP A 1084 62.06 -85.42 2.31
CA ASP A 1084 63.12 -85.76 3.25
C ASP A 1084 62.81 -85.27 4.67
N GLY A 1085 61.52 -85.22 5.01
CA GLY A 1085 61.09 -84.71 6.30
C GLY A 1085 61.05 -83.21 6.44
N LYS A 1086 61.13 -82.47 5.33
CA LYS A 1086 61.18 -81.02 5.33
C LYS A 1086 60.03 -80.44 4.51
N ALA A 1087 59.70 -79.17 4.79
CA ALA A 1087 58.65 -78.47 4.09
C ALA A 1087 59.23 -77.34 3.25
N HIS A 1088 58.95 -77.37 1.96
CA HIS A 1088 59.44 -76.39 0.99
C HIS A 1088 58.28 -75.57 0.46
N PHE A 1089 58.51 -74.27 0.37
CA PHE A 1089 57.58 -73.27 -0.10
C PHE A 1089 58.17 -72.52 -1.29
N PRO A 1090 57.36 -72.16 -2.29
CA PRO A 1090 57.92 -71.56 -3.51
C PRO A 1090 58.42 -70.15 -3.23
N ARG A 1091 59.49 -69.79 -3.92
CA ARG A 1091 60.13 -68.51 -3.65
C ARG A 1091 59.27 -67.35 -4.15
N GLU A 1092 58.78 -67.44 -5.39
CA GLU A 1092 57.94 -66.38 -5.95
C GLU A 1092 56.81 -66.93 -6.81
N GLY A 1093 56.40 -68.18 -6.62
CA GLY A 1093 55.41 -68.75 -7.52
C GLY A 1093 54.30 -69.52 -6.84
N VAL A 1094 53.75 -70.50 -7.55
CA VAL A 1094 52.76 -71.44 -7.02
C VAL A 1094 53.06 -72.84 -7.53
N PHE A 1095 52.74 -73.83 -6.69
CA PHE A 1095 52.99 -75.25 -7.03
C PHE A 1095 51.75 -75.81 -7.74
N VAL A 1096 51.90 -76.29 -8.97
CA VAL A 1096 50.69 -76.75 -9.73
C VAL A 1096 50.99 -78.06 -10.44
N SER A 1097 50.18 -79.08 -10.18
CA SER A 1097 50.36 -80.36 -10.94
C SER A 1097 49.57 -80.28 -12.24
N ASN A 1098 50.12 -80.84 -13.33
CA ASN A 1098 49.40 -80.87 -14.62
C ASN A 1098 48.55 -82.14 -14.66
N GLY A 1099 48.46 -82.85 -13.52
CA GLY A 1099 47.74 -84.13 -13.47
C GLY A 1099 48.74 -85.24 -13.21
N THR A 1100 50.03 -84.91 -13.28
CA THR A 1100 51.10 -85.93 -13.07
C THR A 1100 52.25 -85.29 -12.30
N HIS A 1101 53.05 -84.45 -12.98
CA HIS A 1101 54.25 -83.84 -12.34
C HIS A 1101 53.90 -82.49 -11.70
N TRP A 1102 54.48 -82.19 -10.53
CA TRP A 1102 54.23 -80.88 -9.87
C TRP A 1102 55.20 -79.85 -10.44
N PHE A 1103 54.76 -78.59 -10.58
CA PHE A 1103 55.62 -77.56 -11.21
C PHE A 1103 55.58 -76.25 -10.42
N VAL A 1104 56.43 -75.29 -10.78
CA VAL A 1104 56.39 -73.95 -10.12
C VAL A 1104 56.12 -72.91 -11.21
N THR A 1105 55.02 -72.17 -11.09
CA THR A 1105 54.69 -71.14 -12.05
C THR A 1105 54.73 -69.77 -11.39
N GLN A 1106 54.82 -68.74 -12.23
CA GLN A 1106 54.47 -67.41 -11.79
C GLN A 1106 52.95 -67.27 -11.81
N ARG A 1107 52.44 -66.45 -10.89
CA ARG A 1107 51.01 -66.41 -10.56
C ARG A 1107 50.13 -65.75 -11.62
N ASN A 1108 50.66 -64.85 -12.46
CA ASN A 1108 49.83 -64.17 -13.46
C ASN A 1108 49.95 -64.74 -14.87
N PHE A 1109 50.97 -65.56 -15.16
CA PHE A 1109 51.20 -66.12 -16.48
C PHE A 1109 51.69 -67.56 -16.30
N TYR A 1110 50.98 -68.49 -16.92
CA TYR A 1110 51.27 -69.92 -16.78
C TYR A 1110 52.58 -70.28 -17.47
N GLU A 1111 53.58 -70.69 -16.68
CA GLU A 1111 54.87 -71.04 -17.26
C GLU A 1111 55.58 -72.04 -16.35
N PRO A 1112 55.34 -73.34 -16.52
CA PRO A 1112 55.79 -74.31 -15.53
C PRO A 1112 57.29 -74.56 -15.54
N GLN A 1113 57.81 -74.83 -14.33
CA GLN A 1113 59.22 -75.14 -14.11
C GLN A 1113 59.33 -76.29 -13.14
N ILE A 1114 60.43 -77.04 -13.27
CA ILE A 1114 60.70 -78.13 -12.33
C ILE A 1114 60.96 -77.55 -10.94
N ILE A 1115 60.40 -78.19 -9.92
CA ILE A 1115 60.67 -77.76 -8.55
C ILE A 1115 62.07 -78.16 -8.16
N THR A 1116 62.94 -77.16 -7.91
CA THR A 1116 64.30 -77.39 -7.43
C THR A 1116 64.51 -76.60 -6.14
N THR A 1117 65.66 -76.82 -5.52
CA THR A 1117 66.04 -76.07 -4.33
C THR A 1117 66.50 -74.67 -4.66
N ASP A 1118 66.36 -74.25 -5.92
CA ASP A 1118 66.72 -72.91 -6.32
C ASP A 1118 65.50 -71.98 -6.43
N ASN A 1119 64.29 -72.53 -6.53
CA ASN A 1119 63.08 -71.72 -6.59
C ASN A 1119 62.16 -71.96 -5.39
N THR A 1120 62.56 -72.81 -4.44
CA THR A 1120 61.84 -72.95 -3.19
C THR A 1120 62.80 -72.65 -2.05
N PHE A 1121 62.24 -72.64 -0.84
CA PHE A 1121 63.01 -72.58 0.39
C PHE A 1121 62.40 -73.56 1.39
N VAL A 1122 63.06 -73.72 2.52
CA VAL A 1122 62.71 -74.71 3.53
C VAL A 1122 62.46 -74.02 4.85
N SER A 1123 61.46 -74.49 5.60
CA SER A 1123 61.32 -74.11 7.00
C SER A 1123 60.38 -75.08 7.68
N GLY A 1124 60.89 -75.85 8.64
CA GLY A 1124 60.07 -76.73 9.45
C GLY A 1124 59.97 -78.14 8.91
N ASN A 1125 59.21 -78.96 9.64
CA ASN A 1125 58.91 -80.33 9.26
C ASN A 1125 57.48 -80.41 8.74
N CYS A 1126 57.27 -81.26 7.73
CA CYS A 1126 56.00 -81.37 7.05
C CYS A 1126 55.00 -82.17 7.88
N ASP A 1127 54.70 -81.68 9.07
CA ASP A 1127 53.61 -82.29 9.81
C ASP A 1127 52.77 -81.23 10.49
N VAL A 1128 53.08 -79.97 10.27
CA VAL A 1128 52.28 -78.92 10.82
C VAL A 1128 51.46 -78.21 9.75
N VAL A 1129 51.98 -78.05 8.53
CA VAL A 1129 51.18 -77.50 7.44
C VAL A 1129 50.12 -78.51 7.02
N ILE A 1130 48.96 -78.02 6.60
CA ILE A 1130 47.86 -78.85 6.14
C ILE A 1130 47.79 -78.77 4.60
N GLY A 1131 48.22 -79.88 3.92
CA GLY A 1131 48.32 -79.90 2.45
C GLY A 1131 49.53 -80.57 1.76
N ILE A 1132 50.40 -81.21 2.54
CA ILE A 1132 51.71 -81.66 1.97
C ILE A 1132 51.61 -82.79 0.95
N VAL A 1133 52.30 -82.63 -0.18
CA VAL A 1133 52.38 -83.71 -1.20
C VAL A 1133 53.84 -84.18 -1.19
N ASN A 1134 54.10 -85.45 -1.52
CA ASN A 1134 55.48 -85.98 -1.43
C ASN A 1134 56.18 -85.83 -2.79
N ASN A 1135 56.11 -84.65 -3.40
CA ASN A 1135 56.82 -84.40 -4.69
C ASN A 1135 58.33 -84.43 -4.42
N THR A 1136 59.10 -85.09 -5.29
CA THR A 1136 60.58 -85.09 -5.12
C THR A 1136 61.13 -83.75 -5.59
N VAL A 1137 61.85 -83.03 -4.71
CA VAL A 1137 62.42 -81.72 -5.07
C VAL A 1137 63.86 -81.92 -5.56
N TYR A 1138 64.24 -81.27 -6.65
CA TYR A 1138 65.47 -81.60 -7.37
C TYR A 1138 66.64 -80.71 -6.98
N ASP A 1139 67.69 -81.31 -6.42
CA ASP A 1139 68.92 -80.57 -6.13
C ASP A 1139 69.81 -80.56 -7.36
N PRO A 1140 70.22 -79.40 -7.84
CA PRO A 1140 71.05 -79.35 -9.06
C PRO A 1140 72.46 -79.89 -8.89
N LEU A 1141 73.10 -79.66 -7.74
CA LEU A 1141 74.49 -80.03 -7.57
C LEU A 1141 74.67 -81.54 -7.50
N GLN A 1142 73.78 -82.23 -6.78
CA GLN A 1142 73.95 -83.64 -6.49
C GLN A 1142 74.25 -84.51 -7.71
N PRO A 1143 73.48 -84.45 -8.81
CA PRO A 1143 73.87 -85.22 -10.00
C PRO A 1143 75.10 -84.63 -10.71
N GLU A 1144 75.10 -83.33 -10.95
CA GLU A 1144 76.11 -82.73 -11.82
C GLU A 1144 77.51 -82.95 -11.27
N LEU A 1145 77.68 -82.80 -9.96
CA LEU A 1145 78.98 -83.08 -9.33
C LEU A 1145 79.36 -84.54 -9.56
N ASP A 1146 78.39 -85.44 -9.42
CA ASP A 1146 78.65 -86.87 -9.51
C ASP A 1146 78.23 -87.42 -10.86
N GLN B 20 16.25 61.33 -3.97
CA GLN B 20 14.89 61.26 -3.44
C GLN B 20 13.84 61.33 -4.54
N VAL B 21 12.83 60.48 -4.43
CA VAL B 21 11.75 60.50 -5.41
C VAL B 21 10.98 61.82 -5.30
N GLN B 22 10.69 62.41 -6.47
CA GLN B 22 9.97 63.68 -6.50
C GLN B 22 8.82 63.57 -7.49
N LEU B 23 7.75 64.31 -7.21
CA LEU B 23 6.58 64.40 -8.08
C LEU B 23 6.32 65.87 -8.39
N VAL B 24 6.14 66.20 -9.68
CA VAL B 24 5.87 67.56 -10.10
C VAL B 24 4.71 67.51 -11.10
N GLN B 25 3.93 68.59 -11.16
CA GLN B 25 2.74 68.59 -12.01
C GLN B 25 2.50 69.98 -12.56
N SER B 26 1.34 70.16 -13.22
CA SER B 26 0.97 71.39 -13.89
C SER B 26 0.53 72.45 -12.89
N GLY B 27 0.08 73.59 -13.41
CA GLY B 27 -0.24 74.75 -12.61
C GLY B 27 -1.72 74.99 -12.39
N ALA B 28 -2.03 76.21 -11.96
CA ALA B 28 -3.40 76.62 -11.66
C ALA B 28 -4.21 76.78 -12.93
N GLU B 29 -5.52 76.69 -12.79
CA GLU B 29 -6.32 76.12 -13.85
C GLU B 29 -7.81 76.26 -13.54
N VAL B 30 -8.46 77.03 -14.41
CA VAL B 30 -9.76 77.65 -14.14
C VAL B 30 -10.74 77.19 -15.21
N LYS B 31 -11.72 76.37 -14.83
CA LYS B 31 -12.67 75.83 -15.79
C LYS B 31 -14.09 76.26 -15.42
N LYS B 32 -15.05 75.71 -16.15
CA LYS B 32 -16.39 76.26 -16.32
C LYS B 32 -17.34 75.08 -16.34
N PRO B 33 -18.53 75.22 -15.74
CA PRO B 33 -19.39 74.04 -15.54
C PRO B 33 -19.75 73.42 -16.88
N GLY B 34 -19.76 72.10 -16.89
CA GLY B 34 -20.00 71.34 -18.10
C GLY B 34 -18.76 70.96 -18.87
N ALA B 35 -17.64 71.64 -18.65
CA ALA B 35 -16.43 71.40 -19.41
C ALA B 35 -15.71 70.16 -18.87
N SER B 36 -14.50 69.91 -19.37
CA SER B 36 -13.71 68.74 -19.00
C SER B 36 -12.29 69.23 -18.72
N VAL B 37 -11.58 68.52 -17.83
CA VAL B 37 -10.31 69.04 -17.35
C VAL B 37 -9.34 67.90 -17.09
N LYS B 38 -8.06 68.22 -17.37
CA LYS B 38 -6.97 67.26 -17.49
C LYS B 38 -5.80 67.78 -16.66
N VAL B 39 -5.46 67.08 -15.59
CA VAL B 39 -4.28 67.43 -14.79
C VAL B 39 -3.27 66.30 -14.89
N SER B 40 -2.00 66.59 -14.64
CA SER B 40 -0.96 65.69 -15.10
C SER B 40 0.27 65.86 -14.24
N CYS B 41 0.92 64.75 -13.89
CA CYS B 41 2.18 64.90 -13.16
C CYS B 41 3.26 63.94 -13.65
N LYS B 42 4.48 64.48 -13.72
CA LYS B 42 5.69 63.72 -14.01
C LYS B 42 6.30 63.22 -12.72
N ALA B 43 6.81 61.99 -12.77
CA ALA B 43 7.41 61.30 -11.64
C ALA B 43 8.93 61.26 -11.78
N SER B 44 9.60 61.08 -10.64
CA SER B 44 11.06 60.97 -10.60
C SER B 44 11.40 59.77 -9.72
N GLY B 45 11.45 58.60 -10.33
CA GLY B 45 11.58 57.36 -9.60
C GLY B 45 12.88 56.65 -9.90
N TYR B 46 13.57 56.30 -8.81
CA TYR B 46 14.78 55.48 -8.91
C TYR B 46 14.46 54.13 -9.55
N THR B 47 13.30 53.55 -9.23
CA THR B 47 12.78 52.34 -9.84
C THR B 47 11.38 52.60 -10.38
N PHE B 48 10.96 51.74 -11.30
CA PHE B 48 9.58 51.66 -11.79
C PHE B 48 9.12 50.24 -11.52
N THR B 49 8.85 49.94 -10.26
CA THR B 49 8.54 48.55 -9.92
C THR B 49 7.04 48.40 -9.65
N THR B 50 6.24 48.53 -10.71
CA THR B 50 4.81 48.75 -10.54
C THR B 50 4.60 49.95 -9.62
N TYR B 51 5.07 51.08 -10.13
CA TYR B 51 4.89 52.34 -9.45
C TYR B 51 3.39 52.55 -9.17
N ALA B 52 3.10 53.46 -8.24
CA ALA B 52 1.81 53.51 -7.60
C ALA B 52 1.21 54.90 -7.71
N MET B 53 1.13 55.45 -8.91
CA MET B 53 0.26 56.60 -9.12
C MET B 53 -1.09 56.42 -8.46
N HIS B 54 -1.46 57.43 -7.68
CA HIS B 54 -2.61 57.33 -6.79
C HIS B 54 -3.00 58.78 -6.49
N TRP B 55 -4.14 59.21 -7.03
CA TRP B 55 -4.59 60.59 -6.93
C TRP B 55 -5.52 60.73 -5.73
N VAL B 56 -5.53 61.96 -5.17
CA VAL B 56 -6.46 62.34 -4.11
C VAL B 56 -6.87 63.80 -4.34
N ARG B 57 -7.95 64.25 -3.66
CA ARG B 57 -8.51 65.57 -3.85
C ARG B 57 -8.57 66.29 -2.51
N GLN B 58 -8.79 67.61 -2.54
CA GLN B 58 -8.91 68.41 -1.32
C GLN B 58 -9.79 69.60 -1.62
N ALA B 59 -11.07 69.54 -1.19
CA ALA B 59 -11.92 70.72 -1.29
C ALA B 59 -11.41 71.76 -0.29
N PRO B 60 -11.49 73.05 -0.63
CA PRO B 60 -10.75 74.06 0.15
C PRO B 60 -11.02 73.95 1.65
N GLY B 61 -9.99 73.51 2.37
CA GLY B 61 -9.98 73.42 3.83
C GLY B 61 -11.08 72.60 4.49
N GLN B 62 -11.38 71.42 3.95
CA GLN B 62 -12.42 70.56 4.49
C GLN B 62 -11.92 69.13 4.27
N ARG B 63 -12.77 68.09 4.35
CA ARG B 63 -12.18 66.75 4.21
C ARG B 63 -11.50 66.54 2.86
N LEU B 64 -10.34 65.89 2.94
CA LEU B 64 -9.75 65.24 1.78
C LEU B 64 -10.65 64.08 1.36
N GLU B 65 -11.01 64.05 0.07
CA GLU B 65 -11.79 62.92 -0.42
C GLU B 65 -11.11 62.32 -1.65
N TRP B 66 -11.07 61.00 -1.68
CA TRP B 66 -10.11 60.20 -2.40
C TRP B 66 -10.50 60.01 -3.88
N MET B 67 -9.47 60.07 -4.73
CA MET B 67 -9.58 60.15 -6.18
C MET B 67 -9.54 58.76 -6.80
N GLY B 68 -8.46 58.04 -6.67
CA GLY B 68 -8.35 56.73 -7.28
C GLY B 68 -6.91 56.36 -7.49
N TRP B 69 -6.68 55.16 -8.03
CA TRP B 69 -5.33 54.73 -8.33
C TRP B 69 -5.26 54.03 -9.68
N ILE B 70 -4.33 54.50 -10.51
CA ILE B 70 -3.94 53.82 -11.75
C ILE B 70 -2.74 52.93 -11.43
N ASN B 71 -2.60 51.84 -12.18
CA ASN B 71 -1.46 50.96 -12.00
C ASN B 71 -0.37 51.40 -12.95
N ALA B 72 0.58 52.19 -12.43
CA ALA B 72 1.72 52.59 -13.22
C ALA B 72 2.56 51.41 -13.67
N GLY B 73 2.31 50.22 -13.15
CA GLY B 73 2.94 49.03 -13.69
C GLY B 73 2.50 48.76 -15.11
N ASN B 74 1.24 48.34 -15.30
CA ASN B 74 0.76 48.09 -16.65
C ASN B 74 -0.42 48.97 -17.05
N GLY B 75 -1.61 48.75 -16.50
CA GLY B 75 -2.78 49.49 -16.93
C GLY B 75 -3.96 49.60 -15.99
N ASN B 76 -3.85 49.12 -14.76
CA ASN B 76 -5.05 48.92 -13.94
C ASN B 76 -5.54 50.23 -13.34
N THR B 77 -6.87 50.40 -13.34
CA THR B 77 -7.51 51.72 -13.29
C THR B 77 -8.57 51.81 -12.20
N LYS B 78 -8.25 51.45 -10.97
CA LYS B 78 -9.33 51.37 -9.99
C LYS B 78 -9.72 52.76 -9.50
N TYR B 79 -11.03 53.01 -9.45
CA TYR B 79 -11.57 54.34 -9.23
C TYR B 79 -12.46 54.34 -7.97
N SER B 80 -12.98 55.52 -7.64
CA SER B 80 -13.81 55.73 -6.46
C SER B 80 -15.28 55.55 -6.84
N GLN B 81 -16.14 55.19 -5.87
CA GLN B 81 -17.58 55.20 -6.09
C GLN B 81 -18.21 56.57 -6.27
N LYS B 82 -17.86 57.57 -5.47
CA LYS B 82 -18.59 58.83 -5.64
C LYS B 82 -18.27 59.47 -6.98
N PHE B 83 -17.14 59.12 -7.57
CA PHE B 83 -16.77 59.62 -8.88
C PHE B 83 -16.89 58.55 -9.97
N GLN B 84 -17.60 57.45 -9.68
CA GLN B 84 -18.01 56.50 -10.72
C GLN B 84 -18.46 57.20 -12.00
N GLY B 85 -17.92 56.72 -13.12
CA GLY B 85 -18.52 57.00 -14.41
C GLY B 85 -18.20 58.34 -15.03
N ARG B 86 -17.40 59.17 -14.36
CA ARG B 86 -17.03 60.45 -14.96
C ARG B 86 -15.56 60.79 -14.88
N VAL B 87 -14.76 60.07 -14.08
CA VAL B 87 -13.33 60.32 -13.95
C VAL B 87 -12.56 59.17 -14.61
N THR B 88 -11.52 59.54 -15.36
CA THR B 88 -10.59 58.60 -15.98
C THR B 88 -9.15 59.06 -15.82
N ILE B 89 -8.26 58.07 -15.79
CA ILE B 89 -6.84 58.24 -15.53
C ILE B 89 -6.08 57.32 -16.47
N THR B 90 -4.92 57.76 -16.92
CA THR B 90 -3.95 56.87 -17.56
C THR B 90 -2.55 57.31 -17.17
N ARG B 91 -1.57 56.79 -17.91
CA ARG B 91 -0.20 57.25 -17.77
C ARG B 91 0.53 57.06 -19.09
N ASP B 92 1.56 57.87 -19.28
CA ASP B 92 2.52 57.71 -20.37
C ASP B 92 3.82 57.13 -19.83
N THR B 93 4.32 56.09 -20.52
CA THR B 93 5.41 55.30 -19.95
C THR B 93 6.77 55.95 -20.17
N SER B 94 7.15 56.26 -21.42
CA SER B 94 8.50 56.78 -21.66
C SER B 94 8.62 58.21 -21.12
N ALA B 95 7.56 59.00 -21.16
CA ALA B 95 7.47 60.16 -20.31
C ALA B 95 7.33 59.76 -18.83
N SER B 96 6.85 58.53 -18.56
CA SER B 96 6.51 58.07 -17.21
C SER B 96 5.86 59.20 -16.42
N THR B 97 4.86 59.80 -17.02
CA THR B 97 3.99 60.71 -16.32
C THR B 97 2.64 60.03 -16.20
N ALA B 98 1.75 60.58 -15.37
CA ALA B 98 0.40 60.03 -15.27
C ALA B 98 -0.60 61.16 -15.50
N TYR B 99 -1.71 60.93 -16.21
CA TYR B 99 -2.60 62.02 -16.52
C TYR B 99 -3.95 61.66 -15.96
N MET B 100 -4.82 62.65 -15.77
CA MET B 100 -6.23 62.34 -15.56
C MET B 100 -7.21 63.39 -16.06
N GLU B 101 -8.17 62.88 -16.85
CA GLU B 101 -9.55 63.41 -16.73
C GLU B 101 -10.44 63.19 -15.56
N LEU B 102 -11.27 64.19 -15.66
CA LEU B 102 -12.11 64.77 -14.68
C LEU B 102 -13.14 65.46 -15.55
N SER B 103 -14.38 64.95 -15.54
CA SER B 103 -15.35 65.38 -16.51
C SER B 103 -16.67 65.73 -15.84
N SER B 104 -17.44 66.47 -16.63
CA SER B 104 -18.72 67.06 -16.23
C SER B 104 -18.58 67.88 -14.95
N LEU B 105 -17.75 68.92 -15.01
CA LEU B 105 -17.39 69.70 -13.83
C LEU B 105 -18.55 70.57 -13.37
N ARG B 106 -18.54 70.91 -12.07
CA ARG B 106 -19.65 71.58 -11.38
C ARG B 106 -19.05 72.45 -10.26
N SER B 107 -19.87 73.31 -9.65
CA SER B 107 -19.32 74.38 -8.80
C SER B 107 -18.65 73.87 -7.54
N GLU B 108 -19.34 73.01 -6.77
CA GLU B 108 -18.72 72.14 -5.76
C GLU B 108 -17.40 71.52 -6.18
N ASP B 109 -17.07 71.53 -7.47
CA ASP B 109 -15.91 70.73 -7.88
C ASP B 109 -14.56 71.44 -7.62
N THR B 110 -14.57 72.71 -7.23
CA THR B 110 -13.38 73.55 -7.01
C THR B 110 -12.49 73.03 -5.89
N ALA B 111 -11.21 72.82 -6.16
CA ALA B 111 -10.37 72.22 -5.13
C ALA B 111 -8.89 72.28 -5.51
N VAL B 112 -8.10 71.54 -4.73
CA VAL B 112 -6.68 71.31 -4.95
C VAL B 112 -6.50 69.81 -5.15
N TYR B 113 -5.61 69.44 -6.06
CA TYR B 113 -5.61 68.12 -6.66
C TYR B 113 -4.21 67.57 -6.41
N TYR B 114 -4.11 66.34 -5.91
CA TYR B 114 -2.81 65.82 -5.49
C TYR B 114 -2.48 64.51 -6.18
N CYS B 115 -1.32 64.48 -6.80
CA CYS B 115 -0.62 63.24 -7.14
C CYS B 115 0.00 62.70 -5.86
N ALA B 116 0.03 61.37 -5.74
CA ALA B 116 0.84 60.74 -4.72
C ALA B 116 0.93 59.24 -4.99
N GLY B 117 1.58 58.55 -4.09
CA GLY B 117 1.97 57.17 -4.27
C GLY B 117 3.47 57.07 -4.23
N GLY B 118 4.01 56.10 -4.95
CA GLY B 118 5.45 55.93 -4.94
C GLY B 118 5.90 54.96 -3.88
N GLY B 119 5.29 53.78 -3.88
CA GLY B 119 5.64 52.77 -2.90
C GLY B 119 7.09 52.41 -3.05
N GLY B 120 7.50 52.13 -4.28
CA GLY B 120 8.91 52.03 -4.49
C GLY B 120 9.39 50.78 -3.83
N ARG B 121 9.39 50.69 -2.49
CA ARG B 121 10.06 49.48 -2.07
C ARG B 121 9.16 48.31 -2.50
N ARG B 122 7.87 48.38 -2.20
CA ARG B 122 7.19 47.10 -2.18
C ARG B 122 6.38 47.19 -3.48
N LEU B 123 5.45 46.29 -3.79
CA LEU B 123 4.90 46.61 -5.12
C LEU B 123 3.76 47.62 -5.06
N GLN B 124 2.89 47.52 -4.07
CA GLN B 124 1.71 48.35 -3.95
C GLN B 124 1.44 48.66 -2.48
N PHE B 125 0.82 49.79 -2.24
CA PHE B 125 0.39 50.07 -0.88
C PHE B 125 -1.02 50.61 -0.96
N ASP B 126 -1.52 51.10 0.16
CA ASP B 126 -2.61 52.05 0.10
C ASP B 126 -2.31 53.18 1.04
N TYR B 127 -1.05 53.63 1.04
CA TYR B 127 -0.80 54.92 1.67
C TYR B 127 0.10 55.81 0.83
N PHE B 128 -0.12 57.09 1.09
CA PHE B 128 0.34 58.26 0.37
C PHE B 128 1.67 58.80 0.90
N ASP B 129 2.77 58.31 0.33
CA ASP B 129 4.09 58.61 0.86
C ASP B 129 4.95 59.55 -0.01
N TYR B 130 4.50 59.90 -1.22
CA TYR B 130 5.21 60.86 -2.07
C TYR B 130 4.18 61.73 -2.75
N TRP B 131 3.97 62.93 -2.22
CA TRP B 131 2.90 63.81 -2.67
C TRP B 131 3.45 64.78 -3.69
N GLY B 132 2.64 65.15 -4.68
CA GLY B 132 2.93 66.34 -5.46
C GLY B 132 2.61 67.59 -4.65
N GLN B 133 3.33 68.68 -4.88
CA GLN B 133 2.93 69.80 -4.08
C GLN B 133 1.77 70.63 -4.68
N GLY B 134 0.82 70.01 -5.36
CA GLY B 134 -0.55 70.51 -5.46
C GLY B 134 -1.01 71.22 -6.73
N THR B 135 -2.27 71.03 -7.15
CA THR B 135 -2.81 71.69 -8.34
C THR B 135 -4.10 72.43 -8.00
N LEU B 136 -4.27 73.64 -8.54
CA LEU B 136 -5.42 74.48 -8.20
C LEU B 136 -6.41 74.50 -9.36
N VAL B 137 -7.64 74.02 -9.10
CA VAL B 137 -8.70 73.97 -10.10
C VAL B 137 -9.88 74.76 -9.57
N THR B 138 -10.33 75.75 -10.35
CA THR B 138 -11.43 76.62 -9.96
C THR B 138 -12.55 76.51 -11.00
N VAL B 139 -13.68 75.97 -10.59
CA VAL B 139 -14.86 75.85 -11.46
C VAL B 139 -15.74 77.06 -11.18
N SER B 140 -15.87 77.94 -12.16
CA SER B 140 -16.65 79.16 -12.02
C SER B 140 -17.43 79.42 -13.31
N SER B 141 -18.37 80.35 -13.22
CA SER B 141 -19.16 80.76 -14.37
C SER B 141 -18.86 82.18 -14.84
N ALA B 142 -18.08 82.94 -14.08
CA ALA B 142 -17.77 84.32 -14.44
C ALA B 142 -16.51 84.36 -15.31
N SER B 143 -15.96 85.56 -15.50
CA SER B 143 -14.78 85.76 -16.32
C SER B 143 -13.78 86.61 -15.55
N THR B 144 -12.61 86.79 -16.16
CA THR B 144 -11.60 87.68 -15.59
C THR B 144 -12.17 89.08 -15.41
N LYS B 145 -11.94 89.66 -14.24
CA LYS B 145 -12.43 91.00 -13.96
C LYS B 145 -11.47 91.73 -13.04
N GLY B 146 -11.27 93.02 -13.30
CA GLY B 146 -10.38 93.83 -12.50
C GLY B 146 -10.90 94.02 -11.10
N PRO B 147 -10.00 94.30 -10.15
CA PRO B 147 -10.42 94.39 -8.73
C PRO B 147 -11.00 95.74 -8.31
N SER B 148 -12.14 95.71 -7.62
CA SER B 148 -12.70 96.92 -7.00
C SER B 148 -11.87 97.34 -5.80
N VAL B 149 -11.54 98.61 -5.71
CA VAL B 149 -10.68 99.07 -4.65
C VAL B 149 -11.25 100.34 -4.02
N PHE B 150 -11.29 100.35 -2.68
CA PHE B 150 -11.67 101.47 -1.82
C PHE B 150 -10.71 101.62 -0.64
N PRO B 151 -10.54 102.83 -0.09
CA PRO B 151 -9.73 102.97 1.12
C PRO B 151 -10.55 102.68 2.37
N LEU B 152 -9.85 102.51 3.48
CA LEU B 152 -10.47 102.31 4.79
C LEU B 152 -9.80 103.28 5.74
N ALA B 153 -10.39 104.48 5.85
CA ALA B 153 -10.01 105.64 6.63
C ALA B 153 -10.52 105.52 8.06
N PRO B 154 -9.64 105.67 9.04
CA PRO B 154 -10.10 105.65 10.44
C PRO B 154 -10.66 106.98 10.89
N SER B 155 -10.98 107.10 12.17
CA SER B 155 -11.43 108.33 12.77
C SER B 155 -10.71 108.57 14.08
N SER B 156 -10.62 109.84 14.47
CA SER B 156 -9.99 110.20 15.74
C SER B 156 -10.82 109.76 16.93
N LYS B 157 -12.07 109.33 16.71
CA LYS B 157 -12.88 108.82 17.81
C LYS B 157 -12.23 107.63 18.50
N SER B 158 -11.61 106.75 17.72
CA SER B 158 -11.09 105.48 18.22
C SER B 158 -9.56 105.50 18.35
N THR B 159 -8.99 106.61 18.81
CA THR B 159 -7.55 106.69 19.03
C THR B 159 -7.19 105.79 20.19
N SER B 160 -6.71 104.58 19.88
CA SER B 160 -6.42 103.55 20.88
C SER B 160 -4.92 103.53 21.14
N GLY B 161 -4.52 104.03 22.30
CA GLY B 161 -3.09 104.09 22.63
C GLY B 161 -2.28 104.90 21.66
N GLY B 162 -2.88 105.91 21.04
CA GLY B 162 -2.20 106.65 19.99
C GLY B 162 -1.99 105.85 18.72
N THR B 163 -2.80 104.83 18.49
CA THR B 163 -2.64 103.94 17.35
C THR B 163 -4.01 103.68 16.72
N ALA B 164 -4.05 103.68 15.39
CA ALA B 164 -5.29 103.51 14.65
C ALA B 164 -5.07 102.57 13.47
N ALA B 165 -6.15 101.87 13.11
CA ALA B 165 -6.15 100.93 11.99
C ALA B 165 -6.55 101.64 10.70
N LEU B 166 -6.21 101.02 9.58
CA LEU B 166 -6.38 101.64 8.27
C LEU B 166 -6.20 100.57 7.21
N GLY B 167 -7.02 100.62 6.16
CA GLY B 167 -7.00 99.53 5.21
C GLY B 167 -7.27 99.84 3.74
N CYS B 168 -7.35 98.77 2.93
CA CYS B 168 -7.54 98.91 1.48
C CYS B 168 -8.40 97.74 1.02
N LEU B 169 -9.69 98.00 0.85
CA LEU B 169 -10.64 96.95 0.50
C LEU B 169 -10.65 96.68 -1.00
N VAL B 170 -10.68 95.39 -1.34
CA VAL B 170 -10.83 94.93 -2.71
C VAL B 170 -12.10 94.08 -2.78
N LYS B 171 -12.95 94.36 -3.75
CA LYS B 171 -14.24 93.71 -3.89
C LYS B 171 -14.44 93.29 -5.34
N ASP B 172 -15.21 92.20 -5.54
CA ASP B 172 -15.71 91.86 -6.86
C ASP B 172 -14.58 91.70 -7.87
N TYR B 173 -13.67 90.79 -7.54
CA TYR B 173 -12.54 90.46 -8.40
C TYR B 173 -12.57 88.98 -8.74
N PHE B 174 -11.85 88.62 -9.81
CA PHE B 174 -11.78 87.21 -10.27
C PHE B 174 -10.54 87.07 -11.16
N PRO B 175 -9.77 85.96 -11.07
CA PRO B 175 -9.88 85.01 -9.96
C PRO B 175 -8.80 85.19 -8.89
N GLU B 176 -8.50 84.11 -8.17
CA GLU B 176 -7.46 84.17 -7.11
C GLU B 176 -6.10 84.47 -7.74
N PRO B 177 -5.21 85.22 -7.05
CA PRO B 177 -5.61 86.12 -5.97
C PRO B 177 -5.33 87.59 -6.27
N VAL B 178 -5.03 88.39 -5.24
CA VAL B 178 -4.67 89.83 -5.45
C VAL B 178 -3.52 90.13 -4.48
N THR B 179 -2.26 90.08 -4.94
CA THR B 179 -1.19 90.45 -4.03
C THR B 179 -1.33 91.92 -3.64
N VAL B 180 -1.26 92.17 -2.34
CA VAL B 180 -1.46 93.51 -1.79
C VAL B 180 -0.27 93.85 -0.91
N SER B 181 0.33 95.02 -1.15
CA SER B 181 1.37 95.54 -0.29
C SER B 181 0.98 96.96 0.13
N TRP B 182 1.84 97.58 0.95
CA TRP B 182 1.63 98.94 1.40
C TRP B 182 2.87 99.76 1.12
N ASN B 183 2.73 100.76 0.25
CA ASN B 183 3.84 101.62 -0.18
C ASN B 183 4.98 100.80 -0.78
N SER B 184 4.62 99.71 -1.47
CA SER B 184 5.56 98.85 -2.17
C SER B 184 6.67 98.36 -1.24
N GLY B 185 6.26 97.68 -0.17
CA GLY B 185 7.19 97.09 0.77
C GLY B 185 7.78 98.04 1.79
N ALA B 186 7.37 99.31 1.79
CA ALA B 186 7.92 100.26 2.76
C ALA B 186 7.44 99.96 4.17
N LEU B 187 6.26 99.37 4.32
CA LEU B 187 5.69 99.07 5.62
C LEU B 187 5.59 97.56 5.81
N THR B 188 6.04 97.08 6.97
CA THR B 188 6.06 95.65 7.26
C THR B 188 5.45 95.36 8.63
N SER B 189 5.30 96.38 9.46
CA SER B 189 4.81 96.17 10.82
C SER B 189 3.30 96.04 10.84
N GLY B 190 2.82 95.08 11.62
CA GLY B 190 1.39 94.91 11.87
C GLY B 190 0.56 94.64 10.62
N VAL B 191 1.18 94.08 9.59
CA VAL B 191 0.48 93.85 8.34
C VAL B 191 -0.51 92.69 8.49
N HIS B 192 -1.72 92.90 7.95
CA HIS B 192 -2.80 91.92 8.01
C HIS B 192 -3.49 91.84 6.66
N THR B 193 -3.46 90.66 6.05
CA THR B 193 -4.10 90.42 4.76
C THR B 193 -5.01 89.21 4.90
N PHE B 194 -6.30 89.46 4.97
CA PHE B 194 -7.28 88.41 5.23
C PHE B 194 -7.52 87.59 3.97
N PRO B 195 -7.98 86.34 4.11
CA PRO B 195 -8.19 85.52 2.93
C PRO B 195 -9.50 85.85 2.22
N ALA B 196 -9.54 85.49 0.94
CA ALA B 196 -10.68 85.83 0.11
C ALA B 196 -11.91 85.05 0.59
N VAL B 197 -13.08 85.47 0.11
CA VAL B 197 -14.35 84.90 0.52
C VAL B 197 -15.30 84.91 -0.68
N LEU B 198 -16.18 83.89 -0.75
CA LEU B 198 -17.11 83.85 -1.85
C LEU B 198 -18.23 84.82 -1.59
N GLN B 199 -18.79 85.37 -2.65
CA GLN B 199 -20.05 86.08 -2.50
C GLN B 199 -21.14 85.34 -3.29
N SER B 200 -22.39 85.74 -3.07
CA SER B 200 -23.48 85.10 -3.81
C SER B 200 -23.38 85.37 -5.30
N SER B 201 -22.72 86.47 -5.69
CA SER B 201 -22.60 86.81 -7.09
C SER B 201 -21.58 85.94 -7.83
N GLY B 202 -20.92 85.03 -7.13
CA GLY B 202 -19.82 84.30 -7.72
C GLY B 202 -18.52 85.04 -7.73
N LEU B 203 -18.41 86.13 -6.97
CA LEU B 203 -17.22 86.93 -6.95
C LEU B 203 -16.55 86.95 -5.59
N TYR B 204 -15.24 87.09 -5.69
CA TYR B 204 -14.15 87.14 -4.73
C TYR B 204 -13.98 88.54 -4.15
N SER B 205 -13.60 88.61 -2.88
CA SER B 205 -13.39 89.88 -2.20
C SER B 205 -12.40 89.68 -1.06
N LEU B 206 -11.55 90.69 -0.85
CA LEU B 206 -10.49 90.64 0.16
C LEU B 206 -10.46 91.96 0.91
N SER B 207 -10.06 91.89 2.19
CA SER B 207 -9.86 93.08 3.00
C SER B 207 -8.48 93.02 3.64
N SER B 208 -7.64 93.99 3.33
CA SER B 208 -6.31 94.10 3.91
C SER B 208 -6.27 95.33 4.81
N VAL B 209 -5.66 95.17 5.99
CA VAL B 209 -5.66 96.22 7.01
C VAL B 209 -4.30 96.23 7.69
N VAL B 210 -3.97 97.37 8.30
CA VAL B 210 -2.73 97.52 9.06
C VAL B 210 -2.94 98.69 10.00
N THR B 211 -2.32 98.63 11.18
CA THR B 211 -2.47 99.67 12.17
C THR B 211 -1.14 100.38 12.39
N VAL B 212 -1.22 101.70 12.53
CA VAL B 212 -0.03 102.55 12.68
C VAL B 212 -0.27 103.51 13.83
N PRO B 213 0.80 103.99 14.45
CA PRO B 213 0.63 105.03 15.49
C PRO B 213 -0.11 106.24 14.95
N SER B 214 -1.12 106.68 15.69
CA SER B 214 -1.93 107.81 15.26
C SER B 214 -1.16 109.13 15.30
N SER B 215 0.03 109.14 15.90
CA SER B 215 0.81 110.37 16.01
C SER B 215 1.17 110.92 14.64
N SER B 216 1.66 110.06 13.73
CA SER B 216 2.01 110.44 12.37
C SER B 216 0.91 110.09 11.36
N LEU B 217 -0.35 110.24 11.75
CA LEU B 217 -1.48 109.94 10.85
C LEU B 217 -1.59 110.98 9.74
N GLY B 218 -1.98 112.20 10.11
CA GLY B 218 -2.08 113.25 9.15
C GLY B 218 -0.76 113.81 8.66
N THR B 219 0.37 113.42 9.21
CA THR B 219 1.65 113.81 8.63
C THR B 219 2.34 112.76 7.76
N GLN B 220 1.77 111.60 7.40
CA GLN B 220 2.66 110.85 6.55
C GLN B 220 1.88 110.33 5.34
N THR B 221 2.49 109.46 4.54
CA THR B 221 1.79 108.94 3.35
C THR B 221 1.79 107.42 3.34
N TYR B 222 0.61 106.85 3.12
CA TYR B 222 0.42 105.40 3.08
C TYR B 222 -0.47 105.06 1.89
N ILE B 223 0.03 104.27 0.94
CA ILE B 223 -0.78 103.88 -0.21
C ILE B 223 -0.74 102.36 -0.38
N CYS B 224 -1.91 101.74 -0.56
CA CYS B 224 -1.94 100.32 -0.85
C CYS B 224 -1.57 100.07 -2.31
N ASN B 225 -0.99 98.91 -2.56
CA ASN B 225 -0.52 98.54 -3.89
C ASN B 225 -1.11 97.17 -4.19
N VAL B 226 -2.17 97.13 -4.98
CA VAL B 226 -2.85 95.88 -5.31
C VAL B 226 -2.48 95.46 -6.72
N ASN B 227 -2.30 94.15 -6.90
CA ASN B 227 -1.64 93.56 -8.05
C ASN B 227 -2.46 92.36 -8.54
N HIS B 228 -2.98 92.45 -9.76
CA HIS B 228 -3.84 91.40 -10.28
C HIS B 228 -3.34 91.03 -11.68
N LYS B 229 -2.47 90.02 -11.74
CA LYS B 229 -1.91 89.57 -13.01
C LYS B 229 -2.93 89.02 -13.99
N PRO B 230 -3.90 88.14 -13.59
CA PRO B 230 -4.86 87.63 -14.58
C PRO B 230 -5.61 88.71 -15.33
N SER B 231 -5.72 89.90 -14.72
CA SER B 231 -6.26 91.07 -15.40
C SER B 231 -5.20 92.12 -15.69
N ASN B 232 -3.95 91.88 -15.30
CA ASN B 232 -2.82 92.78 -15.52
C ASN B 232 -3.00 94.14 -14.87
N THR B 233 -3.87 94.26 -13.89
CA THR B 233 -4.18 95.56 -13.30
C THR B 233 -3.32 95.84 -12.07
N LYS B 234 -2.83 97.07 -11.98
CA LYS B 234 -2.06 97.52 -10.83
C LYS B 234 -2.71 98.79 -10.31
N VAL B 235 -3.23 98.75 -9.10
CA VAL B 235 -4.04 99.84 -8.56
C VAL B 235 -3.43 100.33 -7.26
N ASP B 236 -3.35 101.65 -7.13
CA ASP B 236 -2.88 102.32 -5.92
C ASP B 236 -3.91 103.37 -5.51
N LYS B 237 -4.17 103.46 -4.21
CA LYS B 237 -5.14 104.42 -3.69
C LYS B 237 -4.65 104.96 -2.36
N LYS B 238 -4.24 106.24 -2.36
CA LYS B 238 -4.18 106.98 -1.12
C LYS B 238 -5.48 107.00 -0.31
N VAL B 239 -5.31 106.70 0.97
CA VAL B 239 -6.33 106.75 2.00
C VAL B 239 -6.40 108.18 2.54
N GLU B 240 -7.62 108.70 2.66
CA GLU B 240 -7.86 110.03 3.19
C GLU B 240 -8.53 109.87 4.55
N PRO B 241 -7.84 110.14 5.66
CA PRO B 241 -8.38 110.01 7.02
C PRO B 241 -9.55 110.96 7.29
N ASP C 20 -19.97 52.47 4.51
CA ASP C 20 -18.59 52.94 4.33
C ASP C 20 -17.95 53.07 5.69
N ILE C 21 -16.63 53.25 5.73
CA ILE C 21 -15.88 53.31 6.97
C ILE C 21 -16.01 54.72 7.54
N GLN C 22 -16.38 54.83 8.81
CA GLN C 22 -16.86 56.08 9.37
C GLN C 22 -15.61 56.64 10.02
N MET C 23 -15.41 57.95 10.02
CA MET C 23 -14.24 58.48 10.73
C MET C 23 -14.46 59.84 11.33
N THR C 24 -14.35 59.90 12.66
CA THR C 24 -14.48 61.14 13.42
C THR C 24 -13.29 61.22 14.38
N GLN C 25 -12.84 62.43 14.67
CA GLN C 25 -11.62 62.59 15.45
C GLN C 25 -11.81 63.62 16.55
N SER C 26 -11.28 63.32 17.74
CA SER C 26 -11.52 64.21 18.91
C SER C 26 -10.21 64.66 19.53
N PRO C 27 -10.19 65.82 20.25
CA PRO C 27 -11.07 66.96 19.95
C PRO C 27 -10.77 67.66 18.60
N SER C 28 -11.71 68.48 18.13
CA SER C 28 -11.53 69.18 16.83
C SER C 28 -10.33 70.14 16.92
N THR C 29 -10.15 70.80 18.07
CA THR C 29 -9.01 71.68 18.23
C THR C 29 -8.46 71.52 19.64
N LEU C 30 -7.16 71.77 19.79
CA LEU C 30 -6.50 71.57 21.07
C LEU C 30 -5.54 72.72 21.32
N SER C 31 -4.93 72.70 22.51
CA SER C 31 -4.04 73.75 22.96
C SER C 31 -2.76 73.12 23.50
N ALA C 32 -1.67 73.88 23.45
CA ALA C 32 -0.36 73.37 23.85
C ALA C 32 0.58 74.55 24.07
N SER C 33 1.79 74.24 24.53
CA SER C 33 2.88 75.20 24.59
C SER C 33 4.18 74.45 24.32
N VAL C 34 5.20 75.19 23.87
CA VAL C 34 6.42 74.56 23.40
C VAL C 34 7.04 73.71 24.50
N GLY C 35 7.49 72.51 24.12
CA GLY C 35 8.07 71.58 25.07
C GLY C 35 7.05 70.82 25.88
N ASP C 36 6.02 70.28 25.23
CA ASP C 36 4.93 69.60 25.92
C ASP C 36 4.43 68.44 25.07
N ARG C 37 3.58 67.62 25.70
CA ARG C 37 2.95 66.45 25.09
C ARG C 37 1.50 66.78 24.75
N VAL C 38 1.07 66.35 23.56
CA VAL C 38 -0.31 66.55 23.13
C VAL C 38 -0.87 65.24 22.56
N THR C 39 -2.00 64.81 23.13
CA THR C 39 -2.64 63.56 22.76
C THR C 39 -3.61 63.82 21.61
N ILE C 40 -3.70 62.89 20.66
CA ILE C 40 -4.73 62.97 19.63
C ILE C 40 -5.43 61.62 19.53
N THR C 41 -6.78 61.64 19.44
CA THR C 41 -7.54 60.41 19.35
C THR C 41 -8.36 60.39 18.06
N CYS C 42 -8.17 59.36 17.24
CA CYS C 42 -8.97 59.12 16.06
C CYS C 42 -9.96 58.01 16.40
N ARG C 43 -11.24 58.29 16.17
CA ARG C 43 -12.36 57.44 16.51
C ARG C 43 -12.98 56.87 15.26
N ALA C 44 -13.10 55.55 15.25
CA ALA C 44 -13.77 54.81 14.18
C ALA C 44 -15.04 54.18 14.73
N SER C 45 -16.09 54.24 13.91
CA SER C 45 -17.39 53.69 14.29
C SER C 45 -17.37 52.19 14.31
N GLN C 46 -16.45 51.59 13.57
CA GLN C 46 -16.58 50.20 13.15
C GLN C 46 -15.17 49.66 12.98
N SER C 47 -15.01 48.36 13.16
CA SER C 47 -13.76 47.75 13.59
C SER C 47 -12.66 47.84 12.55
N ILE C 48 -11.44 48.12 13.02
CA ILE C 48 -10.30 48.39 12.17
C ILE C 48 -9.12 47.56 12.68
N SER C 49 -8.42 46.90 11.77
CA SER C 49 -7.26 46.08 12.13
C SER C 49 -5.94 46.82 11.85
N SER C 50 -5.68 47.84 12.68
CA SER C 50 -4.42 48.59 12.68
C SER C 50 -4.11 49.21 11.33
N TRP C 51 -5.20 49.37 10.60
CA TRP C 51 -5.33 50.02 9.31
C TRP C 51 -5.47 51.53 9.43
N LEU C 52 -4.35 52.23 9.66
CA LEU C 52 -4.43 53.69 9.76
C LEU C 52 -3.06 54.35 9.52
N ALA C 53 -3.14 55.59 9.06
CA ALA C 53 -1.99 56.47 8.86
C ALA C 53 -2.30 57.83 9.47
N TRP C 54 -1.27 58.48 9.98
CA TRP C 54 -1.30 59.81 10.58
C TRP C 54 -0.50 60.75 9.70
N TYR C 55 -1.12 61.86 9.31
CA TYR C 55 -0.56 62.87 8.44
C TYR C 55 -0.50 64.24 9.11
N GLN C 56 0.49 65.05 8.73
CA GLN C 56 0.63 66.43 9.21
C GLN C 56 0.38 67.38 8.05
N GLN C 57 -0.26 68.51 8.35
CA GLN C 57 -0.75 69.42 7.31
C GLN C 57 -0.45 70.85 7.69
N LYS C 58 0.53 71.45 7.02
CA LYS C 58 0.82 72.83 7.28
C LYS C 58 -0.08 73.69 6.37
N PRO C 59 -0.44 74.90 6.80
CA PRO C 59 -1.29 75.73 5.95
C PRO C 59 -0.58 76.05 4.66
N GLY C 60 -1.34 76.03 3.57
CA GLY C 60 -0.77 76.37 2.27
C GLY C 60 0.27 75.40 1.77
N LYS C 61 0.00 74.10 1.92
CA LYS C 61 0.97 73.01 1.81
C LYS C 61 0.40 71.73 1.18
N ALA C 62 1.30 70.76 0.80
CA ALA C 62 1.10 69.34 0.49
C ALA C 62 1.37 68.47 1.72
N PRO C 63 0.52 67.47 1.99
CA PRO C 63 0.65 66.74 3.27
C PRO C 63 1.92 65.88 3.42
N LYS C 64 2.45 65.88 4.67
CA LYS C 64 3.25 64.85 5.37
C LYS C 64 2.58 63.65 6.03
N LEU C 65 3.19 62.49 5.75
CA LEU C 65 2.98 61.27 6.47
C LEU C 65 4.09 60.96 7.47
N LEU C 66 3.64 60.55 8.62
CA LEU C 66 4.60 60.13 9.61
C LEU C 66 4.17 58.93 10.43
N ILE C 67 2.89 58.64 10.61
CA ILE C 67 2.56 57.26 11.03
C ILE C 67 1.83 56.58 9.90
N TYR C 68 2.22 55.33 9.63
CA TYR C 68 1.38 54.39 8.91
C TYR C 68 1.23 53.16 9.80
N ASP C 69 0.19 52.39 9.53
CA ASP C 69 -0.06 51.07 10.11
C ASP C 69 -0.45 51.14 11.60
N ALA C 70 -0.74 52.35 12.10
CA ALA C 70 -1.17 52.66 13.46
C ALA C 70 -0.05 52.54 14.50
N SER C 71 1.09 51.97 14.10
CA SER C 71 2.25 51.91 14.97
C SER C 71 3.50 52.49 14.34
N SER C 72 3.78 52.12 13.09
CA SER C 72 5.10 52.32 12.51
C SER C 72 5.45 53.79 12.36
N LEU C 73 6.72 54.10 12.60
CA LEU C 73 7.28 55.43 12.38
C LEU C 73 8.09 55.40 11.09
N GLU C 74 7.63 56.13 10.08
CA GLU C 74 8.32 56.13 8.81
C GLU C 74 9.57 57.00 8.90
N SER C 75 10.56 56.69 8.05
CA SER C 75 11.86 57.34 8.12
C SER C 75 11.75 58.85 7.91
N GLY C 76 12.86 59.54 8.18
CA GLY C 76 12.96 60.96 7.90
C GLY C 76 12.22 61.88 8.84
N VAL C 77 11.74 61.37 9.98
CA VAL C 77 10.92 62.18 10.87
C VAL C 77 11.62 62.30 12.22
N PRO C 78 11.33 63.33 13.01
CA PRO C 78 11.81 63.37 14.39
C PRO C 78 11.25 62.20 15.17
N SER C 79 12.00 61.75 16.17
CA SER C 79 11.66 60.55 16.93
C SER C 79 10.57 60.79 17.97
N ARG C 80 10.09 62.02 18.11
CA ARG C 80 9.00 62.31 19.05
C ARG C 80 7.75 61.53 18.68
N PHE C 81 7.48 61.41 17.39
CA PHE C 81 6.21 60.90 16.90
C PHE C 81 6.07 59.42 17.20
N SER C 82 4.88 59.03 17.65
CA SER C 82 4.64 57.65 18.03
C SER C 82 3.14 57.40 18.01
N GLY C 83 2.70 56.46 17.18
CA GLY C 83 1.33 56.01 17.18
C GLY C 83 1.10 54.97 18.26
N SER C 84 -0.17 54.65 18.47
CA SER C 84 -0.53 53.57 19.39
C SER C 84 -1.93 53.11 19.04
N GLY C 85 -2.49 52.26 19.89
CA GLY C 85 -3.85 51.81 19.73
C GLY C 85 -4.00 50.79 18.62
N SER C 86 -5.10 50.04 18.73
CA SER C 86 -5.53 49.08 17.71
C SER C 86 -7.02 48.87 17.96
N GLY C 87 -7.64 48.05 17.11
CA GLY C 87 -9.08 47.92 17.21
C GLY C 87 -9.77 49.17 16.73
N THR C 88 -10.31 49.97 17.64
CA THR C 88 -11.05 51.16 17.28
C THR C 88 -10.40 52.46 17.72
N GLU C 89 -10.16 52.65 19.03
CA GLU C 89 -9.55 53.88 19.53
C GLU C 89 -8.12 53.96 19.00
N PHE C 90 -7.76 55.02 18.28
CA PHE C 90 -6.38 55.19 17.86
C PHE C 90 -5.80 56.49 18.42
N THR C 91 -4.51 56.45 18.76
CA THR C 91 -3.90 57.55 19.49
C THR C 91 -2.56 57.93 18.87
N LEU C 92 -2.31 59.24 18.82
CA LEU C 92 -1.04 59.80 18.38
C LEU C 92 -0.39 60.58 19.52
N THR C 93 0.94 60.45 19.59
CA THR C 93 1.76 60.90 20.70
C THR C 93 3.02 61.60 20.18
N ILE C 94 3.35 62.73 20.81
CA ILE C 94 4.65 63.38 20.66
C ILE C 94 5.14 63.78 22.06
N SER C 95 6.43 63.60 22.31
CA SER C 95 6.96 63.85 23.65
C SER C 95 7.12 65.35 23.91
N SER C 96 7.97 66.02 23.14
CA SER C 96 8.23 67.44 23.29
C SER C 96 7.71 68.19 22.07
N LEU C 97 7.38 69.46 22.25
CA LEU C 97 6.68 70.23 21.22
C LEU C 97 7.62 71.29 20.63
N GLN C 98 8.16 70.99 19.46
CA GLN C 98 8.84 71.95 18.61
C GLN C 98 7.86 72.88 17.93
N PRO C 99 8.31 74.10 17.58
CA PRO C 99 7.51 74.91 16.66
C PRO C 99 7.14 74.19 15.37
N ASP C 100 7.96 73.24 14.94
CA ASP C 100 7.81 72.42 13.76
C ASP C 100 6.52 71.51 13.82
N ASP C 101 5.85 71.51 14.96
CA ASP C 101 4.66 70.70 15.20
C ASP C 101 3.35 71.47 15.02
N PHE C 102 3.41 72.74 14.62
CA PHE C 102 2.23 73.60 14.64
C PHE C 102 1.50 73.51 13.31
N ALA C 103 0.55 72.58 13.27
CA ALA C 103 -0.23 72.29 12.07
C ALA C 103 -1.40 71.39 12.47
N THR C 104 -2.26 71.09 11.51
CA THR C 104 -3.32 70.12 11.74
C THR C 104 -2.74 68.71 11.69
N TYR C 105 -3.56 67.73 12.02
CA TYR C 105 -3.16 66.33 11.91
C TYR C 105 -4.36 65.49 11.53
N TYR C 106 -4.21 64.67 10.51
CA TYR C 106 -5.29 63.86 9.97
C TYR C 106 -5.01 62.38 10.18
N CYS C 107 -6.08 61.62 10.41
CA CYS C 107 -6.01 60.17 10.47
C CYS C 107 -6.74 59.58 9.26
N GLN C 108 -6.21 58.49 8.73
CA GLN C 108 -6.77 57.82 7.56
C GLN C 108 -6.87 56.33 7.82
N GLN C 109 -8.03 55.76 7.54
CA GLN C 109 -8.20 54.32 7.56
C GLN C 109 -7.85 53.72 6.20
N TYR C 110 -7.36 52.48 6.22
CA TYR C 110 -7.34 51.67 5.00
C TYR C 110 -7.70 50.22 5.31
N ASN C 111 -8.73 50.03 6.14
CA ASN C 111 -9.29 48.69 6.31
C ASN C 111 -10.07 48.25 5.09
N GLY C 112 -10.85 49.17 4.51
CA GLY C 112 -11.77 48.79 3.48
C GLY C 112 -12.00 49.89 2.46
N TYR C 113 -13.05 49.76 1.66
CA TYR C 113 -13.17 50.73 0.58
C TYR C 113 -13.71 52.11 0.97
N PRO C 114 -14.18 52.90 -0.03
CA PRO C 114 -13.55 54.19 -0.32
C PRO C 114 -12.99 54.86 0.91
N TRP C 115 -11.71 55.15 0.82
CA TRP C 115 -10.94 55.58 1.97
C TRP C 115 -11.23 57.04 2.27
N THR C 116 -11.72 57.30 3.47
CA THR C 116 -12.07 58.62 3.93
C THR C 116 -10.91 59.18 4.74
N PHE C 117 -11.13 60.35 5.34
CA PHE C 117 -10.16 60.97 6.21
C PHE C 117 -10.86 61.36 7.51
N GLY C 118 -10.17 62.10 8.35
CA GLY C 118 -10.73 62.59 9.60
C GLY C 118 -11.37 63.95 9.46
N GLN C 119 -11.53 64.63 10.58
CA GLN C 119 -12.01 66.00 10.60
C GLN C 119 -10.90 67.04 10.59
N GLY C 120 -9.80 66.83 11.32
CA GLY C 120 -8.74 67.82 11.45
C GLY C 120 -8.50 68.23 12.89
N THR C 121 -7.24 68.28 13.31
CA THR C 121 -6.87 68.51 14.70
C THR C 121 -5.63 69.39 14.75
N LYS C 122 -5.82 70.66 15.08
CA LYS C 122 -4.70 71.60 15.14
C LYS C 122 -4.34 71.92 16.58
N VAL C 123 -3.08 72.27 16.76
CA VAL C 123 -2.56 72.81 18.00
C VAL C 123 -2.49 74.33 17.74
N GLU C 124 -2.52 75.22 18.74
CA GLU C 124 -2.07 76.63 18.56
C GLU C 124 -0.91 76.96 19.47
N ILE C 125 -0.80 78.25 19.85
CA ILE C 125 0.26 78.69 20.80
C ILE C 125 -0.44 79.37 21.97
N LYS C 126 -0.29 78.83 23.19
CA LYS C 126 -0.99 79.39 24.37
C LYS C 126 -0.18 80.55 24.96
N ARG C 127 -0.87 81.44 25.69
CA ARG C 127 -0.20 82.60 26.35
C ARG C 127 -1.21 83.21 27.32
N THR C 128 -1.27 84.55 27.40
CA THR C 128 -2.26 85.25 28.25
C THR C 128 -3.56 85.41 27.47
N VAL C 129 -4.68 85.64 28.17
CA VAL C 129 -5.97 85.90 27.47
C VAL C 129 -5.98 87.35 26.99
N ALA C 130 -5.21 87.67 25.95
CA ALA C 130 -5.20 89.01 25.37
C ALA C 130 -6.60 89.40 24.92
N ALA C 131 -6.84 90.72 24.89
CA ALA C 131 -8.14 91.27 24.54
C ALA C 131 -8.08 91.99 23.19
N PRO C 132 -9.15 91.93 22.41
CA PRO C 132 -9.14 92.60 21.10
C PRO C 132 -9.22 94.11 21.23
N SER C 133 -8.84 94.77 20.15
CA SER C 133 -9.12 96.18 19.92
C SER C 133 -10.21 96.26 18.86
N VAL C 134 -11.27 97.00 19.16
CA VAL C 134 -12.46 97.07 18.31
C VAL C 134 -12.44 98.36 17.50
N PHE C 135 -12.83 98.25 16.23
CA PHE C 135 -12.84 99.38 15.32
C PHE C 135 -14.05 99.28 14.41
N ILE C 136 -14.50 100.41 13.88
CA ILE C 136 -15.58 100.43 12.91
C ILE C 136 -15.23 101.39 11.76
N PHE C 137 -15.57 100.97 10.56
CA PHE C 137 -15.41 101.77 9.35
C PHE C 137 -16.77 101.92 8.65
N PRO C 138 -17.29 103.13 8.58
CA PRO C 138 -18.51 103.38 7.80
C PRO C 138 -18.24 103.29 6.31
N PRO C 139 -19.27 103.18 5.48
CA PRO C 139 -19.05 103.17 4.03
C PRO C 139 -18.44 104.47 3.53
N SER C 140 -17.51 104.34 2.58
CA SER C 140 -16.95 105.47 1.85
C SER C 140 -18.00 106.05 0.90
N ASP C 141 -17.76 107.27 0.39
CA ASP C 141 -18.79 107.86 -0.48
C ASP C 141 -18.93 107.02 -1.72
N GLU C 142 -17.77 106.75 -2.29
CA GLU C 142 -17.70 106.17 -3.62
C GLU C 142 -18.43 104.86 -3.63
N GLN C 143 -18.39 104.16 -2.50
CA GLN C 143 -19.26 103.01 -2.33
C GLN C 143 -20.72 103.44 -2.31
N LEU C 144 -21.03 104.65 -1.83
CA LEU C 144 -22.42 105.09 -1.74
C LEU C 144 -23.01 105.46 -3.09
N LYS C 145 -22.16 105.77 -4.06
CA LYS C 145 -22.62 105.97 -5.42
C LYS C 145 -22.13 104.84 -6.33
N SER C 146 -21.63 103.76 -5.74
CA SER C 146 -21.67 102.47 -6.42
C SER C 146 -23.10 101.96 -6.51
N GLY C 147 -23.72 101.74 -5.35
CA GLY C 147 -25.10 101.28 -5.31
C GLY C 147 -25.38 100.27 -4.20
N THR C 148 -24.32 99.82 -3.54
CA THR C 148 -24.42 98.94 -2.38
C THR C 148 -23.57 99.53 -1.25
N ALA C 149 -23.88 99.17 -0.02
CA ALA C 149 -23.22 99.72 1.14
C ALA C 149 -22.54 98.63 1.95
N SER C 150 -21.30 98.89 2.36
CA SER C 150 -20.49 97.97 3.16
C SER C 150 -20.06 98.67 4.43
N VAL C 151 -20.20 97.97 5.55
CA VAL C 151 -19.79 98.47 6.87
C VAL C 151 -18.83 97.45 7.47
N VAL C 152 -17.72 97.94 8.02
CA VAL C 152 -16.65 97.07 8.51
C VAL C 152 -16.57 97.20 10.03
N CYS C 153 -16.55 96.06 10.71
CA CYS C 153 -16.22 96.00 12.13
C CYS C 153 -14.97 95.14 12.29
N LEU C 154 -13.98 95.62 13.01
CA LEU C 154 -12.68 94.96 13.09
C LEU C 154 -12.31 94.67 14.53
N LEU C 155 -11.75 93.49 14.75
CA LEU C 155 -11.18 93.10 16.03
C LEU C 155 -9.72 92.73 15.78
N ASN C 156 -8.81 93.30 16.57
CA ASN C 156 -7.40 93.02 16.37
C ASN C 156 -6.78 92.46 17.63
N ASN C 157 -5.92 91.45 17.45
CA ASN C 157 -5.09 90.87 18.50
C ASN C 157 -5.94 90.39 19.68
N PHE C 158 -6.87 89.49 19.37
CA PHE C 158 -7.66 88.84 20.40
C PHE C 158 -7.26 87.37 20.51
N TYR C 159 -7.52 86.82 21.69
CA TYR C 159 -7.18 85.46 21.96
C TYR C 159 -8.21 84.83 22.87
N PRO C 160 -8.55 83.57 22.66
CA PRO C 160 -8.20 82.70 21.51
C PRO C 160 -9.12 82.90 20.24
N ARG C 161 -8.96 82.31 19.03
CA ARG C 161 -9.81 82.74 17.90
C ARG C 161 -11.25 83.04 18.29
N GLU C 162 -11.72 82.32 19.26
CA GLU C 162 -13.12 82.17 19.50
C GLU C 162 -13.75 83.49 20.00
N ALA C 163 -14.79 83.90 19.29
CA ALA C 163 -15.34 85.28 19.44
C ALA C 163 -16.78 85.33 18.92
N LYS C 164 -17.52 86.33 19.38
CA LYS C 164 -18.94 86.38 19.06
C LYS C 164 -19.27 87.77 18.61
N VAL C 165 -19.59 87.93 17.33
CA VAL C 165 -19.84 89.27 16.80
C VAL C 165 -21.26 89.33 16.24
N GLN C 166 -21.93 90.47 16.45
CA GLN C 166 -23.35 90.69 16.12
C GLN C 166 -23.49 92.06 15.49
N TRP C 167 -24.60 92.27 14.80
CA TRP C 167 -24.90 93.59 14.28
C TRP C 167 -26.21 94.09 14.86
N LYS C 168 -26.20 95.37 15.27
CA LYS C 168 -27.36 96.04 15.85
C LYS C 168 -27.59 97.30 15.04
N VAL C 169 -28.59 97.28 14.17
CA VAL C 169 -28.94 98.40 13.32
C VAL C 169 -30.31 98.92 13.75
N ASP C 170 -30.38 100.22 14.07
CA ASP C 170 -31.60 100.85 14.57
C ASP C 170 -32.15 100.09 15.78
N ASN C 171 -31.24 99.69 16.68
CA ASN C 171 -31.58 98.91 17.86
C ASN C 171 -32.32 97.63 17.50
N ALA C 172 -31.80 96.94 16.49
CA ALA C 172 -32.36 95.67 16.06
C ALA C 172 -31.23 94.76 15.58
N LEU C 173 -31.35 93.47 15.86
CA LEU C 173 -30.37 92.50 15.41
C LEU C 173 -30.51 92.23 13.91
N GLN C 174 -29.40 91.86 13.28
CA GLN C 174 -29.36 91.58 11.85
C GLN C 174 -28.73 90.22 11.61
N SER C 175 -29.26 89.50 10.64
CA SER C 175 -28.82 88.14 10.36
C SER C 175 -28.76 87.90 8.86
N GLY C 176 -27.95 86.92 8.48
CA GLY C 176 -27.89 86.47 7.10
C GLY C 176 -27.01 87.31 6.19
N ASN C 177 -27.09 88.64 6.33
CA ASN C 177 -26.42 89.56 5.43
C ASN C 177 -24.99 89.87 5.84
N SER C 178 -24.51 89.29 6.94
CA SER C 178 -23.18 89.59 7.45
C SER C 178 -22.23 88.42 7.15
N GLN C 179 -20.99 88.76 6.80
CA GLN C 179 -19.94 87.77 6.61
C GLN C 179 -18.83 87.99 7.62
N GLU C 180 -18.15 86.90 7.99
CA GLU C 180 -17.11 86.92 8.99
C GLU C 180 -15.84 86.31 8.39
N SER C 181 -14.75 87.07 8.40
CA SER C 181 -13.47 86.61 7.88
C SER C 181 -12.41 86.79 8.95
N VAL C 182 -11.80 85.67 9.35
CA VAL C 182 -10.82 85.66 10.43
C VAL C 182 -9.46 85.38 9.82
N THR C 183 -8.47 86.20 10.17
CA THR C 183 -7.10 85.86 9.82
C THR C 183 -6.71 84.58 10.56
N GLU C 184 -5.52 84.06 10.27
CA GLU C 184 -5.14 82.83 10.93
C GLU C 184 -3.88 83.14 11.73
N GLN C 185 -3.72 82.47 12.88
CA GLN C 185 -2.84 82.95 13.95
C GLN C 185 -1.44 83.32 13.47
N ASP C 186 -0.88 84.40 14.01
CA ASP C 186 0.43 84.85 13.65
C ASP C 186 1.53 83.91 14.17
N SER C 187 2.64 83.92 13.45
CA SER C 187 3.80 83.13 13.89
C SER C 187 4.39 83.70 15.19
N LYS C 188 4.98 84.92 15.20
CA LYS C 188 5.28 85.48 16.50
C LYS C 188 4.19 86.33 17.13
N ASP C 189 3.26 86.94 16.36
CA ASP C 189 2.33 87.72 17.15
C ASP C 189 1.50 86.79 18.01
N SER C 190 1.26 85.56 17.50
CA SER C 190 0.57 84.48 18.20
C SER C 190 -0.82 84.91 18.66
N THR C 191 -1.42 85.83 17.90
CA THR C 191 -2.77 86.27 18.20
C THR C 191 -3.68 86.12 16.98
N TYR C 192 -4.87 86.71 17.06
CA TYR C 192 -5.90 86.54 16.07
C TYR C 192 -6.56 87.88 15.75
N SER C 193 -7.00 88.03 14.51
CA SER C 193 -7.69 89.23 14.05
C SER C 193 -8.89 88.81 13.22
N LEU C 194 -9.91 89.67 13.20
CA LEU C 194 -11.21 89.31 12.66
C LEU C 194 -11.86 90.53 12.01
N SER C 195 -12.60 90.30 10.94
CA SER C 195 -13.37 91.33 10.25
C SER C 195 -14.79 90.83 10.02
N SER C 196 -15.76 91.62 10.47
CA SER C 196 -17.17 91.37 10.21
C SER C 196 -17.66 92.44 9.24
N THR C 197 -18.21 91.99 8.11
CA THR C 197 -18.70 92.89 7.09
C THR C 197 -20.22 92.79 7.00
N LEU C 198 -20.87 93.95 7.04
CA LEU C 198 -22.32 94.07 6.84
C LEU C 198 -22.55 94.71 5.48
N THR C 199 -23.25 94.00 4.61
CA THR C 199 -23.54 94.50 3.27
C THR C 199 -25.04 94.68 3.09
N LEU C 200 -25.41 95.70 2.32
CA LEU C 200 -26.82 96.04 2.17
C LEU C 200 -27.01 96.86 0.90
N SER C 201 -28.27 97.07 0.54
CA SER C 201 -28.62 97.89 -0.61
C SER C 201 -29.02 99.30 -0.17
N LYS C 202 -28.85 100.26 -1.08
CA LYS C 202 -29.00 101.67 -0.73
C LYS C 202 -30.36 101.98 -0.13
N ALA C 203 -31.42 101.30 -0.61
CA ALA C 203 -32.73 101.50 0.00
C ALA C 203 -32.67 101.22 1.49
N ASP C 204 -31.81 100.30 1.92
CA ASP C 204 -31.64 100.01 3.34
C ASP C 204 -30.89 101.13 4.05
N TYR C 205 -29.89 101.71 3.39
CA TYR C 205 -28.90 102.54 4.05
C TYR C 205 -29.53 103.76 4.73
N GLU C 206 -30.11 104.71 3.98
CA GLU C 206 -30.89 105.77 4.63
C GLU C 206 -32.20 105.39 5.29
N LYS C 207 -32.78 104.19 5.17
CA LYS C 207 -33.94 104.16 6.07
C LYS C 207 -33.59 103.55 7.43
N HIS C 208 -32.34 103.12 7.62
CA HIS C 208 -31.74 102.90 8.92
C HIS C 208 -30.72 104.00 9.22
N LYS C 209 -30.58 104.39 10.48
CA LYS C 209 -30.05 105.75 10.54
C LYS C 209 -28.88 105.78 11.53
N VAL C 210 -28.85 104.80 12.44
CA VAL C 210 -27.78 104.49 13.39
C VAL C 210 -27.36 103.03 13.23
N TYR C 211 -26.05 102.75 13.37
CA TYR C 211 -25.50 101.41 13.18
C TYR C 211 -24.54 101.04 14.32
N ALA C 212 -24.42 99.73 14.60
CA ALA C 212 -23.54 99.26 15.66
C ALA C 212 -23.09 97.83 15.39
N CYS C 213 -21.86 97.50 15.80
CA CYS C 213 -21.40 96.13 15.90
C CYS C 213 -21.05 95.83 17.34
N GLU C 214 -21.49 94.68 17.83
CA GLU C 214 -21.23 94.29 19.20
C GLU C 214 -20.40 93.01 19.21
N VAL C 215 -19.44 92.94 20.13
CA VAL C 215 -18.65 91.73 20.27
C VAL C 215 -18.59 91.32 21.73
N THR C 216 -18.83 90.04 21.96
CA THR C 216 -18.58 89.38 23.22
C THR C 216 -17.41 88.44 23.03
N HIS C 217 -16.50 88.45 24.00
CA HIS C 217 -15.22 87.78 23.99
C HIS C 217 -14.91 87.32 25.41
N GLN C 218 -14.15 86.22 25.52
CA GLN C 218 -13.84 85.68 26.84
C GLN C 218 -12.98 86.65 27.65
N GLY C 219 -12.00 87.30 26.99
CA GLY C 219 -11.11 88.20 27.70
C GLY C 219 -11.81 89.43 28.25
N LEU C 220 -12.85 89.91 27.59
CA LEU C 220 -13.55 91.11 28.02
C LEU C 220 -14.35 90.86 29.29
N SER C 221 -14.38 91.87 30.17
CA SER C 221 -15.22 91.80 31.35
C SER C 221 -16.69 91.85 30.99
N SER C 222 -17.06 92.71 30.05
CA SER C 222 -18.43 92.86 29.61
C SER C 222 -18.46 92.76 28.10
N PRO C 223 -19.61 92.36 27.53
CA PRO C 223 -19.81 92.53 26.09
C PRO C 223 -19.65 94.01 25.73
N VAL C 224 -19.00 94.28 24.60
CA VAL C 224 -18.66 95.64 24.22
C VAL C 224 -19.30 95.99 22.89
N THR C 225 -19.95 97.15 22.84
CA THR C 225 -20.65 97.64 21.66
C THR C 225 -19.92 98.85 21.11
N LYS C 226 -19.89 98.98 19.78
CA LYS C 226 -19.38 100.18 19.13
C LYS C 226 -20.36 100.59 18.03
N SER C 227 -20.44 101.88 17.71
CA SER C 227 -21.55 102.38 16.89
C SER C 227 -21.25 103.77 16.31
N PHE C 228 -22.16 104.21 15.43
CA PHE C 228 -22.12 105.55 14.80
C PHE C 228 -23.46 105.81 14.10
N ASN C 229 -23.61 107.01 13.49
CA ASN C 229 -24.80 107.34 12.69
C ASN C 229 -24.39 107.62 11.24
N ARG C 230 -25.32 108.27 10.54
CA ARG C 230 -24.96 108.84 9.26
C ARG C 230 -23.86 109.80 9.68
N GLY C 231 -22.69 109.75 9.08
CA GLY C 231 -21.61 110.72 9.39
C GLY C 231 -21.66 111.60 10.63
N ASP D 20 -71.94 1.79 17.25
CA ASP D 20 -71.09 1.83 18.43
C ASP D 20 -70.57 0.45 18.70
N ILE D 21 -69.58 0.32 19.60
CA ILE D 21 -68.93 -0.94 19.89
C ILE D 21 -69.81 -1.70 20.89
N GLN D 22 -70.12 -2.96 20.58
CA GLN D 22 -71.20 -3.68 21.24
C GLN D 22 -70.44 -4.46 22.31
N MET D 23 -71.03 -4.66 23.48
CA MET D 23 -70.33 -5.48 24.47
C MET D 23 -71.26 -6.28 25.36
N THR D 24 -71.13 -7.60 25.28
CA THR D 24 -71.89 -8.52 26.10
C THR D 24 -70.93 -9.53 26.71
N GLN D 25 -71.22 -10.01 27.91
CA GLN D 25 -70.26 -10.86 28.61
C GLN D 25 -70.95 -12.09 29.18
N SER D 26 -70.22 -13.20 29.19
CA SER D 26 -70.76 -14.48 29.66
C SER D 26 -69.75 -15.24 30.51
N PRO D 27 -70.25 -16.04 31.46
CA PRO D 27 -71.66 -16.01 31.84
C PRO D 27 -72.02 -14.84 32.76
N SER D 28 -73.31 -14.52 32.88
CA SER D 28 -73.71 -13.36 33.68
C SER D 28 -73.32 -13.54 35.14
N THR D 29 -73.58 -14.72 35.72
CA THR D 29 -73.15 -15.05 37.07
C THR D 29 -72.53 -16.44 37.04
N LEU D 30 -71.59 -16.67 37.96
CA LEU D 30 -70.87 -17.94 37.99
C LEU D 30 -70.72 -18.40 39.43
N SER D 31 -70.15 -19.59 39.59
CA SER D 31 -69.99 -20.22 40.89
C SER D 31 -68.56 -20.72 41.03
N ALA D 32 -68.10 -20.82 42.27
CA ALA D 32 -66.71 -21.20 42.54
C ALA D 32 -66.59 -21.63 44.00
N SER D 33 -65.40 -22.08 44.38
CA SER D 33 -65.04 -22.33 45.76
C SER D 33 -63.57 -22.00 45.93
N VAL D 34 -63.17 -21.70 47.17
CA VAL D 34 -61.83 -21.20 47.43
C VAL D 34 -60.79 -22.19 46.93
N GLY D 35 -59.75 -21.65 46.28
CA GLY D 35 -58.70 -22.48 45.72
C GLY D 35 -59.07 -23.12 44.39
N ASP D 36 -59.64 -22.35 43.46
CA ASP D 36 -60.11 -22.90 42.20
C ASP D 36 -59.91 -21.87 41.09
N ARG D 37 -60.11 -22.33 39.86
CA ARG D 37 -59.99 -21.54 38.64
C ARG D 37 -61.38 -21.19 38.13
N VAL D 38 -61.57 -19.93 37.71
CA VAL D 38 -62.83 -19.47 37.15
C VAL D 38 -62.58 -18.71 35.85
N THR D 39 -63.22 -19.16 34.78
CA THR D 39 -63.06 -18.58 33.46
C THR D 39 -64.07 -17.45 33.28
N ILE D 40 -63.66 -16.37 32.61
CA ILE D 40 -64.61 -15.32 32.24
C ILE D 40 -64.43 -14.98 30.77
N THR D 41 -65.54 -14.86 30.02
CA THR D 41 -65.48 -14.55 28.61
C THR D 41 -66.21 -13.24 28.31
N CYS D 42 -65.51 -12.29 27.71
CA CYS D 42 -66.08 -11.05 27.22
C CYS D 42 -66.25 -11.18 25.71
N ARG D 43 -67.48 -10.95 25.24
CA ARG D 43 -67.90 -11.13 23.87
C ARG D 43 -68.14 -9.77 23.23
N ALA D 44 -67.50 -9.57 22.09
CA ALA D 44 -67.68 -8.38 21.28
C ALA D 44 -68.34 -8.77 19.96
N SER D 45 -69.28 -7.92 19.53
CA SER D 45 -70.02 -8.17 18.30
C SER D 45 -69.14 -7.96 17.08
N GLN D 46 -68.08 -7.19 17.23
CA GLN D 46 -67.43 -6.56 16.09
C GLN D 46 -65.96 -6.37 16.48
N SER D 47 -65.09 -6.37 15.48
CA SER D 47 -63.70 -6.75 15.64
C SER D 47 -62.89 -5.77 16.49
N ILE D 48 -62.02 -6.33 17.33
CA ILE D 48 -61.28 -5.58 18.33
C ILE D 48 -59.82 -6.01 18.26
N SER D 49 -58.92 -5.03 18.25
CA SER D 49 -57.48 -5.32 18.20
C SER D 49 -56.84 -5.21 19.59
N SER D 50 -57.15 -6.19 20.44
CA SER D 50 -56.55 -6.36 21.77
C SER D 50 -56.72 -5.11 22.64
N TRP D 51 -57.74 -4.38 22.26
CA TRP D 51 -58.27 -3.18 22.89
C TRP D 51 -59.25 -3.53 24.03
N LEU D 52 -58.72 -3.91 25.19
CA LEU D 52 -59.60 -4.21 26.31
C LEU D 52 -58.86 -4.13 27.65
N ALA D 53 -59.66 -3.85 28.69
CA ALA D 53 -59.22 -3.83 30.08
C ALA D 53 -60.22 -4.62 30.92
N TRP D 54 -59.70 -5.25 31.96
CA TRP D 54 -60.45 -6.04 32.93
C TRP D 54 -60.38 -5.34 34.28
N TYR D 55 -61.55 -5.11 34.88
CA TYR D 55 -61.70 -4.40 36.14
C TYR D 55 -62.41 -5.29 37.17
N GLN D 56 -62.07 -5.07 38.45
CA GLN D 56 -62.70 -5.74 39.59
C GLN D 56 -63.51 -4.73 40.38
N GLN D 57 -64.66 -5.17 40.88
CA GLN D 57 -65.64 -4.26 41.48
C GLN D 57 -66.18 -4.86 42.77
N LYS D 58 -65.76 -4.31 43.91
CA LYS D 58 -66.29 -4.79 45.16
C LYS D 58 -67.56 -3.97 45.46
N PRO D 59 -68.52 -4.56 46.17
CA PRO D 59 -69.74 -3.82 46.49
C PRO D 59 -69.40 -2.62 47.35
N GLY D 60 -70.06 -1.50 47.05
CA GLY D 60 -69.86 -0.29 47.84
C GLY D 60 -68.48 0.30 47.72
N LYS D 61 -67.95 0.36 46.48
CA LYS D 61 -66.54 0.59 46.17
C LYS D 61 -66.31 1.42 44.90
N ALA D 62 -65.04 1.90 44.68
CA ALA D 62 -64.42 2.43 43.47
C ALA D 62 -63.64 1.33 42.73
N PRO D 63 -63.76 1.24 41.41
CA PRO D 63 -63.17 0.08 40.70
C PRO D 63 -61.64 0.01 40.71
N LYS D 64 -61.14 -1.24 40.83
CA LYS D 64 -59.85 -1.81 40.35
C LYS D 64 -59.69 -2.27 38.91
N LEU D 65 -58.54 -1.84 38.35
CA LEU D 65 -57.98 -2.37 37.14
C LEU D 65 -56.84 -3.36 37.37
N LEU D 66 -56.92 -4.41 36.62
CA LEU D 66 -55.85 -5.37 36.69
C LEU D 66 -55.48 -5.98 35.36
N ILE D 67 -56.36 -6.07 34.35
CA ILE D 67 -55.83 -6.26 33.00
C ILE D 67 -56.09 -5.01 32.19
N TYR D 68 -55.08 -4.59 31.44
CA TYR D 68 -55.27 -3.71 30.31
C TYR D 68 -54.65 -4.40 29.10
N ASP D 69 -55.08 -3.98 27.92
CA ASP D 69 -54.51 -4.35 26.63
C ASP D 69 -54.80 -5.81 26.24
N ALA D 70 -55.69 -6.47 26.99
CA ALA D 70 -56.15 -7.85 26.79
C ALA D 70 -55.11 -8.90 27.19
N SER D 71 -53.87 -8.47 27.43
CA SER D 71 -52.83 -9.37 27.92
C SER D 71 -52.16 -8.87 29.19
N SER D 72 -51.79 -7.60 29.23
CA SER D 72 -50.85 -7.10 30.23
C SER D 72 -51.41 -7.19 31.64
N LEU D 73 -50.53 -7.53 32.58
CA LEU D 73 -50.84 -7.53 34.01
C LEU D 73 -50.21 -6.28 34.63
N GLU D 74 -51.06 -5.37 35.10
CA GLU D 74 -50.55 -4.13 35.68
C GLU D 74 -50.01 -4.40 37.08
N SER D 75 -49.08 -3.56 37.51
CA SER D 75 -48.38 -3.79 38.76
C SER D 75 -49.33 -3.79 39.96
N GLY D 76 -48.80 -4.19 41.11
CA GLY D 76 -49.53 -4.14 42.36
C GLY D 76 -50.62 -5.17 42.54
N VAL D 77 -50.67 -6.20 41.70
CA VAL D 77 -51.75 -7.17 41.76
C VAL D 77 -51.18 -8.56 42.06
N PRO D 78 -51.96 -9.47 42.62
CA PRO D 78 -51.51 -10.86 42.72
C PRO D 78 -51.27 -11.44 41.34
N SER D 79 -50.35 -12.39 41.27
CA SER D 79 -49.91 -12.95 39.99
C SER D 79 -50.89 -13.96 39.41
N ARG D 80 -51.98 -14.27 40.12
CA ARG D 80 -52.98 -15.19 39.60
C ARG D 80 -53.58 -14.67 38.31
N PHE D 81 -53.80 -13.35 38.23
CA PHE D 81 -54.59 -12.75 37.17
C PHE D 81 -53.84 -12.83 35.86
N SER D 82 -54.58 -13.15 34.80
CA SER D 82 -53.98 -13.32 33.49
C SER D 82 -55.07 -13.22 32.43
N GLY D 83 -54.93 -12.23 31.55
CA GLY D 83 -55.80 -12.11 30.40
C GLY D 83 -55.34 -13.03 29.28
N SER D 84 -56.19 -13.13 28.26
CA SER D 84 -55.82 -13.86 27.06
C SER D 84 -56.74 -13.39 25.92
N GLY D 85 -56.68 -14.08 24.80
CA GLY D 85 -57.56 -13.80 23.69
C GLY D 85 -57.15 -12.56 22.92
N SER D 86 -57.62 -12.51 21.69
CA SER D 86 -57.47 -11.35 20.82
C SER D 86 -58.57 -11.50 19.76
N GLY D 87 -58.66 -10.51 18.86
CA GLY D 87 -59.76 -10.55 17.92
C GLY D 87 -61.07 -10.22 18.61
N THR D 88 -61.91 -11.21 18.82
CA THR D 88 -63.23 -11.00 19.41
C THR D 88 -63.40 -11.66 20.78
N GLU D 89 -63.24 -12.99 20.88
CA GLU D 89 -63.41 -13.69 22.16
C GLU D 89 -62.30 -13.24 23.11
N PHE D 90 -62.67 -12.69 24.27
CA PHE D 90 -61.64 -12.36 25.25
C PHE D 90 -61.87 -13.12 26.55
N THR D 91 -60.77 -13.50 27.21
CA THR D 91 -60.86 -14.42 28.34
C THR D 91 -60.01 -13.91 29.51
N LEU D 92 -60.55 -14.06 30.71
CA LEU D 92 -59.84 -13.77 31.95
C LEU D 92 -59.69 -15.03 32.78
N THR D 93 -58.52 -15.13 33.43
CA THR D 93 -58.04 -16.33 34.10
C THR D 93 -57.44 -15.98 35.46
N ILE D 94 -57.77 -16.77 36.47
CA ILE D 94 -57.08 -16.78 37.76
C ILE D 94 -56.84 -18.23 38.15
N SER D 95 -55.66 -18.51 38.72
CA SER D 95 -55.30 -19.89 39.02
C SER D 95 -56.01 -20.37 40.28
N SER D 96 -55.73 -19.75 41.42
CA SER D 96 -56.31 -20.11 42.70
C SER D 96 -57.23 -18.99 43.18
N LEU D 97 -58.21 -19.35 44.01
CA LEU D 97 -59.28 -18.41 44.39
C LEU D 97 -59.13 -18.03 45.86
N GLN D 98 -58.58 -16.85 46.09
CA GLN D 98 -58.61 -16.18 47.37
C GLN D 98 -59.98 -15.61 47.67
N PRO D 99 -60.32 -15.45 48.96
CA PRO D 99 -61.50 -14.63 49.29
C PRO D 99 -61.45 -13.24 48.69
N ASP D 100 -60.25 -12.71 48.45
CA ASP D 100 -59.97 -11.40 47.87
C ASP D 100 -60.52 -11.29 46.39
N ASP D 101 -61.01 -12.39 45.83
CA ASP D 101 -61.52 -12.45 44.47
C ASP D 101 -63.04 -12.34 44.38
N PHE D 102 -63.73 -12.12 45.50
CA PHE D 102 -65.18 -12.24 45.53
C PHE D 102 -65.80 -10.88 45.22
N ALA D 103 -66.07 -10.66 43.94
CA ALA D 103 -66.60 -9.40 43.43
C ALA D 103 -67.02 -9.62 41.98
N THR D 104 -67.61 -8.58 41.39
CA THR D 104 -67.92 -8.63 39.97
C THR D 104 -66.64 -8.39 39.16
N TYR D 105 -66.74 -8.54 37.84
CA TYR D 105 -65.63 -8.25 36.96
C TYR D 105 -66.15 -7.71 35.65
N TYR D 106 -65.61 -6.57 35.22
CA TYR D 106 -66.07 -5.88 34.03
C TYR D 106 -64.99 -5.87 32.95
N CYS D 107 -65.42 -5.96 31.70
CA CYS D 107 -64.53 -5.80 30.56
C CYS D 107 -64.87 -4.50 29.84
N GLN D 108 -63.84 -3.83 29.33
CA GLN D 108 -63.98 -2.56 28.64
C GLN D 108 -63.20 -2.59 27.34
N GLN D 109 -63.85 -2.17 26.26
CA GLN D 109 -63.17 -1.97 24.99
C GLN D 109 -62.62 -0.57 24.90
N TYR D 110 -61.51 -0.42 24.17
CA TYR D 110 -61.10 0.90 23.70
C TYR D 110 -60.55 0.83 22.29
N ASN D 111 -61.25 0.09 21.42
CA ASN D 111 -60.94 0.12 20.00
C ASN D 111 -61.39 1.43 19.37
N GLY D 112 -62.57 1.90 19.76
CA GLY D 112 -63.18 3.01 19.07
C GLY D 112 -64.04 3.86 19.97
N TYR D 113 -64.88 4.72 19.39
CA TYR D 113 -65.57 5.65 20.27
C TYR D 113 -66.77 5.08 21.01
N PRO D 114 -67.66 5.96 21.53
CA PRO D 114 -67.89 6.04 22.97
C PRO D 114 -67.76 4.70 23.65
N TRP D 115 -66.86 4.71 24.64
CA TRP D 115 -66.43 3.47 25.26
C TRP D 115 -67.48 2.97 26.23
N THR D 116 -67.96 1.77 25.99
CA THR D 116 -68.97 1.13 26.80
C THR D 116 -68.30 0.20 27.80
N PHE D 117 -69.11 -0.55 28.52
CA PHE D 117 -68.62 -1.55 29.46
C PHE D 117 -69.35 -2.86 29.18
N GLY D 118 -69.16 -3.83 30.07
CA GLY D 118 -69.83 -5.11 29.96
C GLY D 118 -71.14 -5.14 30.72
N GLN D 119 -71.60 -6.35 31.01
CA GLN D 119 -72.77 -6.56 31.85
C GLN D 119 -72.45 -6.73 33.33
N GLY D 120 -71.40 -7.47 33.67
CA GLY D 120 -71.07 -7.79 35.05
C GLY D 120 -71.03 -9.28 35.31
N THR D 121 -70.00 -9.75 36.02
CA THR D 121 -69.77 -11.18 36.23
C THR D 121 -69.25 -11.40 37.63
N LYS D 122 -70.11 -11.90 38.51
CA LYS D 122 -69.72 -12.15 39.89
C LYS D 122 -69.53 -13.63 40.15
N VAL D 123 -68.68 -13.92 41.11
CA VAL D 123 -68.51 -15.25 41.67
C VAL D 123 -69.31 -15.21 42.98
N GLU D 124 -69.80 -16.37 43.45
CA GLU D 124 -70.50 -16.44 44.75
C GLU D 124 -69.90 -17.60 45.56
N ILE D 125 -70.27 -17.73 46.83
CA ILE D 125 -69.67 -18.78 47.70
C ILE D 125 -70.55 -20.04 47.64
N LYS D 126 -69.98 -21.16 47.17
CA LYS D 126 -70.74 -22.44 47.06
C LYS D 126 -70.68 -23.16 48.42
N ARG D 127 -71.72 -23.94 48.79
CA ARG D 127 -72.50 -24.84 47.90
C ARG D 127 -73.78 -25.29 48.61
N THR D 128 -73.73 -25.48 49.94
CA THR D 128 -74.91 -25.99 50.69
C THR D 128 -76.19 -25.28 50.24
N VAL D 129 -77.12 -26.02 49.62
CA VAL D 129 -78.42 -25.42 49.17
C VAL D 129 -79.33 -25.30 50.40
N ALA D 130 -79.14 -24.26 51.21
CA ALA D 130 -79.93 -24.09 52.45
C ALA D 130 -81.38 -23.73 52.10
N ALA D 131 -82.34 -24.10 52.95
CA ALA D 131 -83.77 -23.86 52.66
C ALA D 131 -84.23 -22.54 53.29
N PRO D 132 -85.04 -21.72 52.58
CA PRO D 132 -85.56 -20.46 53.13
C PRO D 132 -86.53 -20.65 54.30
N SER D 133 -86.25 -19.99 55.42
CA SER D 133 -87.22 -20.04 56.55
C SER D 133 -88.39 -19.11 56.21
N VAL D 134 -89.58 -19.69 55.97
CA VAL D 134 -90.73 -18.86 55.51
C VAL D 134 -91.41 -18.17 56.70
N PHE D 135 -91.47 -16.83 56.69
CA PHE D 135 -92.16 -16.10 57.73
C PHE D 135 -93.15 -15.14 57.09
N ILE D 136 -94.19 -14.76 57.83
CA ILE D 136 -95.15 -13.76 57.37
C ILE D 136 -95.45 -12.80 58.50
N PHE D 137 -95.57 -11.51 58.15
CA PHE D 137 -95.95 -10.44 59.06
C PHE D 137 -97.17 -9.73 58.51
N PRO D 138 -98.30 -9.81 59.21
CA PRO D 138 -99.49 -9.03 58.82
C PRO D 138 -99.28 -7.56 59.12
N PRO D 139 -100.12 -6.68 58.57
CA PRO D 139 -100.00 -5.26 58.89
C PRO D 139 -100.28 -4.97 60.36
N SER D 140 -99.48 -4.06 60.93
CA SER D 140 -99.70 -3.54 62.26
C SER D 140 -100.93 -2.64 62.27
N ASP D 141 -101.46 -2.32 63.47
CA ASP D 141 -102.68 -1.51 63.48
C ASP D 141 -102.38 -0.15 62.91
N GLU D 142 -101.30 0.41 63.43
CA GLU D 142 -100.99 1.81 63.20
C GLU D 142 -100.84 2.05 61.71
N GLN D 143 -100.35 1.03 61.01
CA GLN D 143 -100.40 1.05 59.55
C GLN D 143 -101.85 1.04 59.07
N LEU D 144 -102.77 0.40 59.81
CA LEU D 144 -104.16 0.30 59.35
C LEU D 144 -104.92 1.60 59.52
N LYS D 145 -104.45 2.48 60.39
CA LYS D 145 -105.01 3.82 60.48
C LYS D 145 -104.02 4.86 59.98
N SER D 146 -102.96 4.41 59.29
CA SER D 146 -102.30 5.29 58.33
C SER D 146 -103.18 5.50 57.12
N GLY D 147 -103.51 4.41 56.42
CA GLY D 147 -104.37 4.49 55.26
C GLY D 147 -103.98 3.56 54.12
N THR D 148 -102.82 2.93 54.26
CA THR D 148 -102.34 1.91 53.34
C THR D 148 -101.93 0.69 54.14
N ALA D 149 -101.91 -0.47 53.48
CA ALA D 149 -101.62 -1.73 54.13
C ALA D 149 -100.40 -2.39 53.52
N SER D 150 -99.51 -2.88 54.38
CA SER D 150 -98.29 -3.57 53.99
C SER D 150 -98.26 -4.95 54.62
N VAL D 151 -97.91 -5.95 53.81
CA VAL D 151 -97.79 -7.34 54.25
C VAL D 151 -96.40 -7.83 53.89
N VAL D 152 -95.73 -8.47 54.84
CA VAL D 152 -94.33 -8.88 54.67
C VAL D 152 -94.27 -10.40 54.59
N CYS D 153 -93.56 -10.92 53.60
CA CYS D 153 -93.19 -12.32 53.53
C CYS D 153 -91.67 -12.39 53.51
N LEU D 154 -91.09 -13.22 54.37
CA LEU D 154 -89.65 -13.24 54.56
C LEU D 154 -89.11 -14.64 54.33
N LEU D 155 -87.95 -14.71 53.67
CA LEU D 155 -87.20 -15.95 53.49
C LEU D 155 -85.81 -15.70 54.04
N ASN D 156 -85.35 -16.60 54.91
CA ASN D 156 -84.03 -16.42 55.52
C ASN D 156 -83.14 -17.61 55.24
N ASN D 157 -81.87 -17.31 54.94
CA ASN D 157 -80.80 -18.31 54.79
C ASN D 157 -81.16 -19.36 53.74
N PHE D 158 -81.44 -18.88 52.54
CA PHE D 158 -81.67 -19.77 51.41
C PHE D 158 -80.49 -19.69 50.44
N TYR D 159 -80.34 -20.76 49.67
CA TYR D 159 -79.27 -20.84 48.73
C TYR D 159 -79.71 -21.61 47.50
N PRO D 160 -79.29 -21.18 46.32
CA PRO D 160 -78.56 -19.95 45.96
C PRO D 160 -79.50 -18.68 45.80
N ARG D 161 -79.10 -17.40 45.59
CA ARG D 161 -80.09 -16.32 45.61
C ARG D 161 -81.42 -16.69 44.98
N GLU D 162 -81.35 -17.53 43.99
CA GLU D 162 -82.40 -17.69 43.03
C GLU D 162 -83.65 -18.35 43.66
N ALA D 163 -84.78 -17.68 43.51
CA ALA D 163 -86.00 -18.00 44.30
C ALA D 163 -87.24 -17.43 43.60
N LYS D 164 -88.40 -18.00 43.92
CA LYS D 164 -89.60 -17.63 43.19
C LYS D 164 -90.69 -17.39 44.20
N VAL D 165 -91.11 -16.13 44.34
CA VAL D 165 -92.10 -15.80 45.34
C VAL D 165 -93.33 -15.19 44.66
N GLN D 166 -94.53 -15.54 45.18
CA GLN D 166 -95.82 -15.19 44.61
C GLN D 166 -96.75 -14.76 45.73
N TRP D 167 -97.82 -14.07 45.36
CA TRP D 167 -98.84 -13.74 46.34
C TRP D 167 -100.18 -14.33 45.91
N LYS D 168 -100.86 -14.92 46.89
CA LYS D 168 -102.17 -15.55 46.70
C LYS D 168 -103.12 -14.93 47.71
N VAL D 169 -103.98 -14.03 47.24
CA VAL D 169 -104.94 -13.35 48.07
C VAL D 169 -106.34 -13.79 47.65
N ASP D 170 -107.11 -14.30 48.61
CA ASP D 170 -108.45 -14.84 48.36
C ASP D 170 -108.41 -15.90 47.27
N ASN D 171 -107.38 -16.75 47.33
CA ASN D 171 -107.17 -17.81 46.33
C ASN D 171 -107.07 -17.23 44.92
N ALA D 172 -106.30 -16.15 44.79
CA ALA D 172 -106.05 -15.50 43.51
C ALA D 172 -104.64 -14.95 43.50
N LEU D 173 -103.99 -15.03 42.34
CA LEU D 173 -102.65 -14.47 42.18
C LEU D 173 -102.70 -12.95 42.09
N GLN D 174 -101.61 -12.32 42.52
CA GLN D 174 -101.50 -10.87 42.52
C GLN D 174 -100.21 -10.46 41.82
N SER D 175 -100.29 -9.36 41.06
CA SER D 175 -99.17 -8.92 40.24
C SER D 175 -99.06 -7.39 40.31
N GLY D 176 -97.86 -6.90 40.02
CA GLY D 176 -97.63 -5.48 39.90
C GLY D 176 -97.43 -4.75 41.20
N ASN D 177 -98.24 -5.07 42.21
CA ASN D 177 -98.26 -4.33 43.47
C ASN D 177 -97.24 -4.85 44.49
N SER D 178 -96.46 -5.87 44.13
CA SER D 178 -95.50 -6.46 45.05
C SER D 178 -94.08 -6.04 44.69
N GLN D 179 -93.27 -5.79 45.71
CA GLN D 179 -91.86 -5.49 45.53
C GLN D 179 -91.01 -6.57 46.21
N GLU D 180 -89.83 -6.81 45.65
CA GLU D 180 -88.92 -7.84 46.13
C GLU D 180 -87.57 -7.20 46.44
N SER D 181 -87.11 -7.37 47.67
CA SER D 181 -85.82 -6.85 48.11
C SER D 181 -85.00 -7.97 48.68
N VAL D 182 -83.84 -8.23 48.08
CA VAL D 182 -82.97 -9.33 48.47
C VAL D 182 -81.73 -8.74 49.11
N THR D 183 -81.36 -9.24 50.29
CA THR D 183 -80.06 -8.90 50.84
C THR D 183 -78.97 -9.46 49.93
N GLU D 184 -77.72 -9.15 50.21
CA GLU D 184 -76.67 -9.63 49.34
C GLU D 184 -75.77 -10.52 50.19
N GLN D 185 -75.21 -11.56 49.57
CA GLN D 185 -74.70 -12.73 50.31
C GLN D 185 -73.78 -12.36 51.47
N ASP D 186 -73.91 -13.08 52.59
CA ASP D 186 -73.10 -12.83 53.75
C ASP D 186 -71.64 -13.26 53.55
N SER D 187 -70.77 -12.59 54.29
CA SER D 187 -69.35 -12.97 54.25
C SER D 187 -69.12 -14.35 54.85
N LYS D 188 -69.33 -14.56 56.17
CA LYS D 188 -69.33 -15.94 56.61
C LYS D 188 -70.68 -16.64 56.59
N ASP D 189 -71.82 -15.93 56.66
CA ASP D 189 -73.00 -16.80 56.66
C ASP D 189 -73.10 -17.48 55.31
N SER D 190 -72.63 -16.78 54.25
CA SER D 190 -72.55 -17.29 52.88
C SER D 190 -73.90 -17.74 52.37
N THR D 191 -74.96 -17.11 52.88
CA THR D 191 -76.31 -17.42 52.43
C THR D 191 -77.03 -16.16 51.97
N TYR D 192 -78.33 -16.28 51.75
CA TYR D 192 -79.14 -15.22 51.16
C TYR D 192 -80.45 -15.09 51.92
N SER D 193 -80.96 -13.86 51.98
CA SER D 193 -82.23 -13.56 52.62
C SER D 193 -83.03 -12.63 51.71
N LEU D 194 -84.36 -12.69 51.83
CA LEU D 194 -85.25 -12.05 50.88
C LEU D 194 -86.50 -11.57 51.60
N SER D 195 -87.04 -10.44 51.14
CA SER D 195 -88.28 -9.89 51.64
C SER D 195 -89.18 -9.53 50.46
N SER D 196 -90.40 -10.05 50.49
CA SER D 196 -91.45 -9.71 49.52
C SER D 196 -92.50 -8.88 50.23
N THR D 197 -92.75 -7.68 49.73
CA THR D 197 -93.72 -6.78 50.33
C THR D 197 -94.92 -6.61 49.40
N LEU D 198 -96.12 -6.80 49.96
CA LEU D 198 -97.37 -6.55 49.26
C LEU D 198 -98.00 -5.31 49.84
N THR D 199 -98.22 -4.31 48.99
CA THR D 199 -98.80 -3.04 49.42
C THR D 199 -100.15 -2.84 48.74
N LEU D 200 -101.07 -2.20 49.46
CA LEU D 200 -102.43 -2.05 48.96
C LEU D 200 -103.12 -0.91 49.70
N SER D 201 -104.30 -0.54 49.21
CA SER D 201 -105.10 0.49 49.84
C SER D 201 -106.20 -0.13 50.69
N LYS D 202 -106.67 0.62 51.69
CA LYS D 202 -107.58 0.07 52.69
C LYS D 202 -108.84 -0.51 52.09
N ALA D 203 -109.35 0.10 51.01
CA ALA D 203 -110.49 -0.48 50.34
C ALA D 203 -110.22 -1.92 49.92
N ASP D 204 -108.96 -2.23 49.61
CA ASP D 204 -108.59 -3.60 49.27
C ASP D 204 -108.56 -4.51 50.49
N TYR D 205 -108.11 -3.97 51.63
CA TYR D 205 -107.74 -4.80 52.78
C TYR D 205 -108.91 -5.62 53.31
N GLU D 206 -109.97 -4.98 53.85
CA GLU D 206 -111.17 -5.76 54.18
C GLU D 206 -112.00 -6.30 53.03
N LYS D 207 -111.81 -5.99 51.74
CA LYS D 207 -112.69 -6.82 50.92
C LYS D 207 -111.98 -8.09 50.44
N HIS D 208 -110.70 -8.26 50.77
CA HIS D 208 -110.03 -9.56 50.75
C HIS D 208 -109.79 -10.04 52.17
N LYS D 209 -109.84 -11.35 52.41
CA LYS D 209 -110.17 -11.63 53.79
C LYS D 209 -109.17 -12.65 54.34
N VAL D 210 -108.54 -13.41 53.42
CA VAL D 210 -107.44 -14.36 53.66
C VAL D 210 -106.28 -13.99 52.73
N TYR D 211 -105.04 -14.16 53.22
CA TYR D 211 -103.82 -13.78 52.48
C TYR D 211 -102.78 -14.89 52.56
N ALA D 212 -101.92 -14.99 51.53
CA ALA D 212 -100.87 -15.99 51.49
C ALA D 212 -99.70 -15.53 50.63
N CYS D 213 -98.50 -15.94 51.01
CA CYS D 213 -97.33 -15.85 50.15
C CYS D 213 -96.78 -17.25 49.90
N GLU D 214 -96.47 -17.54 48.65
CA GLU D 214 -95.97 -18.86 48.28
C GLU D 214 -94.57 -18.71 47.72
N VAL D 215 -93.68 -19.65 48.06
CA VAL D 215 -92.34 -19.63 47.53
C VAL D 215 -91.99 -21.02 47.02
N THR D 216 -91.45 -21.05 45.80
CA THR D 216 -90.81 -22.21 45.23
C THR D 216 -89.31 -21.92 45.15
N HIS D 217 -88.53 -22.93 45.55
CA HIS D 217 -87.08 -22.86 45.74
C HIS D 217 -86.50 -24.21 45.33
N GLN D 218 -85.26 -24.20 44.87
CA GLN D 218 -84.62 -25.43 44.42
C GLN D 218 -84.42 -26.40 45.58
N GLY D 219 -84.02 -25.89 46.75
CA GLY D 219 -83.77 -26.76 47.88
C GLY D 219 -85.00 -27.46 48.41
N LEU D 220 -86.17 -26.83 48.29
CA LEU D 220 -87.41 -27.41 48.81
C LEU D 220 -87.85 -28.60 47.96
N SER D 221 -88.41 -29.60 48.64
CA SER D 221 -88.99 -30.73 47.93
C SER D 221 -90.25 -30.33 47.18
N SER D 222 -91.09 -29.51 47.81
CA SER D 222 -92.33 -29.04 47.22
C SER D 222 -92.37 -27.53 47.34
N PRO D 223 -93.11 -26.86 46.44
CA PRO D 223 -93.45 -25.46 46.68
C PRO D 223 -94.17 -25.33 48.02
N VAL D 224 -93.86 -24.27 48.75
CA VAL D 224 -94.36 -24.12 50.12
C VAL D 224 -95.16 -22.82 50.22
N THR D 225 -96.35 -22.92 50.80
CA THR D 225 -97.27 -21.80 50.96
C THR D 225 -97.39 -21.47 52.44
N LYS D 226 -97.50 -20.16 52.76
CA LYS D 226 -97.81 -19.73 54.12
C LYS D 226 -98.89 -18.66 54.04
N SER D 227 -99.71 -18.53 55.10
CA SER D 227 -100.95 -17.76 54.99
C SER D 227 -101.53 -17.40 56.36
N PHE D 228 -102.57 -16.55 56.33
CA PHE D 228 -103.32 -16.13 57.53
C PHE D 228 -104.60 -15.41 57.08
N ASN D 229 -105.44 -14.99 58.05
CA ASN D 229 -106.65 -14.19 57.76
C ASN D 229 -106.55 -12.82 58.41
N ARG D 230 -107.71 -12.18 58.52
CA ARG D 230 -107.81 -11.02 59.36
C ARG D 230 -107.43 -11.63 60.71
N GLY D 231 -106.47 -11.07 61.43
CA GLY D 231 -106.12 -11.57 62.77
C GLY D 231 -106.60 -12.91 63.28
N GLN E 20 -47.81 8.47 46.42
CA GLN E 20 -48.83 7.97 45.52
C GLN E 20 -49.79 9.07 45.08
N VAL E 21 -50.12 9.09 43.79
CA VAL E 21 -51.08 10.06 43.28
C VAL E 21 -52.45 9.81 43.90
N GLN E 22 -53.09 10.89 44.33
CA GLN E 22 -54.42 10.78 44.93
C GLN E 22 -55.36 11.80 44.28
N LEU E 23 -56.64 11.43 44.22
CA LEU E 23 -57.69 12.31 43.72
C LEU E 23 -58.78 12.44 44.78
N VAL E 24 -59.19 13.67 45.07
CA VAL E 24 -60.23 13.92 46.06
C VAL E 24 -61.19 14.93 45.46
N GLN E 25 -62.46 14.87 45.88
CA GLN E 25 -63.47 15.73 45.27
C GLN E 25 -64.52 16.11 46.32
N SER E 26 -65.60 16.75 45.85
CA SER E 26 -66.65 17.27 46.71
C SER E 26 -67.56 16.14 47.21
N GLY E 27 -68.62 16.54 47.90
CA GLY E 27 -69.51 15.61 48.58
C GLY E 27 -70.84 15.38 47.88
N ALA E 28 -71.77 14.80 48.63
CA ALA E 28 -73.10 14.46 48.13
C ALA E 28 -73.93 15.73 47.94
N GLU E 29 -74.94 15.61 47.08
CA GLU E 29 -75.32 16.75 46.27
C GLU E 29 -76.59 16.44 45.48
N VAL E 30 -77.62 17.22 45.82
CA VAL E 30 -79.02 16.89 45.53
C VAL E 30 -79.61 18.02 44.70
N LYS E 31 -79.91 17.76 43.44
CA LYS E 31 -80.43 18.80 42.55
C LYS E 31 -81.81 18.39 42.03
N LYS E 32 -82.32 19.21 41.11
CA LYS E 32 -83.73 19.33 40.78
C LYS E 32 -83.83 19.51 39.28
N PRO E 33 -84.85 18.90 38.63
CA PRO E 33 -84.85 18.87 37.17
C PRO E 33 -84.86 20.27 36.60
N GLY E 34 -84.10 20.45 35.54
CA GLY E 34 -83.93 21.74 34.91
C GLY E 34 -82.75 22.54 35.42
N ALA E 35 -82.22 22.22 36.59
CA ALA E 35 -81.14 23.00 37.18
C ALA E 35 -79.81 22.59 36.56
N SER E 36 -78.70 23.11 37.11
CA SER E 36 -77.37 22.88 36.59
C SER E 36 -76.48 22.52 37.77
N VAL E 37 -75.45 21.72 37.52
CA VAL E 37 -74.69 21.16 38.62
C VAL E 37 -73.20 21.03 38.24
N LYS E 38 -72.37 21.24 39.27
CA LYS E 38 -70.94 21.47 39.15
C LYS E 38 -70.24 20.56 40.17
N VAL E 39 -69.49 19.59 39.68
CA VAL E 39 -68.69 18.73 40.56
C VAL E 39 -67.23 18.96 40.24
N SER E 40 -66.35 18.66 41.19
CA SER E 40 -65.00 19.22 41.12
C SER E 40 -64.05 18.33 41.88
N CYS E 41 -62.85 18.10 41.34
CA CYS E 41 -61.86 17.34 42.11
C CYS E 41 -60.46 17.92 42.02
N LYS E 42 -59.79 17.91 43.16
CA LYS E 42 -58.39 18.28 43.29
C LYS E 42 -57.51 17.05 43.11
N ALA E 43 -56.40 17.24 42.42
CA ALA E 43 -55.44 16.21 42.08
C ALA E 43 -54.19 16.32 42.95
N SER E 44 -53.47 15.21 43.07
CA SER E 44 -52.22 15.16 43.83
C SER E 44 -51.19 14.43 42.97
N GLY E 45 -50.52 15.19 42.12
CA GLY E 45 -49.65 14.62 41.11
C GLY E 45 -48.19 14.97 41.34
N TYR E 46 -47.36 13.94 41.34
CA TYR E 46 -45.91 14.12 41.39
C TYR E 46 -45.42 14.93 40.18
N THR E 47 -46.02 14.68 39.01
CA THR E 47 -45.77 15.46 37.80
C THR E 47 -47.10 15.98 37.25
N PHE E 48 -46.99 17.02 36.41
CA PHE E 48 -48.10 17.53 35.60
C PHE E 48 -47.63 17.43 34.15
N THR E 49 -47.60 16.23 33.62
CA THR E 49 -47.04 16.07 32.28
C THR E 49 -48.15 15.84 31.26
N THR E 50 -48.94 16.89 31.02
CA THR E 50 -50.21 16.72 30.34
C THR E 50 -51.01 15.65 31.09
N TYR E 51 -51.32 16.01 32.33
CA TYR E 51 -52.17 15.18 33.16
C TYR E 51 -53.49 14.89 32.44
N ALA E 52 -54.19 13.87 32.89
CA ALA E 52 -55.23 13.25 32.10
C ALA E 52 -56.53 13.18 32.88
N MET E 53 -56.99 14.31 33.41
CA MET E 53 -58.37 14.39 33.87
C MET E 53 -59.33 13.77 32.86
N HIS E 54 -60.18 12.88 33.37
CA HIS E 54 -60.99 12.03 32.53
C HIS E 54 -62.13 11.54 33.43
N TRP E 55 -63.33 12.05 33.19
CA TRP E 55 -64.49 11.78 34.01
C TRP E 55 -65.26 10.60 33.46
N VAL E 56 -65.94 9.89 34.37
CA VAL E 56 -66.85 8.80 34.03
C VAL E 56 -68.05 8.85 34.99
N ARG E 57 -69.14 8.14 34.64
CA ARG E 57 -70.38 8.17 35.41
C ARG E 57 -70.77 6.75 35.80
N GLN E 58 -71.71 6.63 36.74
CA GLN E 58 -72.19 5.31 37.19
C GLN E 58 -73.61 5.47 37.66
N ALA E 59 -74.59 5.08 36.82
CA ALA E 59 -75.97 5.03 37.29
C ALA E 59 -76.10 3.90 38.31
N PRO E 60 -76.94 4.08 39.35
CA PRO E 60 -76.88 3.18 40.49
C PRO E 60 -76.93 1.71 40.10
N GLY E 61 -75.80 1.03 40.26
CA GLY E 61 -75.64 -0.40 40.03
C GLY E 61 -76.02 -0.94 38.66
N GLN E 62 -75.62 -0.26 37.59
CA GLN E 62 -75.93 -0.67 36.24
C GLN E 62 -74.71 -0.27 35.39
N ARG E 63 -74.80 -0.23 34.06
CA ARG E 63 -73.55 0.08 33.34
C ARG E 63 -72.96 1.43 33.71
N LEU E 64 -71.63 1.42 33.85
CA LEU E 64 -70.85 2.63 33.79
C LEU E 64 -70.94 3.21 32.39
N GLU E 65 -71.28 4.50 32.30
CA GLU E 65 -71.30 5.14 30.98
C GLU E 65 -70.48 6.43 31.04
N TRP E 66 -69.68 6.62 29.99
CA TRP E 66 -68.48 7.42 30.00
C TRP E 66 -68.77 8.92 29.77
N MET E 67 -68.02 9.74 30.51
CA MET E 67 -68.25 11.18 30.67
C MET E 67 -67.45 11.96 29.63
N GLY E 68 -66.15 11.89 29.68
CA GLY E 68 -65.34 12.67 28.75
C GLY E 68 -63.96 12.89 29.31
N TRP E 69 -63.12 13.59 28.54
CA TRP E 69 -61.78 13.91 29.01
C TRP E 69 -61.41 15.34 28.64
N ILE E 70 -60.97 16.10 29.64
CA ILE E 70 -60.33 17.40 29.47
C ILE E 70 -58.84 17.18 29.41
N ASN E 71 -58.13 18.06 28.70
CA ASN E 71 -56.67 17.97 28.63
C ASN E 71 -56.11 18.84 29.73
N ALA E 72 -55.76 18.21 30.86
CA ALA E 72 -55.12 18.94 31.93
C ALA E 72 -53.78 19.51 31.52
N GLY E 73 -53.26 19.14 30.35
CA GLY E 73 -52.09 19.83 29.83
C GLY E 73 -52.38 21.27 29.51
N ASN E 74 -53.17 21.54 28.46
CA ASN E 74 -53.50 22.92 28.12
C ASN E 74 -55.00 23.22 28.19
N GLY E 75 -55.80 22.72 27.25
CA GLY E 75 -57.20 23.07 27.21
C GLY E 75 -58.17 22.13 26.52
N ASN E 76 -57.73 20.96 26.06
CA ASN E 76 -58.53 20.19 25.11
C ASN E 76 -59.66 19.45 25.81
N THR E 77 -60.84 19.44 25.18
CA THR E 77 -62.12 19.25 25.86
C THR E 77 -62.97 18.17 25.19
N LYS E 78 -62.43 16.97 24.96
CA LYS E 78 -63.19 16.04 24.15
C LYS E 78 -64.28 15.38 24.99
N TYR E 79 -65.48 15.32 24.44
CA TYR E 79 -66.69 14.94 25.16
C TYR E 79 -67.33 13.71 24.51
N SER E 80 -68.41 13.24 25.12
CA SER E 80 -69.14 12.06 24.67
C SER E 80 -70.26 12.47 23.71
N GLN E 81 -70.69 11.57 22.82
CA GLN E 81 -71.89 11.80 22.01
C GLN E 81 -73.20 11.82 22.77
N LYS E 82 -73.45 10.89 23.70
CA LYS E 82 -74.77 10.92 24.30
C LYS E 82 -74.97 12.16 25.14
N PHE E 83 -73.87 12.78 25.59
CA PHE E 83 -73.95 14.01 26.36
C PHE E 83 -73.50 15.23 25.54
N GLN E 84 -73.42 15.09 24.20
CA GLN E 84 -73.27 16.24 23.32
C GLN E 84 -74.11 17.43 23.75
N GLY E 85 -73.47 18.60 23.80
CA GLY E 85 -74.19 19.84 23.82
C GLY E 85 -74.74 20.28 25.16
N ARG E 86 -74.54 19.52 26.23
CA ARG E 86 -75.02 19.95 27.53
C ARG E 86 -74.01 19.81 28.66
N VAL E 87 -72.90 19.08 28.46
CA VAL E 87 -71.87 18.90 29.47
C VAL E 87 -70.63 19.69 29.06
N THR E 88 -70.03 20.38 30.05
CA THR E 88 -68.77 21.10 29.90
C THR E 88 -67.85 20.87 31.09
N ILE E 89 -66.55 20.95 30.81
CA ILE E 89 -65.49 20.65 31.74
C ILE E 89 -64.40 21.69 31.55
N THR E 90 -63.73 22.06 32.63
CA THR E 90 -62.47 22.79 32.54
C THR E 90 -61.55 22.33 33.67
N ARG E 91 -60.51 23.11 33.91
CA ARG E 91 -59.66 22.90 35.06
C ARG E 91 -59.03 24.22 35.47
N ASP E 92 -58.67 24.30 36.74
CA ASP E 92 -57.86 25.38 37.30
C ASP E 92 -56.43 24.90 37.53
N THR E 93 -55.48 25.70 37.06
CA THR E 93 -54.10 25.24 37.00
C THR E 93 -53.38 25.35 38.34
N SER E 94 -53.33 26.54 38.93
CA SER E 94 -52.55 26.69 40.18
C SER E 94 -53.24 25.98 41.34
N ALA E 95 -54.58 25.94 41.36
CA ALA E 95 -55.26 24.95 42.14
C ALA E 95 -55.06 23.54 41.57
N SER E 96 -54.72 23.42 40.28
CA SER E 96 -54.64 22.14 39.58
C SER E 96 -55.77 21.24 40.01
N THR E 97 -56.98 21.77 39.98
CA THR E 97 -58.16 20.97 40.12
C THR E 97 -58.87 20.95 38.78
N ALA E 98 -59.85 20.08 38.62
CA ALA E 98 -60.62 20.07 37.38
C ALA E 98 -62.10 20.16 37.74
N TYR E 99 -62.92 20.91 36.98
CA TYR E 99 -64.29 21.10 37.37
C TYR E 99 -65.15 20.61 36.23
N MET E 100 -66.42 20.30 36.50
CA MET E 100 -67.37 20.16 35.42
C MET E 100 -68.81 20.53 35.74
N GLU E 101 -69.34 21.39 34.86
CA GLU E 101 -70.76 21.23 34.47
C GLU E 101 -71.28 20.11 33.64
N LEU E 102 -72.55 20.10 33.96
CA LEU E 102 -73.50 19.07 33.84
C LEU E 102 -74.80 19.85 33.90
N SER E 103 -75.50 19.92 32.76
CA SER E 103 -76.61 20.85 32.64
C SER E 103 -77.84 20.16 32.10
N SER E 104 -78.94 20.87 32.33
CA SER E 104 -80.29 20.41 32.00
C SER E 104 -80.58 19.04 32.61
N LEU E 105 -80.51 18.96 33.94
CA LEU E 105 -80.59 17.69 34.65
C LEU E 105 -82.02 17.13 34.63
N ARG E 106 -82.13 15.80 34.76
CA ARG E 106 -83.38 15.04 34.57
C ARG E 106 -83.32 13.82 35.50
N SER E 107 -84.45 13.12 35.66
CA SER E 107 -84.57 12.13 36.74
C SER E 107 -83.65 10.94 36.59
N GLU E 108 -83.66 10.29 35.41
CA GLU E 108 -82.60 9.39 34.95
C GLU E 108 -81.19 9.86 35.27
N ASP E 109 -81.01 11.13 35.62
CA ASP E 109 -79.63 11.63 35.69
C ASP E 109 -78.93 11.27 37.02
N THR E 110 -79.65 10.72 38.00
CA THR E 110 -79.15 10.37 39.34
C THR E 110 -78.06 9.31 39.31
N ALA E 111 -76.91 9.60 39.92
CA ALA E 111 -75.82 8.64 39.82
C ALA E 111 -74.67 8.98 40.76
N VAL E 112 -73.55 8.29 40.55
CA VAL E 112 -72.28 8.52 41.21
C VAL E 112 -71.28 8.90 40.13
N TYR E 113 -70.41 9.83 40.44
CA TYR E 113 -69.67 10.60 39.45
C TYR E 113 -68.20 10.41 39.79
N TYR E 114 -67.37 10.06 38.81
CA TYR E 114 -66.00 9.69 39.11
C TYR E 114 -65.01 10.52 38.32
N CYS E 115 -64.08 11.13 39.04
CA CYS E 115 -62.82 11.61 38.49
C CYS E 115 -61.92 10.40 38.26
N ALA E 116 -61.11 10.45 37.20
CA ALA E 116 -60.03 9.50 37.05
C ALA E 116 -59.11 9.96 35.93
N GLY E 117 -58.12 9.14 35.66
CA GLY E 117 -57.03 9.48 34.78
C GLY E 117 -55.74 9.44 35.57
N GLY E 118 -54.78 10.26 35.19
CA GLY E 118 -53.52 10.26 35.88
C GLY E 118 -52.53 9.32 35.24
N GLY E 119 -52.33 9.47 33.94
CA GLY E 119 -51.41 8.62 33.24
C GLY E 119 -50.03 8.79 33.79
N GLY E 120 -49.61 10.04 33.95
CA GLY E 120 -48.42 10.24 34.71
C GLY E 120 -47.26 9.74 33.90
N ARG E 121 -47.12 8.42 33.69
CA ARG E 121 -45.85 8.15 33.06
C ARG E 121 -45.93 8.73 31.65
N ARG E 122 -47.00 8.43 30.91
CA ARG E 122 -46.82 8.59 29.50
C ARG E 122 -47.61 9.87 29.22
N LEU E 123 -47.87 10.32 28.00
CA LEU E 123 -48.57 11.60 28.07
C LEU E 123 -50.08 11.44 28.22
N GLN E 124 -50.67 10.47 27.53
CA GLN E 124 -52.10 10.26 27.50
C GLN E 124 -52.40 8.77 27.42
N PHE E 125 -53.56 8.39 27.95
CA PHE E 125 -53.98 7.03 27.77
C PHE E 125 -55.44 7.05 27.41
N ASP E 126 -56.06 5.88 27.38
CA ASP E 126 -57.51 5.83 27.52
C ASP E 126 -57.86 4.77 28.51
N TYR E 127 -57.10 4.70 29.59
CA TYR E 127 -57.60 3.92 30.71
C TYR E 127 -57.44 4.63 32.04
N PHE E 128 -58.34 4.20 32.92
CA PHE E 128 -58.69 4.76 34.21
C PHE E 128 -57.90 4.15 35.36
N ASP E 129 -56.75 4.78 35.67
CA ASP E 129 -55.82 4.19 36.63
C ASP E 129 -55.72 4.92 37.97
N TYR E 130 -56.36 6.08 38.13
CA TYR E 130 -56.38 6.80 39.40
C TYR E 130 -57.78 7.38 39.58
N TRP E 131 -58.61 6.70 40.37
CA TRP E 131 -60.01 7.05 40.50
C TRP E 131 -60.19 7.93 41.72
N GLY E 132 -61.13 8.89 41.65
CA GLY E 132 -61.62 9.52 42.86
C GLY E 132 -62.55 8.56 43.59
N GLN E 133 -62.61 8.63 44.91
CA GLN E 133 -63.54 7.71 45.50
C GLN E 133 -65.00 8.21 45.56
N GLY E 134 -65.46 8.98 44.57
CA GLY E 134 -66.86 9.04 44.20
C GLY E 134 -67.73 10.21 44.65
N THR E 135 -68.66 10.68 43.80
CA THR E 135 -69.56 11.78 44.15
C THR E 135 -71.01 11.37 43.96
N LEU E 136 -71.89 11.76 44.88
CA LEU E 136 -73.30 11.33 44.85
C LEU E 136 -74.19 12.50 44.41
N VAL E 137 -74.88 12.32 43.29
CA VAL E 137 -75.78 13.32 42.75
C VAL E 137 -77.17 12.71 42.63
N THR E 138 -78.15 13.36 43.26
CA THR E 138 -79.53 12.90 43.27
C THR E 138 -80.42 13.95 42.65
N VAL E 139 -81.02 13.64 41.50
CA VAL E 139 -81.95 14.53 40.82
C VAL E 139 -83.36 14.11 41.24
N SER E 140 -84.03 14.98 41.99
CA SER E 140 -85.36 14.70 42.51
C SER E 140 -86.23 15.95 42.40
N SER E 141 -87.53 15.76 42.59
CA SER E 141 -88.49 16.86 42.58
C SER E 141 -89.08 17.15 43.95
N ALA E 142 -88.84 16.29 44.94
CA ALA E 142 -89.41 16.46 46.27
C ALA E 142 -88.47 17.30 47.13
N SER E 143 -88.73 17.35 48.43
CA SER E 143 -87.93 18.12 49.38
C SER E 143 -87.56 17.24 50.56
N THR E 144 -86.76 17.80 51.46
CA THR E 144 -86.42 17.11 52.69
C THR E 144 -87.68 16.76 53.47
N LYS E 145 -87.75 15.53 53.95
CA LYS E 145 -88.92 15.09 54.71
C LYS E 145 -88.49 14.08 55.75
N GLY E 146 -89.10 14.16 56.94
CA GLY E 146 -88.80 13.27 58.02
C GLY E 146 -89.24 11.85 57.72
N PRO E 147 -88.61 10.85 58.36
CA PRO E 147 -88.92 9.46 58.04
C PRO E 147 -90.16 8.88 58.74
N SER E 148 -91.02 8.21 57.98
CA SER E 148 -92.13 7.46 58.56
C SER E 148 -91.63 6.20 59.24
N VAL E 149 -92.10 5.95 60.46
CA VAL E 149 -91.59 4.83 61.22
C VAL E 149 -92.75 4.05 61.84
N PHE E 150 -92.71 2.72 61.68
CA PHE E 150 -93.62 1.73 62.27
C PHE E 150 -92.86 0.54 62.82
N PRO E 151 -93.38 -0.16 63.84
CA PRO E 151 -92.73 -1.40 64.28
C PRO E 151 -93.16 -2.58 63.43
N LEU E 152 -92.42 -3.67 63.59
CA LEU E 152 -92.72 -4.94 62.91
C LEU E 152 -92.69 -6.02 63.99
N ALA E 153 -93.84 -6.27 64.60
CA ALA E 153 -94.18 -7.18 65.67
C ALA E 153 -94.43 -8.59 65.11
N PRO E 154 -93.75 -9.59 65.64
CA PRO E 154 -94.01 -10.97 65.21
C PRO E 154 -95.22 -11.57 65.90
N SER E 155 -95.46 -12.86 65.67
CA SER E 155 -96.52 -13.59 66.35
C SER E 155 -95.98 -14.93 66.81
N SER E 156 -96.61 -15.48 67.85
CA SER E 156 -96.23 -16.79 68.35
C SER E 156 -96.59 -17.91 67.39
N LYS E 157 -97.34 -17.63 66.34
CA LYS E 157 -97.66 -18.64 65.34
C LYS E 157 -96.41 -19.18 64.69
N SER E 158 -95.43 -18.30 64.42
CA SER E 158 -94.24 -18.64 63.65
C SER E 158 -93.01 -18.80 64.54
N THR E 159 -93.16 -19.41 65.71
CA THR E 159 -92.02 -19.65 66.60
C THR E 159 -91.13 -20.70 65.95
N SER E 160 -90.06 -20.25 65.29
CA SER E 160 -89.18 -21.11 64.53
C SER E 160 -87.92 -21.38 65.34
N GLY E 161 -87.81 -22.61 65.86
CA GLY E 161 -86.67 -22.96 66.70
C GLY E 161 -86.53 -22.12 67.94
N GLY E 162 -87.65 -21.62 68.47
CA GLY E 162 -87.59 -20.68 69.57
C GLY E 162 -87.03 -19.33 69.19
N THR E 163 -87.11 -18.95 67.92
CA THR E 163 -86.53 -17.71 67.41
C THR E 163 -87.54 -17.04 66.49
N ALA E 164 -87.64 -15.71 66.60
CA ALA E 164 -88.61 -14.94 65.83
C ALA E 164 -87.97 -13.67 65.33
N ALA E 165 -88.45 -13.21 64.17
CA ALA E 165 -87.97 -11.98 63.54
C ALA E 165 -88.79 -10.78 64.01
N LEU E 166 -88.22 -9.59 63.84
CA LEU E 166 -88.79 -8.37 64.38
C LEU E 166 -88.09 -7.19 63.74
N GLY E 167 -88.85 -6.15 63.42
CA GLY E 167 -88.26 -5.06 62.65
C GLY E 167 -88.75 -3.65 62.90
N CYS E 168 -88.26 -2.70 62.09
CA CYS E 168 -88.58 -1.28 62.25
C CYS E 168 -88.63 -0.66 60.86
N LEU E 169 -89.84 -0.52 60.32
CA LEU E 169 -90.03 -0.02 58.96
C LEU E 169 -89.96 1.50 58.91
N VAL E 170 -89.26 2.01 57.90
CA VAL E 170 -89.19 3.43 57.57
C VAL E 170 -89.74 3.60 56.17
N LYS E 171 -90.65 4.56 56.00
CA LYS E 171 -91.35 4.79 54.75
C LYS E 171 -91.34 6.28 54.43
N ASP E 172 -91.36 6.63 53.14
CA ASP E 172 -91.64 8.00 52.72
C ASP E 172 -90.69 8.99 53.35
N TYR E 173 -89.40 8.77 53.13
CA TYR E 173 -88.35 9.64 53.60
C TYR E 173 -87.54 10.16 52.43
N PHE E 174 -86.76 11.21 52.69
CA PHE E 174 -85.89 11.83 51.69
C PHE E 174 -84.93 12.77 52.40
N PRO E 175 -83.64 12.76 52.04
CA PRO E 175 -83.04 11.82 51.11
C PRO E 175 -82.22 10.73 51.80
N GLU E 176 -81.52 9.93 50.99
CA GLU E 176 -80.59 8.94 51.51
C GLU E 176 -79.45 9.67 52.23
N PRO E 177 -78.93 9.09 53.34
CA PRO E 177 -79.34 7.83 53.97
C PRO E 177 -80.09 7.99 55.28
N VAL E 178 -80.54 6.86 55.81
CA VAL E 178 -81.11 6.78 57.15
C VAL E 178 -80.34 5.71 57.91
N THR E 179 -79.57 6.12 58.91
CA THR E 179 -78.85 5.15 59.72
C THR E 179 -79.78 4.58 60.79
N VAL E 180 -79.80 3.26 60.89
CA VAL E 180 -80.70 2.55 61.79
C VAL E 180 -79.87 1.62 62.67
N SER E 181 -80.10 1.70 63.99
CA SER E 181 -79.49 0.77 64.91
C SER E 181 -80.59 0.18 65.78
N TRP E 182 -80.21 -0.72 66.69
CA TRP E 182 -81.16 -1.33 67.62
C TRP E 182 -80.63 -1.17 69.04
N ASN E 183 -81.37 -0.43 69.86
CA ASN E 183 -81.00 -0.13 71.24
C ASN E 183 -79.63 0.55 71.30
N SER E 184 -79.34 1.37 70.29
CA SER E 184 -78.12 2.16 70.22
C SER E 184 -76.87 1.29 70.38
N GLY E 185 -76.74 0.32 69.47
CA GLY E 185 -75.59 -0.56 69.43
C GLY E 185 -75.60 -1.69 70.43
N ALA E 186 -76.67 -1.84 71.22
CA ALA E 186 -76.71 -2.93 72.20
C ALA E 186 -76.85 -4.29 71.53
N LEU E 187 -77.45 -4.34 70.35
CA LEU E 187 -77.66 -5.59 69.62
C LEU E 187 -76.85 -5.58 68.33
N THR E 188 -76.15 -6.68 68.08
CA THR E 188 -75.29 -6.80 66.91
C THR E 188 -75.52 -8.10 66.17
N SER E 189 -76.18 -9.06 66.81
CA SER E 189 -76.37 -10.37 66.22
C SER E 189 -77.53 -10.36 65.22
N GLY E 190 -77.32 -11.01 64.08
CA GLY E 190 -78.37 -11.22 63.10
C GLY E 190 -78.96 -9.94 62.53
N VAL E 191 -78.19 -8.85 62.55
CA VAL E 191 -78.70 -7.56 62.10
C VAL E 191 -78.84 -7.55 60.57
N HIS E 192 -79.97 -7.03 60.09
CA HIS E 192 -80.26 -6.96 58.66
C HIS E 192 -80.87 -5.60 58.35
N THR E 193 -80.21 -4.85 57.48
CA THR E 193 -80.66 -3.52 57.05
C THR E 193 -80.69 -3.51 55.53
N PHE E 194 -81.88 -3.59 54.97
CA PHE E 194 -82.06 -3.70 53.53
C PHE E 194 -81.85 -2.34 52.87
N PRO E 195 -81.49 -2.32 51.58
CA PRO E 195 -81.26 -1.04 50.92
C PRO E 195 -82.55 -0.36 50.51
N ALA E 196 -82.46 0.96 50.34
CA ALA E 196 -83.64 1.74 50.02
C ALA E 196 -84.16 1.39 48.63
N VAL E 197 -85.38 1.83 48.35
CA VAL E 197 -86.06 1.52 47.10
C VAL E 197 -86.91 2.71 46.67
N LEU E 198 -87.03 2.92 45.37
CA LEU E 198 -87.83 4.03 44.90
C LEU E 198 -89.29 3.67 45.00
N GLN E 199 -90.13 4.67 45.23
CA GLN E 199 -91.57 4.45 45.06
C GLN E 199 -92.06 5.32 43.91
N SER E 200 -93.30 5.09 43.48
CA SER E 200 -93.86 5.90 42.42
C SER E 200 -94.03 7.35 42.85
N SER E 201 -94.14 7.59 44.16
CA SER E 201 -94.33 8.95 44.67
C SER E 201 -93.05 9.76 44.63
N GLY E 202 -91.93 9.18 44.22
CA GLY E 202 -90.66 9.84 44.32
C GLY E 202 -90.03 9.73 45.69
N LEU E 203 -90.53 8.85 46.54
CA LEU E 203 -90.02 8.72 47.89
C LEU E 203 -89.40 7.34 48.14
N TYR E 204 -88.42 7.41 49.03
CA TYR E 204 -87.51 6.44 49.59
C TYR E 204 -88.15 5.69 50.76
N SER E 205 -87.80 4.41 50.89
CA SER E 205 -88.32 3.58 51.96
C SER E 205 -87.33 2.46 52.26
N LEU E 206 -87.22 2.11 53.54
CA LEU E 206 -86.27 1.10 54.01
C LEU E 206 -86.95 0.18 55.01
N SER E 207 -86.52 -1.07 55.04
CA SER E 207 -86.99 -2.03 56.04
C SER E 207 -85.80 -2.68 56.71
N SER E 208 -85.69 -2.50 58.02
CA SER E 208 -84.64 -3.11 58.83
C SER E 208 -85.27 -4.15 59.73
N VAL E 209 -84.61 -5.32 59.84
CA VAL E 209 -85.15 -6.45 60.57
C VAL E 209 -84.01 -7.15 61.30
N VAL E 210 -84.36 -7.90 62.34
CA VAL E 210 -83.40 -8.69 63.10
C VAL E 210 -84.19 -9.77 63.81
N THR E 211 -83.57 -10.93 64.00
CA THR E 211 -84.24 -12.05 64.65
C THR E 211 -83.56 -12.36 65.97
N VAL E 212 -84.37 -12.67 66.97
CA VAL E 212 -83.90 -12.94 68.33
C VAL E 212 -84.58 -14.20 68.84
N PRO E 213 -83.95 -14.90 69.79
CA PRO E 213 -84.62 -16.05 70.40
C PRO E 213 -85.96 -15.65 71.00
N SER E 214 -87.00 -16.43 70.69
CA SER E 214 -88.33 -16.13 71.18
C SER E 214 -88.47 -16.34 72.69
N SER E 215 -87.46 -16.96 73.32
CA SER E 215 -87.54 -17.23 74.76
C SER E 215 -87.64 -15.94 75.57
N SER E 216 -86.81 -14.95 75.24
CA SER E 216 -86.83 -13.65 75.90
C SER E 216 -87.57 -12.59 75.10
N LEU E 217 -88.67 -12.97 74.43
CA LEU E 217 -89.47 -12.04 73.65
C LEU E 217 -90.23 -11.06 74.53
N GLY E 218 -91.22 -11.57 75.25
CA GLY E 218 -91.98 -10.74 76.15
C GLY E 218 -91.26 -10.35 77.41
N THR E 219 -90.07 -10.86 77.70
CA THR E 219 -89.31 -10.35 78.82
C THR E 219 -88.18 -9.36 78.47
N GLN E 220 -88.00 -8.86 77.24
CA GLN E 220 -86.89 -7.94 77.26
C GLN E 220 -87.30 -6.66 76.51
N THR E 221 -86.35 -5.76 76.25
CA THR E 221 -86.69 -4.51 75.56
C THR E 221 -85.81 -4.31 74.34
N TYR E 222 -86.45 -4.00 73.20
CA TYR E 222 -85.77 -3.78 71.93
C TYR E 222 -86.37 -2.54 71.27
N ILE E 223 -85.56 -1.52 71.03
CA ILE E 223 -86.07 -0.32 70.37
C ILE E 223 -85.17 0.05 69.19
N CYS E 224 -85.77 0.32 68.03
CA CYS E 224 -84.99 0.79 66.90
C CYS E 224 -84.63 2.26 67.07
N ASN E 225 -83.49 2.64 66.50
CA ASN E 225 -82.98 4.00 66.61
C ASN E 225 -82.69 4.48 65.21
N VAL E 226 -83.58 5.29 64.64
CA VAL E 226 -83.43 5.76 63.28
C VAL E 226 -82.98 7.22 63.32
N ASN E 227 -82.07 7.55 62.39
CA ASN E 227 -81.26 8.76 62.42
C ASN E 227 -81.27 9.40 61.02
N HIS E 228 -81.82 10.61 60.92
CA HIS E 228 -81.94 11.27 59.62
C HIS E 228 -81.40 12.70 59.77
N LYS E 229 -80.11 12.87 59.48
CA LYS E 229 -79.47 14.18 59.58
C LYS E 229 -80.04 15.24 58.64
N PRO E 230 -80.31 14.96 57.33
CA PRO E 230 -80.84 16.03 56.47
C PRO E 230 -82.14 16.64 56.99
N SER E 231 -82.88 15.89 57.81
CA SER E 231 -84.03 16.42 58.52
C SER E 231 -83.79 16.56 60.01
N ASN E 232 -82.61 16.19 60.50
CA ASN E 232 -82.22 16.29 61.91
C ASN E 232 -83.13 15.48 62.84
N THR E 233 -83.85 14.49 62.32
CA THR E 233 -84.81 13.76 63.12
C THR E 233 -84.20 12.49 63.71
N LYS E 234 -84.51 12.24 64.97
CA LYS E 234 -84.07 11.04 65.66
C LYS E 234 -85.30 10.38 66.26
N VAL E 235 -85.63 9.18 65.77
CA VAL E 235 -86.89 8.53 66.13
C VAL E 235 -86.60 7.16 66.74
N ASP E 236 -87.29 6.86 67.83
CA ASP E 236 -87.22 5.58 68.51
C ASP E 236 -88.64 5.06 68.72
N LYS E 237 -88.82 3.76 68.50
CA LYS E 237 -90.13 3.14 68.65
C LYS E 237 -89.97 1.74 69.23
N LYS E 238 -90.37 1.57 70.48
CA LYS E 238 -90.68 0.24 70.99
C LYS E 238 -91.70 -0.53 70.16
N VAL E 239 -91.30 -1.77 69.88
CA VAL E 239 -92.11 -2.78 69.22
C VAL E 239 -92.96 -3.50 70.26
N GLU E 240 -94.23 -3.67 69.96
CA GLU E 240 -95.18 -4.35 70.83
C GLU E 240 -95.54 -5.66 70.16
N PRO E 241 -95.08 -6.82 70.67
CA PRO E 241 -95.36 -8.14 70.09
C PRO E 241 -96.83 -8.51 70.15
N ASP F 20 -37.45 36.33 -12.78
CA ASP F 20 -37.63 35.41 -13.90
C ASP F 20 -36.87 35.93 -15.09
N ILE F 21 -36.72 35.11 -16.13
CA ILE F 21 -35.94 35.46 -17.31
C ILE F 21 -36.82 36.30 -18.21
N GLN F 22 -36.30 37.46 -18.64
CA GLN F 22 -37.12 38.51 -19.23
C GLN F 22 -36.96 38.24 -20.71
N MET F 23 -37.99 38.48 -21.52
CA MET F 23 -37.79 38.29 -22.96
C MET F 23 -38.61 39.24 -23.80
N THR F 24 -37.93 40.07 -24.58
CA THR F 24 -38.55 41.02 -25.49
C THR F 24 -37.86 40.88 -26.84
N GLN F 25 -38.58 41.09 -27.93
CA GLN F 25 -38.03 40.84 -29.25
C GLN F 25 -38.32 42.00 -30.19
N SER F 26 -37.37 42.27 -31.09
CA SER F 26 -37.48 43.37 -32.02
C SER F 26 -37.03 42.98 -33.42
N PRO F 27 -37.59 43.61 -34.45
CA PRO F 27 -38.79 44.46 -34.28
C PRO F 27 -40.07 43.65 -34.14
N SER F 28 -41.14 44.28 -33.65
CA SER F 28 -42.40 43.55 -33.42
C SER F 28 -42.96 43.02 -34.74
N THR F 29 -43.00 43.85 -35.78
CA THR F 29 -43.40 43.42 -37.11
C THR F 29 -42.39 43.96 -38.11
N LEU F 30 -42.23 43.24 -39.23
CA LEU F 30 -41.24 43.62 -40.22
C LEU F 30 -41.84 43.45 -41.61
N SER F 31 -41.05 43.82 -42.62
CA SER F 31 -41.48 43.82 -44.01
C SER F 31 -40.41 43.15 -44.84
N ALA F 32 -40.82 42.57 -45.97
CA ALA F 32 -39.92 41.82 -46.83
C ALA F 32 -40.56 41.65 -48.20
N SER F 33 -39.80 41.04 -49.12
CA SER F 33 -40.31 40.60 -50.41
C SER F 33 -39.57 39.34 -50.80
N VAL F 34 -40.21 38.53 -51.66
CA VAL F 34 -39.69 37.20 -51.97
C VAL F 34 -38.27 37.30 -52.50
N GLY F 35 -37.41 36.41 -52.03
CA GLY F 35 -36.01 36.41 -52.43
C GLY F 35 -35.17 37.45 -51.72
N ASP F 36 -35.30 37.56 -50.40
CA ASP F 36 -34.60 38.58 -49.64
C ASP F 36 -34.21 38.04 -48.27
N ARG F 37 -33.39 38.81 -47.57
CA ARG F 37 -32.90 38.52 -46.23
C ARG F 37 -33.66 39.35 -45.22
N VAL F 38 -34.05 38.73 -44.10
CA VAL F 38 -34.73 39.42 -43.01
C VAL F 38 -34.08 39.07 -41.68
N THR F 39 -33.66 40.11 -40.96
CA THR F 39 -32.99 39.95 -39.67
C THR F 39 -34.03 39.91 -38.56
N ILE F 40 -33.79 39.06 -37.55
CA ILE F 40 -34.64 39.09 -36.35
C ILE F 40 -33.74 39.13 -35.11
N THR F 41 -34.08 39.98 -34.14
CA THR F 41 -33.28 40.11 -32.93
C THR F 41 -34.15 39.80 -31.71
N CYS F 42 -33.71 38.83 -30.92
CA CYS F 42 -34.32 38.50 -29.63
C CYS F 42 -33.44 39.11 -28.54
N ARG F 43 -34.07 39.89 -27.67
CA ARG F 43 -33.42 40.67 -26.63
C ARG F 43 -33.76 40.08 -25.27
N ALA F 44 -32.71 39.80 -24.51
CA ALA F 44 -32.83 39.33 -23.14
C ALA F 44 -32.30 40.39 -22.20
N SER F 45 -33.01 40.56 -21.07
CA SER F 45 -32.63 41.55 -20.08
C SER F 45 -31.39 41.15 -19.33
N GLN F 46 -31.10 39.86 -19.31
CA GLN F 46 -30.23 39.28 -18.30
C GLN F 46 -29.58 38.06 -18.93
N SER F 47 -28.38 37.72 -18.46
CA SER F 47 -27.39 37.00 -19.24
C SER F 47 -27.79 35.56 -19.54
N ILE F 48 -27.51 35.13 -20.76
CA ILE F 48 -27.94 33.85 -21.28
C ILE F 48 -26.74 33.16 -21.94
N SER F 49 -26.55 31.88 -21.63
CA SER F 49 -25.44 31.12 -22.21
C SER F 49 -25.92 30.24 -23.37
N SER F 50 -26.24 30.90 -24.49
CA SER F 50 -26.59 30.25 -25.77
C SER F 50 -27.76 29.28 -25.62
N TRP F 51 -28.52 29.57 -24.58
CA TRP F 51 -29.76 28.95 -24.17
C TRP F 51 -30.97 29.55 -24.91
N LEU F 52 -31.17 29.14 -26.17
CA LEU F 52 -32.32 29.65 -26.91
C LEU F 52 -32.70 28.74 -28.08
N ALA F 53 -33.98 28.81 -28.44
CA ALA F 53 -34.56 28.13 -29.58
C ALA F 53 -35.40 29.13 -30.37
N TRP F 54 -35.45 28.95 -31.68
CA TRP F 54 -36.21 29.74 -32.63
C TRP F 54 -37.29 28.84 -33.24
N TYR F 55 -38.53 29.33 -33.17
CA TYR F 55 -39.71 28.62 -33.65
C TYR F 55 -40.45 29.41 -34.72
N GLN F 56 -41.10 28.70 -35.65
CA GLN F 56 -41.94 29.29 -36.69
C GLN F 56 -43.39 28.94 -36.42
N GLN F 57 -44.28 29.89 -36.69
CA GLN F 57 -45.68 29.77 -36.30
C GLN F 57 -46.59 30.20 -37.44
N LYS F 58 -47.23 29.25 -38.09
CA LYS F 58 -48.16 29.60 -39.13
C LYS F 58 -49.53 29.84 -38.49
N PRO F 59 -50.36 30.69 -39.06
CA PRO F 59 -51.68 30.94 -38.48
C PRO F 59 -52.50 29.65 -38.49
N GLY F 60 -53.22 29.41 -37.40
CA GLY F 60 -54.08 28.24 -37.33
C GLY F 60 -53.33 26.93 -37.31
N LYS F 61 -52.25 26.86 -36.53
CA LYS F 61 -51.22 25.83 -36.61
C LYS F 61 -50.63 25.44 -35.24
N ALA F 62 -49.85 24.31 -35.19
CA ALA F 62 -48.91 23.84 -34.16
C ALA F 62 -47.47 24.26 -34.52
N PRO F 63 -46.70 24.76 -33.55
CA PRO F 63 -45.39 25.34 -33.89
C PRO F 63 -44.34 24.33 -34.42
N LYS F 64 -43.56 24.82 -35.41
CA LYS F 64 -42.17 24.48 -35.80
C LYS F 64 -40.98 25.04 -35.05
N LEU F 65 -40.05 24.13 -34.75
CA LEU F 65 -38.71 24.43 -34.34
C LEU F 65 -37.68 24.27 -35.44
N LEU F 66 -36.83 25.24 -35.49
CA LEU F 66 -35.75 25.15 -36.45
C LEU F 66 -34.43 25.66 -35.94
N ILE F 67 -34.35 26.59 -34.99
CA ILE F 67 -33.08 26.72 -34.25
C ILE F 67 -33.29 26.27 -32.83
N TYR F 68 -32.32 25.49 -32.33
CA TYR F 68 -32.13 25.31 -30.91
C TYR F 68 -30.67 25.68 -30.62
N ASP F 69 -30.41 26.00 -29.36
CA ASP F 69 -29.08 26.20 -28.80
C ASP F 69 -28.41 27.50 -29.30
N ALA F 70 -29.19 28.36 -29.97
CA ALA F 70 -28.79 29.67 -30.50
C ALA F 70 -27.90 29.57 -31.74
N SER F 71 -27.42 28.38 -32.05
CA SER F 71 -26.64 28.16 -33.27
C SER F 71 -27.20 27.03 -34.13
N SER F 72 -27.51 25.89 -33.52
CA SER F 72 -27.71 24.65 -34.25
C SER F 72 -28.92 24.71 -35.17
N LEU F 73 -28.77 24.10 -36.34
CA LEU F 73 -29.85 23.93 -37.30
C LEU F 73 -30.34 22.49 -37.21
N GLU F 74 -31.59 22.31 -36.77
CA GLU F 74 -32.13 20.98 -36.60
C GLU F 74 -32.52 20.42 -37.97
N SER F 75 -32.52 19.10 -38.09
CA SER F 75 -32.73 18.43 -39.37
C SER F 75 -34.11 18.77 -39.95
N GLY F 76 -34.29 18.39 -41.22
CA GLY F 76 -35.57 18.52 -41.89
C GLY F 76 -35.97 19.91 -42.30
N VAL F 77 -35.05 20.88 -42.26
CA VAL F 77 -35.39 22.25 -42.55
C VAL F 77 -34.61 22.73 -43.77
N PRO F 78 -35.10 23.75 -44.49
CA PRO F 78 -34.29 24.37 -45.53
C PRO F 78 -33.03 24.96 -44.93
N SER F 79 -31.96 25.01 -45.73
CA SER F 79 -30.65 25.43 -45.25
C SER F 79 -30.52 26.94 -45.12
N ARG F 80 -31.55 27.70 -45.49
CA ARG F 80 -31.50 29.15 -45.35
C ARG F 80 -31.32 29.55 -43.88
N PHE F 81 -31.98 28.82 -42.99
CA PHE F 81 -32.10 29.22 -41.60
C PHE F 81 -30.76 29.11 -40.90
N SER F 82 -30.46 30.11 -40.08
CA SER F 82 -29.18 30.16 -39.39
C SER F 82 -29.30 31.12 -38.21
N GLY F 83 -29.08 30.58 -37.01
CA GLY F 83 -28.99 31.39 -35.81
C GLY F 83 -27.62 32.01 -35.67
N SER F 84 -27.51 32.92 -34.72
CA SER F 84 -26.21 33.50 -34.38
C SER F 84 -26.32 34.09 -32.97
N GLY F 85 -25.30 34.82 -32.57
CA GLY F 85 -25.31 35.52 -31.31
C GLY F 85 -25.09 34.59 -30.13
N SER F 86 -24.66 35.21 -29.03
CA SER F 86 -24.51 34.55 -27.74
C SER F 86 -24.52 35.67 -26.70
N GLY F 87 -24.44 35.30 -25.43
CA GLY F 87 -24.58 36.31 -24.40
C GLY F 87 -26.01 36.80 -24.31
N THR F 88 -26.28 38.00 -24.81
CA THR F 88 -27.61 38.59 -24.71
C THR F 88 -28.29 38.79 -26.06
N GLU F 89 -27.69 39.56 -26.97
CA GLU F 89 -28.30 39.82 -28.28
C GLU F 89 -28.34 38.52 -29.07
N PHE F 90 -29.53 38.08 -29.49
CA PHE F 90 -29.59 36.89 -30.34
C PHE F 90 -30.23 37.22 -31.68
N THR F 91 -29.74 36.57 -32.74
CA THR F 91 -30.12 36.95 -34.09
C THR F 91 -30.48 35.72 -34.91
N LEU F 92 -31.52 35.87 -35.73
CA LEU F 92 -31.95 34.86 -36.70
C LEU F 92 -31.82 35.41 -38.11
N THR F 93 -31.40 34.50 -39.02
CA THR F 93 -31.00 34.82 -40.38
C THR F 93 -31.58 33.81 -41.35
N ILE F 94 -32.09 34.32 -42.48
CA ILE F 94 -32.43 33.51 -43.65
C ILE F 94 -31.90 34.23 -44.88
N SER F 95 -31.34 33.47 -45.83
CA SER F 95 -30.71 34.09 -46.99
C SER F 95 -31.76 34.58 -48.01
N SER F 96 -32.54 33.65 -48.56
CA SER F 96 -33.56 33.96 -49.54
C SER F 96 -34.94 33.70 -48.94
N LEU F 97 -35.95 34.38 -49.46
CA LEU F 97 -37.28 34.37 -48.86
C LEU F 97 -38.26 33.62 -49.76
N GLN F 98 -38.53 32.38 -49.40
CA GLN F 98 -39.63 31.59 -49.94
C GLN F 98 -40.97 32.05 -49.39
N PRO F 99 -42.06 31.84 -50.15
CA PRO F 99 -43.39 31.99 -49.55
C PRO F 99 -43.56 31.17 -48.29
N ASP F 100 -42.84 30.05 -48.17
CA ASP F 100 -42.84 29.12 -47.04
C ASP F 100 -42.35 29.80 -45.71
N ASP F 101 -41.87 31.05 -45.80
CA ASP F 101 -41.34 31.79 -44.67
C ASP F 101 -42.34 32.77 -44.06
N PHE F 102 -43.58 32.80 -44.55
CA PHE F 102 -44.52 33.86 -44.18
C PHE F 102 -45.30 33.42 -42.96
N ALA F 103 -44.79 33.79 -41.79
CA ALA F 103 -45.36 33.42 -40.51
C ALA F 103 -44.65 34.25 -39.43
N THR F 104 -45.11 34.10 -38.19
CA THR F 104 -44.42 34.72 -37.07
C THR F 104 -43.17 33.90 -36.73
N TYR F 105 -42.37 34.42 -35.81
CA TYR F 105 -41.20 33.69 -35.33
C TYR F 105 -40.98 34.02 -33.87
N TYR F 106 -40.82 33.00 -33.04
CA TYR F 106 -40.68 33.15 -31.60
C TYR F 106 -39.31 32.69 -31.14
N CYS F 107 -38.79 33.38 -30.12
CA CYS F 107 -37.55 32.97 -29.47
C CYS F 107 -37.89 32.49 -28.06
N GLN F 108 -37.17 31.47 -27.60
CA GLN F 108 -37.37 30.87 -26.29
C GLN F 108 -36.04 30.72 -25.58
N GLN F 109 -35.97 31.16 -24.33
CA GLN F 109 -34.82 30.90 -23.49
C GLN F 109 -35.00 29.58 -22.75
N TYR F 110 -33.88 28.93 -22.46
CA TYR F 110 -33.86 27.85 -21.47
C TYR F 110 -32.60 27.91 -20.62
N ASN F 111 -32.20 29.12 -20.22
CA ASN F 111 -31.13 29.26 -19.23
C ASN F 111 -31.61 28.84 -17.85
N GLY F 112 -32.83 29.23 -17.49
CA GLY F 112 -33.27 29.06 -16.12
C GLY F 112 -34.76 28.82 -16.02
N TYR F 113 -35.32 28.95 -14.82
CA TYR F 113 -36.72 28.55 -14.70
C TYR F 113 -37.74 29.57 -15.22
N PRO F 114 -39.02 29.43 -14.80
CA PRO F 114 -40.10 29.16 -15.75
C PRO F 114 -39.86 29.79 -17.10
N TRP F 115 -39.88 28.93 -18.10
CA TRP F 115 -39.44 29.32 -19.43
C TRP F 115 -40.54 30.10 -20.12
N THR F 116 -40.20 31.32 -20.51
CA THR F 116 -41.11 32.24 -21.17
C THR F 116 -40.88 32.15 -22.67
N PHE F 117 -41.55 33.02 -23.41
CA PHE F 117 -41.39 33.13 -24.85
C PHE F 117 -41.15 34.59 -25.19
N GLY F 118 -41.16 34.90 -26.49
CA GLY F 118 -41.00 36.25 -26.96
C GLY F 118 -42.33 36.96 -27.14
N GLN F 119 -42.31 38.03 -27.93
CA GLN F 119 -43.51 38.74 -28.31
C GLN F 119 -44.14 38.25 -29.61
N GLY F 120 -43.33 37.95 -30.63
CA GLY F 120 -43.84 37.58 -31.94
C GLY F 120 -43.35 38.51 -33.04
N THR F 121 -42.90 37.94 -34.17
CA THR F 121 -42.26 38.70 -35.23
C THR F 121 -42.69 38.13 -36.57
N LYS F 122 -43.60 38.83 -37.26
CA LYS F 122 -44.09 38.37 -38.54
C LYS F 122 -43.50 39.18 -39.68
N VAL F 123 -43.41 38.55 -40.83
CA VAL F 123 -43.08 39.19 -42.09
C VAL F 123 -44.44 39.37 -42.78
N GLU F 124 -44.63 40.32 -43.71
CA GLU F 124 -45.78 40.26 -44.67
C GLU F 124 -45.31 40.19 -46.10
N ILE F 125 -46.15 40.70 -47.02
CA ILE F 125 -45.76 40.75 -48.47
C ILE F 125 -45.79 42.22 -48.88
N LYS F 126 -44.61 42.81 -49.14
CA LYS F 126 -44.55 44.26 -49.46
C LYS F 126 -44.54 44.46 -50.98
N ARG F 127 -45.29 45.45 -51.46
CA ARG F 127 -45.37 45.76 -52.92
C ARG F 127 -45.80 47.22 -53.09
N THR F 128 -47.11 47.49 -53.06
CA THR F 128 -47.62 48.87 -53.25
C THR F 128 -48.60 49.21 -52.13
N VAL F 129 -48.72 50.49 -51.77
CA VAL F 129 -49.66 50.91 -50.69
C VAL F 129 -51.07 51.04 -51.26
N ALA F 130 -51.77 49.91 -51.42
CA ALA F 130 -53.14 49.92 -51.96
C ALA F 130 -54.05 50.79 -51.08
N ALA F 131 -54.86 51.65 -51.67
CA ALA F 131 -55.78 52.46 -50.88
C ALA F 131 -57.08 51.70 -50.62
N PRO F 132 -57.68 51.87 -49.44
CA PRO F 132 -58.93 51.17 -49.14
C PRO F 132 -60.11 51.72 -49.92
N SER F 133 -61.15 50.90 -49.99
CA SER F 133 -62.48 51.33 -50.40
C SER F 133 -63.34 51.36 -49.15
N VAL F 134 -64.02 52.50 -48.93
CA VAL F 134 -64.78 52.74 -47.71
C VAL F 134 -66.26 52.52 -47.98
N PHE F 135 -66.94 51.90 -47.01
CA PHE F 135 -68.36 51.59 -47.14
C PHE F 135 -69.02 51.77 -45.78
N ILE F 136 -70.33 52.03 -45.78
CA ILE F 136 -71.10 52.11 -44.55
C ILE F 136 -72.41 51.36 -44.72
N PHE F 137 -72.81 50.66 -43.66
CA PHE F 137 -74.06 49.95 -43.59
C PHE F 137 -74.84 50.44 -42.37
N PRO F 138 -76.00 51.07 -42.58
CA PRO F 138 -76.87 51.45 -41.46
C PRO F 138 -77.53 50.22 -40.87
N PRO F 139 -78.12 50.34 -39.67
CA PRO F 139 -78.84 49.20 -39.11
C PRO F 139 -80.06 48.80 -39.94
N SER F 140 -80.25 47.48 -40.06
CA SER F 140 -81.45 46.91 -40.67
C SER F 140 -82.65 47.14 -39.75
N ASP F 141 -83.88 46.95 -40.29
CA ASP F 141 -85.04 47.24 -39.43
C ASP F 141 -85.06 46.26 -38.30
N GLU F 142 -84.90 45.00 -38.69
CA GLU F 142 -85.14 43.90 -37.78
C GLU F 142 -84.22 44.03 -36.58
N GLN F 143 -83.03 44.57 -36.81
CA GLN F 143 -82.18 44.98 -35.71
C GLN F 143 -82.83 46.10 -34.91
N LEU F 144 -83.63 46.96 -35.56
CA LEU F 144 -84.23 48.10 -34.84
C LEU F 144 -85.39 47.68 -33.95
N LYS F 145 -85.99 46.53 -34.23
CA LYS F 145 -86.98 45.97 -33.33
C LYS F 145 -86.44 44.70 -32.64
N SER F 146 -85.14 44.49 -32.73
CA SER F 146 -84.47 43.68 -31.70
C SER F 146 -84.39 44.47 -30.40
N GLY F 147 -83.73 45.62 -30.43
CA GLY F 147 -83.61 46.45 -29.25
C GLY F 147 -82.26 47.12 -29.09
N THR F 148 -81.30 46.74 -29.93
CA THR F 148 -79.99 47.35 -29.99
C THR F 148 -79.68 47.69 -31.44
N ALA F 149 -78.79 48.65 -31.65
CA ALA F 149 -78.47 49.14 -32.98
C ALA F 149 -76.99 48.92 -33.29
N SER F 150 -76.73 48.42 -34.50
CA SER F 150 -75.39 48.18 -34.99
C SER F 150 -75.17 48.93 -36.29
N VAL F 151 -74.03 49.59 -36.40
CA VAL F 151 -73.64 50.34 -37.58
C VAL F 151 -72.29 49.83 -38.05
N VAL F 152 -72.15 49.57 -39.35
CA VAL F 152 -70.95 48.94 -39.89
C VAL F 152 -70.22 49.95 -40.76
N CYS F 153 -68.91 50.09 -40.55
CA CYS F 153 -68.04 50.81 -41.45
C CYS F 153 -66.98 49.83 -41.96
N LEU F 154 -66.78 49.79 -43.27
CA LEU F 154 -65.93 48.78 -43.87
C LEU F 154 -64.84 49.42 -44.70
N LEU F 155 -63.63 48.86 -44.60
CA LEU F 155 -62.50 49.24 -45.44
C LEU F 155 -62.02 47.98 -46.15
N ASN F 156 -61.87 48.05 -47.46
CA ASN F 156 -61.45 46.87 -48.22
C ASN F 156 -60.18 47.16 -49.00
N ASN F 157 -59.27 46.17 -48.99
CA ASN F 157 -58.06 46.16 -49.80
C ASN F 157 -57.21 47.41 -49.55
N PHE F 158 -56.85 47.59 -48.28
CA PHE F 158 -55.93 48.65 -47.90
C PHE F 158 -54.60 48.06 -47.50
N TYR F 159 -53.56 48.88 -47.61
CA TYR F 159 -52.23 48.46 -47.29
C TYR F 159 -51.45 49.62 -46.70
N PRO F 160 -50.61 49.35 -45.71
CA PRO F 160 -50.43 48.11 -44.94
C PRO F 160 -51.48 47.92 -43.77
N ARG F 161 -51.62 46.82 -42.97
CA ARG F 161 -52.76 46.75 -42.03
C ARG F 161 -53.10 48.08 -41.38
N GLU F 162 -52.09 48.87 -41.16
CA GLU F 162 -52.12 49.95 -40.23
C GLU F 162 -53.07 51.07 -40.70
N ALA F 163 -54.00 51.42 -39.84
CA ALA F 163 -55.16 52.27 -40.23
C ALA F 163 -55.79 52.90 -38.99
N LYS F 164 -56.52 54.00 -39.21
CA LYS F 164 -57.03 54.75 -38.07
C LYS F 164 -58.48 55.06 -38.34
N VAL F 165 -59.38 54.45 -37.56
CA VAL F 165 -60.79 54.63 -37.80
C VAL F 165 -61.45 55.23 -36.55
N GLN F 166 -62.41 56.13 -36.78
CA GLN F 166 -63.07 56.94 -35.74
C GLN F 166 -64.55 56.98 -36.02
N TRP F 167 -65.33 57.33 -35.00
CA TRP F 167 -66.75 57.53 -35.22
C TRP F 167 -67.12 58.96 -34.83
N LYS F 168 -67.94 59.58 -35.70
CA LYS F 168 -68.42 60.94 -35.52
C LYS F 168 -69.94 60.90 -35.60
N VAL F 169 -70.60 60.98 -34.45
CA VAL F 169 -72.04 60.95 -34.36
C VAL F 169 -72.52 62.32 -33.88
N ASP F 170 -73.41 62.93 -34.65
CA ASP F 170 -73.92 64.28 -34.37
C ASP F 170 -72.77 65.27 -34.21
N ASN F 171 -71.77 65.14 -35.08
CA ASN F 171 -70.56 65.97 -35.04
C ASN F 171 -69.87 65.88 -33.68
N ALA F 172 -69.74 64.66 -33.19
CA ALA F 172 -69.05 64.39 -31.93
C ALA F 172 -68.34 63.05 -32.02
N LEU F 173 -67.17 62.97 -31.41
CA LEU F 173 -66.41 61.73 -31.39
C LEU F 173 -67.03 60.74 -30.40
N GLN F 174 -66.83 59.45 -30.67
CA GLN F 174 -67.37 58.38 -29.85
C GLN F 174 -66.25 57.42 -29.48
N SER F 175 -66.30 56.91 -28.24
CA SER F 175 -65.25 56.07 -27.72
C SER F 175 -65.85 54.93 -26.90
N GLY F 176 -65.08 53.86 -26.77
CA GLY F 176 -65.45 52.75 -25.91
C GLY F 176 -66.44 51.78 -26.50
N ASN F 177 -67.45 52.28 -27.18
CA ASN F 177 -68.56 51.46 -27.67
C ASN F 177 -68.29 50.86 -29.05
N SER F 178 -67.12 51.11 -29.63
CA SER F 178 -66.80 50.64 -30.96
C SER F 178 -65.82 49.47 -30.89
N GLN F 179 -66.02 48.48 -31.76
CA GLN F 179 -65.08 47.36 -31.88
C GLN F 179 -64.49 47.35 -33.29
N GLU F 180 -63.26 46.86 -33.38
CA GLU F 180 -62.51 46.81 -34.63
C GLU F 180 -62.08 45.38 -34.90
N SER F 181 -62.46 44.84 -36.06
CA SER F 181 -62.09 43.50 -36.47
C SER F 181 -61.42 43.56 -37.83
N VAL F 182 -60.18 43.11 -37.89
CA VAL F 182 -59.38 43.17 -39.11
C VAL F 182 -59.19 41.74 -39.61
N THR F 183 -59.46 41.53 -40.89
CA THR F 183 -59.08 40.27 -41.51
C THR F 183 -57.57 40.16 -41.51
N GLU F 184 -57.04 39.01 -41.91
CA GLU F 184 -55.60 38.86 -41.88
C GLU F 184 -55.15 38.64 -43.33
N GLN F 185 -53.96 39.13 -43.67
CA GLN F 185 -53.58 39.39 -45.06
C GLN F 185 -53.85 38.20 -45.98
N ASP F 186 -54.32 38.49 -47.20
CA ASP F 186 -54.60 37.47 -48.17
C ASP F 186 -53.33 36.81 -48.72
N SER F 187 -53.49 35.56 -49.16
CA SER F 187 -52.36 34.87 -49.78
C SER F 187 -52.00 35.51 -51.13
N LYS F 188 -52.87 35.44 -52.17
CA LYS F 188 -52.55 36.27 -53.31
C LYS F 188 -53.14 37.67 -53.29
N ASP F 189 -54.24 37.94 -52.57
CA ASP F 189 -54.66 39.33 -52.72
C ASP F 189 -53.60 40.22 -52.09
N SER F 190 -52.94 39.71 -51.03
CA SER F 190 -51.82 40.36 -50.35
C SER F 190 -52.23 41.73 -49.82
N THR F 191 -53.50 41.88 -49.50
CA THR F 191 -53.99 43.13 -48.92
C THR F 191 -54.71 42.88 -47.61
N TYR F 192 -55.40 43.90 -47.11
CA TYR F 192 -56.02 43.88 -45.80
C TYR F 192 -57.41 44.49 -45.87
N SER F 193 -58.30 43.97 -45.02
CA SER F 193 -59.68 44.47 -44.92
C SER F 193 -60.03 44.61 -43.44
N LEU F 194 -60.97 45.52 -43.17
CA LEU F 194 -61.24 45.94 -41.81
C LEU F 194 -62.72 46.27 -41.66
N SER F 195 -63.26 45.99 -40.48
CA SER F 195 -64.63 46.33 -40.13
C SER F 195 -64.65 47.00 -38.77
N SER F 196 -65.26 48.18 -38.71
CA SER F 196 -65.50 48.90 -37.47
C SER F 196 -67.00 48.87 -37.17
N THR F 197 -67.35 48.35 -36.01
CA THR F 197 -68.75 48.24 -35.62
C THR F 197 -69.03 49.19 -34.46
N LEU F 198 -70.10 49.98 -34.61
CA LEU F 198 -70.59 50.85 -33.56
C LEU F 198 -71.91 50.27 -33.05
N THR F 199 -71.96 49.95 -31.76
CA THR F 199 -73.14 49.37 -31.14
C THR F 199 -73.70 50.33 -30.09
N LEU F 200 -75.02 50.33 -29.97
CA LEU F 200 -75.68 51.28 -29.08
C LEU F 200 -77.07 50.78 -28.74
N SER F 201 -77.70 51.46 -27.79
CA SER F 201 -79.07 51.12 -27.39
C SER F 201 -80.06 52.08 -28.05
N LYS F 202 -81.31 51.60 -28.19
CA LYS F 202 -82.30 52.33 -29.00
C LYS F 202 -82.52 53.75 -28.49
N ALA F 203 -82.44 53.96 -27.18
CA ALA F 203 -82.55 55.31 -26.65
C ALA F 203 -81.50 56.22 -27.28
N ASP F 204 -80.34 55.67 -27.64
CA ASP F 204 -79.31 56.44 -28.31
C ASP F 204 -79.67 56.72 -29.77
N TYR F 205 -80.30 55.74 -30.44
CA TYR F 205 -80.40 55.75 -31.90
C TYR F 205 -81.17 56.98 -32.41
N GLU F 206 -82.47 57.12 -32.11
CA GLU F 206 -83.15 58.38 -32.43
C GLU F 206 -82.77 59.62 -31.65
N LYS F 207 -81.97 59.60 -30.57
CA LYS F 207 -81.70 61.00 -30.19
C LYS F 207 -80.40 61.51 -30.81
N HIS F 208 -79.68 60.67 -31.56
CA HIS F 208 -78.68 61.10 -32.51
C HIS F 208 -79.20 60.90 -33.93
N LYS F 209 -78.81 61.77 -34.86
CA LYS F 209 -79.76 61.82 -35.95
C LYS F 209 -79.02 61.70 -37.28
N VAL F 210 -77.71 62.03 -37.25
CA VAL F 210 -76.73 61.86 -38.32
C VAL F 210 -75.54 61.07 -37.79
N TYR F 211 -74.95 60.20 -38.64
CA TYR F 211 -73.83 59.32 -38.24
C TYR F 211 -72.72 59.35 -39.29
N ALA F 212 -71.48 59.10 -38.85
CA ALA F 212 -70.34 59.09 -39.75
C ALA F 212 -69.22 58.21 -39.20
N CYS F 213 -68.48 57.56 -40.10
CA CYS F 213 -67.21 56.93 -39.76
C CYS F 213 -66.11 57.60 -40.58
N GLU F 214 -65.00 57.92 -39.91
CA GLU F 214 -63.89 58.57 -40.59
C GLU F 214 -62.67 57.66 -40.52
N VAL F 215 -61.91 57.61 -41.61
CA VAL F 215 -60.68 56.84 -41.63
C VAL F 215 -59.54 57.68 -42.19
N THR F 216 -58.43 57.65 -41.47
CA THR F 216 -57.16 58.16 -41.93
C THR F 216 -56.25 56.97 -42.17
N HIS F 217 -55.55 57.02 -43.31
CA HIS F 217 -54.72 55.95 -43.85
C HIS F 217 -53.53 56.59 -44.54
N GLN F 218 -52.41 55.85 -44.56
CA GLN F 218 -51.19 56.38 -45.17
C GLN F 218 -51.36 56.60 -46.67
N GLY F 219 -52.04 55.67 -47.36
CA GLY F 219 -52.21 55.79 -48.80
C GLY F 219 -53.05 56.98 -49.21
N LEU F 220 -54.02 57.36 -48.39
CA LEU F 220 -54.92 58.47 -48.73
C LEU F 220 -54.20 59.80 -48.67
N SER F 221 -54.56 60.69 -49.60
CA SER F 221 -54.03 62.05 -49.57
C SER F 221 -54.59 62.83 -48.38
N SER F 222 -55.87 62.67 -48.10
CA SER F 222 -56.53 63.34 -47.01
C SER F 222 -57.26 62.31 -46.16
N PRO F 223 -57.48 62.60 -44.88
CA PRO F 223 -58.45 61.80 -44.12
C PRO F 223 -59.80 61.85 -44.81
N VAL F 224 -60.50 60.71 -44.82
CA VAL F 224 -61.74 60.59 -45.58
C VAL F 224 -62.88 60.22 -44.64
N THR F 225 -63.99 60.94 -44.76
CA THR F 225 -65.17 60.76 -43.93
C THR F 225 -66.31 60.22 -44.79
N LYS F 226 -67.12 59.32 -44.21
CA LYS F 226 -68.34 58.87 -44.86
C LYS F 226 -69.47 58.90 -43.82
N SER F 227 -70.72 59.09 -44.28
CA SER F 227 -71.80 59.42 -43.36
C SER F 227 -73.18 59.21 -43.98
N PHE F 228 -74.21 59.35 -43.14
CA PHE F 228 -75.63 59.26 -43.53
C PHE F 228 -76.51 59.75 -42.38
N ASN F 229 -77.85 59.77 -42.58
CA ASN F 229 -78.80 60.13 -41.52
C ASN F 229 -79.71 58.95 -41.22
N ARG F 230 -80.82 59.27 -40.56
CA ARG F 230 -81.90 58.32 -40.46
C ARG F 230 -82.22 58.12 -41.93
N GLY F 231 -82.26 56.90 -42.44
CA GLY F 231 -82.65 56.64 -43.84
C GLY F 231 -82.71 57.76 -44.86
N GLN G 20 -41.82 8.27 -38.38
CA GLN G 20 -41.77 9.55 -37.67
C GLN G 20 -42.64 9.52 -36.42
N VAL G 21 -42.11 10.05 -35.32
CA VAL G 21 -42.88 10.13 -34.09
C VAL G 21 -44.07 11.06 -34.27
N GLN G 22 -45.23 10.62 -33.80
CA GLN G 22 -46.44 11.41 -33.91
C GLN G 22 -47.13 11.49 -32.55
N LEU G 23 -47.82 12.60 -32.32
CA LEU G 23 -48.62 12.82 -31.11
C LEU G 23 -50.04 13.17 -31.51
N VAL G 24 -51.02 12.49 -30.91
CA VAL G 24 -52.43 12.75 -31.21
C VAL G 24 -53.16 12.84 -29.87
N GLN G 25 -54.25 13.61 -29.83
CA GLN G 25 -54.94 13.83 -28.57
C GLN G 25 -56.44 13.98 -28.83
N SER G 26 -57.18 14.36 -27.79
CA SER G 26 -58.64 14.48 -27.82
C SER G 26 -59.07 15.73 -28.56
N GLY G 27 -60.37 15.98 -28.55
CA GLY G 27 -60.99 17.05 -29.32
C GLY G 27 -61.38 18.28 -28.51
N ALA G 28 -62.22 19.10 -29.13
CA ALA G 28 -62.70 20.35 -28.53
C ALA G 28 -63.69 20.06 -27.41
N GLU G 29 -63.82 21.03 -26.51
CA GLU G 29 -64.08 20.69 -25.13
C GLU G 29 -64.36 21.95 -24.32
N VAL G 30 -65.59 22.00 -23.81
CA VAL G 30 -66.24 23.23 -23.35
C VAL G 30 -66.64 23.04 -21.90
N LYS G 31 -65.98 23.76 -20.98
CA LYS G 31 -66.25 23.60 -19.56
C LYS G 31 -66.71 24.93 -18.97
N LYS G 32 -66.86 24.93 -17.66
CA LYS G 32 -67.69 25.88 -16.92
C LYS G 32 -66.94 26.20 -15.63
N PRO G 33 -66.99 27.46 -15.17
CA PRO G 33 -66.11 27.87 -14.07
C PRO G 33 -66.38 27.04 -12.84
N GLY G 34 -65.31 26.68 -12.15
CA GLY G 34 -65.37 25.83 -10.99
C GLY G 34 -65.20 24.36 -11.28
N ALA G 35 -65.39 23.93 -12.52
CA ALA G 35 -65.34 22.51 -12.86
C ALA G 35 -63.88 22.08 -13.02
N SER G 36 -63.67 20.84 -13.49
CA SER G 36 -62.36 20.25 -13.63
C SER G 36 -62.29 19.61 -15.00
N VAL G 37 -61.10 19.56 -15.58
CA VAL G 37 -60.98 19.16 -16.97
C VAL G 37 -59.70 18.37 -17.22
N LYS G 38 -59.83 17.41 -18.14
CA LYS G 38 -58.87 16.32 -18.35
C LYS G 38 -58.61 16.24 -19.85
N VAL G 39 -57.39 16.55 -20.28
CA VAL G 39 -57.00 16.40 -21.68
C VAL G 39 -55.91 15.34 -21.75
N SER G 40 -55.75 14.73 -22.92
CA SER G 40 -55.01 13.47 -22.95
C SER G 40 -54.43 13.26 -24.34
N CYS G 41 -53.19 12.78 -24.42
CA CYS G 41 -52.66 12.45 -25.74
C CYS G 41 -51.88 11.15 -25.77
N LYS G 42 -52.10 10.40 -26.85
CA LYS G 42 -51.38 9.19 -27.17
C LYS G 42 -50.15 9.53 -28.00
N ALA G 43 -49.06 8.83 -27.70
CA ALA G 43 -47.76 9.01 -28.32
C ALA G 43 -47.48 7.88 -29.31
N SER G 44 -46.57 8.15 -30.26
CA SER G 44 -46.15 7.17 -31.25
C SER G 44 -44.62 7.22 -31.32
N GLY G 45 -43.98 6.46 -30.45
CA GLY G 45 -42.55 6.55 -30.27
C GLY G 45 -41.83 5.28 -30.68
N TYR G 46 -40.82 5.46 -31.53
CA TYR G 46 -39.94 4.36 -31.91
C TYR G 46 -39.24 3.78 -30.68
N THR G 47 -38.84 4.65 -29.74
CA THR G 47 -38.29 4.26 -28.45
C THR G 47 -39.10 4.91 -27.33
N PHE G 48 -38.96 4.33 -26.14
CA PHE G 48 -39.45 4.92 -24.88
C PHE G 48 -38.23 5.05 -23.98
N THR G 49 -37.39 6.02 -24.27
CA THR G 49 -36.13 6.11 -23.51
C THR G 49 -36.20 7.27 -22.52
N THR G 50 -37.04 7.12 -21.50
CA THR G 50 -37.43 8.27 -20.68
C THR G 50 -37.99 9.34 -21.61
N TYR G 51 -39.08 8.97 -22.27
CA TYR G 51 -39.80 9.90 -23.12
C TYR G 51 -40.16 11.15 -22.33
N ALA G 52 -40.47 12.22 -23.04
CA ALA G 52 -40.46 13.56 -22.48
C ALA G 52 -41.78 14.27 -22.71
N MET G 53 -42.88 13.62 -22.33
CA MET G 53 -44.13 14.37 -22.21
C MET G 53 -43.92 15.70 -21.50
N HIS G 54 -44.43 16.75 -22.14
CA HIS G 54 -44.12 18.12 -21.73
C HIS G 54 -45.23 18.96 -22.35
N TRP G 55 -46.13 19.47 -21.50
CA TRP G 55 -47.30 20.21 -21.93
C TRP G 55 -46.99 21.70 -21.96
N VAL G 56 -47.70 22.41 -22.84
CA VAL G 56 -47.66 23.88 -22.92
C VAL G 56 -49.07 24.38 -23.26
N ARG G 57 -49.31 25.69 -23.07
CA ARG G 57 -50.63 26.28 -23.26
C ARG G 57 -50.52 27.44 -24.25
N GLN G 58 -51.67 27.91 -24.74
CA GLN G 58 -51.71 29.04 -25.68
C GLN G 58 -53.02 29.73 -25.53
N ALA G 59 -53.03 30.87 -24.81
CA ALA G 59 -54.24 31.70 -24.77
C ALA G 59 -54.46 32.31 -26.15
N PRO G 60 -55.71 32.47 -26.58
CA PRO G 60 -55.97 32.76 -28.00
C PRO G 60 -55.14 33.94 -28.51
N GLY G 61 -54.18 33.62 -29.37
CA GLY G 61 -53.33 34.59 -30.07
C GLY G 61 -52.55 35.58 -29.21
N GLN G 62 -51.93 35.11 -28.12
CA GLN G 62 -51.16 35.96 -27.23
C GLN G 62 -50.00 35.09 -26.74
N ARG G 63 -49.29 35.46 -25.67
CA ARG G 63 -48.14 34.62 -25.32
C ARG G 63 -48.52 33.18 -25.01
N LEU G 64 -47.70 32.27 -25.53
CA LEU G 64 -47.64 30.91 -25.04
C LEU G 64 -47.12 30.93 -23.61
N GLU G 65 -47.84 30.27 -22.70
CA GLU G 65 -47.35 30.18 -21.33
C GLU G 65 -47.36 28.72 -20.89
N TRP G 66 -46.27 28.33 -20.23
CA TRP G 66 -45.80 26.96 -20.13
C TRP G 66 -46.49 26.17 -19.02
N MET G 67 -46.78 24.89 -19.34
CA MET G 67 -47.63 24.00 -18.57
C MET G 67 -46.81 23.19 -17.59
N GLY G 68 -45.91 22.37 -18.06
CA GLY G 68 -45.14 21.52 -17.16
C GLY G 68 -44.63 20.30 -17.87
N TRP G 69 -43.88 19.46 -17.15
CA TRP G 69 -43.39 18.23 -17.73
C TRP G 69 -43.51 17.07 -16.75
N ILE G 70 -44.13 15.98 -17.22
CA ILE G 70 -44.14 14.70 -16.54
C ILE G 70 -43.00 13.88 -17.08
N ASN G 71 -42.46 12.99 -16.25
CA ASN G 71 -41.39 12.10 -16.69
C ASN G 71 -42.01 10.81 -17.21
N ALA G 72 -42.18 10.74 -18.52
CA ALA G 72 -42.69 9.52 -19.13
C ALA G 72 -41.77 8.33 -18.90
N GLY G 73 -40.56 8.56 -18.38
CA GLY G 73 -39.74 7.45 -17.95
C GLY G 73 -40.36 6.71 -16.79
N ASN G 74 -40.39 7.31 -15.60
CA ASN G 74 -41.01 6.65 -14.45
C ASN G 74 -42.20 7.41 -13.87
N GLY G 75 -41.98 8.54 -13.21
CA GLY G 75 -43.07 9.24 -12.55
C GLY G 75 -42.93 10.71 -12.25
N ASN G 76 -41.85 11.36 -12.70
CA ASN G 76 -41.51 12.67 -12.17
C ASN G 76 -42.39 13.76 -12.79
N THR G 77 -42.82 14.71 -11.95
CA THR G 77 -44.01 15.53 -12.19
C THR G 77 -43.74 17.01 -12.03
N LYS G 78 -42.72 17.56 -12.70
CA LYS G 78 -42.37 18.93 -12.39
C LYS G 78 -43.34 19.90 -13.07
N TYR G 79 -43.81 20.88 -12.31
CA TYR G 79 -44.90 21.76 -12.71
C TYR G 79 -44.44 23.21 -12.72
N SER G 80 -45.34 24.10 -13.12
CA SER G 80 -45.07 25.53 -13.23
C SER G 80 -45.44 26.23 -11.92
N GLN G 81 -44.82 27.38 -11.62
CA GLN G 81 -45.26 28.21 -10.51
C GLN G 81 -46.62 28.88 -10.68
N LYS G 82 -46.95 29.45 -11.84
CA LYS G 82 -48.22 30.16 -11.87
C LYS G 82 -49.38 29.18 -11.74
N PHE G 83 -49.16 27.91 -12.07
CA PHE G 83 -50.19 26.89 -11.92
C PHE G 83 -49.91 25.96 -10.75
N GLN G 84 -49.01 26.35 -9.83
CA GLN G 84 -48.86 25.68 -8.55
C GLN G 84 -50.21 25.27 -7.95
N GLY G 85 -50.30 24.03 -7.51
CA GLY G 85 -51.33 23.61 -6.59
C GLY G 85 -52.68 23.33 -7.20
N ARG G 86 -52.85 23.44 -8.51
CA ARG G 86 -54.14 23.13 -9.11
C ARG G 86 -54.05 22.26 -10.36
N VAL G 87 -52.86 22.08 -10.96
CA VAL G 87 -52.68 21.27 -12.15
C VAL G 87 -51.93 19.99 -11.78
N THR G 88 -52.40 18.86 -12.32
CA THR G 88 -51.74 17.57 -12.17
C THR G 88 -51.72 16.81 -13.50
N ILE G 89 -50.70 15.97 -13.62
CA ILE G 89 -50.40 15.23 -14.85
C ILE G 89 -49.97 13.83 -14.43
N THR G 90 -50.32 12.84 -15.25
CA THR G 90 -49.72 11.52 -15.16
C THR G 90 -49.56 10.95 -16.56
N ARG G 91 -49.32 9.65 -16.61
CA ARG G 91 -49.32 8.93 -17.87
C ARG G 91 -49.70 7.47 -17.62
N ASP G 92 -50.25 6.84 -18.66
CA ASP G 92 -50.48 5.41 -18.72
C ASP G 92 -49.43 4.75 -19.60
N THR G 93 -48.84 3.67 -19.07
CA THR G 93 -47.66 3.10 -19.72
C THR G 93 -48.01 2.20 -20.89
N SER G 94 -48.83 1.17 -20.69
CA SER G 94 -49.10 0.23 -21.78
C SER G 94 -49.96 0.88 -22.86
N ALA G 95 -50.87 1.78 -22.50
CA ALA G 95 -51.39 2.73 -23.45
C ALA G 95 -50.30 3.73 -23.88
N SER G 96 -49.26 3.93 -23.07
CA SER G 96 -48.25 4.96 -23.28
C SER G 96 -48.90 6.24 -23.78
N THR G 97 -49.92 6.67 -23.09
CA THR G 97 -50.48 7.97 -23.29
C THR G 97 -50.16 8.80 -22.06
N ALA G 98 -50.37 10.12 -22.13
CA ALA G 98 -50.16 10.95 -20.96
C ALA G 98 -51.42 11.77 -20.72
N TYR G 99 -51.85 11.97 -19.47
CA TYR G 99 -53.10 12.66 -19.23
C TYR G 99 -52.80 13.87 -18.39
N MET G 100 -53.71 14.86 -18.38
CA MET G 100 -53.65 15.87 -17.35
C MET G 100 -55.00 16.46 -16.94
N GLU G 101 -55.20 16.45 -15.62
CA GLU G 101 -55.87 17.60 -14.97
C GLU G 101 -55.26 18.95 -14.83
N LEU G 102 -56.32 19.70 -14.70
CA LEU G 102 -56.46 21.10 -14.90
C LEU G 102 -57.72 21.39 -14.09
N SER G 103 -57.55 22.10 -12.97
CA SER G 103 -58.63 22.20 -12.01
C SER G 103 -58.86 23.65 -11.61
N SER G 104 -60.05 23.82 -11.05
CA SER G 104 -60.59 25.12 -10.65
C SER G 104 -60.56 26.12 -11.80
N LEU G 105 -61.26 25.79 -12.89
CA LEU G 105 -61.20 26.55 -14.13
C LEU G 105 -61.94 27.89 -13.99
N ARG G 106 -61.53 28.86 -14.82
CA ARG G 106 -61.96 30.26 -14.72
C ARG G 106 -61.94 30.85 -16.15
N SER G 107 -62.51 32.05 -16.32
CA SER G 107 -62.81 32.54 -17.67
C SER G 107 -61.58 32.81 -18.52
N GLU G 108 -60.63 33.58 -17.98
CA GLU G 108 -59.24 33.63 -18.48
C GLU G 108 -58.67 32.27 -18.88
N ASP G 109 -59.29 31.18 -18.47
CA ASP G 109 -58.60 29.90 -18.67
C ASP G 109 -58.74 29.33 -20.10
N THR G 110 -59.60 29.94 -20.94
CA THR G 110 -59.89 29.52 -22.31
C THR G 110 -58.69 29.54 -23.23
N ALA G 111 -58.37 28.42 -23.88
CA ALA G 111 -57.16 28.40 -24.69
C ALA G 111 -57.09 27.16 -25.56
N VAL G 112 -55.89 26.96 -26.13
CA VAL G 112 -55.52 25.78 -26.90
C VAL G 112 -54.35 25.14 -26.17
N TYR G 113 -54.34 23.82 -26.14
CA TYR G 113 -53.57 23.05 -25.17
C TYR G 113 -52.68 22.13 -25.99
N TYR G 114 -51.38 22.08 -25.69
CA TYR G 114 -50.46 21.35 -26.55
C TYR G 114 -49.66 20.32 -25.77
N CYS G 115 -49.72 19.09 -26.26
CA CYS G 115 -48.72 18.06 -25.96
C CYS G 115 -47.47 18.38 -26.75
N ALA G 116 -46.31 18.08 -26.15
CA ALA G 116 -45.08 18.08 -26.91
C ALA G 116 -43.98 17.43 -26.09
N GLY G 117 -42.79 17.42 -26.65
CA GLY G 117 -41.67 16.69 -26.12
C GLY G 117 -41.24 15.67 -27.14
N GLY G 118 -40.70 14.55 -26.67
CA GLY G 118 -40.24 13.54 -27.59
C GLY G 118 -38.79 13.71 -27.95
N GLY G 119 -37.95 13.82 -26.92
CA GLY G 119 -36.54 13.99 -27.14
C GLY G 119 -36.00 12.81 -27.90
N GLY G 120 -36.33 11.62 -27.43
CA GLY G 120 -36.05 10.49 -28.26
C GLY G 120 -34.57 10.28 -28.29
N ARG G 121 -33.78 11.18 -28.92
CA ARG G 121 -32.43 10.69 -28.98
C ARG G 121 -31.88 10.70 -27.55
N ARG G 122 -32.07 11.81 -26.83
CA ARG G 122 -31.17 11.95 -25.72
C ARG G 122 -32.10 11.64 -24.54
N LEU G 123 -31.72 11.81 -23.27
CA LEU G 123 -32.80 11.36 -22.38
C LEU G 123 -33.86 12.43 -22.12
N GLN G 124 -33.43 13.68 -21.97
CA GLN G 124 -34.32 14.78 -21.62
C GLN G 124 -33.84 16.05 -22.32
N PHE G 125 -34.79 16.94 -22.58
CA PHE G 125 -34.39 18.23 -23.11
C PHE G 125 -35.18 19.28 -22.36
N ASP G 126 -35.09 20.52 -22.82
CA ASP G 126 -36.14 21.47 -22.51
C ASP G 126 -36.52 22.19 -23.76
N TYR G 127 -36.60 21.46 -24.87
CA TYR G 127 -37.29 22.05 -26.01
C TYR G 127 -38.27 21.10 -26.67
N PHE G 128 -39.22 21.76 -27.30
CA PHE G 128 -40.47 21.26 -27.86
C PHE G 128 -40.34 20.87 -29.33
N ASP G 129 -40.00 19.58 -29.56
CA ASP G 129 -39.69 19.12 -30.91
C ASP G 129 -40.73 18.21 -31.54
N TYR G 130 -41.75 17.78 -30.81
CA TYR G 130 -42.82 16.96 -31.37
C TYR G 130 -44.13 17.41 -30.74
N TRP G 131 -44.87 18.24 -31.47
CA TRP G 131 -46.06 18.89 -30.94
C TRP G 131 -47.29 18.07 -31.32
N GLY G 132 -48.29 18.03 -30.43
CA GLY G 132 -49.61 17.61 -30.85
C GLY G 132 -50.28 18.70 -31.66
N GLN G 133 -51.14 18.34 -32.61
CA GLN G 133 -51.72 19.45 -33.31
C GLN G 133 -52.97 20.05 -32.62
N GLY G 134 -53.03 20.07 -31.29
CA GLY G 134 -53.79 21.05 -30.53
C GLY G 134 -55.15 20.68 -29.94
N THR G 135 -55.49 21.20 -28.75
CA THR G 135 -56.77 20.92 -28.10
C THR G 135 -57.49 22.22 -27.75
N LEU G 136 -58.79 22.29 -27.96
CA LEU G 136 -59.55 23.52 -27.75
C LEU G 136 -60.41 23.41 -26.49
N VAL G 137 -60.14 24.29 -25.52
CA VAL G 137 -60.86 24.32 -24.26
C VAL G 137 -61.48 25.69 -24.09
N THR G 138 -62.80 25.72 -23.90
CA THR G 138 -63.55 26.96 -23.75
C THR G 138 -64.25 26.98 -22.40
N VAL G 139 -63.84 27.89 -21.53
CA VAL G 139 -64.45 28.06 -20.21
C VAL G 139 -65.49 29.18 -20.34
N SER G 140 -66.77 28.81 -20.21
CA SER G 140 -67.86 29.76 -20.36
C SER G 140 -68.92 29.47 -19.30
N SER G 141 -69.85 30.42 -19.16
CA SER G 141 -70.97 30.27 -18.23
C SER G 141 -72.30 30.11 -18.93
N ALA G 142 -72.36 30.30 -20.24
CA ALA G 142 -73.62 30.21 -20.98
C ALA G 142 -73.84 28.77 -21.45
N SER G 143 -74.80 28.57 -22.34
CA SER G 143 -75.14 27.25 -22.86
C SER G 143 -75.21 27.32 -24.38
N THR G 144 -75.44 26.16 -24.99
CA THR G 144 -75.64 26.09 -26.43
C THR G 144 -76.82 26.97 -26.83
N LYS G 145 -76.64 27.77 -27.88
CA LYS G 145 -77.69 28.65 -28.35
C LYS G 145 -77.59 28.80 -29.85
N GLY G 146 -78.74 28.84 -30.52
CA GLY G 146 -78.80 28.99 -31.96
C GLY G 146 -78.32 30.36 -32.40
N PRO G 147 -77.86 30.46 -33.64
CA PRO G 147 -77.27 31.74 -34.10
C PRO G 147 -78.29 32.78 -34.59
N SER G 148 -78.15 34.02 -34.12
CA SER G 148 -78.93 35.14 -34.65
C SER G 148 -78.46 35.52 -36.04
N VAL G 149 -79.40 35.68 -36.97
CA VAL G 149 -79.02 35.94 -38.35
C VAL G 149 -79.86 37.09 -38.91
N PHE G 150 -79.16 38.04 -39.55
CA PHE G 150 -79.72 39.18 -40.28
C PHE G 150 -79.02 39.38 -41.62
N PRO G 151 -79.67 39.95 -42.63
CA PRO G 151 -78.98 40.26 -43.89
C PRO G 151 -78.26 41.61 -43.78
N LEU G 152 -77.38 41.85 -44.74
CA LEU G 152 -76.65 43.11 -44.87
C LEU G 152 -76.81 43.57 -46.31
N ALA G 153 -77.85 44.35 -46.56
CA ALA G 153 -78.33 44.93 -47.80
C ALA G 153 -77.58 46.24 -48.09
N PRO G 154 -77.00 46.36 -49.28
CA PRO G 154 -76.34 47.61 -49.66
C PRO G 154 -77.32 48.64 -50.16
N SER G 155 -76.80 49.77 -50.64
CA SER G 155 -77.61 50.81 -51.25
C SER G 155 -76.94 51.27 -52.54
N SER G 156 -77.77 51.81 -53.44
CA SER G 156 -77.25 52.35 -54.70
C SER G 156 -76.44 53.62 -54.50
N LYS G 157 -76.47 54.20 -53.30
CA LYS G 157 -75.66 55.38 -53.01
C LYS G 157 -74.18 55.10 -53.22
N SER G 158 -73.73 53.91 -52.81
CA SER G 158 -72.32 53.56 -52.78
C SER G 158 -71.93 52.63 -53.93
N THR G 159 -72.47 52.85 -55.12
CA THR G 159 -72.11 52.04 -56.28
C THR G 159 -70.67 52.34 -56.66
N SER G 160 -69.74 51.50 -56.21
CA SER G 160 -68.32 51.72 -56.40
C SER G 160 -67.83 50.86 -57.57
N GLY G 161 -67.54 51.52 -58.69
CA GLY G 161 -67.10 50.81 -59.87
C GLY G 161 -68.11 49.79 -60.38
N GLY G 162 -69.39 50.05 -60.16
CA GLY G 162 -70.40 49.06 -60.49
C GLY G 162 -70.37 47.83 -59.61
N THR G 163 -69.83 47.95 -58.39
CA THR G 163 -69.67 46.83 -57.47
C THR G 163 -70.09 47.25 -56.08
N ALA G 164 -70.79 46.37 -55.37
CA ALA G 164 -71.31 46.67 -54.05
C ALA G 164 -71.13 45.47 -53.13
N ALA G 165 -70.96 45.76 -51.85
CA ALA G 165 -70.79 44.76 -50.81
C ALA G 165 -72.14 44.34 -50.24
N LEU G 166 -72.14 43.16 -49.60
CA LEU G 166 -73.38 42.55 -49.14
C LEU G 166 -73.02 41.41 -48.20
N GLY G 167 -73.79 41.26 -47.12
CA GLY G 167 -73.40 40.31 -46.10
C GLY G 167 -74.48 39.57 -45.33
N CYS G 168 -74.06 38.80 -44.32
CA CYS G 168 -74.97 37.97 -43.54
C CYS G 168 -74.44 37.93 -42.10
N LEU G 169 -75.03 38.77 -41.25
CA LEU G 169 -74.56 38.90 -39.87
C LEU G 169 -75.13 37.80 -38.98
N VAL G 170 -74.26 37.24 -38.13
CA VAL G 170 -74.62 36.29 -37.10
C VAL G 170 -74.24 36.89 -35.75
N LYS G 171 -75.17 36.88 -34.81
CA LYS G 171 -74.99 37.48 -33.50
C LYS G 171 -75.45 36.52 -32.42
N ASP G 172 -74.84 36.62 -31.24
CA ASP G 172 -75.36 35.97 -30.04
C ASP G 172 -75.52 34.46 -30.26
N TYR G 173 -74.40 33.83 -30.60
CA TYR G 173 -74.34 32.39 -30.79
C TYR G 173 -73.30 31.79 -29.85
N PHE G 174 -73.36 30.47 -29.69
CA PHE G 174 -72.45 29.73 -28.84
C PHE G 174 -72.60 28.24 -29.13
N PRO G 175 -71.51 27.49 -29.26
CA PRO G 175 -70.14 28.00 -29.27
C PRO G 175 -69.52 28.05 -30.67
N GLU G 176 -68.23 28.36 -30.72
CA GLU G 176 -67.48 28.30 -31.97
C GLU G 176 -67.43 26.84 -32.46
N PRO G 177 -67.49 26.63 -33.78
CA PRO G 177 -67.60 27.61 -34.85
C PRO G 177 -68.97 27.65 -35.53
N VAL G 178 -69.11 28.61 -36.45
CA VAL G 178 -70.27 28.69 -37.34
C VAL G 178 -69.72 28.73 -38.77
N THR G 179 -69.97 27.67 -39.53
CA THR G 179 -69.55 27.68 -40.93
C THR G 179 -70.58 28.42 -41.77
N VAL G 180 -70.09 29.33 -42.60
CA VAL G 180 -70.94 30.19 -43.42
C VAL G 180 -70.50 30.06 -44.86
N SER G 181 -71.46 29.81 -45.75
CA SER G 181 -71.20 29.82 -47.19
C SER G 181 -72.23 30.74 -47.85
N TRP G 182 -72.12 30.88 -49.17
CA TRP G 182 -73.05 31.70 -49.93
C TRP G 182 -73.60 30.86 -51.08
N ASN G 183 -74.91 30.63 -51.06
CA ASN G 183 -75.60 29.80 -52.04
C ASN G 183 -74.99 28.40 -52.13
N SER G 184 -74.55 27.90 -50.98
CA SER G 184 -74.00 26.55 -50.85
C SER G 184 -72.87 26.30 -51.84
N GLY G 185 -71.83 27.14 -51.75
CA GLY G 185 -70.66 27.00 -52.57
C GLY G 185 -70.76 27.54 -53.98
N ALA G 186 -71.90 28.15 -54.34
CA ALA G 186 -72.05 28.68 -55.68
C ALA G 186 -71.16 29.90 -55.92
N LEU G 187 -70.85 30.66 -54.86
CA LEU G 187 -70.04 31.85 -54.95
C LEU G 187 -68.73 31.65 -54.22
N THR G 188 -67.62 32.03 -54.87
CA THR G 188 -66.29 31.85 -54.30
C THR G 188 -65.47 33.11 -54.41
N SER G 189 -65.89 34.05 -55.25
CA SER G 189 -65.11 35.26 -55.47
C SER G 189 -65.32 36.28 -54.36
N GLY G 190 -64.23 36.89 -53.93
CA GLY G 190 -64.28 37.98 -52.97
C GLY G 190 -64.88 37.63 -51.63
N VAL G 191 -64.82 36.34 -51.26
CA VAL G 191 -65.46 35.90 -50.03
C VAL G 191 -64.65 36.38 -48.81
N HIS G 192 -65.36 36.89 -47.81
CA HIS G 192 -64.75 37.40 -46.59
C HIS G 192 -65.55 36.93 -45.39
N THR G 193 -64.91 36.18 -44.50
CA THR G 193 -65.53 35.67 -43.28
C THR G 193 -64.66 36.07 -42.10
N PHE G 194 -65.10 37.07 -41.35
CA PHE G 194 -64.32 37.64 -40.26
C PHE G 194 -64.37 36.72 -39.04
N PRO G 195 -63.36 36.79 -38.17
CA PRO G 195 -63.36 35.91 -37.01
C PRO G 195 -64.29 36.41 -35.91
N ALA G 196 -64.69 35.46 -35.06
CA ALA G 196 -65.64 35.76 -34.01
C ALA G 196 -65.02 36.72 -32.99
N VAL G 197 -65.87 37.28 -32.15
CA VAL G 197 -65.46 38.29 -31.17
C VAL G 197 -66.30 38.12 -29.90
N LEU G 198 -65.70 38.39 -28.74
CA LEU G 198 -66.45 38.27 -27.51
C LEU G 198 -67.34 39.46 -27.35
N GLN G 199 -68.49 39.26 -26.70
CA GLN G 199 -69.27 40.40 -26.25
C GLN G 199 -69.30 40.40 -24.73
N SER G 200 -69.79 41.51 -24.17
CA SER G 200 -69.90 41.58 -22.70
C SER G 200 -70.88 40.56 -22.16
N SER G 201 -71.84 40.13 -22.98
CA SER G 201 -72.84 39.16 -22.54
C SER G 201 -72.29 37.75 -22.44
N GLY G 202 -71.03 37.54 -22.80
CA GLY G 202 -70.51 36.20 -22.89
C GLY G 202 -70.84 35.50 -24.19
N LEU G 203 -71.30 36.23 -25.19
CA LEU G 203 -71.70 35.64 -26.45
C LEU G 203 -70.84 36.13 -27.61
N TYR G 204 -70.73 35.20 -28.55
CA TYR G 204 -70.03 35.13 -29.81
C TYR G 204 -70.84 35.77 -30.93
N SER G 205 -70.13 36.42 -31.87
CA SER G 205 -70.77 37.06 -33.00
C SER G 205 -69.79 37.12 -34.17
N LEU G 206 -70.32 36.96 -35.38
CA LEU G 206 -69.52 36.91 -36.60
C LEU G 206 -70.19 37.75 -37.69
N SER G 207 -69.39 38.34 -38.56
CA SER G 207 -69.89 39.07 -39.71
C SER G 207 -69.20 38.56 -40.96
N SER G 208 -69.98 38.03 -41.90
CA SER G 208 -69.48 37.54 -43.18
C SER G 208 -70.00 38.46 -44.28
N VAL G 209 -69.12 38.81 -45.22
CA VAL G 209 -69.44 39.77 -46.26
C VAL G 209 -68.79 39.33 -47.55
N VAL G 210 -69.33 39.81 -48.67
CA VAL G 210 -68.79 39.53 -49.99
C VAL G 210 -69.30 40.64 -50.92
N THR G 211 -68.48 41.00 -51.91
CA THR G 211 -68.85 42.05 -52.83
C THR G 211 -69.04 41.48 -54.23
N VAL G 212 -70.07 41.97 -54.92
CA VAL G 212 -70.42 41.49 -56.25
C VAL G 212 -70.66 42.70 -57.16
N PRO G 213 -70.50 42.52 -58.47
CA PRO G 213 -70.83 43.61 -59.40
C PRO G 213 -72.27 44.06 -59.20
N SER G 214 -72.47 45.37 -59.10
CA SER G 214 -73.80 45.92 -58.89
C SER G 214 -74.69 45.76 -60.12
N SER G 215 -74.12 45.37 -61.26
CA SER G 215 -74.91 45.24 -62.49
C SER G 215 -76.00 44.20 -62.34
N SER G 216 -75.66 43.03 -61.78
CA SER G 216 -76.62 41.95 -61.54
C SER G 216 -77.11 41.91 -60.09
N LEU G 217 -77.29 43.08 -59.47
CA LEU G 217 -77.78 43.16 -58.09
C LEU G 217 -79.23 42.73 -57.98
N GLY G 218 -80.12 43.57 -58.50
CA GLY G 218 -81.52 43.25 -58.49
C GLY G 218 -81.94 42.17 -59.44
N THR G 219 -81.09 41.66 -60.32
CA THR G 219 -81.44 40.50 -61.13
C THR G 219 -80.88 39.17 -60.64
N GLN G 220 -80.24 39.01 -59.46
CA GLN G 220 -79.88 37.62 -59.29
C GLN G 220 -80.28 37.19 -57.87
N THR G 221 -79.85 35.99 -57.45
CA THR G 221 -80.20 35.53 -56.10
C THR G 221 -78.95 35.12 -55.33
N TYR G 222 -78.86 35.62 -54.09
CA TYR G 222 -77.73 35.35 -53.20
C TYR G 222 -78.28 35.05 -51.82
N ILE G 223 -78.00 33.85 -51.28
CA ILE G 223 -78.47 33.52 -49.95
C ILE G 223 -77.32 32.97 -49.11
N CYS G 224 -77.15 33.48 -47.90
CA CYS G 224 -76.15 32.93 -47.00
C CYS G 224 -76.63 31.61 -46.41
N ASN G 225 -75.68 30.75 -46.10
CA ASN G 225 -75.97 29.42 -45.57
C ASN G 225 -75.14 29.25 -44.31
N VAL G 226 -75.76 29.42 -43.15
CA VAL G 226 -75.05 29.34 -41.88
C VAL G 226 -75.37 28.01 -41.22
N ASN G 227 -74.36 27.43 -40.59
CA ASN G 227 -74.33 26.03 -40.17
C ASN G 227 -73.77 25.94 -38.74
N HIS G 228 -74.61 25.48 -37.81
CA HIS G 228 -74.21 25.43 -36.42
C HIS G 228 -74.53 24.04 -35.88
N LYS G 229 -73.54 23.14 -35.94
CA LYS G 229 -73.72 21.77 -35.47
C LYS G 229 -74.01 21.65 -33.98
N PRO G 230 -73.30 22.35 -33.06
CA PRO G 230 -73.60 22.19 -31.63
C PRO G 230 -75.05 22.48 -31.28
N SER G 231 -75.73 23.28 -32.11
CA SER G 231 -77.16 23.48 -31.98
C SER G 231 -77.95 22.85 -33.12
N ASN G 232 -77.27 22.20 -34.07
CA ASN G 232 -77.89 21.50 -35.21
C ASN G 232 -78.70 22.43 -36.09
N THR G 233 -78.48 23.74 -36.04
CA THR G 233 -79.30 24.67 -36.78
C THR G 233 -78.68 25.01 -38.13
N LYS G 234 -79.54 25.05 -39.15
CA LYS G 234 -79.14 25.44 -40.50
C LYS G 234 -80.05 26.57 -40.94
N VAL G 235 -79.48 27.75 -41.16
CA VAL G 235 -80.28 28.95 -41.42
C VAL G 235 -79.87 29.56 -42.75
N ASP G 236 -80.86 29.94 -43.55
CA ASP G 236 -80.67 30.61 -44.82
C ASP G 236 -81.53 31.87 -44.83
N LYS G 237 -80.98 32.96 -45.35
CA LYS G 237 -81.71 34.23 -45.43
C LYS G 237 -81.34 34.95 -46.70
N LYS G 238 -82.30 35.01 -47.63
CA LYS G 238 -82.24 36.01 -48.69
C LYS G 238 -82.11 37.45 -48.19
N VAL G 239 -81.15 38.13 -48.80
CA VAL G 239 -80.89 39.55 -48.62
C VAL G 239 -81.77 40.34 -49.57
N GLU G 240 -82.41 41.39 -49.04
CA GLU G 240 -83.27 42.26 -49.81
C GLU G 240 -82.58 43.60 -49.94
N PRO G 241 -82.06 43.97 -51.12
CA PRO G 241 -81.35 45.23 -51.36
C PRO G 241 -82.24 46.45 -51.16
N ALA H 27 52.89 35.04 -16.07
CA ALA H 27 53.58 33.76 -15.87
C ALA H 27 52.65 32.74 -15.23
N TYR H 28 52.97 31.47 -15.44
CA TYR H 28 52.24 30.35 -14.85
C TYR H 28 53.22 29.46 -14.11
N THR H 29 52.73 28.76 -13.09
CA THR H 29 53.56 27.89 -12.28
C THR H 29 52.79 26.59 -12.03
N ASN H 30 53.51 25.59 -11.52
CA ASN H 30 52.98 24.27 -11.29
C ASN H 30 52.98 23.97 -9.80
N SER H 31 51.79 23.90 -9.21
CA SER H 31 51.67 23.33 -7.88
C SER H 31 52.07 21.86 -7.93
N PHE H 32 52.45 21.31 -6.78
CA PHE H 32 52.81 19.89 -6.70
C PHE H 32 51.81 19.10 -5.86
N THR H 33 51.68 19.43 -4.58
CA THR H 33 50.65 18.84 -3.70
C THR H 33 50.21 19.97 -2.76
N ARG H 34 49.23 20.75 -3.20
CA ARG H 34 48.90 21.99 -2.51
C ARG H 34 47.38 22.21 -2.52
N GLY H 35 46.89 22.82 -1.45
CA GLY H 35 45.48 23.11 -1.34
C GLY H 35 44.63 21.95 -0.88
N VAL H 36 45.17 21.13 0.03
CA VAL H 36 44.42 19.92 0.47
C VAL H 36 43.89 20.17 1.87
N TYR H 37 42.75 20.86 1.96
CA TYR H 37 42.18 21.24 3.27
C TYR H 37 41.36 20.08 3.85
N TYR H 38 41.09 20.13 5.15
CA TYR H 38 40.21 19.11 5.77
C TYR H 38 38.79 19.43 5.28
N PRO H 39 38.08 18.49 4.60
CA PRO H 39 36.70 18.73 4.17
C PRO H 39 35.98 19.38 5.36
N ASP H 40 36.11 18.78 6.56
CA ASP H 40 35.55 19.37 7.75
C ASP H 40 36.32 18.80 8.93
N LYS H 41 35.70 18.92 10.07
CA LYS H 41 36.05 18.48 11.40
C LYS H 41 35.94 16.97 11.42
N VAL H 42 35.17 16.33 12.31
CA VAL H 42 35.54 15.16 13.10
C VAL H 42 36.94 14.60 12.98
N PHE H 43 37.47 14.33 14.16
CA PHE H 43 38.74 13.69 14.41
C PHE H 43 38.81 12.32 13.77
N ARG H 44 39.93 12.04 13.10
CA ARG H 44 40.13 10.70 12.48
C ARG H 44 41.57 10.27 12.78
N SER H 45 41.76 9.05 13.28
CA SER H 45 43.15 8.56 13.53
C SER H 45 43.78 8.09 12.22
N SER H 46 44.92 7.40 12.28
CA SER H 46 45.64 6.99 11.03
C SER H 46 44.74 6.14 10.14
N VAL H 47 43.98 6.77 9.24
CA VAL H 47 43.09 6.03 8.28
C VAL H 47 43.37 6.58 6.89
N LEU H 48 42.77 6.00 5.85
CA LEU H 48 42.93 6.52 4.46
C LEU H 48 41.56 6.95 3.95
N HIS H 49 40.81 7.70 4.77
CA HIS H 49 39.43 8.13 4.40
C HIS H 49 39.41 8.81 3.03
N SER H 50 38.87 8.12 2.01
CA SER H 50 38.74 8.75 0.67
C SER H 50 37.52 9.68 0.68
N THR H 51 37.74 10.97 0.36
CA THR H 51 36.62 11.95 0.33
C THR H 51 36.43 12.43 -1.11
N GLN H 52 35.53 13.40 -1.32
CA GLN H 52 35.26 13.97 -2.67
C GLN H 52 34.75 15.40 -2.51
N ASP H 53 35.64 16.39 -2.49
CA ASP H 53 35.23 17.80 -2.26
C ASP H 53 35.89 18.69 -3.31
N LEU H 54 35.68 20.02 -3.21
CA LEU H 54 36.31 20.98 -4.16
C LEU H 54 37.80 21.07 -3.84
N PHE H 55 38.61 20.16 -4.40
CA PHE H 55 40.06 20.13 -4.07
C PHE H 55 40.85 20.57 -5.29
N LEU H 56 41.80 21.49 -5.12
CA LEU H 56 42.69 21.87 -6.24
C LEU H 56 43.36 20.58 -6.75
N PRO H 57 43.18 20.19 -8.03
CA PRO H 57 43.73 18.94 -8.53
C PRO H 57 45.25 18.90 -8.31
N PHE H 58 45.78 17.74 -7.90
CA PHE H 58 47.25 17.61 -7.71
C PHE H 58 47.97 18.02 -8.99
N PHE H 59 49.05 18.80 -8.87
CA PHE H 59 49.84 19.26 -10.05
C PHE H 59 48.96 20.14 -10.96
N SER H 60 48.53 21.30 -10.46
CA SER H 60 47.67 22.22 -11.26
C SER H 60 48.49 23.41 -11.76
N ASN H 61 47.88 24.29 -12.56
CA ASN H 61 48.60 25.45 -13.14
C ASN H 61 48.21 26.73 -12.39
N VAL H 62 48.98 27.10 -11.35
CA VAL H 62 48.64 28.30 -10.54
C VAL H 62 49.11 29.56 -11.27
N THR H 63 48.20 30.50 -11.51
CA THR H 63 48.56 31.78 -12.18
C THR H 63 49.47 32.58 -11.23
N TRP H 64 50.76 32.68 -11.58
CA TRP H 64 51.70 33.47 -10.74
C TRP H 64 51.48 34.96 -10.96
N PHE H 65 51.00 35.67 -9.94
CA PHE H 65 50.83 37.14 -10.04
C PHE H 65 52.02 37.81 -9.36
N HIS H 66 52.22 39.10 -9.63
CA HIS H 66 53.35 39.85 -9.00
C HIS H 66 52.87 41.24 -8.59
N ALA H 67 53.29 41.71 -7.40
CA ALA H 67 52.91 43.06 -6.94
C ALA H 67 54.17 43.94 -6.87
N ASN H 81 45.81 45.15 -9.13
CA ASN H 81 45.79 43.88 -9.92
C ASN H 81 44.39 43.68 -10.50
N PRO H 82 44.20 43.00 -11.64
CA PRO H 82 42.88 42.88 -12.27
C PRO H 82 41.86 42.01 -11.52
N VAL H 83 40.58 42.21 -11.81
CA VAL H 83 39.50 41.42 -11.15
C VAL H 83 39.51 39.99 -11.71
N LEU H 84 39.60 38.99 -10.83
CA LEU H 84 39.63 37.58 -11.27
C LEU H 84 38.28 36.93 -10.98
N PRO H 85 37.78 35.97 -11.80
CA PRO H 85 36.53 35.28 -11.47
C PRO H 85 36.63 34.42 -10.21
N PHE H 86 35.50 34.20 -9.53
CA PHE H 86 35.50 33.34 -8.31
C PHE H 86 35.14 31.91 -8.73
N ASN H 87 34.17 31.76 -9.64
CA ASN H 87 33.74 30.42 -10.15
C ASN H 87 33.56 29.40 -9.01
N ASP H 88 34.23 28.24 -9.10
CA ASP H 88 34.05 27.16 -8.08
C ASP H 88 35.14 27.25 -7.02
N GLY H 89 35.20 28.36 -6.27
CA GLY H 89 36.18 28.48 -5.17
C GLY H 89 37.53 29.00 -5.64
N VAL H 90 38.28 29.66 -4.74
CA VAL H 90 39.57 30.28 -5.16
C VAL H 90 40.71 29.86 -4.23
N TYR H 91 41.78 29.29 -4.79
CA TYR H 91 42.99 28.98 -3.97
C TYR H 91 43.87 30.23 -4.00
N PHE H 92 44.50 30.58 -2.88
CA PHE H 92 45.28 31.85 -2.82
C PHE H 92 46.58 31.65 -2.03
N ALA H 93 47.63 31.16 -2.67
CA ALA H 93 48.94 31.05 -1.97
C ALA H 93 49.63 32.41 -2.01
N SER H 94 50.00 32.95 -0.84
CA SER H 94 50.67 34.27 -0.78
C SER H 94 52.07 34.11 -0.17
N THR H 95 53.12 34.34 -0.97
CA THR H 95 54.51 34.19 -0.47
C THR H 95 55.10 35.59 -0.22
N GLU H 96 55.06 36.07 1.02
CA GLU H 96 55.56 37.45 1.34
C GLU H 96 55.89 37.56 2.82
N LYS H 97 56.80 38.47 3.19
CA LYS H 97 57.10 38.71 4.64
C LYS H 97 56.29 39.94 5.06
N SER H 98 56.66 41.12 4.55
CA SER H 98 55.91 42.36 4.88
C SER H 98 54.47 42.21 4.38
N ASN H 99 53.51 42.75 5.13
CA ASN H 99 52.08 42.59 4.77
C ASN H 99 51.75 43.44 3.55
N ILE H 100 51.75 42.84 2.35
CA ILE H 100 51.35 43.58 1.12
C ILE H 100 49.91 43.18 0.82
N ILE H 101 49.60 41.89 0.87
CA ILE H 101 48.19 41.43 0.69
C ILE H 101 47.38 41.97 1.86
N ARG H 102 46.57 43.01 1.64
CA ARG H 102 45.81 43.63 2.75
C ARG H 102 44.34 43.26 2.63
N GLY H 103 44.05 41.97 2.44
CA GLY H 103 42.65 41.51 2.32
C GLY H 103 42.23 41.39 0.86
N TRP H 104 40.98 40.96 0.62
CA TRP H 104 40.47 40.75 -0.76
C TRP H 104 39.02 41.22 -0.84
N ILE H 105 38.60 41.77 -1.98
CA ILE H 105 37.16 42.12 -2.13
C ILE H 105 36.47 40.97 -2.87
N PHE H 106 35.17 40.76 -2.62
CA PHE H 106 34.44 39.62 -3.23
C PHE H 106 33.04 40.09 -3.61
N GLY H 107 32.40 39.46 -4.60
CA GLY H 107 31.00 39.83 -4.92
C GLY H 107 30.62 39.54 -6.35
N THR H 108 29.42 39.98 -6.75
CA THR H 108 28.94 39.76 -8.14
C THR H 108 29.42 40.91 -9.02
N THR H 109 28.81 42.10 -8.86
CA THR H 109 29.20 43.29 -9.66
C THR H 109 30.32 44.04 -8.94
N LEU H 110 30.72 43.58 -7.75
CA LEU H 110 31.83 44.21 -6.98
C LEU H 110 31.62 45.73 -6.87
N ASP H 111 30.43 46.17 -6.44
CA ASP H 111 30.13 47.63 -6.34
C ASP H 111 28.83 47.83 -5.54
N SER H 112 28.01 48.80 -5.94
CA SER H 112 26.70 49.05 -5.28
C SER H 112 25.61 48.29 -6.04
N LYS H 113 24.34 48.50 -5.71
CA LYS H 113 23.19 47.79 -6.35
C LYS H 113 23.16 46.32 -5.88
N THR H 114 24.31 45.65 -5.84
CA THR H 114 24.41 44.27 -5.31
C THR H 114 25.38 44.31 -4.12
N GLN H 115 25.14 43.49 -3.09
CA GLN H 115 26.01 43.51 -1.89
C GLN H 115 27.39 42.95 -2.25
N SER H 116 28.43 43.42 -1.55
CA SER H 116 29.80 42.97 -1.87
C SER H 116 30.57 42.67 -0.57
N LEU H 117 31.09 41.45 -0.43
CA LEU H 117 31.83 41.06 0.80
C LEU H 117 33.24 41.64 0.75
N LEU H 118 33.51 42.68 1.56
CA LEU H 118 34.89 43.25 1.61
C LEU H 118 35.63 42.64 2.79
N ILE H 119 36.81 42.06 2.54
CA ILE H 119 37.65 41.57 3.67
C ILE H 119 38.86 42.51 3.69
N VAL H 120 38.99 43.34 4.72
CA VAL H 120 40.10 44.34 4.75
C VAL H 120 41.09 43.93 5.84
N ASN H 121 42.38 44.18 5.63
CA ASN H 121 43.40 43.90 6.68
C ASN H 121 44.28 45.14 6.83
N ASN H 122 44.31 45.72 8.03
CA ASN H 122 45.10 46.96 8.24
C ASN H 122 46.20 46.70 9.25
N ALA H 123 46.81 47.77 9.79
CA ALA H 123 47.84 47.60 10.84
C ALA H 123 47.17 47.13 12.12
N THR H 124 45.88 47.44 12.28
CA THR H 124 45.11 46.96 13.46
C THR H 124 44.75 45.48 13.26
N ASN H 125 43.63 45.20 12.59
CA ASN H 125 43.18 43.79 12.45
C ASN H 125 42.34 43.60 11.19
N VAL H 126 41.47 42.58 11.19
CA VAL H 126 40.65 42.25 9.98
C VAL H 126 39.27 42.90 10.10
N VAL H 127 38.80 43.57 9.04
CA VAL H 127 37.43 44.15 9.04
C VAL H 127 36.63 43.49 7.91
N ILE H 128 35.69 42.60 8.27
CA ILE H 128 34.83 41.94 7.25
C ILE H 128 33.52 42.73 7.15
N LYS H 129 33.03 42.99 5.93
CA LYS H 129 31.83 43.84 5.78
C LYS H 129 31.10 43.49 4.48
N VAL H 130 29.85 43.03 4.55
CA VAL H 130 29.07 42.79 3.31
C VAL H 130 28.05 43.91 3.13
N CYS H 131 28.42 44.95 2.36
CA CYS H 131 27.50 46.09 2.12
C CYS H 131 27.59 46.48 0.64
N GLU H 132 26.68 47.34 0.18
CA GLU H 132 26.79 47.86 -1.20
C GLU H 132 27.83 48.97 -1.16
N PHE H 133 29.03 48.71 -1.69
CA PHE H 133 30.13 49.71 -1.58
C PHE H 133 30.30 50.47 -2.88
N GLN H 134 31.36 51.28 -2.98
CA GLN H 134 31.65 51.97 -4.26
C GLN H 134 33.11 51.70 -4.62
N PHE H 135 33.47 50.42 -4.80
CA PHE H 135 34.87 50.04 -5.11
C PHE H 135 35.38 50.84 -6.31
N CYS H 136 36.63 51.28 -6.26
CA CYS H 136 37.21 52.06 -7.38
C CYS H 136 37.77 51.12 -8.44
N ASN H 137 38.24 51.66 -9.56
CA ASN H 137 38.87 50.79 -10.60
C ASN H 137 40.15 50.17 -10.01
N ASP H 138 40.84 50.92 -9.14
CA ASP H 138 42.02 50.35 -8.45
C ASP H 138 41.80 50.44 -6.94
N PRO H 139 41.15 49.45 -6.29
CA PRO H 139 40.86 49.50 -4.87
C PRO H 139 42.07 49.04 -4.02
N PHE H 140 42.79 49.99 -3.43
CA PHE H 140 44.00 49.62 -2.64
C PHE H 140 44.15 50.54 -1.43
N LEU H 141 45.34 50.55 -0.81
CA LEU H 141 45.62 51.49 0.31
C LEU H 141 47.06 51.98 0.16
N GLY H 142 47.37 53.17 0.68
CA GLY H 142 48.73 53.72 0.58
C GLY H 142 49.55 53.40 1.83
N VAL H 143 50.77 53.94 1.91
CA VAL H 143 51.66 53.71 3.10
C VAL H 143 52.57 54.93 3.28
N MET H 153 52.98 58.99 8.76
CA MET H 153 52.19 58.98 7.49
C MET H 153 51.11 57.91 7.57
N GLU H 154 51.35 56.73 6.98
CA GLU H 154 50.38 55.59 7.00
C GLU H 154 49.01 56.06 6.51
N SER H 155 48.97 56.95 5.52
CA SER H 155 47.68 57.40 4.93
C SER H 155 47.17 56.28 4.02
N GLU H 156 46.07 55.62 4.39
CA GLU H 156 45.63 54.44 3.60
C GLU H 156 44.12 54.47 3.35
N PHE H 157 43.56 53.35 2.85
CA PHE H 157 42.10 53.20 2.59
C PHE H 157 41.60 54.03 1.40
N ARG H 158 41.58 53.43 0.21
CA ARG H 158 41.01 54.10 -0.98
C ARG H 158 39.97 53.14 -1.55
N VAL H 159 40.03 51.87 -1.13
CA VAL H 159 39.11 50.78 -1.62
C VAL H 159 37.79 51.32 -2.17
N TYR H 160 36.90 51.83 -1.31
CA TYR H 160 35.58 52.27 -1.80
C TYR H 160 35.28 53.71 -1.36
N SER H 161 34.07 54.20 -1.68
CA SER H 161 33.67 55.57 -1.26
C SER H 161 32.34 55.50 -0.51
N SER H 162 31.56 54.43 -0.74
CA SER H 162 30.22 54.32 -0.10
C SER H 162 30.14 53.02 0.70
N ALA H 163 29.17 52.91 1.63
CA ALA H 163 28.99 51.70 2.45
C ALA H 163 27.51 51.57 2.84
N ASN H 164 26.61 51.50 1.85
CA ASN H 164 25.15 51.49 2.15
C ASN H 164 24.63 50.07 2.29
N ASN H 165 23.47 49.89 2.93
CA ASN H 165 22.85 48.54 3.12
C ASN H 165 23.86 47.59 3.74
N CYS H 166 24.35 47.90 4.93
CA CYS H 166 25.39 47.05 5.58
C CYS H 166 24.71 45.90 6.34
N THR H 167 24.71 44.70 5.74
CA THR H 167 24.10 43.52 6.40
C THR H 167 25.09 42.96 7.42
N PHE H 168 26.29 42.57 6.96
CA PHE H 168 27.29 41.95 7.87
C PHE H 168 28.39 42.97 8.19
N GLU H 169 28.83 43.02 9.45
CA GLU H 169 29.96 43.92 9.85
C GLU H 169 30.74 43.27 10.99
N TYR H 170 32.03 43.00 10.77
CA TYR H 170 32.89 42.39 11.82
C TYR H 170 34.14 43.25 11.97
N VAL H 171 34.63 43.43 13.20
CA VAL H 171 35.91 44.17 13.43
C VAL H 171 36.66 43.50 14.58
N SER H 172 37.98 43.61 14.62
CA SER H 172 38.79 43.02 15.73
C SER H 172 39.79 44.06 16.24
N LYS H 187 60.52 33.37 4.10
CA LYS H 187 59.47 34.30 4.61
C LYS H 187 58.31 33.49 5.20
N ASN H 188 57.07 33.79 4.78
CA ASN H 188 55.88 33.03 5.28
C ASN H 188 54.92 32.79 4.11
N LEU H 189 54.67 31.52 3.77
CA LEU H 189 53.68 31.19 2.71
C LEU H 189 52.30 31.14 3.37
N ARG H 190 51.32 31.85 2.79
CA ARG H 190 49.96 31.90 3.38
C ARG H 190 48.97 31.36 2.34
N GLU H 191 48.70 30.05 2.37
CA GLU H 191 47.69 29.47 1.44
C GLU H 191 46.29 29.81 1.96
N PHE H 192 45.35 30.09 1.04
CA PHE H 192 43.95 30.40 1.45
C PHE H 192 43.00 29.68 0.51
N VAL H 193 41.93 29.08 1.04
CA VAL H 193 40.91 28.44 0.16
C VAL H 193 39.55 29.10 0.44
N PHE H 194 38.98 29.77 -0.56
CA PHE H 194 37.66 30.43 -0.38
C PHE H 194 36.58 29.53 -0.98
N LYS H 195 35.35 29.59 -0.45
CA LYS H 195 34.26 28.69 -0.93
C LYS H 195 32.92 29.18 -0.40
N ASN H 196 31.97 29.52 -1.28
CA ASN H 196 30.61 29.96 -0.85
C ASN H 196 29.57 28.91 -1.25
N ILE H 197 29.51 27.79 -0.52
CA ILE H 197 28.49 26.75 -0.81
C ILE H 197 27.26 27.00 0.06
N ASP H 198 26.09 27.22 -0.55
CA ASP H 198 24.82 27.47 0.20
C ASP H 198 24.97 28.70 1.09
N GLY H 199 25.52 29.79 0.55
CA GLY H 199 25.63 31.05 1.31
C GLY H 199 26.58 30.95 2.49
N TYR H 200 27.44 29.93 2.51
CA TYR H 200 28.39 29.73 3.64
C TYR H 200 29.80 29.98 3.12
N PHE H 201 30.38 31.14 3.44
CA PHE H 201 31.75 31.47 2.95
C PHE H 201 32.79 30.80 3.84
N LYS H 202 33.04 29.50 3.62
CA LYS H 202 34.06 28.76 4.41
C LYS H 202 35.45 29.16 3.93
N ILE H 203 36.21 29.87 4.76
CA ILE H 203 37.61 30.23 4.41
C ILE H 203 38.50 29.16 5.04
N TYR H 204 39.55 28.72 4.34
CA TYR H 204 40.51 27.75 4.91
C TYR H 204 41.88 28.43 4.84
N SER H 205 42.78 28.18 5.80
CA SER H 205 44.06 28.93 5.81
C SER H 205 45.24 28.03 6.22
N LYS H 206 46.43 28.31 5.68
CA LYS H 206 47.65 27.55 6.06
C LYS H 206 48.83 28.52 6.10
N HIS H 207 49.23 28.97 7.29
CA HIS H 207 50.36 29.92 7.44
C HIS H 207 51.65 29.11 7.67
N THR H 208 52.27 28.62 6.60
CA THR H 208 53.51 27.81 6.73
C THR H 208 54.73 28.66 6.38
N PRO H 209 55.60 29.01 7.36
CA PRO H 209 56.80 29.81 7.08
C PRO H 209 57.72 29.12 6.06
N ILE H 210 58.11 29.85 5.01
CA ILE H 210 58.99 29.26 3.95
C ILE H 210 60.43 29.71 4.16
N ASN H 211 61.34 29.22 3.31
CA ASN H 211 62.77 29.64 3.39
C ASN H 211 63.10 30.42 2.11
N LEU H 212 62.08 30.68 1.27
CA LEU H 212 62.28 31.41 0.00
C LEU H 212 61.89 32.88 0.18
N VAL H 213 61.47 33.53 -0.90
CA VAL H 213 61.03 34.96 -0.82
C VAL H 213 59.59 35.03 -1.35
N ARG H 214 59.40 34.79 -2.65
CA ARG H 214 58.04 34.90 -3.25
C ARG H 214 57.82 33.74 -4.23
N ASP H 215 58.38 32.56 -3.93
CA ASP H 215 58.29 31.42 -4.89
C ASP H 215 57.50 30.26 -4.27
N LEU H 216 56.74 29.52 -5.09
CA LEU H 216 55.92 28.38 -4.59
C LEU H 216 56.83 27.20 -4.26
N PRO H 217 56.85 26.72 -2.99
CA PRO H 217 57.72 25.61 -2.60
C PRO H 217 57.13 24.22 -2.91
N GLN H 218 57.96 23.18 -2.76
CA GLN H 218 57.47 21.79 -2.99
C GLN H 218 57.25 21.13 -1.62
N GLY H 219 56.08 20.51 -1.42
CA GLY H 219 55.76 19.91 -0.11
C GLY H 219 54.26 19.78 0.07
N PHE H 220 53.82 19.36 1.26
CA PHE H 220 52.36 19.14 1.50
C PHE H 220 51.87 20.09 2.60
N SER H 221 50.60 20.51 2.54
CA SER H 221 50.01 21.38 3.60
C SER H 221 48.51 21.13 3.71
N ALA H 222 48.02 20.87 4.93
CA ALA H 222 46.58 20.62 5.16
C ALA H 222 45.92 21.89 5.72
N LEU H 223 45.23 22.66 4.88
CA LEU H 223 44.61 23.93 5.32
C LEU H 223 43.57 23.65 6.41
N GLU H 224 43.74 24.27 7.58
CA GLU H 224 42.79 24.06 8.70
C GLU H 224 41.63 25.05 8.56
N PRO H 225 40.36 24.58 8.49
CA PRO H 225 39.19 25.47 8.35
C PRO H 225 39.23 26.69 9.28
N LEU H 226 38.98 27.88 8.73
CA LEU H 226 39.07 29.12 9.54
C LEU H 226 37.67 29.72 9.78
N VAL H 227 37.31 30.78 9.06
CA VAL H 227 36.01 31.46 9.32
C VAL H 227 34.93 30.95 8.36
N ASP H 228 33.67 30.95 8.81
CA ASP H 228 32.55 30.59 7.90
C ASP H 228 31.49 31.68 8.02
N LEU H 229 31.26 32.43 6.94
CA LEU H 229 30.29 33.56 6.99
C LEU H 229 28.95 33.11 6.42
N PRO H 230 27.89 32.98 7.25
CA PRO H 230 26.55 32.60 6.78
C PRO H 230 25.76 33.83 6.32
N ILE H 231 26.30 34.57 5.36
CA ILE H 231 25.62 35.83 4.91
C ILE H 231 24.72 35.51 3.72
N GLY H 232 25.24 34.81 2.71
CA GLY H 232 24.45 34.51 1.50
C GLY H 232 24.63 35.59 0.45
N ILE H 233 25.84 35.73 -0.09
CA ILE H 233 26.10 36.75 -1.15
C ILE H 233 26.61 36.02 -2.40
N ASN H 234 26.13 36.42 -3.59
CA ASN H 234 26.60 35.80 -4.85
C ASN H 234 28.04 36.24 -5.12
N ILE H 235 29.00 35.31 -5.02
CA ILE H 235 30.42 35.66 -5.36
C ILE H 235 30.73 35.06 -6.73
N THR H 236 30.78 35.90 -7.77
CA THR H 236 31.13 35.43 -9.13
C THR H 236 32.46 36.04 -9.55
N ARG H 237 32.97 37.01 -8.78
CA ARG H 237 34.26 37.66 -9.10
C ARG H 237 34.95 38.03 -7.80
N PHE H 238 36.23 38.45 -7.86
CA PHE H 238 36.99 38.81 -6.65
C PHE H 238 38.26 39.58 -7.06
N GLN H 239 38.80 40.40 -6.15
CA GLN H 239 40.07 41.11 -6.46
C GLN H 239 40.98 41.08 -5.22
N THR H 240 42.18 41.67 -5.32
CA THR H 240 43.15 41.63 -4.20
C THR H 240 43.51 43.06 -3.77
N LEU H 241 43.31 43.39 -2.49
CA LEU H 241 43.71 44.73 -1.98
C LEU H 241 45.19 44.67 -1.63
N LEU H 242 45.98 45.65 -2.10
CA LEU H 242 47.44 45.60 -1.87
C LEU H 242 47.91 46.91 -1.21
N ALA H 243 49.05 46.87 -0.52
CA ALA H 243 49.61 48.09 0.11
C ALA H 243 50.59 48.74 -0.85
N LEU H 244 50.37 50.01 -1.19
CA LEU H 244 51.26 50.72 -2.16
C LEU H 244 52.41 51.39 -1.40
N HIS H 245 53.27 52.14 -2.11
CA HIS H 245 54.47 52.73 -1.46
C HIS H 245 54.39 54.25 -1.47
N ARG H 246 54.41 54.87 -0.28
CA ARG H 246 54.43 56.36 -0.20
C ARG H 246 55.67 56.77 0.58
N SER H 247 56.15 55.88 1.47
CA SER H 247 57.35 56.18 2.29
C SER H 247 58.54 55.35 1.79
N ALA H 264 53.98 39.01 -4.33
CA ALA H 264 53.64 38.02 -5.39
C ALA H 264 52.70 36.96 -4.81
N TYR H 265 51.55 36.73 -5.47
CA TYR H 265 50.59 35.71 -4.99
C TYR H 265 50.29 34.70 -6.11
N TYR H 266 49.50 33.67 -5.80
CA TYR H 266 49.15 32.63 -6.79
C TYR H 266 47.62 32.43 -6.75
N VAL H 267 47.00 32.28 -7.92
CA VAL H 267 45.53 32.07 -7.98
C VAL H 267 45.23 30.71 -8.61
N GLY H 268 44.54 29.83 -7.87
CA GLY H 268 44.13 28.53 -8.44
C GLY H 268 42.63 28.37 -8.28
N TYR H 269 42.03 27.39 -8.95
CA TYR H 269 40.57 27.14 -8.82
C TYR H 269 40.33 25.69 -8.37
N LEU H 270 39.46 25.51 -7.38
CA LEU H 270 39.20 24.15 -6.84
C LEU H 270 38.30 23.38 -7.80
N GLN H 271 38.50 22.06 -7.90
CA GLN H 271 37.67 21.23 -8.81
C GLN H 271 37.15 20.02 -8.02
N PRO H 272 35.94 19.49 -8.30
CA PRO H 272 35.46 18.28 -7.63
C PRO H 272 36.49 17.15 -7.82
N ARG H 273 37.23 16.80 -6.77
CA ARG H 273 38.30 15.79 -6.92
C ARG H 273 38.21 14.75 -5.82
N THR H 274 38.29 13.46 -6.17
CA THR H 274 38.27 12.39 -5.15
C THR H 274 39.68 12.27 -4.55
N PHE H 275 39.79 12.41 -3.23
CA PHE H 275 41.14 12.43 -2.60
C PHE H 275 41.24 11.37 -1.50
N LEU H 276 42.12 10.39 -1.68
CA LEU H 276 42.36 9.37 -0.61
C LEU H 276 43.13 10.07 0.52
N LEU H 277 42.43 10.62 1.50
CA LEU H 277 43.10 11.44 2.56
C LEU H 277 43.74 10.53 3.62
N LYS H 278 45.07 10.44 3.64
CA LYS H 278 45.75 9.66 4.70
C LYS H 278 45.88 10.54 5.95
N TYR H 279 45.35 10.10 7.08
CA TYR H 279 45.37 10.91 8.32
C TYR H 279 46.46 10.42 9.26
N ASN H 280 46.60 11.07 10.42
CA ASN H 280 47.60 10.62 11.44
C ASN H 280 46.83 10.28 12.71
N GLU H 281 47.50 9.72 13.72
CA GLU H 281 46.84 9.44 15.02
C GLU H 281 46.45 10.78 15.67
N ASN H 282 47.13 11.87 15.31
CA ASN H 282 46.80 13.22 15.85
C ASN H 282 45.72 13.87 14.98
N GLY H 283 45.27 13.18 13.94
CA GLY H 283 44.15 13.69 13.10
C GLY H 283 44.62 14.55 11.94
N THR H 284 45.93 14.60 11.69
CA THR H 284 46.46 15.52 10.65
C THR H 284 46.52 14.83 9.28
N ILE H 285 46.07 15.49 8.21
CA ILE H 285 46.23 14.89 6.86
C ILE H 285 47.73 14.96 6.54
N THR H 286 48.45 13.87 6.75
CA THR H 286 49.88 13.85 6.46
C THR H 286 50.20 13.63 4.99
N ASP H 287 49.39 12.87 4.27
CA ASP H 287 49.62 12.59 2.86
C ASP H 287 48.26 12.44 2.18
N ALA H 288 48.26 12.55 0.86
CA ALA H 288 47.04 12.41 0.09
C ALA H 288 47.35 11.83 -1.29
N VAL H 289 46.32 11.25 -1.90
CA VAL H 289 46.40 10.73 -3.25
C VAL H 289 45.27 11.33 -4.06
N ASP H 290 45.60 11.88 -5.23
CA ASP H 290 44.59 12.34 -6.18
C ASP H 290 44.25 11.20 -7.12
N CYS H 291 43.04 10.66 -6.98
CA CYS H 291 42.63 9.43 -7.66
C CYS H 291 42.39 9.63 -9.16
N ALA H 292 42.70 10.80 -9.72
CA ALA H 292 42.48 11.02 -11.14
C ALA H 292 43.72 11.51 -11.87
N LEU H 293 44.92 11.31 -11.32
CA LEU H 293 46.14 11.80 -11.98
C LEU H 293 46.63 10.80 -13.03
N ASP H 294 46.94 9.58 -12.61
CA ASP H 294 47.57 8.59 -13.48
C ASP H 294 47.04 7.23 -13.12
N PRO H 295 47.32 6.20 -13.95
CA PRO H 295 46.80 4.86 -13.63
C PRO H 295 47.23 4.35 -12.26
N LEU H 296 48.44 4.70 -11.82
CA LEU H 296 48.91 4.24 -10.52
C LEU H 296 48.09 4.82 -9.37
N SER H 297 47.75 6.11 -9.45
CA SER H 297 46.93 6.71 -8.40
C SER H 297 45.55 6.11 -8.39
N GLU H 298 44.98 5.84 -9.55
CA GLU H 298 43.68 5.18 -9.61
C GLU H 298 43.76 3.77 -9.04
N THR H 299 44.86 3.05 -9.26
CA THR H 299 45.07 1.74 -8.66
C THR H 299 45.14 1.83 -7.14
N LYS H 300 45.91 2.81 -6.64
CA LYS H 300 45.96 3.05 -5.20
C LYS H 300 44.57 3.32 -4.65
N CYS H 301 43.78 4.11 -5.37
CA CYS H 301 42.46 4.50 -4.89
C CYS H 301 41.52 3.31 -4.90
N THR H 302 41.64 2.45 -5.91
CA THR H 302 40.83 1.23 -5.97
C THR H 302 41.18 0.30 -4.81
N LEU H 303 42.46 0.16 -4.49
CA LEU H 303 42.83 -0.72 -3.39
C LEU H 303 42.70 -0.07 -2.02
N LYS H 304 42.56 1.25 -1.96
CA LYS H 304 42.54 2.02 -0.71
C LYS H 304 43.83 1.81 0.09
N SER H 305 44.95 2.11 -0.57
CA SER H 305 46.26 1.87 0.03
C SER H 305 47.27 2.82 -0.60
N PHE H 306 48.46 2.85 0.00
CA PHE H 306 49.57 3.62 -0.53
C PHE H 306 50.71 2.76 -1.04
N THR H 307 50.65 1.44 -0.84
CA THR H 307 51.61 0.50 -1.40
C THR H 307 50.86 -0.59 -2.15
N VAL H 308 51.00 -0.59 -3.48
CA VAL H 308 50.43 -1.62 -4.34
C VAL H 308 51.52 -2.64 -4.66
N GLU H 309 51.24 -3.91 -4.37
CA GLU H 309 52.14 -5.00 -4.70
C GLU H 309 51.89 -5.49 -6.12
N LYS H 310 52.80 -6.34 -6.62
CA LYS H 310 52.72 -6.77 -8.01
C LYS H 310 51.50 -7.67 -8.26
N GLY H 311 50.94 -7.53 -9.45
CA GLY H 311 49.71 -8.20 -9.83
C GLY H 311 49.13 -7.56 -11.08
N ILE H 312 47.85 -7.79 -11.31
CA ILE H 312 47.12 -7.04 -12.33
C ILE H 312 45.73 -6.71 -11.79
N TYR H 313 45.35 -5.43 -11.86
CA TYR H 313 44.18 -4.92 -11.18
C TYR H 313 43.24 -4.27 -12.17
N GLN H 314 41.99 -4.73 -12.20
CA GLN H 314 40.96 -4.00 -12.92
C GLN H 314 40.69 -2.71 -12.17
N THR H 315 40.70 -1.60 -12.88
CA THR H 315 40.66 -0.29 -12.26
C THR H 315 39.45 0.55 -12.65
N SER H 316 39.04 0.50 -13.92
CA SER H 316 37.84 1.19 -14.37
C SER H 316 37.37 0.62 -15.70
N ASN H 317 36.44 1.33 -16.35
CA ASN H 317 35.87 0.86 -17.60
C ASN H 317 36.02 1.94 -18.66
N PHE H 318 36.05 1.51 -19.92
CA PHE H 318 36.13 2.39 -21.07
C PHE H 318 34.84 2.26 -21.87
N ARG H 319 34.15 3.38 -22.05
CA ARG H 319 32.83 3.43 -22.67
C ARG H 319 32.85 4.54 -23.71
N VAL H 320 32.71 4.16 -24.99
CA VAL H 320 32.73 5.13 -26.08
C VAL H 320 31.53 6.06 -25.96
N GLN H 321 31.72 7.34 -26.31
CA GLN H 321 30.66 8.29 -26.04
C GLN H 321 29.86 8.63 -27.28
N PRO H 322 28.53 8.73 -27.14
CA PRO H 322 27.70 9.20 -28.24
C PRO H 322 27.42 10.69 -28.21
N THR H 323 27.32 11.28 -29.39
CA THR H 323 26.94 12.66 -29.62
C THR H 323 25.78 12.66 -30.60
N GLU H 324 24.98 13.76 -30.63
CA GLU H 324 23.95 14.03 -31.65
C GLU H 324 22.82 13.00 -31.84
N SER H 325 21.77 13.06 -31.02
CA SER H 325 20.56 12.26 -31.24
C SER H 325 19.99 12.47 -32.66
N ILE H 326 20.03 11.42 -33.50
CA ILE H 326 19.37 11.44 -34.80
C ILE H 326 17.98 10.84 -34.64
N VAL H 327 16.97 11.50 -35.21
CA VAL H 327 15.58 11.23 -34.83
C VAL H 327 14.79 10.98 -36.12
N ARG H 328 14.36 9.72 -36.32
CA ARG H 328 13.93 9.24 -37.63
C ARG H 328 12.47 8.81 -37.68
N PHE H 329 11.60 9.64 -38.29
CA PHE H 329 10.14 9.36 -38.15
C PHE H 329 9.31 9.94 -39.29
N PRO H 330 8.10 9.40 -39.58
CA PRO H 330 7.21 10.01 -40.57
C PRO H 330 6.62 11.35 -40.07
N ASN H 331 5.97 12.11 -40.94
CA ASN H 331 5.43 13.45 -40.55
C ASN H 331 4.13 13.30 -39.74
N ILE H 332 3.68 14.39 -39.10
CA ILE H 332 2.44 14.35 -38.26
C ILE H 332 1.22 14.74 -39.10
N THR H 333 0.23 15.36 -38.45
CA THR H 333 -1.10 15.64 -39.06
C THR H 333 -1.59 17.02 -38.60
N ASN H 334 -2.86 17.13 -38.21
CA ASN H 334 -3.44 18.44 -37.82
C ASN H 334 -3.81 18.39 -36.33
N LEU H 335 -4.04 19.55 -35.70
CA LEU H 335 -4.36 19.62 -34.25
C LEU H 335 -5.53 18.67 -33.93
N CYS H 336 -5.45 17.94 -32.80
CA CYS H 336 -6.55 17.05 -32.38
C CYS H 336 -7.79 17.89 -32.05
N PRO H 337 -9.02 17.43 -32.33
CA PRO H 337 -10.22 18.15 -31.90
C PRO H 337 -10.37 18.01 -30.37
N PHE H 338 -9.61 18.80 -29.62
CA PHE H 338 -9.67 18.75 -28.13
C PHE H 338 -10.41 20.00 -27.65
N GLY H 339 -10.21 21.12 -28.35
CA GLY H 339 -10.91 22.33 -27.99
C GLY H 339 -12.41 22.17 -27.95
N GLU H 340 -12.97 21.48 -28.96
CA GLU H 340 -14.42 21.39 -29.03
C GLU H 340 -15.00 20.48 -27.94
N VAL H 341 -14.35 19.35 -27.64
CA VAL H 341 -14.86 18.51 -26.57
C VAL H 341 -14.74 19.22 -25.24
N PHE H 342 -13.64 19.93 -25.01
CA PHE H 342 -13.57 20.70 -23.78
C PHE H 342 -14.57 21.86 -23.79
N ASN H 343 -15.09 22.22 -24.97
CA ASN H 343 -16.05 23.31 -25.08
C ASN H 343 -17.37 22.87 -25.69
N ALA H 344 -17.66 21.57 -25.71
CA ALA H 344 -18.97 21.12 -26.14
C ALA H 344 -20.03 21.65 -25.18
N THR H 345 -21.15 22.11 -25.74
CA THR H 345 -22.14 22.80 -24.94
C THR H 345 -22.93 21.84 -24.05
N ARG H 346 -23.27 20.65 -24.54
CA ARG H 346 -24.00 19.65 -23.77
C ARG H 346 -23.09 18.46 -23.50
N PHE H 347 -22.88 18.15 -22.22
CA PHE H 347 -22.27 16.89 -21.86
C PHE H 347 -23.31 15.86 -21.48
N ALA H 348 -22.96 14.61 -21.70
CA ALA H 348 -23.86 13.52 -21.38
C ALA H 348 -23.79 13.21 -19.88
N SER H 349 -24.85 12.58 -19.39
CA SER H 349 -24.83 12.11 -18.02
C SER H 349 -23.92 10.89 -17.90
N VAL H 350 -23.63 10.51 -16.66
CA VAL H 350 -22.60 9.50 -16.42
C VAL H 350 -22.96 8.18 -17.07
N TYR H 351 -24.18 7.69 -16.83
CA TYR H 351 -24.55 6.38 -17.35
C TYR H 351 -24.45 6.34 -18.87
N ALA H 352 -24.83 7.42 -19.54
CA ALA H 352 -24.64 7.55 -20.98
C ALA H 352 -23.38 8.33 -21.33
N TRP H 353 -22.23 7.96 -20.78
CA TRP H 353 -21.01 8.63 -21.20
C TRP H 353 -20.66 8.23 -22.63
N ASN H 354 -20.00 9.13 -23.34
CA ASN H 354 -19.70 8.91 -24.76
C ASN H 354 -18.21 9.00 -25.00
N ARG H 355 -17.76 8.32 -26.04
CA ARG H 355 -16.35 8.27 -26.38
C ARG H 355 -16.08 9.06 -27.65
N LYS H 356 -14.80 9.30 -27.89
CA LYS H 356 -14.37 9.65 -29.23
C LYS H 356 -13.14 8.82 -29.59
N ARG H 357 -13.24 8.15 -30.72
CA ARG H 357 -12.17 7.46 -31.43
C ARG H 357 -11.18 8.43 -32.03
N ILE H 358 -10.45 9.11 -31.17
CA ILE H 358 -9.63 10.22 -31.61
C ILE H 358 -8.25 9.69 -31.96
N SER H 359 -7.79 9.99 -33.17
CA SER H 359 -6.55 9.43 -33.68
C SER H 359 -6.10 10.26 -34.88
N ASN H 360 -4.86 10.02 -35.31
CA ASN H 360 -4.28 10.69 -36.47
C ASN H 360 -4.39 12.21 -36.34
N CYS H 361 -3.81 12.72 -35.27
CA CYS H 361 -3.91 14.13 -34.96
C CYS H 361 -2.75 14.49 -34.07
N VAL H 362 -2.87 15.66 -33.43
CA VAL H 362 -1.76 16.33 -32.79
C VAL H 362 -2.23 16.99 -31.52
N ALA H 363 -2.03 16.31 -30.41
CA ALA H 363 -2.24 16.93 -29.13
C ALA H 363 -1.36 18.15 -28.98
N ASP H 364 -1.70 18.97 -28.00
CA ASP H 364 -0.78 19.99 -27.52
C ASP H 364 -1.29 20.27 -26.10
N TYR H 365 -0.59 19.72 -25.14
CA TYR H 365 -1.06 19.71 -23.77
C TYR H 365 -0.66 20.94 -22.99
N SER H 366 -0.01 21.91 -23.63
CA SER H 366 0.43 23.10 -22.93
C SER H 366 -0.76 23.84 -22.32
N VAL H 367 -1.64 24.37 -23.17
CA VAL H 367 -2.75 25.18 -22.68
C VAL H 367 -3.71 24.32 -21.88
N LEU H 368 -3.92 23.07 -22.31
CA LEU H 368 -4.72 22.14 -21.53
C LEU H 368 -4.20 22.00 -20.11
N TYR H 369 -2.89 22.06 -19.96
CA TYR H 369 -2.26 21.90 -18.66
C TYR H 369 -2.34 23.17 -17.84
N ASN H 370 -2.11 24.32 -18.47
CA ASN H 370 -2.09 25.60 -17.78
C ASN H 370 -3.21 26.52 -18.26
N SER H 371 -4.41 25.97 -18.45
CA SER H 371 -5.57 26.80 -18.69
C SER H 371 -5.98 27.59 -17.46
N ALA H 372 -5.42 27.25 -16.29
CA ALA H 372 -5.66 27.98 -15.04
C ALA H 372 -7.13 27.99 -14.66
N SER H 373 -7.87 26.97 -15.09
CA SER H 373 -9.29 26.88 -14.79
C SER H 373 -9.71 25.51 -14.27
N PHE H 374 -8.86 24.50 -14.33
CA PHE H 374 -9.26 23.12 -14.10
C PHE H 374 -9.10 22.79 -12.63
N SER H 375 -10.23 22.69 -11.92
CA SER H 375 -10.21 22.44 -10.49
C SER H 375 -9.54 21.12 -10.13
N THR H 376 -9.46 20.18 -11.07
CA THR H 376 -8.92 18.86 -10.77
C THR H 376 -8.25 18.30 -12.03
N PHE H 377 -6.95 18.49 -12.14
CA PHE H 377 -6.13 17.82 -13.15
C PHE H 377 -5.27 16.77 -12.45
N LYS H 378 -5.43 15.51 -12.82
CA LYS H 378 -4.57 14.51 -12.21
C LYS H 378 -4.50 13.32 -13.15
N CYS H 379 -3.51 12.44 -12.95
CA CYS H 379 -3.61 11.16 -13.64
C CYS H 379 -2.57 10.15 -13.19
N TYR H 380 -2.81 8.92 -13.65
CA TYR H 380 -2.09 7.68 -13.39
C TYR H 380 -1.75 7.02 -14.71
N GLY H 381 -1.13 5.83 -14.60
CA GLY H 381 -0.62 5.03 -15.71
C GLY H 381 0.54 5.82 -16.24
N VAL H 382 0.29 7.06 -15.98
CA VAL H 382 1.07 8.24 -16.16
C VAL H 382 0.57 9.30 -15.17
N SER H 383 0.52 10.56 -15.59
CA SER H 383 1.56 11.44 -15.16
C SER H 383 1.22 12.92 -15.56
N PRO H 384 1.89 13.98 -15.02
CA PRO H 384 1.71 15.36 -15.61
C PRO H 384 2.71 16.07 -16.67
N THR H 385 3.99 15.74 -17.00
CA THR H 385 4.74 16.78 -17.77
C THR H 385 5.27 16.48 -19.19
N LYS H 386 6.24 15.59 -19.46
CA LYS H 386 6.69 15.45 -20.87
C LYS H 386 5.54 14.95 -21.74
N LEU H 387 4.31 14.82 -21.18
CA LEU H 387 3.11 14.39 -21.93
C LEU H 387 3.17 15.02 -23.29
N ASN H 388 3.64 16.27 -23.36
CA ASN H 388 3.63 17.03 -24.63
C ASN H 388 4.39 16.34 -25.77
N ASP H 389 5.44 15.56 -25.47
CA ASP H 389 6.28 14.98 -26.55
C ASP H 389 5.96 13.50 -26.80
N LEU H 390 5.38 12.80 -25.83
CA LEU H 390 5.17 11.34 -25.98
C LEU H 390 4.18 11.04 -27.11
N CYS H 391 4.30 9.87 -27.76
CA CYS H 391 3.36 9.48 -28.84
C CYS H 391 2.52 8.27 -28.42
N PHE H 392 1.28 8.16 -28.89
CA PHE H 392 0.36 7.10 -28.41
C PHE H 392 -0.34 6.39 -29.57
N THR H 393 -0.53 5.07 -29.49
CA THR H 393 -1.09 4.28 -30.57
C THR H 393 -2.47 4.80 -30.93
N ASN H 394 -3.33 4.87 -29.93
CA ASN H 394 -4.71 5.32 -30.03
C ASN H 394 -5.16 5.85 -28.68
N VAL H 395 -6.03 6.84 -28.71
CA VAL H 395 -6.38 7.62 -27.54
C VAL H 395 -7.88 7.69 -27.44
N TYR H 396 -8.41 7.55 -26.22
CA TYR H 396 -9.83 7.76 -26.01
C TYR H 396 -10.05 8.97 -25.15
N ALA H 397 -11.12 9.69 -25.44
CA ALA H 397 -11.65 10.64 -24.49
C ALA H 397 -13.11 10.36 -24.28
N ASP H 398 -13.52 10.42 -23.03
CA ASP H 398 -14.89 10.25 -22.60
C ASP H 398 -15.27 11.46 -21.77
N SER H 399 -16.56 11.71 -21.68
CA SER H 399 -16.99 12.85 -20.90
C SER H 399 -18.31 12.52 -20.24
N PHE H 400 -18.56 13.21 -19.14
CA PHE H 400 -19.83 13.13 -18.43
C PHE H 400 -19.83 14.27 -17.43
N VAL H 401 -20.88 14.33 -16.63
CA VAL H 401 -20.99 15.32 -15.57
C VAL H 401 -21.43 14.62 -14.31
N ILE H 402 -20.93 15.09 -13.18
CA ILE H 402 -20.97 14.33 -11.95
C ILE H 402 -21.23 15.29 -10.79
N ARG H 403 -21.82 14.77 -9.72
CA ARG H 403 -21.99 15.60 -8.54
C ARG H 403 -20.62 16.04 -8.03
N GLY H 404 -20.62 17.12 -7.26
CA GLY H 404 -19.39 17.73 -6.80
C GLY H 404 -18.47 16.81 -6.03
N ASP H 405 -18.93 16.36 -4.86
CA ASP H 405 -18.03 15.65 -3.95
C ASP H 405 -17.61 14.30 -4.50
N GLU H 406 -18.45 13.66 -5.32
CA GLU H 406 -18.15 12.32 -5.80
C GLU H 406 -17.06 12.30 -6.87
N VAL H 407 -16.38 13.42 -7.15
CA VAL H 407 -15.37 13.45 -8.21
C VAL H 407 -14.23 12.48 -7.92
N ARG H 408 -13.83 12.36 -6.66
CA ARG H 408 -12.74 11.45 -6.32
C ARG H 408 -13.08 10.03 -6.74
N GLN H 409 -14.38 9.76 -6.88
CA GLN H 409 -14.87 8.45 -7.26
C GLN H 409 -14.45 8.03 -8.67
N ILE H 410 -13.98 8.95 -9.50
CA ILE H 410 -13.45 8.58 -10.82
C ILE H 410 -11.94 8.51 -10.67
N ALA H 411 -11.49 7.36 -10.26
CA ALA H 411 -10.08 7.05 -10.19
C ALA H 411 -10.02 5.54 -10.02
N PRO H 412 -9.00 4.87 -10.51
CA PRO H 412 -8.75 3.52 -10.02
C PRO H 412 -8.48 3.62 -8.53
N GLY H 413 -9.33 2.97 -7.73
CA GLY H 413 -9.16 3.11 -6.30
C GLY H 413 -10.30 3.01 -5.30
N GLN H 414 -11.57 2.90 -5.71
CA GLN H 414 -12.62 3.12 -4.71
C GLN H 414 -13.97 2.53 -5.09
N THR H 415 -14.92 2.74 -4.17
CA THR H 415 -16.35 2.58 -4.38
C THR H 415 -17.04 3.91 -4.17
N GLY H 416 -18.27 3.99 -4.64
CA GLY H 416 -19.10 5.16 -4.51
C GLY H 416 -20.21 4.96 -5.50
N LYS H 417 -21.45 5.23 -5.08
CA LYS H 417 -22.61 4.81 -5.85
C LYS H 417 -22.48 5.15 -7.33
N ILE H 418 -21.69 6.17 -7.66
CA ILE H 418 -21.50 6.54 -9.05
C ILE H 418 -20.37 5.73 -9.68
N ALA H 419 -19.27 5.52 -8.96
CA ALA H 419 -18.21 4.67 -9.47
C ALA H 419 -18.59 3.20 -9.43
N ASP H 420 -19.65 2.83 -8.73
CA ASP H 420 -20.06 1.44 -8.57
C ASP H 420 -20.87 0.94 -9.75
N TYR H 421 -21.85 1.71 -10.19
CA TYR H 421 -22.81 1.23 -11.17
C TYR H 421 -22.70 1.90 -12.52
N ASN H 422 -21.99 3.00 -12.63
CA ASN H 422 -22.04 3.81 -13.83
C ASN H 422 -20.74 3.85 -14.60
N TYR H 423 -19.60 3.96 -13.90
CA TYR H 423 -18.33 4.15 -14.56
C TYR H 423 -17.21 3.77 -13.60
N LYS H 424 -16.42 2.77 -13.96
CA LYS H 424 -15.21 2.52 -13.20
C LYS H 424 -14.08 2.12 -14.12
N LEU H 425 -12.88 2.31 -13.62
CA LEU H 425 -11.68 2.40 -14.41
C LEU H 425 -10.82 1.17 -14.16
N PRO H 426 -10.34 0.49 -15.21
CA PRO H 426 -9.46 -0.65 -15.00
C PRO H 426 -8.21 -0.24 -14.24
N ASP H 427 -7.75 -1.13 -13.35
CA ASP H 427 -6.67 -0.80 -12.43
C ASP H 427 -5.34 -0.64 -13.14
N ASP H 428 -5.25 -1.01 -14.41
CA ASP H 428 -4.06 -0.81 -15.24
C ASP H 428 -4.20 0.44 -16.08
N PHE H 429 -4.86 1.46 -15.55
CA PHE H 429 -5.18 2.64 -16.34
C PHE H 429 -3.94 3.45 -16.65
N THR H 430 -3.89 4.01 -17.86
CA THR H 430 -2.76 4.76 -18.39
C THR H 430 -3.23 5.99 -19.16
N GLY H 431 -4.17 6.74 -18.61
CA GLY H 431 -4.64 7.97 -19.21
C GLY H 431 -4.54 9.11 -18.23
N CYS H 432 -5.49 10.05 -18.34
CA CYS H 432 -5.54 11.19 -17.44
C CYS H 432 -6.98 11.60 -17.15
N VAL H 433 -7.21 12.24 -16.01
CA VAL H 433 -8.54 12.61 -15.57
C VAL H 433 -8.61 14.11 -15.33
N ILE H 434 -9.66 14.73 -15.86
CA ILE H 434 -9.88 16.17 -15.80
C ILE H 434 -11.29 16.40 -15.26
N ALA H 435 -11.38 17.29 -14.28
CA ALA H 435 -12.67 17.69 -13.75
C ALA H 435 -12.62 19.18 -13.48
N TRP H 436 -13.68 19.89 -13.84
CA TRP H 436 -13.73 21.26 -13.38
C TRP H 436 -15.15 21.65 -13.00
N ASN H 437 -15.23 22.54 -12.02
CA ASN H 437 -16.49 23.10 -11.55
C ASN H 437 -17.19 23.81 -12.69
N SER H 438 -18.49 23.52 -12.85
CA SER H 438 -19.29 24.23 -13.84
C SER H 438 -20.74 24.15 -13.40
N ASN H 439 -21.22 25.18 -12.70
CA ASN H 439 -22.63 25.40 -12.53
C ASN H 439 -23.13 26.59 -13.33
N ASN H 440 -22.24 27.53 -13.64
CA ASN H 440 -22.61 28.71 -14.42
C ASN H 440 -23.09 28.33 -15.81
N LEU H 441 -22.80 27.10 -16.25
CA LEU H 441 -23.34 26.58 -17.50
C LEU H 441 -24.43 25.54 -17.30
N ASP H 442 -24.36 24.72 -16.25
CA ASP H 442 -25.17 23.51 -16.20
C ASP H 442 -26.34 23.56 -15.22
N SER H 443 -26.32 24.46 -14.25
CA SER H 443 -27.33 24.47 -13.20
C SER H 443 -28.40 25.50 -13.55
N LYS H 444 -29.37 25.07 -14.34
CA LYS H 444 -30.54 25.91 -14.61
C LYS H 444 -31.17 26.32 -13.30
N VAL H 445 -31.39 27.63 -13.13
CA VAL H 445 -31.75 28.15 -11.81
C VAL H 445 -33.06 27.53 -11.33
N GLY H 446 -33.07 27.12 -10.06
CA GLY H 446 -34.15 26.35 -9.50
C GLY H 446 -34.01 24.86 -9.70
N GLY H 447 -33.11 24.43 -10.59
CA GLY H 447 -32.77 23.02 -10.75
C GLY H 447 -32.61 22.48 -12.16
N ASN H 448 -31.54 21.75 -12.44
CA ASN H 448 -31.43 21.02 -13.70
C ASN H 448 -31.97 19.60 -13.52
N TYR H 449 -32.70 19.11 -14.52
CA TYR H 449 -33.20 17.73 -14.50
C TYR H 449 -32.79 16.95 -15.75
N ASN H 450 -31.77 17.40 -16.46
CA ASN H 450 -31.31 16.69 -17.64
C ASN H 450 -30.31 15.59 -17.32
N TYR H 451 -29.95 15.42 -16.06
CA TYR H 451 -28.82 14.58 -15.68
C TYR H 451 -29.27 13.49 -14.73
N LEU H 452 -29.14 12.25 -15.16
CA LEU H 452 -29.60 11.10 -14.40
C LEU H 452 -28.45 10.11 -14.28
N TYR H 453 -28.48 9.30 -13.22
CA TYR H 453 -27.48 8.28 -13.00
C TYR H 453 -28.15 7.08 -12.34
N ARG H 454 -27.56 5.91 -12.57
CA ARG H 454 -28.09 4.69 -11.97
C ARG H 454 -27.78 4.64 -10.48
N LEU H 455 -28.64 3.94 -9.73
CA LEU H 455 -28.41 3.67 -8.32
C LEU H 455 -28.55 2.20 -7.96
N PHE H 456 -29.50 1.50 -8.56
CA PHE H 456 -29.73 0.09 -8.26
C PHE H 456 -29.42 -0.72 -9.52
N ARG H 457 -28.45 -1.61 -9.41
CA ARG H 457 -28.24 -2.62 -10.43
C ARG H 457 -27.80 -3.91 -9.75
N LYS H 458 -28.15 -5.04 -10.39
CA LYS H 458 -27.89 -6.33 -9.78
C LYS H 458 -26.40 -6.58 -9.61
N SER H 459 -25.59 -6.19 -10.57
CA SER H 459 -24.16 -6.49 -10.57
C SER H 459 -23.34 -5.22 -10.47
N ASN H 460 -22.15 -5.36 -9.87
CA ASN H 460 -21.16 -4.31 -10.03
C ASN H 460 -20.70 -4.27 -11.47
N LEU H 461 -20.30 -3.08 -11.89
CA LEU H 461 -20.10 -2.79 -13.30
C LEU H 461 -18.69 -3.17 -13.71
N LYS H 462 -18.59 -4.12 -14.64
CA LYS H 462 -17.30 -4.41 -15.26
C LYS H 462 -16.70 -3.13 -15.80
N PRO H 463 -15.37 -3.03 -15.91
CA PRO H 463 -14.77 -1.79 -16.40
C PRO H 463 -15.06 -1.57 -17.87
N PHE H 464 -15.37 -0.32 -18.21
CA PHE H 464 -15.52 0.14 -19.59
C PHE H 464 -16.70 -0.52 -20.29
N GLU H 465 -17.87 -0.37 -19.69
CA GLU H 465 -19.12 -0.65 -20.39
C GLU H 465 -20.14 0.40 -20.04
N ARG H 466 -20.94 0.77 -21.03
CA ARG H 466 -22.14 1.56 -20.81
C ARG H 466 -23.29 0.59 -20.59
N ASP H 467 -24.25 0.97 -19.74
CA ASP H 467 -25.49 0.20 -19.59
C ASP H 467 -26.64 1.19 -19.64
N ILE H 468 -27.18 1.38 -20.85
CA ILE H 468 -28.20 2.40 -21.05
C ILE H 468 -29.57 1.92 -20.58
N SER H 469 -29.91 0.66 -20.88
CA SER H 469 -31.29 0.21 -20.77
C SER H 469 -31.80 0.30 -19.33
N THR H 470 -33.04 0.76 -19.19
CA THR H 470 -33.69 0.89 -17.90
C THR H 470 -34.75 -0.19 -17.73
N GLU H 471 -34.78 -0.80 -16.55
CA GLU H 471 -35.83 -1.72 -16.17
C GLU H 471 -36.09 -1.49 -14.69
N ILE H 472 -36.83 -2.38 -14.05
CA ILE H 472 -37.17 -2.25 -12.66
C ILE H 472 -36.29 -3.20 -11.85
N TYR H 473 -35.98 -2.81 -10.63
CA TYR H 473 -35.12 -3.56 -9.75
C TYR H 473 -35.95 -4.41 -8.78
N GLN H 474 -35.28 -5.29 -8.07
CA GLN H 474 -35.94 -6.14 -7.09
C GLN H 474 -35.22 -6.03 -5.75
N ALA H 475 -35.94 -6.40 -4.70
CA ALA H 475 -35.45 -6.31 -3.34
C ALA H 475 -35.72 -7.64 -2.65
N GLY H 476 -34.67 -8.41 -2.42
CA GLY H 476 -34.83 -9.71 -1.78
C GLY H 476 -35.80 -10.58 -2.57
N SER H 477 -36.83 -11.06 -1.88
CA SER H 477 -37.89 -11.83 -2.51
C SER H 477 -39.10 -10.94 -2.72
N THR H 478 -40.20 -11.56 -3.16
CA THR H 478 -41.41 -10.86 -3.60
C THR H 478 -41.03 -9.89 -4.72
N PRO H 479 -40.66 -10.39 -5.89
CA PRO H 479 -40.09 -9.55 -6.93
C PRO H 479 -41.14 -8.81 -7.74
N CYS H 480 -40.66 -7.89 -8.58
CA CYS H 480 -41.49 -6.99 -9.36
C CYS H 480 -41.45 -7.43 -10.83
N ASN H 481 -42.43 -6.95 -11.60
CA ASN H 481 -42.41 -7.13 -13.06
C ASN H 481 -43.27 -6.01 -13.65
N GLY H 482 -42.62 -4.98 -14.20
CA GLY H 482 -43.31 -3.85 -14.75
C GLY H 482 -44.11 -3.05 -13.76
N VAL H 483 -44.04 -3.38 -12.47
CA VAL H 483 -44.82 -2.73 -11.44
C VAL H 483 -43.85 -2.01 -10.50
N GLU H 484 -44.40 -1.12 -9.68
CA GLU H 484 -43.60 -0.20 -8.88
C GLU H 484 -44.12 -0.19 -7.45
N GLY H 485 -43.24 0.21 -6.52
CA GLY H 485 -43.60 0.30 -5.12
C GLY H 485 -42.69 -0.47 -4.19
N PHE H 486 -43.28 -1.29 -3.33
CA PHE H 486 -42.48 -2.11 -2.41
C PHE H 486 -41.58 -3.04 -3.20
N ASN H 487 -40.33 -3.14 -2.74
CA ASN H 487 -39.32 -3.98 -3.39
C ASN H 487 -39.03 -3.53 -4.82
N CYS H 488 -39.70 -2.46 -5.26
CA CYS H 488 -39.65 -2.00 -6.64
C CYS H 488 -39.05 -0.61 -6.67
N TYR H 489 -38.17 -0.36 -7.66
CA TYR H 489 -37.59 0.97 -7.81
C TYR H 489 -37.29 1.23 -9.29
N PHE H 490 -37.22 2.51 -9.62
CA PHE H 490 -36.71 2.92 -10.93
C PHE H 490 -35.23 3.25 -10.80
N PRO H 491 -34.39 2.79 -11.73
CA PRO H 491 -32.95 2.91 -11.51
C PRO H 491 -32.40 4.31 -11.66
N LEU H 492 -33.01 5.16 -12.48
CA LEU H 492 -32.40 6.45 -12.83
C LEU H 492 -32.92 7.51 -11.89
N GLN H 493 -32.05 7.99 -11.00
CA GLN H 493 -32.37 9.14 -10.18
C GLN H 493 -32.09 10.40 -10.97
N SER H 494 -32.18 11.53 -10.30
CA SER H 494 -31.95 12.80 -10.95
C SER H 494 -31.08 13.64 -10.03
N TYR H 495 -30.30 14.51 -10.66
CA TYR H 495 -29.61 15.56 -9.93
C TYR H 495 -30.44 16.82 -9.97
N GLY H 496 -30.71 17.38 -8.81
CA GLY H 496 -31.25 18.73 -8.71
C GLY H 496 -30.12 19.73 -8.79
N PHE H 497 -29.65 20.08 -9.99
CA PHE H 497 -28.54 21.02 -9.98
C PHE H 497 -29.08 22.44 -9.89
N GLN H 498 -29.25 22.95 -8.66
CA GLN H 498 -29.66 24.32 -8.39
C GLN H 498 -28.45 25.16 -7.98
N PRO H 499 -28.31 26.38 -8.51
CA PRO H 499 -27.16 27.21 -8.12
C PRO H 499 -27.14 27.55 -6.64
N THR H 500 -28.29 27.53 -5.97
CA THR H 500 -28.34 27.80 -4.54
C THR H 500 -27.65 26.70 -3.72
N ASN H 501 -27.32 25.57 -4.34
CA ASN H 501 -26.65 24.50 -3.63
C ASN H 501 -25.26 24.95 -3.19
N GLY H 502 -24.69 24.19 -2.25
CA GLY H 502 -23.33 24.43 -1.81
C GLY H 502 -22.31 23.88 -2.78
N VAL H 503 -21.05 24.11 -2.46
CA VAL H 503 -19.96 23.64 -3.32
C VAL H 503 -19.98 22.12 -3.42
N GLY H 504 -20.27 21.44 -2.32
CA GLY H 504 -20.24 19.99 -2.30
C GLY H 504 -21.23 19.34 -3.25
N TYR H 505 -22.24 20.09 -3.70
CA TYR H 505 -23.26 19.53 -4.59
C TYR H 505 -23.31 20.22 -5.94
N GLN H 506 -22.30 21.00 -6.31
CA GLN H 506 -22.27 21.62 -7.61
C GLN H 506 -22.07 20.57 -8.70
N PRO H 507 -22.44 20.88 -9.94
CA PRO H 507 -22.06 20.03 -11.06
C PRO H 507 -20.60 20.17 -11.45
N TYR H 508 -20.03 19.04 -11.89
CA TYR H 508 -18.67 19.00 -12.37
C TYR H 508 -18.64 18.39 -13.75
N ARG H 509 -18.07 19.12 -14.71
CA ARG H 509 -17.85 18.57 -16.04
C ARG H 509 -16.53 17.82 -16.01
N VAL H 510 -16.58 16.53 -16.35
CA VAL H 510 -15.45 15.63 -16.23
C VAL H 510 -15.17 14.98 -17.58
N VAL H 511 -13.90 15.00 -17.97
CA VAL H 511 -13.43 14.37 -19.19
C VAL H 511 -12.20 13.55 -18.86
N VAL H 512 -12.16 12.32 -19.36
CA VAL H 512 -11.05 11.43 -19.05
C VAL H 512 -10.47 10.91 -20.35
N LEU H 513 -9.17 10.67 -20.35
CA LEU H 513 -8.40 10.31 -21.51
C LEU H 513 -7.67 8.99 -21.23
N SER H 514 -7.45 8.24 -22.29
CA SER H 514 -6.81 6.93 -22.17
C SER H 514 -5.74 6.80 -23.24
N PHE H 515 -4.54 6.40 -22.80
CA PHE H 515 -3.35 6.21 -23.62
C PHE H 515 -2.87 4.77 -23.49
N GLU H 516 -2.22 4.28 -24.53
CA GLU H 516 -1.70 2.92 -24.51
C GLU H 516 -0.64 2.71 -25.56
N LEU H 517 0.22 1.72 -25.29
CA LEU H 517 1.38 1.41 -26.11
C LEU H 517 1.18 0.02 -26.70
N LEU H 518 1.04 -0.03 -28.03
CA LEU H 518 0.88 -1.27 -28.76
C LEU H 518 2.05 -1.37 -29.73
N HIS H 519 2.16 -2.49 -30.45
CA HIS H 519 3.13 -2.55 -31.53
C HIS H 519 2.76 -1.58 -32.65
N ALA H 520 1.48 -1.18 -32.70
CA ALA H 520 1.01 -0.39 -33.83
C ALA H 520 1.71 0.96 -33.91
N PRO H 521 1.90 1.52 -35.11
CA PRO H 521 2.19 2.94 -35.18
C PRO H 521 1.23 3.75 -34.37
N ALA H 522 1.79 4.27 -33.30
CA ALA H 522 1.32 5.51 -32.75
C ALA H 522 1.05 6.49 -33.88
N THR H 523 -0.08 7.14 -33.78
CA THR H 523 -0.56 8.01 -34.83
C THR H 523 -0.95 9.37 -34.27
N VAL H 524 -1.00 9.49 -32.95
CA VAL H 524 -1.42 10.77 -32.31
C VAL H 524 -0.34 11.23 -31.32
N CYS H 525 0.39 12.30 -31.66
CA CYS H 525 1.47 12.81 -30.77
C CYS H 525 1.67 14.32 -30.97
N GLY H 526 2.85 14.71 -31.46
CA GLY H 526 3.19 16.13 -31.63
C GLY H 526 4.47 16.35 -32.42
N PRO H 527 5.65 15.83 -32.00
CA PRO H 527 6.89 15.93 -32.79
C PRO H 527 6.84 15.23 -34.16
N LYS H 528 7.23 13.95 -34.22
CA LYS H 528 7.19 13.15 -35.48
C LYS H 528 7.96 13.85 -36.62
N LYS H 529 9.30 13.76 -36.61
CA LYS H 529 10.14 14.42 -37.65
C LYS H 529 11.33 13.53 -38.00
N SER H 530 11.89 13.68 -39.21
CA SER H 530 13.02 12.81 -39.66
C SER H 530 14.30 13.63 -39.83
N THR H 531 15.44 12.95 -40.02
CA THR H 531 16.76 13.65 -40.23
C THR H 531 17.67 12.74 -41.07
N ASN H 532 18.97 13.04 -41.14
CA ASN H 532 19.94 12.24 -41.92
C ASN H 532 20.58 11.16 -41.03
N LEU H 533 20.92 10.00 -41.61
CA LEU H 533 21.49 8.87 -40.84
C LEU H 533 23.02 8.97 -40.79
N VAL H 534 23.61 8.82 -39.60
CA VAL H 534 25.10 8.77 -39.52
C VAL H 534 25.47 7.28 -39.44
N LYS H 535 26.18 6.75 -40.43
CA LYS H 535 26.46 5.29 -40.47
C LYS H 535 27.69 4.92 -39.64
N ASN H 536 27.72 3.70 -39.09
CA ASN H 536 28.89 3.19 -38.34
C ASN H 536 29.40 4.22 -37.31
N LYS H 537 28.56 4.58 -36.33
CA LYS H 537 28.99 5.52 -35.27
C LYS H 537 28.15 5.30 -34.02
N CYS H 538 28.77 5.13 -32.84
CA CYS H 538 28.01 5.02 -31.58
C CYS H 538 27.18 6.30 -31.46
N VAL H 539 25.87 6.22 -31.70
CA VAL H 539 25.06 7.47 -31.74
C VAL H 539 23.72 7.26 -31.03
N ASN H 540 23.11 8.33 -30.53
CA ASN H 540 21.74 8.20 -29.94
C ASN H 540 20.76 8.22 -31.11
N PHE H 541 19.69 7.42 -31.04
CA PHE H 541 18.76 7.34 -32.20
C PHE H 541 17.31 7.21 -31.73
N ASN H 542 16.35 7.42 -32.63
CA ASN H 542 14.91 7.29 -32.30
C ASN H 542 14.16 6.90 -33.57
N PHE H 543 14.10 5.60 -33.88
CA PHE H 543 13.46 5.16 -35.14
C PHE H 543 12.04 4.68 -34.86
N ASN H 544 11.04 5.54 -35.11
CA ASN H 544 9.61 5.19 -34.85
C ASN H 544 9.43 4.81 -33.37
N GLY H 545 9.91 5.64 -32.44
CA GLY H 545 9.71 5.38 -31.00
C GLY H 545 10.76 4.45 -30.44
N LEU H 546 11.84 4.19 -31.19
CA LEU H 546 12.95 3.33 -30.67
C LEU H 546 14.05 4.24 -30.12
N THR H 547 13.78 4.92 -29.00
CA THR H 547 14.80 5.81 -28.38
C THR H 547 15.90 4.94 -27.75
N GLY H 548 17.02 4.78 -28.46
CA GLY H 548 18.14 3.97 -27.95
C GLY H 548 19.48 4.61 -28.25
N THR H 549 20.57 3.92 -27.93
CA THR H 549 21.94 4.44 -28.22
C THR H 549 22.82 3.27 -28.65
N GLY H 550 23.45 3.37 -29.82
CA GLY H 550 24.36 2.30 -30.27
C GLY H 550 24.97 2.59 -31.63
N VAL H 551 26.05 1.87 -31.98
CA VAL H 551 26.68 2.01 -33.32
C VAL H 551 25.62 1.74 -34.38
N LEU H 552 25.19 2.78 -35.10
CA LEU H 552 24.09 2.59 -36.08
C LEU H 552 24.66 2.27 -37.47
N THR H 553 24.93 1.00 -37.73
CA THR H 553 25.47 0.58 -39.05
C THR H 553 24.32 0.05 -39.90
N GLU H 554 24.62 -0.52 -41.07
CA GLU H 554 23.56 -1.16 -41.90
C GLU H 554 23.71 -2.67 -41.77
N SER H 555 22.69 -3.42 -42.17
CA SER H 555 22.73 -4.91 -42.02
C SER H 555 22.70 -5.59 -43.39
N ASN H 556 23.03 -6.88 -43.44
CA ASN H 556 23.03 -7.63 -44.72
C ASN H 556 21.90 -8.67 -44.69
N LYS H 557 20.98 -8.54 -43.73
CA LYS H 557 19.82 -9.46 -43.64
C LYS H 557 18.69 -8.92 -44.53
N LYS H 558 17.47 -9.44 -44.34
CA LYS H 558 16.31 -8.94 -45.13
C LYS H 558 15.37 -8.19 -44.20
N PHE H 559 14.15 -7.90 -44.66
CA PHE H 559 13.13 -7.18 -43.85
C PHE H 559 11.79 -7.27 -44.58
N LEU H 560 10.87 -8.09 -44.07
CA LEU H 560 9.55 -8.26 -44.73
C LEU H 560 8.85 -6.91 -44.76
N PRO H 561 8.02 -6.59 -45.79
CA PRO H 561 7.40 -5.25 -45.93
C PRO H 561 6.37 -4.81 -44.88
N PHE H 562 6.54 -5.19 -43.61
CA PHE H 562 5.63 -4.76 -42.52
C PHE H 562 6.45 -4.66 -41.23
N GLN H 563 7.44 -5.55 -41.07
CA GLN H 563 8.26 -5.60 -39.83
C GLN H 563 8.84 -4.22 -39.49
N GLN H 564 8.71 -3.79 -38.22
CA GLN H 564 9.17 -2.45 -37.80
C GLN H 564 10.69 -2.45 -37.58
N PHE H 565 11.14 -2.83 -36.39
CA PHE H 565 12.60 -2.89 -36.10
C PHE H 565 13.02 -4.36 -36.04
N GLY H 566 14.09 -4.69 -35.33
CA GLY H 566 14.60 -6.07 -35.33
C GLY H 566 14.89 -6.61 -33.94
N ARG H 567 14.52 -7.87 -33.68
CA ARG H 567 14.81 -8.52 -32.37
C ARG H 567 15.67 -9.75 -32.64
N ASP H 568 16.32 -10.29 -31.60
CA ASP H 568 17.23 -11.45 -31.82
C ASP H 568 17.19 -12.38 -30.59
N ILE H 569 18.36 -12.87 -30.16
CA ILE H 569 18.44 -13.84 -29.03
C ILE H 569 17.86 -13.18 -27.77
N ALA H 570 16.89 -13.84 -27.12
CA ALA H 570 16.23 -13.27 -25.92
C ALA H 570 15.71 -11.86 -26.24
N ASP H 571 15.17 -11.66 -27.45
CA ASP H 571 14.64 -10.34 -27.88
C ASP H 571 15.69 -9.24 -27.65
N THR H 572 16.82 -9.31 -28.36
CA THR H 572 17.83 -8.22 -28.26
C THR H 572 17.63 -7.29 -29.45
N THR H 573 17.36 -6.00 -29.21
CA THR H 573 17.24 -5.03 -30.32
C THR H 573 18.55 -5.02 -31.10
N ASP H 574 18.58 -5.64 -32.29
CA ASP H 574 19.85 -5.76 -33.06
C ASP H 574 19.70 -5.07 -34.41
N ALA H 575 18.49 -4.61 -34.74
CA ALA H 575 18.26 -4.01 -36.07
C ALA H 575 17.16 -2.96 -36.01
N VAL H 576 17.14 -2.02 -36.96
CA VAL H 576 16.04 -1.03 -37.05
C VAL H 576 15.70 -0.87 -38.54
N ARG H 577 14.69 -0.07 -38.87
CA ARG H 577 14.39 0.20 -40.30
C ARG H 577 14.00 1.67 -40.45
N ASP H 578 14.67 2.38 -41.37
CA ASP H 578 14.31 3.80 -41.63
C ASP H 578 12.85 3.87 -42.04
N PRO H 579 12.00 4.71 -41.39
CA PRO H 579 10.61 4.86 -41.83
C PRO H 579 10.54 5.47 -43.25
N GLN H 580 11.56 6.23 -43.65
CA GLN H 580 11.52 6.92 -44.97
C GLN H 580 12.25 6.07 -46.02
N THR H 581 13.52 5.75 -45.80
CA THR H 581 14.31 5.03 -46.84
C THR H 581 14.09 3.51 -46.75
N LEU H 582 13.48 3.02 -45.67
CA LEU H 582 13.18 1.57 -45.50
C LEU H 582 14.41 0.72 -45.83
N GLU H 583 15.47 0.86 -45.05
CA GLU H 583 16.72 0.09 -45.31
C GLU H 583 17.01 -0.85 -44.14
N ILE H 584 17.81 -1.90 -44.38
CA ILE H 584 18.19 -2.84 -43.29
C ILE H 584 19.28 -2.17 -42.46
N LEU H 585 19.00 -1.90 -41.18
CA LEU H 585 20.00 -1.25 -40.29
C LEU H 585 20.48 -2.27 -39.25
N ASP H 586 21.52 -1.93 -38.49
CA ASP H 586 22.05 -2.85 -37.45
C ASP H 586 22.44 -2.07 -36.19
N ILE H 587 21.73 -2.30 -35.08
CA ILE H 587 22.12 -1.66 -33.80
C ILE H 587 23.24 -2.50 -33.19
N THR H 588 24.40 -1.88 -32.93
CA THR H 588 25.52 -2.60 -32.28
C THR H 588 25.85 -1.89 -30.98
N PRO H 589 26.13 -2.58 -29.85
CA PRO H 589 26.54 -1.91 -28.61
C PRO H 589 27.77 -1.03 -28.83
N CYS H 590 27.75 0.19 -28.29
CA CYS H 590 28.92 1.11 -28.43
C CYS H 590 30.18 0.41 -27.89
N SER H 591 31.31 0.56 -28.59
CA SER H 591 32.57 -0.13 -28.19
C SER H 591 32.76 -0.06 -26.67
N PHE H 592 32.68 -1.21 -25.99
CA PHE H 592 32.81 -1.23 -24.51
C PHE H 592 33.99 -2.12 -24.12
N GLY H 593 34.46 -1.99 -22.87
CA GLY H 593 35.59 -2.80 -22.39
C GLY H 593 36.10 -2.31 -21.06
N GLY H 594 37.00 -3.05 -20.42
CA GLY H 594 37.54 -2.65 -19.11
C GLY H 594 38.93 -2.04 -19.25
N VAL H 595 39.45 -1.44 -18.18
CA VAL H 595 40.84 -0.89 -18.20
C VAL H 595 41.64 -1.57 -17.09
N SER H 596 42.35 -2.65 -17.42
CA SER H 596 43.18 -3.37 -16.42
C SER H 596 44.56 -2.71 -16.33
N VAL H 597 44.83 -2.02 -15.23
CA VAL H 597 46.15 -1.32 -15.07
C VAL H 597 47.22 -2.33 -14.65
N ILE H 598 48.36 -2.33 -15.35
CA ILE H 598 49.48 -3.26 -15.02
C ILE H 598 50.46 -2.51 -14.11
N THR H 599 50.54 -2.94 -12.84
CA THR H 599 51.43 -2.25 -11.88
C THR H 599 52.71 -3.09 -11.69
N PRO H 600 53.92 -2.53 -11.87
CA PRO H 600 55.16 -3.27 -11.62
C PRO H 600 55.54 -3.26 -10.13
N GLY H 601 54.67 -2.69 -9.29
CA GLY H 601 54.99 -2.54 -7.85
C GLY H 601 55.33 -1.10 -7.54
N THR H 602 54.57 -0.46 -6.64
CA THR H 602 54.80 0.98 -6.32
C THR H 602 56.25 1.18 -5.90
N ASN H 603 56.75 0.34 -4.99
CA ASN H 603 58.17 0.43 -4.54
C ASN H 603 59.09 0.36 -5.76
N THR H 604 58.94 -0.68 -6.58
CA THR H 604 59.79 -0.82 -7.80
C THR H 604 59.76 0.48 -8.60
N SER H 605 58.66 0.76 -9.30
CA SER H 605 58.63 1.96 -10.17
C SER H 605 57.23 2.56 -10.26
N ASN H 606 57.04 3.55 -11.13
CA ASN H 606 55.73 4.22 -11.28
C ASN H 606 55.25 4.04 -12.73
N GLN H 607 56.03 3.33 -13.54
CA GLN H 607 55.68 3.12 -14.98
C GLN H 607 54.52 2.14 -15.07
N VAL H 608 53.30 2.64 -15.31
CA VAL H 608 52.10 1.74 -15.32
C VAL H 608 51.61 1.56 -16.76
N ALA H 609 51.29 0.32 -17.15
CA ALA H 609 50.71 0.09 -18.49
C ALA H 609 49.19 -0.02 -18.34
N VAL H 610 48.45 0.13 -19.44
CA VAL H 610 46.95 0.10 -19.36
C VAL H 610 46.41 -0.86 -20.42
N LEU H 611 45.79 -1.96 -19.99
CA LEU H 611 45.17 -2.90 -20.95
C LEU H 611 43.70 -2.54 -21.16
N TYR H 612 43.35 -2.01 -22.34
CA TYR H 612 41.94 -1.72 -22.66
C TYR H 612 41.32 -3.04 -23.14
N GLN H 613 40.80 -3.84 -22.21
CA GLN H 613 40.25 -5.17 -22.55
C GLN H 613 39.16 -5.07 -23.63
N ASP H 614 39.12 -6.04 -24.56
CA ASP H 614 38.11 -6.07 -25.66
C ASP H 614 37.90 -4.69 -26.30
N VAL H 615 38.98 -3.92 -26.47
CA VAL H 615 38.90 -2.59 -27.15
C VAL H 615 40.06 -2.53 -28.15
N ASN H 616 39.78 -2.13 -29.40
CA ASN H 616 40.85 -2.02 -30.44
C ASN H 616 41.72 -0.80 -30.13
N CYS H 617 43.02 -0.87 -30.41
CA CYS H 617 43.95 0.25 -30.09
C CYS H 617 43.57 1.51 -30.87
N THR H 618 42.81 1.38 -31.96
CA THR H 618 42.34 2.55 -32.73
C THR H 618 41.28 3.30 -31.92
N GLU H 619 40.24 2.61 -31.45
CA GLU H 619 39.12 3.27 -30.74
C GLU H 619 39.40 3.29 -29.22
N VAL H 620 40.58 3.76 -28.82
CA VAL H 620 40.90 3.85 -27.39
C VAL H 620 40.54 5.24 -26.86
N PRO H 621 41.01 6.35 -27.46
CA PRO H 621 40.60 7.63 -26.88
C PRO H 621 39.39 8.24 -27.58
N SER H 640 54.68 6.70 -28.78
CA SER H 640 54.32 5.82 -27.68
C SER H 640 54.20 4.38 -28.13
N ASN H 641 53.75 3.53 -27.21
CA ASN H 641 53.58 2.10 -27.48
C ASN H 641 52.09 1.79 -27.43
N VAL H 642 51.53 1.43 -28.58
CA VAL H 642 50.23 0.77 -28.66
C VAL H 642 50.45 -0.60 -29.29
N PHE H 643 49.94 -1.64 -28.64
CA PHE H 643 50.18 -3.02 -29.06
C PHE H 643 48.86 -3.77 -28.95
N GLN H 644 48.50 -4.49 -30.00
CA GLN H 644 47.22 -5.18 -30.06
C GLN H 644 47.41 -6.62 -29.61
N THR H 645 46.54 -7.06 -28.71
CA THR H 645 46.57 -8.38 -28.09
C THR H 645 45.20 -9.02 -28.32
N ARG H 646 45.19 -10.36 -28.41
CA ARG H 646 43.94 -11.09 -28.41
C ARG H 646 43.08 -10.76 -27.19
N ALA H 647 43.66 -10.15 -26.16
CA ALA H 647 42.91 -9.74 -24.97
C ALA H 647 42.56 -8.26 -24.93
N GLY H 648 42.86 -7.49 -25.98
CA GLY H 648 42.53 -6.07 -26.03
C GLY H 648 43.73 -5.23 -26.45
N CYS H 649 43.70 -3.96 -26.09
CA CYS H 649 44.75 -3.00 -26.49
C CYS H 649 45.63 -2.64 -25.29
N LEU H 650 46.95 -2.74 -25.48
CA LEU H 650 47.94 -2.48 -24.43
C LEU H 650 48.73 -1.21 -24.75
N ILE H 651 48.74 -0.27 -23.82
CA ILE H 651 49.42 1.01 -23.97
C ILE H 651 50.36 1.20 -22.79
N GLY H 652 51.61 1.58 -23.09
CA GLY H 652 52.62 1.75 -22.08
C GLY H 652 53.60 0.61 -21.95
N ALA H 653 53.50 -0.42 -22.78
CA ALA H 653 54.44 -1.53 -22.80
C ALA H 653 54.91 -1.79 -24.22
N GLU H 654 56.21 -1.97 -24.39
CA GLU H 654 56.78 -2.28 -25.69
C GLU H 654 56.81 -3.78 -25.88
N HIS H 655 56.57 -4.21 -27.12
CA HIS H 655 56.54 -5.63 -27.45
C HIS H 655 57.94 -6.08 -27.84
N VAL H 656 58.45 -7.10 -27.16
CA VAL H 656 59.76 -7.65 -27.44
C VAL H 656 59.60 -9.01 -28.11
N ASN H 657 60.71 -9.53 -28.61
CA ASN H 657 60.72 -10.76 -29.39
C ASN H 657 61.39 -11.92 -28.66
N ASN H 658 61.94 -11.69 -27.47
CA ASN H 658 62.36 -12.79 -26.61
C ASN H 658 61.11 -13.45 -26.00
N SER H 659 61.34 -14.51 -25.21
CA SER H 659 60.29 -15.13 -24.41
C SER H 659 60.88 -15.54 -23.07
N TYR H 660 60.29 -15.03 -22.00
CA TYR H 660 60.74 -15.32 -20.64
C TYR H 660 59.67 -16.14 -19.94
N GLU H 661 59.92 -16.46 -18.68
CA GLU H 661 58.88 -17.04 -17.84
C GLU H 661 57.84 -15.97 -17.49
N CYS H 662 56.59 -16.39 -17.35
CA CYS H 662 55.50 -15.44 -17.10
C CYS H 662 55.67 -14.75 -15.74
N ASP H 663 55.48 -13.44 -15.75
CA ASP H 663 55.63 -12.60 -14.56
C ASP H 663 54.31 -11.95 -14.15
N ILE H 664 53.70 -11.17 -15.03
CA ILE H 664 52.41 -10.54 -14.83
C ILE H 664 51.50 -10.99 -15.96
N PRO H 665 50.40 -11.70 -15.68
CA PRO H 665 49.63 -12.33 -16.77
C PRO H 665 48.68 -11.34 -17.44
N ILE H 666 48.85 -11.14 -18.74
CA ILE H 666 47.90 -10.37 -19.54
C ILE H 666 46.84 -11.27 -20.15
N GLY H 667 47.24 -12.21 -20.99
CA GLY H 667 46.31 -13.18 -21.56
C GLY H 667 46.65 -13.57 -22.99
N ALA H 668 46.00 -14.65 -23.45
CA ALA H 668 46.18 -15.18 -24.80
C ALA H 668 47.65 -15.48 -25.07
N GLY H 669 48.33 -16.04 -24.07
CA GLY H 669 49.74 -16.35 -24.18
C GLY H 669 50.68 -15.22 -23.85
N ILE H 670 50.15 -14.04 -23.55
CA ILE H 670 50.96 -12.84 -23.38
C ILE H 670 51.13 -12.57 -21.89
N CYS H 671 52.36 -12.28 -21.48
CA CYS H 671 52.66 -11.76 -20.15
C CYS H 671 53.50 -10.49 -20.27
N ALA H 672 53.70 -9.83 -19.14
CA ALA H 672 54.35 -8.53 -19.06
C ALA H 672 55.37 -8.51 -17.93
N SER H 673 56.43 -7.71 -18.10
CA SER H 673 57.49 -7.63 -17.11
C SER H 673 58.12 -6.24 -17.10
N TYR H 674 58.65 -5.86 -15.93
CA TYR H 674 59.41 -4.63 -15.78
C TYR H 674 60.90 -4.97 -15.88
N GLN H 675 61.35 -5.20 -17.11
CA GLN H 675 62.73 -5.62 -17.32
C GLN H 675 63.51 -4.69 -18.24
N THR H 676 62.94 -4.38 -19.40
CA THR H 676 63.72 -3.82 -20.50
C THR H 676 63.13 -2.51 -21.01
N GLN H 690 63.70 -0.10 -16.99
CA GLN H 690 63.57 0.85 -18.10
C GLN H 690 62.11 1.09 -18.46
N SER H 691 61.33 0.03 -18.68
CA SER H 691 59.91 0.16 -18.97
C SER H 691 59.24 -1.20 -18.83
N ILE H 692 57.92 -1.20 -18.99
CA ILE H 692 57.14 -2.43 -19.10
C ILE H 692 57.31 -3.00 -20.51
N ILE H 693 57.47 -4.32 -20.60
CA ILE H 693 57.59 -5.04 -21.86
C ILE H 693 56.56 -6.15 -21.87
N ALA H 694 56.19 -6.57 -23.07
CA ALA H 694 55.23 -7.65 -23.26
C ALA H 694 55.86 -8.73 -24.15
N TYR H 695 55.40 -9.97 -23.98
CA TYR H 695 55.87 -11.07 -24.82
C TYR H 695 54.93 -12.26 -24.73
N THR H 696 55.17 -13.28 -25.56
CA THR H 696 54.51 -14.58 -25.45
C THR H 696 55.38 -15.43 -24.52
N MET H 697 54.80 -15.86 -23.40
CA MET H 697 55.57 -16.51 -22.35
C MET H 697 56.27 -17.76 -22.86
N SER H 698 57.26 -18.23 -22.12
CA SER H 698 58.01 -19.43 -22.48
C SER H 698 57.43 -20.63 -21.76
N LEU H 699 57.16 -21.69 -22.52
CA LEU H 699 56.70 -22.91 -21.89
C LEU H 699 57.80 -23.48 -21.01
N GLY H 700 59.02 -23.31 -21.45
CA GLY H 700 60.18 -23.80 -20.74
C GLY H 700 61.36 -23.90 -21.69
N ALA H 701 62.45 -24.41 -21.14
CA ALA H 701 63.65 -24.62 -21.95
C ALA H 701 63.48 -25.87 -22.81
N GLU H 702 64.57 -26.38 -23.37
CA GLU H 702 64.48 -27.44 -24.38
C GLU H 702 65.55 -28.48 -24.09
N ASN H 703 65.15 -29.71 -23.77
CA ASN H 703 66.08 -30.82 -23.61
C ASN H 703 65.91 -31.80 -24.76
N SER H 704 67.03 -32.22 -25.34
CA SER H 704 66.99 -33.08 -26.53
C SER H 704 67.33 -34.51 -26.14
N VAL H 705 66.28 -35.29 -25.88
CA VAL H 705 66.25 -36.71 -26.15
C VAL H 705 66.80 -36.97 -27.55
N ALA H 706 67.62 -38.01 -27.69
CA ALA H 706 68.18 -38.43 -28.99
C ALA H 706 68.52 -39.92 -28.89
N TYR H 707 67.54 -40.76 -28.54
CA TYR H 707 67.82 -42.20 -28.30
C TYR H 707 67.93 -42.98 -29.62
N SER H 708 68.67 -44.09 -29.60
CA SER H 708 68.80 -44.95 -30.81
C SER H 708 67.86 -46.15 -30.68
N ASN H 709 68.35 -47.26 -30.14
CA ASN H 709 67.53 -48.50 -29.95
C ASN H 709 68.22 -49.38 -28.91
N ASN H 710 69.35 -48.94 -28.38
CA ASN H 710 70.12 -49.73 -27.38
C ASN H 710 70.74 -48.76 -26.37
N SER H 711 70.52 -47.46 -26.56
CA SER H 711 71.15 -46.44 -25.69
C SER H 711 70.50 -46.43 -24.30
N ILE H 712 71.29 -46.65 -23.25
CA ILE H 712 70.77 -46.56 -21.85
C ILE H 712 71.66 -45.58 -21.09
N ALA H 713 71.07 -44.66 -20.32
CA ALA H 713 71.88 -43.73 -19.49
C ALA H 713 71.70 -44.11 -18.01
N ILE H 714 72.81 -44.24 -17.27
CA ILE H 714 72.75 -44.65 -15.82
C ILE H 714 73.51 -43.61 -14.99
N PRO H 715 72.89 -43.07 -13.91
CA PRO H 715 73.52 -42.06 -13.06
C PRO H 715 74.68 -42.65 -12.23
N THR H 716 75.74 -41.87 -12.02
CA THR H 716 76.92 -42.39 -11.29
C THR H 716 76.98 -41.75 -9.89
N ASN H 717 76.75 -40.44 -9.80
CA ASN H 717 76.69 -39.78 -8.47
C ASN H 717 75.20 -39.55 -8.14
N PHE H 718 74.90 -38.64 -7.20
CA PHE H 718 73.49 -38.32 -6.85
C PHE H 718 73.42 -37.09 -5.93
N THR H 719 72.21 -36.75 -5.46
CA THR H 719 72.01 -35.57 -4.58
C THR H 719 70.80 -35.84 -3.67
N ILE H 720 70.87 -35.48 -2.39
CA ILE H 720 69.67 -35.60 -1.50
C ILE H 720 69.04 -34.21 -1.46
N SER H 721 67.75 -34.08 -1.78
CA SER H 721 67.11 -32.76 -1.85
C SER H 721 65.96 -32.66 -0.84
N VAL H 722 65.74 -31.45 -0.30
CA VAL H 722 64.57 -31.27 0.61
C VAL H 722 63.76 -30.05 0.16
N THR H 723 62.47 -30.25 -0.08
CA THR H 723 61.60 -29.14 -0.52
C THR H 723 60.57 -28.86 0.58
N THR H 724 59.85 -27.74 0.49
CA THR H 724 58.77 -27.42 1.47
C THR H 724 57.42 -27.36 0.77
N GLU H 725 56.32 -27.30 1.53
CA GLU H 725 54.95 -27.13 0.95
C GLU H 725 54.06 -26.58 2.08
N ILE H 726 53.21 -25.60 1.77
CA ILE H 726 52.38 -24.96 2.83
C ILE H 726 50.93 -25.37 2.60
N LEU H 727 50.23 -25.81 3.66
CA LEU H 727 48.85 -26.33 3.50
C LEU H 727 47.95 -25.71 4.58
N PRO H 728 47.05 -24.76 4.25
CA PRO H 728 46.15 -24.20 5.25
C PRO H 728 45.16 -25.27 5.76
N VAL H 729 45.03 -25.39 7.09
CA VAL H 729 44.15 -26.45 7.66
C VAL H 729 42.93 -25.82 8.32
N SER H 730 43.02 -24.56 8.75
CA SER H 730 41.90 -23.95 9.50
C SER H 730 41.75 -22.47 9.16
N MET H 731 40.59 -21.88 9.46
CA MET H 731 40.43 -20.41 9.30
C MET H 731 39.79 -19.91 10.59
N THR H 732 39.40 -18.64 10.66
CA THR H 732 38.87 -18.12 11.96
C THR H 732 37.40 -18.49 12.15
N LYS H 733 37.03 -18.83 13.38
CA LYS H 733 35.62 -19.18 13.70
C LYS H 733 34.91 -17.92 14.15
N THR H 734 33.91 -17.44 13.40
CA THR H 734 33.22 -16.17 13.73
C THR H 734 31.75 -16.43 14.11
N SER H 735 31.19 -15.59 15.00
CA SER H 735 29.74 -15.69 15.35
C SER H 735 29.10 -14.31 15.21
N VAL H 736 27.93 -14.24 14.57
CA VAL H 736 27.21 -12.94 14.41
C VAL H 736 25.90 -13.00 15.20
N ASP H 737 25.57 -11.96 15.96
CA ASP H 737 24.25 -11.92 16.64
C ASP H 737 23.30 -11.20 15.68
N CYS H 738 22.43 -11.95 14.99
CA CYS H 738 21.54 -11.36 13.98
C CYS H 738 20.90 -10.05 14.47
N THR H 739 20.16 -10.12 15.58
CA THR H 739 19.46 -8.91 16.10
C THR H 739 20.47 -7.79 16.37
N MET H 740 21.65 -8.10 16.93
CA MET H 740 22.62 -7.03 17.30
C MET H 740 23.26 -6.40 16.07
N TYR H 741 23.35 -7.15 14.97
CA TYR H 741 23.92 -6.58 13.72
C TYR H 741 22.86 -5.70 13.04
N ILE H 742 21.60 -6.13 13.04
CA ILE H 742 20.55 -5.42 12.25
C ILE H 742 19.87 -4.31 13.08
N CYS H 743 19.49 -4.59 14.32
CA CYS H 743 18.73 -3.61 15.14
C CYS H 743 19.67 -2.75 15.98
N GLY H 744 20.66 -3.37 16.62
CA GLY H 744 21.57 -2.61 17.50
C GLY H 744 20.86 -2.12 18.75
N ASP H 745 20.21 -3.03 19.48
CA ASP H 745 19.51 -2.70 20.76
C ASP H 745 18.42 -1.64 20.55
N SER H 746 17.46 -1.90 19.66
CA SER H 746 16.29 -0.96 19.51
C SER H 746 15.01 -1.79 19.42
N THR H 747 14.07 -1.58 20.35
CA THR H 747 12.84 -2.43 20.41
C THR H 747 12.01 -2.31 19.13
N GLU H 748 11.85 -1.11 18.59
CA GLU H 748 11.03 -0.88 17.36
C GLU H 748 11.57 -1.77 16.25
N CYS H 749 12.88 -1.73 16.01
CA CYS H 749 13.50 -2.59 14.97
C CYS H 749 13.28 -4.05 15.34
N SER H 750 13.55 -4.43 16.59
CA SER H 750 13.46 -5.85 17.02
C SER H 750 12.04 -6.39 16.79
N ASN H 751 11.04 -5.55 16.99
CA ASN H 751 9.62 -5.99 16.84
C ASN H 751 9.33 -6.18 15.35
N LEU H 752 9.86 -5.31 14.50
CA LEU H 752 9.68 -5.45 13.02
C LEU H 752 10.43 -6.69 12.53
N LEU H 753 11.56 -7.02 13.17
CA LEU H 753 12.39 -8.16 12.73
C LEU H 753 11.62 -9.47 12.92
N LEU H 754 10.77 -9.55 13.96
CA LEU H 754 10.06 -10.82 14.27
C LEU H 754 9.20 -11.28 13.08
N GLN H 755 8.71 -10.35 12.27
CA GLN H 755 7.84 -10.70 11.10
C GLN H 755 8.60 -11.59 10.12
N TYR H 756 9.93 -11.48 10.04
CA TYR H 756 10.73 -12.24 9.04
C TYR H 756 10.87 -13.72 9.40
N GLY H 757 10.35 -14.15 10.56
CA GLY H 757 10.37 -15.60 10.87
C GLY H 757 11.67 -16.08 11.47
N SER H 758 12.29 -17.11 10.88
CA SER H 758 13.51 -17.71 11.48
C SER H 758 14.72 -17.59 10.56
N PHE H 759 14.92 -16.44 9.93
CA PHE H 759 16.15 -16.27 9.11
C PHE H 759 17.37 -16.20 10.03
N CYS H 760 17.23 -15.51 11.16
CA CYS H 760 18.37 -15.31 12.09
C CYS H 760 18.79 -16.63 12.74
N THR H 761 17.83 -17.52 12.99
CA THR H 761 18.15 -18.85 13.56
C THR H 761 18.96 -19.66 12.54
N GLN H 762 18.49 -19.73 11.29
CA GLN H 762 19.20 -20.49 10.23
C GLN H 762 20.63 -19.95 10.07
N LEU H 763 20.82 -18.64 10.29
CA LEU H 763 22.16 -18.00 10.12
C LEU H 763 23.08 -18.47 11.25
N ASN H 764 22.61 -18.38 12.49
CA ASN H 764 23.42 -18.85 13.65
C ASN H 764 23.75 -20.33 13.46
N ARG H 765 22.75 -21.15 13.08
CA ARG H 765 23.00 -22.59 12.81
C ARG H 765 24.14 -22.74 11.79
N ALA H 766 24.05 -22.06 10.65
CA ALA H 766 25.07 -22.21 9.59
C ALA H 766 26.45 -21.83 10.13
N LEU H 767 26.54 -20.72 10.88
CA LEU H 767 27.86 -20.26 11.39
C LEU H 767 28.38 -21.21 12.47
N THR H 768 27.52 -21.79 13.30
CA THR H 768 28.00 -22.78 14.29
C THR H 768 28.45 -24.02 13.52
N GLY H 769 27.74 -24.38 12.45
CA GLY H 769 28.06 -25.59 11.68
C GLY H 769 29.41 -25.50 10.98
N ILE H 770 29.88 -24.29 10.68
CA ILE H 770 31.25 -24.16 10.10
C ILE H 770 32.28 -23.96 11.22
N ALA H 771 31.90 -23.27 12.29
CA ALA H 771 32.82 -23.06 13.44
C ALA H 771 33.28 -24.42 14.00
N VAL H 772 32.38 -25.39 14.09
CA VAL H 772 32.75 -26.72 14.68
C VAL H 772 33.70 -27.43 13.72
N GLU H 773 33.40 -27.44 12.41
CA GLU H 773 34.25 -28.22 11.45
C GLU H 773 35.65 -27.62 11.34
N GLN H 774 35.83 -26.34 11.67
CA GLN H 774 37.20 -25.76 11.64
C GLN H 774 38.07 -26.49 12.67
N ASP H 775 37.52 -26.81 13.84
CA ASP H 775 38.28 -27.56 14.87
C ASP H 775 38.48 -28.99 14.38
N LYS H 776 37.43 -29.59 13.80
CA LYS H 776 37.52 -31.00 13.32
C LYS H 776 38.66 -31.11 12.31
N ASN H 777 38.82 -30.11 11.44
CA ASN H 777 39.96 -30.11 10.48
C ASN H 777 41.25 -30.26 11.28
N THR H 778 41.48 -29.35 12.24
CA THR H 778 42.71 -29.39 13.07
C THR H 778 42.91 -30.80 13.65
N GLN H 779 41.94 -31.33 14.39
CA GLN H 779 42.12 -32.65 15.06
C GLN H 779 42.40 -33.76 14.03
N GLU H 780 41.79 -33.72 12.83
CA GLU H 780 42.02 -34.86 11.90
C GLU H 780 43.41 -34.77 11.25
N VAL H 781 43.96 -33.55 11.13
CA VAL H 781 45.33 -33.41 10.55
C VAL H 781 46.38 -33.76 11.61
N PHE H 782 46.40 -33.08 12.76
CA PHE H 782 47.51 -33.28 13.73
C PHE H 782 47.34 -34.50 14.64
N ALA H 783 46.13 -34.84 15.07
CA ALA H 783 45.99 -35.96 16.05
C ALA H 783 46.06 -37.32 15.35
N GLN H 784 47.26 -37.75 14.96
CA GLN H 784 47.45 -39.08 14.31
C GLN H 784 48.44 -39.88 15.16
N VAL H 785 48.60 -39.51 16.44
CA VAL H 785 49.52 -40.23 17.36
C VAL H 785 48.76 -40.48 18.67
N LYS H 786 48.99 -41.62 19.32
CA LYS H 786 48.34 -41.94 20.61
C LYS H 786 49.26 -41.47 21.75
N GLN H 787 50.57 -41.64 21.58
CA GLN H 787 51.52 -41.31 22.68
C GLN H 787 52.22 -39.98 22.37
N ILE H 788 52.89 -39.40 23.36
CA ILE H 788 53.67 -38.15 23.09
C ILE H 788 55.14 -38.58 23.06
N TYR H 789 55.68 -38.81 21.86
CA TYR H 789 57.06 -39.33 21.74
C TYR H 789 58.07 -38.25 22.10
N LYS H 790 59.19 -38.66 22.71
CA LYS H 790 60.27 -37.70 23.06
C LYS H 790 61.56 -38.23 22.45
N THR H 791 62.53 -37.36 22.14
CA THR H 791 63.81 -37.79 21.52
C THR H 791 64.80 -38.16 22.64
N PRO H 792 65.80 -39.05 22.41
CA PRO H 792 66.83 -39.34 23.42
C PRO H 792 67.65 -38.09 23.75
N PRO H 793 68.13 -37.90 25.01
CA PRO H 793 69.00 -36.76 25.34
C PRO H 793 70.30 -36.76 24.54
N ILE H 794 71.01 -37.89 24.46
CA ILE H 794 72.23 -37.98 23.61
C ILE H 794 71.77 -38.25 22.18
N LYS H 795 72.14 -37.38 21.23
CA LYS H 795 71.59 -37.53 19.85
C LYS H 795 72.70 -37.80 18.83
N ASP H 796 72.91 -39.06 18.46
CA ASP H 796 73.90 -39.41 17.40
C ASP H 796 73.12 -40.14 16.31
N PHE H 797 72.78 -39.46 15.20
CA PHE H 797 71.92 -40.09 14.17
C PHE H 797 72.76 -40.58 12.97
N GLY H 798 74.04 -40.88 13.19
CA GLY H 798 74.92 -41.38 12.10
C GLY H 798 74.93 -40.44 10.92
N GLY H 799 75.16 -39.13 11.16
CA GLY H 799 75.30 -38.17 10.05
C GLY H 799 74.14 -37.19 9.87
N PHE H 800 72.99 -37.40 10.50
CA PHE H 800 71.91 -36.41 10.24
C PHE H 800 71.79 -35.54 11.51
N ASN H 801 71.93 -34.22 11.40
CA ASN H 801 71.84 -33.30 12.56
C ASN H 801 70.55 -32.50 12.42
N PHE H 802 69.54 -32.77 13.25
CA PHE H 802 68.23 -32.11 13.03
C PHE H 802 67.97 -30.99 14.03
N SER H 803 68.97 -30.16 14.33
CA SER H 803 68.76 -29.14 15.40
C SER H 803 67.81 -28.00 14.98
N GLN H 804 67.60 -27.79 13.68
CA GLN H 804 66.77 -26.63 13.26
C GLN H 804 65.27 -26.97 13.28
N ILE H 805 64.93 -28.26 13.42
CA ILE H 805 63.49 -28.67 13.36
C ILE H 805 63.09 -29.38 14.66
N LEU H 806 63.96 -29.42 15.67
CA LEU H 806 63.57 -30.01 16.99
C LEU H 806 63.07 -28.90 17.93
N PRO H 807 62.15 -29.19 18.88
CA PRO H 807 61.67 -28.19 19.85
C PRO H 807 62.80 -27.55 20.68
N ASP H 808 62.83 -26.22 20.75
CA ASP H 808 63.87 -25.52 21.54
C ASP H 808 63.26 -25.02 22.85
N PRO H 809 63.84 -25.36 24.03
CA PRO H 809 63.28 -24.96 25.32
C PRO H 809 63.33 -23.45 25.59
N SER H 810 64.37 -22.75 25.12
CA SER H 810 64.52 -21.30 25.40
C SER H 810 63.72 -20.48 24.38
N LYS H 811 62.78 -21.12 23.66
CA LYS H 811 62.00 -20.42 22.62
C LYS H 811 60.54 -20.25 23.08
N PRO H 812 59.76 -19.32 22.50
CA PRO H 812 58.34 -19.19 22.86
C PRO H 812 57.56 -20.47 22.50
N SER H 813 56.75 -20.98 23.43
CA SER H 813 55.89 -22.16 23.16
C SER H 813 56.69 -23.42 22.82
N LYS H 814 57.94 -23.53 23.31
CA LYS H 814 58.80 -24.72 23.06
C LYS H 814 58.74 -25.11 21.59
N ARG H 815 58.96 -24.16 20.68
CA ARG H 815 58.83 -24.44 19.22
C ARG H 815 60.20 -24.75 18.62
N SER H 816 60.25 -25.05 17.32
CA SER H 816 61.53 -25.31 16.63
C SER H 816 62.02 -24.02 15.96
N PRO H 817 63.33 -23.85 15.69
CA PRO H 817 63.82 -22.68 14.94
C PRO H 817 63.09 -22.40 13.62
N ILE H 818 62.84 -23.43 12.81
CA ILE H 818 62.10 -23.25 11.52
C ILE H 818 60.70 -22.74 11.84
N GLU H 819 60.01 -23.37 12.80
CA GLU H 819 58.63 -22.97 13.20
C GLU H 819 58.64 -21.49 13.57
N ASP H 820 59.65 -21.06 14.32
CA ASP H 820 59.77 -19.62 14.71
C ASP H 820 59.60 -18.78 13.45
N LEU H 821 60.44 -19.00 12.43
CA LEU H 821 60.39 -18.18 11.21
C LEU H 821 58.96 -18.19 10.62
N LEU H 822 58.32 -19.36 10.55
CA LEU H 822 56.95 -19.46 9.97
C LEU H 822 55.96 -18.52 10.66
N PHE H 823 55.92 -18.48 12.00
CA PHE H 823 54.91 -17.64 12.70
C PHE H 823 55.36 -16.17 12.75
N ASN H 824 56.63 -15.87 12.40
CA ASN H 824 57.04 -14.44 12.36
C ASN H 824 56.67 -13.84 10.99
N LYS H 825 56.65 -14.68 9.95
CA LYS H 825 56.36 -14.19 8.57
C LYS H 825 54.87 -13.92 8.38
N VAL H 826 54.00 -14.78 8.92
CA VAL H 826 52.54 -14.63 8.65
C VAL H 826 51.77 -14.55 9.98
N PHE H 855 32.53 -6.17 17.54
CA PHE H 855 32.30 -4.70 17.50
C PHE H 855 30.80 -4.41 17.61
N ASN H 856 29.96 -5.13 16.84
CA ASN H 856 28.49 -4.97 16.99
C ASN H 856 27.82 -6.33 16.73
N GLY H 857 27.86 -7.22 17.72
CA GLY H 857 27.31 -8.57 17.52
C GLY H 857 28.30 -9.41 16.74
N LEU H 858 29.53 -8.92 16.55
CA LEU H 858 30.57 -9.64 15.77
C LEU H 858 31.58 -10.20 16.76
N THR H 859 31.80 -11.53 16.76
CA THR H 859 32.68 -12.15 17.78
C THR H 859 33.61 -13.19 17.10
N VAL H 860 34.87 -13.30 17.55
CA VAL H 860 35.76 -14.38 17.00
C VAL H 860 36.00 -15.41 18.11
N LEU H 861 35.78 -16.68 17.82
CA LEU H 861 35.92 -17.75 18.85
C LEU H 861 37.35 -18.29 18.80
N PRO H 862 38.02 -18.58 19.94
CA PRO H 862 39.37 -19.13 19.93
C PRO H 862 39.37 -20.58 19.45
N PRO H 863 40.45 -21.09 18.82
CA PRO H 863 40.48 -22.50 18.43
C PRO H 863 40.50 -23.36 19.70
N LEU H 864 39.79 -24.49 19.65
CA LEU H 864 39.86 -25.42 20.82
C LEU H 864 41.34 -25.72 21.10
N LEU H 865 42.15 -25.90 20.05
CA LEU H 865 43.58 -26.28 20.26
C LEU H 865 44.48 -25.03 20.20
N THR H 866 45.35 -24.87 21.21
CA THR H 866 46.29 -23.72 21.23
C THR H 866 47.48 -23.99 20.31
N ASP H 867 48.34 -22.99 20.12
CA ASP H 867 49.56 -23.19 19.29
C ASP H 867 50.54 -24.10 20.03
N GLU H 868 50.58 -24.01 21.36
CA GLU H 868 51.46 -24.88 22.17
C GLU H 868 51.17 -26.35 21.89
N MET H 869 49.90 -26.76 21.94
CA MET H 869 49.54 -28.20 21.79
C MET H 869 49.77 -28.66 20.34
N ILE H 870 49.61 -27.78 19.37
CA ILE H 870 49.94 -28.19 17.97
C ILE H 870 51.45 -28.42 17.92
N ALA H 871 52.23 -27.52 18.52
CA ALA H 871 53.71 -27.65 18.56
C ALA H 871 54.10 -28.98 19.22
N GLN H 872 53.36 -29.41 20.25
CA GLN H 872 53.69 -30.67 20.95
C GLN H 872 53.30 -31.86 20.07
N TYR H 873 52.20 -31.74 19.31
CA TYR H 873 51.82 -32.83 18.38
C TYR H 873 52.96 -33.03 17.37
N THR H 874 53.47 -31.92 16.82
CA THR H 874 54.56 -32.01 15.83
C THR H 874 55.80 -32.61 16.51
N SER H 875 56.18 -32.10 17.68
CA SER H 875 57.34 -32.69 18.40
C SER H 875 57.14 -34.20 18.59
N ALA H 876 55.92 -34.65 18.91
CA ALA H 876 55.63 -36.09 19.08
C ALA H 876 55.84 -36.83 17.74
N LEU H 877 55.20 -36.36 16.67
CA LEU H 877 55.35 -36.97 15.32
C LEU H 877 56.84 -37.02 14.97
N LEU H 878 57.55 -35.92 15.15
CA LEU H 878 58.98 -35.83 14.77
C LEU H 878 59.79 -36.85 15.59
N ALA H 879 59.62 -36.84 16.91
CA ALA H 879 60.39 -37.76 17.77
C ALA H 879 60.10 -39.20 17.37
N GLY H 880 58.85 -39.51 17.01
CA GLY H 880 58.51 -40.88 16.56
C GLY H 880 59.20 -41.24 15.26
N THR H 881 59.21 -40.35 14.26
CA THR H 881 59.77 -40.73 12.93
C THR H 881 61.30 -40.82 12.99
N ILE H 882 61.97 -39.95 13.75
CA ILE H 882 63.46 -39.93 13.77
C ILE H 882 63.97 -41.15 14.53
N THR H 883 63.13 -41.76 15.36
CA THR H 883 63.65 -42.85 16.23
C THR H 883 63.07 -44.23 15.91
N SER H 884 61.83 -44.32 15.42
CA SER H 884 61.22 -45.65 15.20
C SER H 884 60.88 -45.86 13.72
N GLY H 885 61.06 -44.84 12.89
CA GLY H 885 60.71 -44.96 11.46
C GLY H 885 59.21 -44.95 11.26
N TRP H 886 58.65 -45.93 10.53
CA TRP H 886 57.20 -45.96 10.21
C TRP H 886 56.50 -46.99 11.12
N THR H 887 57.23 -47.58 12.06
CA THR H 887 56.65 -48.67 12.89
C THR H 887 55.61 -48.10 13.87
N PHE H 888 55.80 -46.87 14.33
CA PHE H 888 54.86 -46.27 15.31
C PHE H 888 53.53 -45.93 14.62
N GLY H 889 53.52 -45.90 13.29
CA GLY H 889 52.29 -45.61 12.53
C GLY H 889 51.58 -46.89 12.10
N ALA H 890 51.89 -48.01 12.76
CA ALA H 890 51.25 -49.31 12.44
C ALA H 890 51.15 -50.14 13.73
N GLY H 891 51.52 -49.54 14.86
CA GLY H 891 51.47 -50.25 16.15
C GLY H 891 52.65 -49.88 17.04
N PRO H 892 53.44 -50.86 17.53
CA PRO H 892 54.55 -50.59 18.46
C PRO H 892 55.68 -49.74 17.85
N ALA H 893 56.26 -48.84 18.65
CA ALA H 893 57.37 -48.00 18.17
C ALA H 893 58.70 -48.76 18.34
N LEU H 894 59.04 -49.62 17.38
CA LEU H 894 60.29 -50.40 17.46
C LEU H 894 61.47 -49.49 17.11
N GLN H 895 62.35 -49.22 18.08
CA GLN H 895 63.50 -48.31 17.85
C GLN H 895 64.47 -48.94 16.85
N ILE H 896 64.92 -48.16 15.86
CA ILE H 896 65.87 -48.69 14.83
C ILE H 896 67.02 -47.68 14.71
N PRO H 897 68.29 -48.09 14.46
CA PRO H 897 69.37 -47.12 14.23
C PRO H 897 69.02 -46.25 13.01
N PHE H 898 69.27 -44.95 13.09
CA PHE H 898 68.99 -44.04 11.94
C PHE H 898 69.66 -44.53 10.65
N PRO H 899 70.97 -44.89 10.59
CA PRO H 899 71.57 -45.47 9.38
C PRO H 899 70.78 -46.68 8.83
N MET H 900 70.39 -47.61 9.71
CA MET H 900 69.59 -48.78 9.27
C MET H 900 68.28 -48.31 8.64
N GLN H 901 67.62 -47.33 9.26
CA GLN H 901 66.33 -46.79 8.74
C GLN H 901 66.56 -46.19 7.34
N MET H 902 67.69 -45.51 7.16
CA MET H 902 67.99 -44.87 5.84
C MET H 902 68.37 -45.94 4.82
N ALA H 903 68.91 -47.08 5.26
CA ALA H 903 69.20 -48.18 4.32
C ALA H 903 67.88 -48.78 3.81
N TYR H 904 66.87 -48.83 4.67
CA TYR H 904 65.57 -49.45 4.29
C TYR H 904 64.85 -48.55 3.29
N ARG H 905 64.87 -47.24 3.51
CA ARG H 905 64.21 -46.28 2.58
C ARG H 905 64.98 -46.29 1.25
N PHE H 906 66.28 -46.58 1.31
CA PHE H 906 67.06 -46.68 0.05
C PHE H 906 66.59 -47.95 -0.67
N ASN H 907 66.45 -49.05 0.06
CA ASN H 907 65.89 -50.31 -0.54
C ASN H 907 64.49 -49.99 -1.08
N GLY H 908 63.72 -49.17 -0.36
CA GLY H 908 62.35 -48.82 -0.77
C GLY H 908 62.30 -48.11 -2.12
N ILE H 909 63.35 -47.35 -2.47
CA ILE H 909 63.39 -46.66 -3.79
C ILE H 909 64.15 -47.51 -4.83
N GLY H 910 64.58 -48.72 -4.46
CA GLY H 910 65.19 -49.62 -5.45
C GLY H 910 66.71 -49.67 -5.39
N VAL H 911 67.34 -48.92 -4.50
CA VAL H 911 68.84 -48.91 -4.53
C VAL H 911 69.38 -49.79 -3.40
N THR H 912 70.52 -50.44 -3.61
CA THR H 912 71.07 -51.39 -2.60
C THR H 912 71.55 -50.69 -1.33
N GLN H 913 71.72 -51.44 -0.24
CA GLN H 913 72.10 -50.84 1.07
C GLN H 913 73.57 -50.39 1.05
N ASN H 914 74.45 -51.13 0.39
CA ASN H 914 75.90 -50.81 0.35
C ASN H 914 76.08 -49.37 -0.16
N VAL H 915 75.21 -48.92 -1.07
CA VAL H 915 75.33 -47.56 -1.66
C VAL H 915 75.22 -46.54 -0.53
N LEU H 916 74.29 -46.71 0.41
CA LEU H 916 74.25 -45.77 1.57
C LEU H 916 75.42 -46.04 2.52
N TYR H 917 75.77 -47.30 2.77
CA TYR H 917 76.80 -47.59 3.80
C TYR H 917 78.19 -47.08 3.43
N GLU H 918 78.53 -47.06 2.15
CA GLU H 918 79.84 -46.54 1.71
C GLU H 918 79.74 -45.03 1.45
N ASN H 919 78.53 -44.48 1.43
CA ASN H 919 78.35 -43.04 1.14
C ASN H 919 77.66 -42.35 2.33
N GLN H 920 77.86 -42.88 3.54
CA GLN H 920 77.13 -42.31 4.70
C GLN H 920 77.53 -40.85 4.88
N LYS H 921 78.84 -40.56 5.02
CA LYS H 921 79.29 -39.18 5.31
C LYS H 921 78.87 -38.19 4.21
N LEU H 922 78.75 -38.59 2.95
CA LEU H 922 78.37 -37.57 1.94
C LEU H 922 76.86 -37.30 2.03
N ILE H 923 76.03 -38.35 2.01
CA ILE H 923 74.56 -38.17 2.19
C ILE H 923 74.35 -37.31 3.44
N ALA H 924 75.09 -37.59 4.51
CA ALA H 924 75.01 -36.78 5.74
C ALA H 924 75.17 -35.28 5.41
N ASN H 925 76.35 -34.90 4.89
CA ASN H 925 76.63 -33.46 4.60
C ASN H 925 75.56 -32.88 3.67
N GLN H 926 75.15 -33.60 2.62
CA GLN H 926 74.18 -33.03 1.64
C GLN H 926 72.86 -32.73 2.36
N PHE H 927 72.37 -33.67 3.18
CA PHE H 927 71.13 -33.42 3.96
C PHE H 927 71.32 -32.16 4.82
N ASN H 928 72.39 -32.12 5.61
CA ASN H 928 72.61 -30.97 6.53
C ASN H 928 72.62 -29.67 5.72
N SER H 929 73.34 -29.65 4.60
CA SER H 929 73.45 -28.43 3.76
C SER H 929 72.08 -28.07 3.19
N ALA H 930 71.26 -29.08 2.86
CA ALA H 930 69.94 -28.81 2.25
C ALA H 930 68.95 -28.29 3.31
N ILE H 931 69.11 -28.71 4.57
CA ILE H 931 68.25 -28.14 5.64
C ILE H 931 68.78 -26.73 5.94
N GLY H 932 70.08 -26.52 5.72
CA GLY H 932 70.68 -25.19 5.93
C GLY H 932 70.08 -24.15 5.00
N LYS H 933 69.69 -24.54 3.78
CA LYS H 933 69.15 -23.56 2.81
C LYS H 933 67.68 -23.26 3.12
N ILE H 934 66.96 -24.22 3.71
CA ILE H 934 65.50 -24.03 3.98
C ILE H 934 65.28 -22.75 4.78
N GLN H 935 66.02 -22.57 5.88
CA GLN H 935 65.88 -21.36 6.73
C GLN H 935 65.89 -20.11 5.87
N ASP H 936 66.94 -19.91 5.07
CA ASP H 936 67.07 -18.68 4.25
C ASP H 936 65.98 -18.64 3.17
N SER H 937 65.70 -19.76 2.51
CA SER H 937 64.70 -19.80 1.41
C SER H 937 63.33 -19.39 1.94
N LEU H 938 62.99 -19.81 3.16
CA LEU H 938 61.68 -19.46 3.76
C LEU H 938 61.70 -17.99 4.18
N SER H 939 62.80 -17.56 4.83
CA SER H 939 62.91 -16.15 5.30
C SER H 939 62.73 -15.18 4.12
N SER H 940 63.40 -15.45 3.00
CA SER H 940 63.27 -14.58 1.79
C SER H 940 61.85 -14.70 1.22
N ALA H 944 56.78 -16.37 1.11
CA ALA H 944 56.95 -17.83 0.90
C ALA H 944 55.67 -18.56 1.32
N LEU H 945 55.01 -18.08 2.37
CA LEU H 945 53.78 -18.74 2.87
C LEU H 945 52.56 -17.96 2.39
N GLY H 946 52.47 -17.70 1.08
CA GLY H 946 51.33 -16.95 0.51
C GLY H 946 50.03 -17.71 0.68
N LYS H 947 50.07 -19.05 0.61
CA LYS H 947 48.87 -19.90 0.79
C LYS H 947 48.18 -19.50 2.11
N LEU H 948 48.95 -19.49 3.20
CA LEU H 948 48.40 -19.12 4.53
C LEU H 948 47.95 -17.65 4.52
N GLN H 949 48.80 -16.74 4.03
CA GLN H 949 48.45 -15.31 4.09
C GLN H 949 47.11 -15.07 3.37
N ASP H 950 46.85 -15.79 2.28
CA ASP H 950 45.62 -15.55 1.48
C ASP H 950 44.37 -15.87 2.31
N VAL H 951 44.32 -16.99 3.02
CA VAL H 951 43.04 -17.31 3.73
C VAL H 951 42.77 -16.23 4.79
N VAL H 952 43.81 -15.79 5.50
CA VAL H 952 43.65 -14.72 6.53
C VAL H 952 43.13 -13.45 5.84
N ASN H 953 43.76 -13.06 4.73
CA ASN H 953 43.37 -11.82 4.01
C ASN H 953 41.91 -11.92 3.56
N GLN H 954 41.50 -13.06 2.99
CA GLN H 954 40.09 -13.26 2.56
C GLN H 954 39.16 -13.09 3.77
N ASN H 955 39.44 -13.79 4.88
CA ASN H 955 38.49 -13.70 6.03
C ASN H 955 38.41 -12.25 6.48
N ALA H 956 39.56 -11.57 6.61
CA ALA H 956 39.58 -10.15 7.02
C ALA H 956 38.70 -9.32 6.08
N GLN H 957 38.91 -9.39 4.76
CA GLN H 957 38.14 -8.51 3.83
C GLN H 957 36.64 -8.77 4.00
N ALA H 958 36.24 -10.02 4.22
CA ALA H 958 34.81 -10.37 4.35
C ALA H 958 34.23 -9.74 5.63
N LEU H 959 34.98 -9.80 6.72
CA LEU H 959 34.51 -9.15 7.98
C LEU H 959 34.40 -7.65 7.71
N ASN H 960 35.42 -7.07 7.08
CA ASN H 960 35.44 -5.61 6.84
C ASN H 960 34.23 -5.18 5.98
N THR H 961 33.91 -5.92 4.92
CA THR H 961 32.71 -5.55 4.12
C THR H 961 31.43 -5.67 4.97
N LEU H 962 31.30 -6.73 5.78
CA LEU H 962 30.11 -6.91 6.64
C LEU H 962 29.91 -5.68 7.53
N VAL H 963 30.97 -5.19 8.17
CA VAL H 963 30.87 -4.00 9.07
C VAL H 963 30.56 -2.76 8.25
N LYS H 964 31.25 -2.58 7.11
CA LYS H 964 31.08 -1.34 6.29
C LYS H 964 29.66 -1.23 5.72
N GLN H 965 28.92 -2.34 5.67
CA GLN H 965 27.54 -2.32 5.14
C GLN H 965 26.58 -1.70 6.16
N LEU H 966 27.05 -1.45 7.39
CA LEU H 966 26.18 -0.86 8.45
C LEU H 966 26.14 0.67 8.32
N SER H 967 26.71 1.23 7.24
CA SER H 967 26.59 2.70 7.04
C SER H 967 25.95 3.00 5.67
N SER H 968 25.08 2.10 5.19
CA SER H 968 24.37 2.36 3.91
C SER H 968 22.86 2.47 4.16
N ASN H 969 22.19 3.35 3.40
CA ASN H 969 20.73 3.57 3.61
C ASN H 969 19.93 2.49 2.89
N PHE H 970 20.39 2.06 1.70
CA PHE H 970 19.69 1.03 0.89
C PHE H 970 18.39 1.60 0.33
N GLY H 971 18.22 2.93 0.37
CA GLY H 971 16.93 3.52 -0.03
C GLY H 971 16.19 4.02 1.19
N ALA H 972 16.89 4.19 2.31
CA ALA H 972 16.26 4.76 3.52
C ALA H 972 16.63 6.24 3.60
N ILE H 973 16.35 6.89 4.73
CA ILE H 973 16.63 8.35 4.89
C ILE H 973 17.93 8.57 5.66
N SER H 974 18.44 7.52 6.32
CA SER H 974 19.69 7.60 7.12
C SER H 974 20.21 6.19 7.34
N SER H 975 21.31 6.01 8.07
CA SER H 975 21.78 4.64 8.38
C SER H 975 21.68 4.36 9.88
N VAL H 976 21.17 5.31 10.66
CA VAL H 976 21.11 5.13 12.14
C VAL H 976 19.66 4.86 12.55
N LEU H 977 19.45 3.91 13.47
CA LEU H 977 18.08 3.62 13.98
C LEU H 977 17.71 4.72 14.97
N ASN H 978 18.70 5.48 15.45
CA ASN H 978 18.41 6.62 16.37
C ASN H 978 18.24 7.88 15.51
N ASP H 979 17.99 7.70 14.21
CA ASP H 979 17.75 8.84 13.28
C ASP H 979 16.43 8.56 12.57
N ILE H 980 15.75 7.48 12.94
CA ILE H 980 14.41 7.19 12.34
C ILE H 980 13.43 7.10 13.51
N LEU H 981 13.96 6.84 14.71
CA LEU H 981 13.08 6.78 15.91
C LEU H 981 13.18 8.11 16.65
N SER H 982 14.32 8.79 16.53
CA SER H 982 14.46 10.13 17.15
C SER H 982 14.03 11.22 16.17
N ARG H 983 13.74 10.85 14.91
CA ARG H 983 13.42 11.89 13.90
C ARG H 983 12.04 11.65 13.27
N LEU H 984 11.36 10.56 13.61
CA LEU H 984 10.06 10.27 12.94
C LEU H 984 9.13 9.48 13.87
N ASP H 985 7.81 9.71 13.73
CA ASP H 985 6.81 8.99 14.53
C ASP H 985 6.86 7.50 14.20
N PRO H 986 6.62 6.57 15.14
CA PRO H 986 6.57 5.13 14.83
C PRO H 986 5.80 4.70 13.57
N PRO H 987 4.54 5.14 13.29
CA PRO H 987 3.86 4.78 12.03
C PRO H 987 4.74 4.85 10.78
N GLU H 988 5.36 6.01 10.53
CA GLU H 988 6.15 6.19 9.28
C GLU H 988 7.55 5.61 9.45
N ALA H 989 7.99 5.43 10.70
CA ALA H 989 9.33 4.84 10.96
C ALA H 989 9.37 3.41 10.43
N GLU H 990 8.28 2.65 10.56
CA GLU H 990 8.25 1.23 10.09
C GLU H 990 8.67 1.17 8.62
N VAL H 991 8.17 2.09 7.77
CA VAL H 991 8.45 2.05 6.31
C VAL H 991 9.90 2.47 6.01
N GLN H 992 10.65 2.86 7.03
CA GLN H 992 12.08 3.20 6.82
C GLN H 992 12.94 2.16 7.54
N ILE H 993 12.49 1.67 8.70
CA ILE H 993 13.24 0.59 9.41
C ILE H 993 13.23 -0.66 8.52
N ASP H 994 12.05 -1.07 8.03
CA ASP H 994 11.94 -2.29 7.18
C ASP H 994 12.98 -2.25 6.05
N ARG H 995 13.21 -1.07 5.46
CA ARG H 995 14.22 -0.93 4.37
C ARG H 995 15.59 -1.32 4.93
N LEU H 996 16.03 -0.67 6.01
CA LEU H 996 17.32 -1.05 6.64
C LEU H 996 17.30 -2.55 6.94
N ILE H 997 16.19 -3.07 7.46
CA ILE H 997 16.09 -4.52 7.84
C ILE H 997 16.42 -5.37 6.62
N THR H 998 15.60 -5.28 5.56
CA THR H 998 15.81 -6.10 4.33
C THR H 998 17.29 -6.04 3.91
N GLY H 999 17.86 -4.84 3.79
CA GLY H 999 19.24 -4.69 3.31
C GLY H 999 20.26 -5.37 4.20
N ARG H 1000 20.11 -5.26 5.52
CA ARG H 1000 21.10 -5.83 6.46
C ARG H 1000 20.95 -7.35 6.46
N LEU H 1001 19.71 -7.84 6.37
CA LEU H 1001 19.48 -9.31 6.26
C LEU H 1001 20.22 -9.79 5.01
N GLN H 1002 19.99 -9.16 3.86
CA GLN H 1002 20.64 -9.55 2.59
C GLN H 1002 22.16 -9.62 2.78
N SER H 1003 22.77 -8.57 3.34
CA SER H 1003 24.24 -8.53 3.47
C SER H 1003 24.73 -9.65 4.40
N LEU H 1004 24.03 -9.86 5.51
CA LEU H 1004 24.40 -10.94 6.46
C LEU H 1004 24.31 -12.30 5.74
N GLN H 1005 23.22 -12.55 5.01
CA GLN H 1005 23.06 -13.84 4.27
C GLN H 1005 24.22 -14.01 3.30
N THR H 1006 24.55 -12.96 2.54
CA THR H 1006 25.65 -13.04 1.54
C THR H 1006 26.95 -13.47 2.25
N TYR H 1007 27.29 -12.80 3.36
CA TYR H 1007 28.52 -13.15 4.11
C TYR H 1007 28.50 -14.63 4.46
N VAL H 1008 27.40 -15.11 5.05
CA VAL H 1008 27.35 -16.52 5.53
C VAL H 1008 27.47 -17.50 4.34
N THR H 1009 26.77 -17.24 3.24
CA THR H 1009 26.87 -18.11 2.04
C THR H 1009 28.34 -18.19 1.59
N GLN H 1010 29.02 -17.05 1.50
CA GLN H 1010 30.43 -17.02 1.00
C GLN H 1010 31.34 -17.71 2.02
N GLN H 1011 31.00 -17.65 3.31
CA GLN H 1011 31.81 -18.35 4.33
C GLN H 1011 31.63 -19.87 4.18
N LEU H 1012 30.41 -20.33 3.85
CA LEU H 1012 30.19 -21.78 3.63
C LEU H 1012 31.03 -22.21 2.42
N ILE H 1013 31.08 -21.39 1.39
CA ILE H 1013 31.82 -21.75 0.14
C ILE H 1013 33.32 -21.79 0.45
N ARG H 1014 33.83 -20.85 1.26
CA ARG H 1014 35.27 -20.88 1.64
C ARG H 1014 35.55 -22.08 2.54
N ALA H 1015 34.64 -22.38 3.48
CA ALA H 1015 34.83 -23.51 4.41
C ALA H 1015 34.98 -24.81 3.63
N ALA H 1016 34.19 -24.99 2.55
CA ALA H 1016 34.25 -26.22 1.75
C ALA H 1016 35.65 -26.39 1.16
N GLU H 1017 36.33 -25.29 0.85
CA GLU H 1017 37.66 -25.38 0.19
C GLU H 1017 38.76 -25.59 1.25
N ILE H 1018 38.62 -24.96 2.43
CA ILE H 1018 39.60 -25.20 3.54
C ILE H 1018 39.50 -26.68 3.94
N ARG H 1019 38.28 -27.24 3.89
CA ARG H 1019 38.07 -28.67 4.22
C ARG H 1019 38.88 -29.54 3.25
N ALA H 1020 38.77 -29.27 1.95
CA ALA H 1020 39.51 -30.07 0.93
C ALA H 1020 41.01 -29.97 1.21
N SER H 1021 41.51 -28.77 1.49
CA SER H 1021 42.97 -28.58 1.77
C SER H 1021 43.37 -29.39 3.00
N ALA H 1022 42.56 -29.34 4.08
CA ALA H 1022 42.87 -30.07 5.33
C ALA H 1022 42.86 -31.58 5.07
N ASN H 1023 41.97 -32.05 4.19
CA ASN H 1023 41.85 -33.50 3.91
C ASN H 1023 43.10 -33.97 3.16
N LEU H 1024 43.63 -33.14 2.26
CA LEU H 1024 44.87 -33.52 1.54
C LEU H 1024 46.05 -33.49 2.51
N ALA H 1025 46.04 -32.56 3.47
CA ALA H 1025 47.12 -32.52 4.50
C ALA H 1025 47.07 -33.81 5.32
N ALA H 1026 45.87 -34.26 5.69
CA ALA H 1026 45.72 -35.48 6.50
C ALA H 1026 46.24 -36.69 5.72
N THR H 1027 45.79 -36.85 4.47
CA THR H 1027 46.20 -38.02 3.64
C THR H 1027 47.72 -38.02 3.48
N LYS H 1028 48.31 -36.83 3.30
CA LYS H 1028 49.77 -36.71 3.04
C LYS H 1028 50.57 -36.96 4.33
N MET H 1029 50.08 -36.51 5.49
CA MET H 1029 50.78 -36.83 6.76
C MET H 1029 50.78 -38.36 6.87
N SER H 1030 49.65 -38.99 6.58
CA SER H 1030 49.57 -40.46 6.65
C SER H 1030 50.53 -41.10 5.65
N GLU H 1031 50.68 -40.56 4.45
CA GLU H 1031 51.50 -41.27 3.43
C GLU H 1031 52.97 -40.83 3.42
N CYS H 1032 53.28 -39.66 3.97
CA CYS H 1032 54.68 -39.18 3.80
C CYS H 1032 55.46 -39.09 5.12
N VAL H 1033 54.84 -38.87 6.29
CA VAL H 1033 55.63 -38.92 7.54
C VAL H 1033 55.37 -40.27 8.22
N LEU H 1034 54.13 -40.76 8.21
CA LEU H 1034 53.79 -42.05 8.85
C LEU H 1034 54.13 -43.19 7.89
N GLY H 1035 54.62 -42.88 6.69
CA GLY H 1035 55.09 -43.94 5.78
C GLY H 1035 55.94 -43.37 4.65
N GLN H 1036 56.32 -44.20 3.67
CA GLN H 1036 57.09 -43.73 2.50
C GLN H 1036 56.20 -43.89 1.27
N SER H 1037 55.96 -42.81 0.52
CA SER H 1037 55.01 -42.93 -0.62
C SER H 1037 55.74 -43.29 -1.91
N LYS H 1038 55.21 -44.29 -2.62
CA LYS H 1038 55.79 -44.59 -3.95
C LYS H 1038 55.02 -43.71 -4.95
N ARG H 1039 54.15 -42.83 -4.44
CA ARG H 1039 53.35 -41.96 -5.33
C ARG H 1039 54.25 -40.93 -5.97
N VAL H 1040 54.23 -40.88 -7.31
CA VAL H 1040 55.03 -39.86 -8.03
C VAL H 1040 54.47 -38.48 -7.70
N ASP H 1041 55.31 -37.54 -7.25
CA ASP H 1041 54.89 -36.13 -7.00
C ASP H 1041 53.74 -36.02 -5.99
N PHE H 1042 53.73 -36.85 -4.96
CA PHE H 1042 52.72 -36.66 -3.88
C PHE H 1042 53.45 -36.09 -2.66
N CYS H 1043 54.66 -36.61 -2.38
CA CYS H 1043 55.46 -36.03 -1.28
C CYS H 1043 56.77 -35.47 -1.84
N GLY H 1044 56.69 -34.49 -2.74
CA GLY H 1044 57.91 -33.84 -3.25
C GLY H 1044 58.20 -34.20 -4.69
N LYS H 1045 59.27 -33.63 -5.25
CA LYS H 1045 59.70 -33.97 -6.63
C LYS H 1045 60.94 -34.86 -6.53
N GLY H 1046 60.91 -36.04 -7.13
CA GLY H 1046 62.04 -36.99 -7.02
C GLY H 1046 61.59 -38.31 -6.44
N TYR H 1047 62.47 -39.02 -5.73
CA TYR H 1047 62.09 -40.29 -5.07
C TYR H 1047 61.89 -40.04 -3.57
N HIS H 1048 60.64 -40.07 -3.10
CA HIS H 1048 60.35 -39.73 -1.68
C HIS H 1048 61.17 -40.59 -0.73
N LEU H 1049 61.79 -39.95 0.26
CA LEU H 1049 62.57 -40.67 1.29
C LEU H 1049 61.85 -40.52 2.64
N MET H 1050 61.52 -39.28 3.02
CA MET H 1050 60.92 -39.03 4.37
C MET H 1050 60.25 -37.64 4.37
N SER H 1051 59.29 -37.40 5.27
CA SER H 1051 58.72 -36.03 5.39
C SER H 1051 58.76 -35.58 6.85
N PHE H 1052 58.67 -34.27 7.11
CA PHE H 1052 58.69 -33.73 8.51
C PHE H 1052 57.69 -32.57 8.64
N PRO H 1053 56.58 -32.72 9.40
CA PRO H 1053 55.65 -31.61 9.57
C PRO H 1053 56.13 -30.47 10.50
N GLN H 1054 55.90 -29.23 10.10
CA GLN H 1054 56.22 -28.05 10.95
C GLN H 1054 54.95 -27.20 10.96
N SER H 1055 54.64 -26.48 12.04
CA SER H 1055 53.33 -25.79 12.09
C SER H 1055 53.37 -24.36 11.59
N ALA H 1056 52.23 -23.87 11.10
CA ALA H 1056 52.12 -22.47 10.62
C ALA H 1056 50.83 -21.91 11.23
N PRO H 1057 50.70 -20.59 11.46
CA PRO H 1057 49.52 -20.01 12.12
C PRO H 1057 48.18 -20.76 11.95
N HIS H 1058 47.71 -20.92 10.71
CA HIS H 1058 46.43 -21.64 10.45
C HIS H 1058 46.68 -22.79 9.48
N GLY H 1059 47.84 -23.43 9.57
CA GLY H 1059 48.17 -24.50 8.61
C GLY H 1059 49.33 -25.37 9.04
N VAL H 1060 49.91 -26.11 8.10
CA VAL H 1060 51.06 -26.99 8.41
C VAL H 1060 52.02 -27.00 7.21
N VAL H 1061 53.32 -26.82 7.47
CA VAL H 1061 54.35 -26.87 6.38
C VAL H 1061 54.98 -28.27 6.46
N PHE H 1062 55.32 -28.89 5.34
CA PHE H 1062 56.02 -30.20 5.44
C PHE H 1062 57.36 -30.13 4.72
N LEU H 1063 58.41 -30.73 5.32
CA LEU H 1063 59.74 -30.75 4.69
C LEU H 1063 59.93 -32.09 3.96
N HIS H 1064 60.02 -32.09 2.63
CA HIS H 1064 60.09 -33.34 1.82
C HIS H 1064 61.51 -33.78 1.48
N VAL H 1065 62.07 -34.73 2.24
CA VAL H 1065 63.41 -35.29 1.88
C VAL H 1065 63.20 -36.25 0.71
N THR H 1066 63.82 -35.98 -0.44
CA THR H 1066 63.71 -36.84 -1.65
C THR H 1066 65.11 -37.19 -2.20
N TYR H 1067 65.21 -38.26 -2.99
CA TYR H 1067 66.51 -38.69 -3.59
C TYR H 1067 66.47 -38.35 -5.08
N VAL H 1068 67.50 -37.66 -5.58
CA VAL H 1068 67.53 -37.29 -7.02
C VAL H 1068 68.81 -37.87 -7.64
N PRO H 1069 68.72 -38.70 -8.69
CA PRO H 1069 69.92 -39.23 -9.36
C PRO H 1069 70.65 -38.14 -10.17
N ALA H 1070 71.97 -38.31 -10.37
CA ALA H 1070 72.76 -37.26 -11.04
C ALA H 1070 73.99 -37.82 -11.79
N GLN H 1071 74.56 -37.03 -12.71
CA GLN H 1071 75.78 -37.43 -13.47
C GLN H 1071 75.57 -38.74 -14.23
N GLU H 1072 74.85 -38.69 -15.36
CA GLU H 1072 74.54 -39.92 -16.14
C GLU H 1072 75.72 -40.32 -17.02
N LYS H 1073 75.76 -41.57 -17.46
CA LYS H 1073 76.83 -42.05 -18.38
C LYS H 1073 76.20 -43.03 -19.37
N ASN H 1074 76.20 -42.70 -20.66
CA ASN H 1074 75.49 -43.55 -21.65
C ASN H 1074 76.45 -44.59 -22.24
N PHE H 1075 76.01 -45.85 -22.33
CA PHE H 1075 76.83 -46.91 -22.98
C PHE H 1075 75.95 -47.67 -23.95
N THR H 1076 75.94 -49.00 -23.86
CA THR H 1076 75.10 -49.86 -24.70
C THR H 1076 74.46 -51.00 -23.91
N THR H 1077 73.32 -51.50 -24.40
CA THR H 1077 72.63 -52.59 -23.73
C THR H 1077 72.07 -53.64 -24.69
N ALA H 1078 71.33 -54.51 -24.05
CA ALA H 1078 70.48 -55.54 -24.60
C ALA H 1078 69.67 -56.12 -23.45
N PRO H 1079 68.43 -56.38 -23.67
CA PRO H 1079 67.69 -57.30 -22.81
C PRO H 1079 68.23 -58.71 -22.55
N ALA H 1080 69.06 -59.31 -23.38
CA ALA H 1080 69.39 -60.71 -23.11
C ALA H 1080 70.80 -61.08 -23.56
N ILE H 1081 71.31 -62.16 -22.96
CA ILE H 1081 72.63 -62.70 -23.26
C ILE H 1081 72.51 -64.15 -23.67
N CYS H 1082 73.08 -64.49 -24.81
CA CYS H 1082 73.11 -65.87 -25.31
C CYS H 1082 74.39 -66.55 -24.86
N HIS H 1083 74.26 -67.79 -24.38
CA HIS H 1083 75.43 -68.56 -23.99
C HIS H 1083 75.09 -70.04 -23.98
N ASP H 1084 75.93 -70.86 -24.62
CA ASP H 1084 75.75 -72.30 -24.66
C ASP H 1084 74.38 -72.68 -25.23
N GLY H 1085 73.85 -71.85 -26.13
CA GLY H 1085 72.54 -72.07 -26.70
C GLY H 1085 71.37 -71.65 -25.83
N LYS H 1086 71.62 -70.88 -24.77
CA LYS H 1086 70.60 -70.47 -23.81
C LYS H 1086 70.52 -68.96 -23.71
N ALA H 1087 69.37 -68.48 -23.24
CA ALA H 1087 69.13 -67.05 -23.06
C ALA H 1087 69.02 -66.71 -21.58
N HIS H 1088 69.87 -65.79 -21.13
CA HIS H 1088 69.93 -65.35 -19.75
C HIS H 1088 69.47 -63.90 -19.66
N PHE H 1089 68.67 -63.64 -18.63
CA PHE H 1089 68.09 -62.34 -18.32
C PHE H 1089 68.48 -61.93 -16.90
N PRO H 1090 68.75 -60.64 -16.67
CA PRO H 1090 69.26 -60.22 -15.36
C PRO H 1090 68.18 -60.34 -14.30
N ARG H 1091 68.61 -60.69 -13.09
CA ARG H 1091 67.64 -60.95 -12.03
C ARG H 1091 66.99 -59.66 -11.55
N GLU H 1092 67.80 -58.62 -11.29
CA GLU H 1092 67.26 -57.34 -10.84
C GLU H 1092 68.01 -56.15 -11.43
N GLY H 1093 68.69 -56.32 -12.56
CA GLY H 1093 69.49 -55.23 -13.08
C GLY H 1093 69.35 -54.96 -14.56
N VAL H 1094 70.42 -54.44 -15.17
CA VAL H 1094 70.52 -54.26 -16.61
C VAL H 1094 71.93 -54.63 -17.07
N PHE H 1095 72.04 -55.01 -18.35
CA PHE H 1095 73.31 -55.33 -18.99
C PHE H 1095 73.89 -54.10 -19.70
N VAL H 1096 75.13 -53.75 -19.34
CA VAL H 1096 75.80 -52.54 -19.90
C VAL H 1096 77.17 -52.96 -20.43
N SER H 1097 77.74 -52.20 -21.35
CA SER H 1097 79.12 -52.51 -21.81
C SER H 1097 79.96 -51.23 -21.76
N ASN H 1098 80.94 -51.18 -20.87
CA ASN H 1098 81.85 -50.00 -20.79
C ASN H 1098 82.54 -49.83 -22.15
N GLY H 1099 82.89 -50.94 -22.80
CA GLY H 1099 83.51 -50.91 -24.14
C GLY H 1099 83.38 -52.27 -24.79
N THR H 1100 83.73 -53.33 -24.05
CA THR H 1100 83.59 -54.71 -24.57
C THR H 1100 83.10 -55.60 -23.42
N HIS H 1101 83.59 -55.34 -22.20
CA HIS H 1101 83.22 -56.16 -21.02
C HIS H 1101 81.74 -55.90 -20.67
N TRP H 1102 80.92 -56.96 -20.69
CA TRP H 1102 79.48 -56.81 -20.35
C TRP H 1102 79.31 -56.93 -18.82
N PHE H 1103 78.45 -56.09 -18.23
CA PHE H 1103 78.28 -56.09 -16.79
C PHE H 1103 76.80 -56.01 -16.46
N VAL H 1104 76.49 -56.25 -15.19
CA VAL H 1104 75.15 -56.08 -14.62
C VAL H 1104 75.20 -54.94 -13.62
N THR H 1105 74.25 -54.01 -13.74
CA THR H 1105 74.12 -52.91 -12.80
C THR H 1105 72.70 -52.88 -12.23
N GLN H 1106 72.57 -52.19 -11.11
CA GLN H 1106 71.26 -51.75 -10.69
C GLN H 1106 70.87 -50.52 -11.49
N ARG H 1107 69.56 -50.36 -11.72
CA ARG H 1107 69.02 -49.42 -12.69
C ARG H 1107 69.11 -47.96 -12.28
N ASN H 1108 69.15 -47.64 -10.98
CA ASN H 1108 69.17 -46.24 -10.53
C ASN H 1108 70.56 -45.73 -10.14
N PHE H 1109 71.52 -46.62 -9.92
CA PHE H 1109 72.87 -46.25 -9.49
C PHE H 1109 73.87 -47.16 -10.21
N TYR H 1110 74.81 -46.55 -10.93
CA TYR H 1110 75.77 -47.29 -11.73
C TYR H 1110 76.76 -48.04 -10.86
N GLU H 1111 76.73 -49.37 -10.91
CA GLU H 1111 77.61 -50.19 -10.09
C GLU H 1111 77.85 -51.54 -10.74
N PRO H 1112 78.83 -51.64 -11.64
CA PRO H 1112 78.93 -52.83 -12.49
C PRO H 1112 79.41 -54.07 -11.74
N GLN H 1113 78.90 -55.22 -12.20
CA GLN H 1113 79.25 -56.53 -11.67
C GLN H 1113 79.42 -57.51 -12.82
N ILE H 1114 80.26 -58.52 -12.59
CA ILE H 1114 80.45 -59.57 -13.58
C ILE H 1114 79.15 -60.36 -13.73
N ILE H 1115 78.79 -60.68 -14.97
CA ILE H 1115 77.61 -61.50 -15.22
C ILE H 1115 77.92 -62.94 -14.83
N THR H 1116 77.22 -63.44 -13.80
CA THR H 1116 77.33 -64.84 -13.38
C THR H 1116 75.94 -65.47 -13.37
N THR H 1117 75.90 -66.78 -13.14
CA THR H 1117 74.64 -67.49 -13.02
C THR H 1117 73.97 -67.24 -11.68
N ASP H 1118 74.50 -66.31 -10.89
CA ASP H 1118 73.88 -65.97 -9.62
C ASP H 1118 73.07 -64.68 -9.69
N ASN H 1119 73.28 -63.85 -10.71
CA ASN H 1119 72.50 -62.63 -10.89
C ASN H 1119 71.68 -62.63 -12.17
N THR H 1120 71.71 -63.72 -12.95
CA THR H 1120 70.82 -63.89 -14.08
C THR H 1120 70.01 -65.17 -13.87
N PHE H 1121 69.09 -65.38 -14.80
CA PHE H 1121 68.36 -66.64 -14.91
C PHE H 1121 68.25 -67.00 -16.38
N VAL H 1122 67.72 -68.20 -16.64
CA VAL H 1122 67.68 -68.76 -17.99
C VAL H 1122 66.24 -69.09 -18.34
N SER H 1123 65.87 -68.86 -19.60
CA SER H 1123 64.62 -69.41 -20.12
C SER H 1123 64.65 -69.34 -21.65
N GLY H 1124 64.64 -70.49 -22.30
CA GLY H 1124 64.55 -70.56 -23.74
C GLY H 1124 65.90 -70.62 -24.44
N ASN H 1125 65.83 -70.67 -25.77
CA ASN H 1125 67.00 -70.65 -26.64
C ASN H 1125 67.11 -69.27 -27.29
N CYS H 1126 68.36 -68.83 -27.45
CA CYS H 1126 68.66 -67.48 -27.94
C CYS H 1126 68.45 -67.40 -29.46
N ASP H 1127 67.24 -67.67 -29.90
CA ASP H 1127 66.95 -67.40 -31.30
C ASP H 1127 65.57 -66.81 -31.45
N VAL H 1128 64.89 -66.54 -30.35
CA VAL H 1128 63.61 -65.90 -30.43
C VAL H 1128 63.67 -64.46 -29.94
N VAL H 1129 64.49 -64.14 -28.92
CA VAL H 1129 64.68 -62.76 -28.51
C VAL H 1129 65.47 -62.01 -29.59
N ILE H 1130 65.17 -60.73 -29.74
CA ILE H 1130 65.85 -59.86 -30.70
C ILE H 1130 66.83 -58.95 -29.95
N GLY H 1131 68.13 -59.31 -29.99
CA GLY H 1131 69.14 -58.56 -29.21
C GLY H 1131 69.76 -59.48 -28.18
N ILE H 1132 70.29 -60.63 -28.61
CA ILE H 1132 70.89 -61.63 -27.67
C ILE H 1132 72.40 -61.65 -27.85
N VAL H 1133 73.11 -60.71 -27.21
CA VAL H 1133 74.58 -60.62 -27.36
C VAL H 1133 75.21 -61.92 -26.86
N ASN H 1134 75.98 -62.62 -27.71
CA ASN H 1134 76.68 -63.85 -27.28
C ASN H 1134 77.83 -63.48 -26.36
N ASN H 1135 77.58 -63.43 -25.04
CA ASN H 1135 78.62 -63.03 -24.06
C ASN H 1135 78.84 -64.19 -23.09
N THR H 1136 80.07 -64.35 -22.59
CA THR H 1136 80.37 -65.49 -21.69
C THR H 1136 79.83 -65.23 -20.28
N VAL H 1137 78.98 -66.11 -19.77
CA VAL H 1137 78.41 -65.97 -18.41
C VAL H 1137 79.17 -66.89 -17.46
N TYR H 1138 79.52 -66.39 -16.27
CA TYR H 1138 80.50 -67.07 -15.41
C TYR H 1138 79.83 -67.92 -14.33
N ASP H 1139 80.09 -69.23 -14.37
CA ASP H 1139 79.61 -70.12 -13.32
C ASP H 1139 80.63 -70.14 -12.18
N PRO H 1140 80.21 -69.84 -10.95
CA PRO H 1140 81.17 -69.81 -9.83
C PRO H 1140 81.73 -71.16 -9.42
N LEU H 1141 80.90 -72.21 -9.47
CA LEU H 1141 81.33 -73.51 -8.96
C LEU H 1141 82.38 -74.15 -9.85
N GLN H 1142 82.21 -74.05 -11.17
CA GLN H 1142 83.04 -74.79 -12.12
C GLN H 1142 84.54 -74.61 -11.90
N PRO H 1143 85.09 -73.39 -11.78
CA PRO H 1143 86.52 -73.27 -11.45
C PRO H 1143 86.83 -73.67 -10.01
N GLU H 1144 86.07 -73.13 -9.05
CA GLU H 1144 86.44 -73.26 -7.64
C GLU H 1144 86.51 -74.73 -7.22
N LEU H 1145 85.55 -75.53 -7.67
CA LEU H 1145 85.58 -76.97 -7.39
C LEU H 1145 86.84 -77.59 -7.98
N ASP H 1146 87.19 -77.19 -9.20
CA ASP H 1146 88.32 -77.77 -9.91
C ASP H 1146 89.54 -76.87 -9.86
N ALA I 27 1.65 -16.93 55.88
CA ALA I 27 2.53 -17.97 55.38
C ALA I 27 2.66 -17.91 53.87
N TYR I 28 3.75 -18.44 53.35
CA TYR I 28 4.00 -18.53 51.91
C TYR I 28 4.31 -19.98 51.56
N THR I 29 4.02 -20.35 50.32
CA THR I 29 4.24 -21.70 49.85
C THR I 29 4.83 -21.64 48.45
N ASN I 30 5.32 -22.79 47.98
CA ASN I 30 6.00 -22.91 46.70
C ASN I 30 5.19 -23.80 45.78
N SER I 31 4.60 -23.21 44.75
CA SER I 31 4.08 -24.01 43.65
C SER I 31 5.23 -24.75 42.97
N PHE I 32 4.90 -25.85 42.28
CA PHE I 32 5.92 -26.60 41.56
C PHE I 32 5.71 -26.52 40.04
N THR I 33 4.58 -27.01 39.53
CA THR I 33 4.19 -26.86 38.13
C THR I 33 2.68 -26.66 38.12
N ARG I 34 2.23 -25.43 38.25
CA ARG I 34 0.83 -25.15 38.51
C ARG I 34 0.39 -23.89 37.76
N GLY I 35 -0.87 -23.89 37.33
CA GLY I 35 -1.42 -22.75 36.62
C GLY I 35 -1.08 -22.69 35.15
N VAL I 36 -1.17 -23.83 34.47
CA VAL I 36 -1.07 -23.89 33.01
C VAL I 36 -2.47 -23.99 32.46
N TYR I 37 -2.80 -23.12 31.52
CA TYR I 37 -4.10 -23.14 30.87
C TYR I 37 -3.89 -23.23 29.38
N TYR I 38 -4.85 -23.82 28.68
CA TYR I 38 -4.73 -23.94 27.22
C TYR I 38 -4.85 -22.54 26.62
N PRO I 39 -3.80 -22.00 25.96
CA PRO I 39 -3.84 -20.62 25.46
C PRO I 39 -5.02 -20.43 24.51
N ASP I 40 -5.23 -21.41 23.62
CA ASP I 40 -6.34 -21.33 22.63
C ASP I 40 -6.95 -22.72 22.47
N LYS I 41 -7.70 -22.94 21.39
CA LYS I 41 -8.24 -24.29 21.07
C LYS I 41 -7.15 -25.01 20.27
N VAL I 42 -7.12 -24.81 18.95
CA VAL I 42 -6.07 -25.39 18.05
C VAL I 42 -5.44 -26.67 18.60
N PHE I 43 -6.09 -27.82 18.37
CA PHE I 43 -5.54 -29.13 18.80
C PHE I 43 -4.08 -29.23 18.38
N ARG I 44 -3.22 -29.71 19.28
CA ARG I 44 -1.83 -29.97 18.87
C ARG I 44 -1.61 -31.47 19.12
N SER I 45 -0.85 -32.14 18.24
CA SER I 45 -0.62 -33.61 18.37
C SER I 45 0.43 -33.86 19.45
N SER I 46 1.06 -35.04 19.46
CA SER I 46 2.15 -35.29 20.44
C SER I 46 3.38 -34.44 20.08
N VAL I 47 3.32 -33.13 20.33
CA VAL I 47 4.42 -32.20 19.93
C VAL I 47 4.79 -31.36 21.14
N LEU I 48 5.88 -30.58 21.05
CA LEU I 48 6.32 -29.71 22.16
C LEU I 48 6.33 -28.26 21.64
N HIS I 49 5.15 -27.69 21.40
CA HIS I 49 5.05 -26.33 20.80
C HIS I 49 5.15 -25.25 21.88
N SER I 50 5.99 -24.23 21.66
CA SER I 50 6.17 -23.15 22.67
C SER I 50 5.20 -22.00 22.44
N THR I 51 4.45 -21.60 23.47
CA THR I 51 3.55 -20.42 23.36
C THR I 51 4.04 -19.35 24.34
N GLN I 52 3.42 -18.16 24.34
CA GLN I 52 3.79 -17.09 25.31
C GLN I 52 2.51 -16.48 25.87
N ASP I 53 2.12 -16.88 27.08
CA ASP I 53 0.88 -16.35 27.69
C ASP I 53 1.16 -15.98 29.16
N LEU I 54 0.16 -15.41 29.84
CA LEU I 54 0.32 -15.05 31.28
C LEU I 54 0.33 -16.32 32.12
N PHE I 55 1.47 -17.02 32.21
CA PHE I 55 1.53 -18.29 32.95
C PHE I 55 2.19 -18.04 34.31
N LEU I 56 1.68 -18.69 35.36
CA LEU I 56 2.36 -18.57 36.68
C LEU I 56 3.76 -19.19 36.53
N PRO I 57 4.85 -18.43 36.75
CA PRO I 57 6.20 -18.96 36.56
C PRO I 57 6.38 -20.26 37.35
N PHE I 58 6.99 -21.27 36.72
CA PHE I 58 7.23 -22.56 37.43
C PHE I 58 7.98 -22.26 38.74
N PHE I 59 7.54 -22.88 39.84
CA PHE I 59 8.17 -22.66 41.17
C PHE I 59 8.00 -21.19 41.59
N SER I 60 6.75 -20.78 41.88
CA SER I 60 6.49 -19.39 42.31
C SER I 60 6.07 -19.35 43.78
N ASN I 61 5.88 -18.16 44.34
CA ASN I 61 5.54 -18.02 45.78
C ASN I 61 4.04 -17.77 45.94
N VAL I 62 3.25 -18.84 46.08
CA VAL I 62 1.78 -18.69 46.27
C VAL I 62 1.51 -18.27 47.72
N THR I 63 0.81 -17.15 47.92
CA THR I 63 0.47 -16.67 49.28
C THR I 63 -0.51 -17.66 49.93
N TRP I 64 -0.08 -18.37 50.97
CA TRP I 64 -0.99 -19.29 51.69
C TRP I 64 -2.00 -18.49 52.50
N PHE I 65 -3.21 -18.30 51.96
CA PHE I 65 -4.27 -17.60 52.73
C PHE I 65 -5.06 -18.66 53.50
N HIS I 66 -5.74 -18.25 54.57
CA HIS I 66 -6.46 -19.24 55.42
C HIS I 66 -7.94 -18.82 55.56
N ALA I 67 -8.87 -19.75 55.32
CA ALA I 67 -10.31 -19.44 55.39
C ALA I 67 -10.91 -20.09 56.64
N ASN I 81 -10.54 -11.19 54.67
CA ASN I 81 -9.53 -11.35 53.59
C ASN I 81 -9.43 -10.03 52.81
N PRO I 82 -8.22 -9.53 52.49
CA PRO I 82 -8.08 -8.22 51.82
C PRO I 82 -8.50 -8.17 50.35
N VAL I 83 -8.69 -6.95 49.82
CA VAL I 83 -9.04 -6.80 48.37
C VAL I 83 -7.73 -6.84 47.57
N LEU I 84 -7.25 -8.04 47.25
CA LEU I 84 -5.96 -8.20 46.54
C LEU I 84 -6.04 -7.59 45.13
N PRO I 85 -5.01 -6.83 44.68
CA PRO I 85 -5.00 -6.28 43.32
C PRO I 85 -5.10 -7.39 42.26
N PHE I 86 -5.84 -7.12 41.18
CA PHE I 86 -5.98 -8.11 40.09
C PHE I 86 -4.72 -8.05 39.21
N ASN I 87 -4.12 -6.88 39.04
CA ASN I 87 -2.89 -6.69 38.21
C ASN I 87 -2.96 -7.50 36.91
N ASP I 88 -1.98 -8.38 36.67
CA ASP I 88 -1.94 -9.15 35.40
C ASP I 88 -2.53 -10.54 35.60
N GLY I 89 -3.76 -10.63 36.11
CA GLY I 89 -4.42 -11.95 36.28
C GLY I 89 -4.09 -12.58 37.63
N VAL I 90 -5.01 -13.39 38.16
CA VAL I 90 -4.79 -14.00 39.51
C VAL I 90 -4.93 -15.52 39.41
N TYR I 91 -3.85 -16.26 39.66
CA TYR I 91 -3.97 -17.74 39.74
C TYR I 91 -4.63 -18.02 41.09
N PHE I 92 -5.77 -18.71 41.10
CA PHE I 92 -6.50 -18.90 42.38
C PHE I 92 -6.71 -20.38 42.72
N ALA I 93 -5.74 -20.99 43.41
CA ALA I 93 -5.93 -22.39 43.85
C ALA I 93 -6.84 -22.39 45.08
N SER I 94 -7.75 -23.36 45.18
CA SER I 94 -8.71 -23.41 46.32
C SER I 94 -8.75 -24.81 46.91
N THR I 95 -7.80 -25.14 47.80
CA THR I 95 -7.74 -26.49 48.42
C THR I 95 -8.87 -26.65 49.44
N GLU I 96 -10.01 -27.22 49.05
CA GLU I 96 -11.17 -27.31 49.97
C GLU I 96 -12.10 -28.45 49.54
N LYS I 97 -12.44 -29.35 50.46
CA LYS I 97 -13.40 -30.45 50.16
C LYS I 97 -14.79 -29.82 49.95
N SER I 98 -15.29 -29.09 50.95
CA SER I 98 -16.62 -28.43 50.85
C SER I 98 -16.48 -27.08 50.14
N ASN I 99 -17.59 -26.42 49.84
CA ASN I 99 -17.54 -25.13 49.11
C ASN I 99 -17.48 -23.97 50.10
N ILE I 100 -16.42 -23.91 50.93
CA ILE I 100 -16.24 -22.76 51.87
C ILE I 100 -16.07 -21.51 51.01
N ILE I 101 -15.18 -21.57 50.02
CA ILE I 101 -15.01 -20.41 49.08
C ILE I 101 -16.33 -20.21 48.35
N ARG I 102 -17.05 -19.13 48.67
CA ARG I 102 -18.39 -18.90 48.06
C ARG I 102 -18.27 -17.85 46.95
N GLY I 103 -17.27 -17.99 46.08
CA GLY I 103 -17.14 -17.07 44.93
C GLY I 103 -16.08 -16.01 45.16
N TRP I 104 -15.87 -15.14 44.17
CA TRP I 104 -14.86 -14.06 44.27
C TRP I 104 -15.41 -12.81 43.58
N ILE I 105 -15.36 -11.65 44.23
CA ILE I 105 -15.81 -10.40 43.54
C ILE I 105 -14.64 -9.76 42.79
N PHE I 106 -14.93 -8.91 41.80
CA PHE I 106 -13.88 -8.27 40.96
C PHE I 106 -14.31 -6.85 40.65
N GLY I 107 -13.39 -6.00 40.18
CA GLY I 107 -13.78 -4.63 39.79
C GLY I 107 -12.71 -3.62 40.12
N THR I 108 -13.01 -2.33 39.95
CA THR I 108 -12.03 -1.25 40.22
C THR I 108 -11.95 -0.99 41.73
N THR I 109 -12.95 -0.29 42.28
CA THR I 109 -12.93 0.07 43.72
C THR I 109 -13.83 -0.88 44.50
N LEU I 110 -14.37 -1.91 43.84
CA LEU I 110 -15.25 -2.92 44.50
C LEU I 110 -16.32 -2.22 45.34
N ASP I 111 -17.04 -1.26 44.77
CA ASP I 111 -18.15 -0.56 45.47
C ASP I 111 -19.06 0.10 44.43
N SER I 112 -19.66 1.24 44.78
CA SER I 112 -20.54 1.97 43.83
C SER I 112 -19.68 2.87 42.93
N LYS I 113 -20.30 3.59 41.98
CA LYS I 113 -19.58 4.49 41.03
C LYS I 113 -18.77 3.70 39.99
N THR I 114 -17.98 2.71 40.41
CA THR I 114 -17.24 1.85 39.45
C THR I 114 -18.00 0.52 39.32
N GLN I 115 -18.17 0.04 38.09
CA GLN I 115 -18.86 -1.27 37.87
C GLN I 115 -18.09 -2.37 38.62
N SER I 116 -18.80 -3.18 39.41
CA SER I 116 -18.12 -4.22 40.23
C SER I 116 -18.61 -5.61 39.83
N LEU I 117 -17.81 -6.35 39.05
CA LEU I 117 -18.17 -7.74 38.67
C LEU I 117 -18.35 -8.56 39.95
N LEU I 118 -19.58 -8.98 40.23
CA LEU I 118 -19.81 -9.85 41.41
C LEU I 118 -19.95 -11.28 40.92
N ILE I 119 -19.21 -12.22 41.51
CA ILE I 119 -19.39 -13.67 41.16
C ILE I 119 -19.65 -14.41 42.47
N VAL I 120 -20.92 -14.48 42.90
CA VAL I 120 -21.19 -15.10 44.23
C VAL I 120 -21.74 -16.52 44.06
N ASN I 121 -20.94 -17.52 44.46
CA ASN I 121 -21.46 -18.91 44.42
C ASN I 121 -22.39 -19.09 45.62
N ASN I 122 -23.69 -19.28 45.35
CA ASN I 122 -24.67 -19.46 46.44
C ASN I 122 -25.08 -20.94 46.50
N ALA I 123 -25.95 -21.29 47.44
CA ALA I 123 -26.46 -22.69 47.53
C ALA I 123 -27.13 -23.04 46.19
N THR I 124 -27.78 -22.06 45.55
CA THR I 124 -28.38 -22.29 44.22
C THR I 124 -27.26 -22.46 43.19
N ASN I 125 -26.58 -21.36 42.82
CA ASN I 125 -25.50 -21.42 41.81
C ASN I 125 -24.69 -20.12 41.84
N VAL I 126 -23.79 -19.95 40.86
CA VAL I 126 -22.93 -18.74 40.80
C VAL I 126 -23.70 -17.61 40.12
N VAL I 127 -23.73 -16.43 40.73
CA VAL I 127 -24.43 -15.25 40.12
C VAL I 127 -23.37 -14.26 39.63
N ILE I 128 -23.13 -14.25 38.31
CA ILE I 128 -22.10 -13.35 37.72
C ILE I 128 -22.77 -12.05 37.28
N LYS I 129 -22.61 -10.97 38.04
CA LYS I 129 -23.32 -9.70 37.72
C LYS I 129 -22.38 -8.50 37.81
N VAL I 130 -22.04 -7.88 36.68
CA VAL I 130 -21.21 -6.64 36.72
C VAL I 130 -22.11 -5.46 37.09
N CYS I 131 -22.16 -5.10 38.37
CA CYS I 131 -23.03 -3.97 38.83
C CYS I 131 -22.30 -3.19 39.94
N GLU I 132 -22.37 -1.86 39.90
CA GLU I 132 -21.78 -1.05 41.00
C GLU I 132 -22.56 -1.37 42.29
N PHE I 133 -21.99 -2.19 43.17
CA PHE I 133 -22.76 -2.63 44.36
C PHE I 133 -22.39 -1.82 45.61
N GLN I 134 -22.82 -2.30 46.78
CA GLN I 134 -22.44 -1.61 48.04
C GLN I 134 -21.74 -2.64 48.94
N PHE I 135 -20.60 -3.16 48.49
CA PHE I 135 -19.86 -4.19 49.26
C PHE I 135 -19.49 -3.65 50.65
N CYS I 136 -19.51 -4.51 51.66
CA CYS I 136 -19.24 -4.05 53.05
C CYS I 136 -17.74 -4.10 53.36
N ASN I 137 -17.38 -4.04 54.65
CA ASN I 137 -15.95 -4.12 55.06
C ASN I 137 -15.39 -5.47 54.60
N ASP I 138 -16.06 -6.55 54.96
CA ASP I 138 -15.62 -7.92 54.55
C ASP I 138 -16.81 -8.62 53.88
N PRO I 139 -17.03 -8.44 52.56
CA PRO I 139 -18.17 -9.06 51.88
C PRO I 139 -18.08 -10.58 51.90
N PHE I 140 -19.03 -11.25 52.56
CA PHE I 140 -19.08 -12.74 52.56
C PHE I 140 -20.52 -13.20 52.78
N LEU I 141 -20.70 -14.38 53.36
CA LEU I 141 -22.07 -14.85 53.71
C LEU I 141 -21.96 -15.83 54.89
N GLY I 142 -23.00 -16.61 55.17
CA GLY I 142 -22.97 -17.51 56.34
C GLY I 142 -23.78 -18.77 56.14
N VAL I 143 -24.22 -19.40 57.24
CA VAL I 143 -25.01 -20.66 57.15
C VAL I 143 -25.87 -20.79 58.41
N MET I 153 -31.36 -22.99 58.62
CA MET I 153 -31.30 -21.50 58.65
C MET I 153 -30.67 -21.00 57.35
N GLU I 154 -29.39 -21.28 57.13
CA GLU I 154 -28.66 -20.82 55.91
C GLU I 154 -28.77 -19.30 55.79
N SER I 155 -28.63 -18.57 56.91
CA SER I 155 -28.65 -17.09 56.87
C SER I 155 -27.40 -16.62 56.13
N GLU I 156 -27.54 -16.09 54.92
CA GLU I 156 -26.34 -15.73 54.12
C GLU I 156 -26.57 -14.41 53.38
N PHE I 157 -25.78 -14.15 52.33
CA PHE I 157 -25.92 -12.93 51.49
C PHE I 157 -25.66 -11.65 52.28
N ARG I 158 -24.44 -11.47 52.78
CA ARG I 158 -24.08 -10.19 53.44
C ARG I 158 -23.24 -9.41 52.43
N VAL I 159 -22.73 -10.09 51.39
CA VAL I 159 -21.87 -9.49 50.32
C VAL I 159 -22.09 -7.97 50.19
N TYR I 160 -23.21 -7.56 49.59
CA TYR I 160 -23.42 -6.11 49.35
C TYR I 160 -24.70 -5.64 50.03
N SER I 161 -25.00 -4.34 49.92
CA SER I 161 -26.26 -3.79 50.48
C SER I 161 -27.12 -3.30 49.33
N SER I 162 -26.49 -2.78 48.26
CA SER I 162 -27.23 -2.31 47.06
C SER I 162 -26.55 -2.87 45.81
N ALA I 163 -27.19 -2.76 44.65
CA ALA I 163 -26.57 -3.21 43.38
C ALA I 163 -27.04 -2.29 42.26
N ASN I 164 -26.63 -1.02 42.29
CA ASN I 164 -27.11 -0.03 41.28
C ASN I 164 -26.38 -0.22 39.95
N ASN I 165 -26.92 0.38 38.87
CA ASN I 165 -26.29 0.29 37.53
C ASN I 165 -25.91 -1.15 37.20
N CYS I 166 -26.88 -2.06 37.20
CA CYS I 166 -26.61 -3.49 36.88
C CYS I 166 -26.48 -3.65 35.36
N THR I 167 -25.24 -3.73 34.86
CA THR I 167 -25.00 -3.85 33.40
C THR I 167 -25.10 -5.32 32.98
N PHE I 168 -24.06 -6.10 33.27
CA PHE I 168 -24.06 -7.55 32.91
C PHE I 168 -24.79 -8.33 34.01
N GLU I 169 -25.50 -9.40 33.63
CA GLU I 169 -26.23 -10.23 34.62
C GLU I 169 -26.21 -11.70 34.18
N TYR I 170 -25.94 -12.62 35.11
CA TYR I 170 -25.98 -14.07 34.80
C TYR I 170 -26.44 -14.82 36.06
N VAL I 171 -27.34 -15.78 35.91
CA VAL I 171 -27.78 -16.61 37.06
C VAL I 171 -27.93 -18.05 36.55
N SER I 172 -27.86 -19.05 37.45
CA SER I 172 -28.07 -20.46 37.02
C SER I 172 -28.85 -21.21 38.11
N LYS I 187 -8.56 -33.43 49.46
CA LYS I 187 -9.64 -32.41 49.39
C LYS I 187 -10.03 -32.21 47.92
N ASN I 188 -10.39 -30.98 47.54
CA ASN I 188 -10.67 -30.69 46.11
C ASN I 188 -9.90 -29.42 45.74
N LEU I 189 -8.73 -29.57 45.10
CA LEU I 189 -7.95 -28.38 44.65
C LEU I 189 -8.67 -27.74 43.46
N ARG I 190 -9.25 -26.56 43.67
CA ARG I 190 -10.00 -25.88 42.58
C ARG I 190 -9.19 -24.68 42.08
N GLU I 191 -8.34 -24.88 41.07
CA GLU I 191 -7.54 -23.77 40.50
C GLU I 191 -8.44 -22.87 39.64
N PHE I 192 -8.26 -21.55 39.71
CA PHE I 192 -9.10 -20.61 38.94
C PHE I 192 -8.22 -19.50 38.35
N VAL I 193 -7.57 -19.76 37.21
CA VAL I 193 -6.77 -18.70 36.54
C VAL I 193 -7.72 -17.61 36.04
N PHE I 194 -7.55 -16.38 36.52
CA PHE I 194 -8.41 -15.25 36.10
C PHE I 194 -7.64 -14.45 35.05
N LYS I 195 -8.34 -13.93 34.03
CA LYS I 195 -7.67 -13.15 32.96
C LYS I 195 -8.67 -12.20 32.30
N ASN I 196 -8.46 -10.89 32.43
CA ASN I 196 -9.37 -9.89 31.81
C ASN I 196 -8.64 -9.21 30.64
N ILE I 197 -8.14 -10.01 29.69
CA ILE I 197 -7.41 -9.44 28.52
C ILE I 197 -8.42 -8.78 27.58
N ASP I 198 -8.23 -7.49 27.28
CA ASP I 198 -9.13 -6.73 26.36
C ASP I 198 -10.55 -6.69 26.92
N GLY I 199 -10.70 -6.66 28.25
CA GLY I 199 -12.03 -6.59 28.89
C GLY I 199 -12.75 -7.93 28.87
N TYR I 200 -12.18 -8.93 28.19
CA TYR I 200 -12.81 -10.27 28.10
C TYR I 200 -12.32 -11.12 29.27
N PHE I 201 -13.23 -11.43 30.21
CA PHE I 201 -12.83 -12.21 31.42
C PHE I 201 -12.81 -13.70 31.11
N LYS I 202 -11.75 -14.18 30.44
CA LYS I 202 -11.61 -15.63 30.20
C LYS I 202 -11.21 -16.31 31.51
N ILE I 203 -12.16 -16.98 32.15
CA ILE I 203 -11.84 -17.73 33.40
C ILE I 203 -11.43 -19.15 33.01
N TYR I 204 -10.28 -19.61 33.47
CA TYR I 204 -9.85 -21.02 33.21
C TYR I 204 -9.98 -21.76 34.54
N SER I 205 -10.36 -23.05 34.53
CA SER I 205 -10.60 -23.73 35.82
C SER I 205 -10.05 -25.15 35.85
N LYS I 206 -9.61 -25.62 37.02
CA LYS I 206 -9.10 -27.00 37.18
C LYS I 206 -9.54 -27.54 38.54
N HIS I 207 -10.74 -28.14 38.62
CA HIS I 207 -11.19 -28.76 39.90
C HIS I 207 -10.60 -30.17 40.00
N THR I 208 -9.35 -30.29 40.46
CA THR I 208 -8.71 -31.62 40.59
C THR I 208 -8.89 -32.14 42.03
N PRO I 209 -9.64 -33.24 42.25
CA PRO I 209 -9.77 -33.81 43.59
C PRO I 209 -8.40 -34.32 44.08
N ILE I 210 -7.93 -33.79 45.20
CA ILE I 210 -6.58 -34.18 45.72
C ILE I 210 -6.75 -35.02 46.99
N ASN I 211 -5.65 -35.25 47.71
CA ASN I 211 -5.70 -36.03 48.98
C ASN I 211 -5.07 -35.18 50.10
N LEU I 212 -4.52 -34.03 49.74
CA LEU I 212 -3.88 -33.14 50.75
C LEU I 212 -4.96 -32.30 51.42
N VAL I 213 -4.62 -31.62 52.52
CA VAL I 213 -5.61 -30.80 53.26
C VAL I 213 -5.68 -29.41 52.62
N ARG I 214 -4.98 -28.44 53.20
CA ARG I 214 -4.98 -27.06 52.66
C ARG I 214 -3.64 -26.81 51.98
N ASP I 215 -2.80 -27.84 51.88
CA ASP I 215 -1.44 -27.68 51.29
C ASP I 215 -1.50 -27.89 49.78
N LEU I 216 -0.79 -27.06 49.01
CA LEU I 216 -0.74 -27.21 47.54
C LEU I 216 0.09 -28.46 47.21
N PRO I 217 -0.46 -29.47 46.51
CA PRO I 217 0.26 -30.71 46.22
C PRO I 217 1.27 -30.61 45.07
N GLN I 218 2.10 -31.65 44.90
CA GLN I 218 3.08 -31.66 43.79
C GLN I 218 2.44 -32.36 42.58
N GLY I 219 2.63 -31.83 41.38
CA GLY I 219 2.04 -32.43 40.17
C GLY I 219 1.76 -31.38 39.12
N PHE I 220 1.22 -31.78 37.96
CA PHE I 220 0.98 -30.83 36.85
C PHE I 220 -0.50 -30.41 36.83
N SER I 221 -0.80 -29.23 36.29
CA SER I 221 -2.20 -28.77 36.18
C SER I 221 -2.50 -28.32 34.74
N ALA I 222 -3.70 -28.61 34.23
CA ALA I 222 -4.07 -28.23 32.85
C ALA I 222 -5.45 -27.54 32.87
N LEU I 223 -5.52 -26.30 33.36
CA LEU I 223 -6.81 -25.56 33.47
C LEU I 223 -7.48 -25.46 32.10
N GLU I 224 -8.63 -26.12 31.93
CA GLU I 224 -9.38 -26.08 30.65
C GLU I 224 -10.04 -24.71 30.51
N PRO I 225 -10.02 -24.08 29.30
CA PRO I 225 -10.74 -22.82 29.10
C PRO I 225 -12.22 -22.98 29.44
N LEU I 226 -12.73 -22.15 30.37
CA LEU I 226 -14.13 -22.32 30.82
C LEU I 226 -14.98 -21.13 30.36
N VAL I 227 -15.55 -20.37 31.30
CA VAL I 227 -16.49 -19.26 30.93
C VAL I 227 -15.71 -18.02 30.50
N ASP I 228 -16.26 -17.25 29.57
CA ASP I 228 -15.63 -15.97 29.15
C ASP I 228 -16.70 -14.88 29.08
N LEU I 229 -16.55 -13.84 29.89
CA LEU I 229 -17.51 -12.69 29.83
C LEU I 229 -16.85 -11.58 29.03
N PRO I 230 -17.35 -11.21 27.82
CA PRO I 230 -16.67 -10.22 26.97
C PRO I 230 -16.80 -8.75 27.34
N ILE I 231 -17.18 -7.87 26.39
CA ILE I 231 -17.30 -6.39 26.60
C ILE I 231 -15.94 -5.73 26.90
N GLY I 232 -15.90 -4.41 27.04
CA GLY I 232 -14.63 -3.71 27.28
C GLY I 232 -14.57 -3.11 28.68
N ILE I 233 -13.91 -3.79 29.61
CA ILE I 233 -13.76 -3.27 31.00
C ILE I 233 -12.28 -3.30 31.40
N ASN I 234 -11.96 -2.80 32.60
CA ASN I 234 -10.57 -2.82 33.10
C ASN I 234 -10.63 -3.10 34.60
N ILE I 235 -11.17 -4.26 34.99
CA ILE I 235 -11.37 -4.58 36.44
C ILE I 235 -10.00 -4.60 37.14
N THR I 236 -9.85 -3.81 38.21
CA THR I 236 -8.58 -3.87 39.00
C THR I 236 -8.79 -4.84 40.16
N ARG I 237 -8.50 -4.45 41.41
CA ARG I 237 -8.57 -5.33 42.62
C ARG I 237 -9.68 -6.39 42.65
N PHE I 238 -9.47 -7.46 43.42
CA PHE I 238 -10.49 -8.53 43.55
C PHE I 238 -10.55 -8.96 45.02
N GLN I 239 -11.68 -9.53 45.48
CA GLN I 239 -11.77 -10.02 46.87
C GLN I 239 -12.36 -11.44 46.85
N THR I 240 -12.24 -12.18 47.95
CA THR I 240 -12.75 -13.58 48.03
C THR I 240 -13.95 -13.63 48.97
N LEU I 241 -15.09 -14.17 48.50
CA LEU I 241 -16.29 -14.33 49.37
C LEU I 241 -16.23 -15.71 50.03
N LEU I 242 -16.60 -15.80 51.31
CA LEU I 242 -16.51 -17.10 52.04
C LEU I 242 -17.84 -17.38 52.74
N ALA I 243 -17.96 -18.54 53.38
CA ALA I 243 -19.18 -18.86 54.17
C ALA I 243 -18.81 -18.84 55.65
N LEU I 244 -19.79 -18.54 56.51
CA LEU I 244 -19.53 -18.52 57.97
C LEU I 244 -20.33 -19.66 58.62
N HIS I 245 -20.32 -19.72 59.96
CA HIS I 245 -21.01 -20.83 60.67
C HIS I 245 -22.06 -20.24 61.62
N ARG I 246 -23.04 -19.53 61.06
CA ARG I 246 -24.14 -18.96 61.89
C ARG I 246 -25.03 -20.10 62.39
N SER I 247 -25.07 -21.21 61.66
CA SER I 247 -25.83 -22.40 62.12
C SER I 247 -24.92 -23.28 62.98
N ALA I 264 -8.79 -22.88 53.38
CA ALA I 264 -7.54 -22.15 53.06
C ALA I 264 -7.31 -22.15 51.55
N TYR I 265 -6.92 -20.99 50.99
CA TYR I 265 -6.74 -20.91 49.52
C TYR I 265 -5.33 -20.37 49.19
N TYR I 266 -5.08 -20.12 47.90
CA TYR I 266 -3.75 -19.61 47.47
C TYR I 266 -3.95 -18.49 46.44
N VAL I 267 -3.20 -17.39 46.60
CA VAL I 267 -3.26 -16.30 45.59
C VAL I 267 -1.89 -16.17 44.94
N GLY I 268 -1.82 -16.34 43.61
CA GLY I 268 -0.55 -16.14 42.88
C GLY I 268 -0.82 -15.25 41.69
N TYR I 269 0.22 -14.67 41.08
CA TYR I 269 -0.02 -13.71 39.97
C TYR I 269 0.58 -14.25 38.67
N LEU I 270 -0.09 -13.99 37.54
CA LEU I 270 0.38 -14.57 36.25
C LEU I 270 1.38 -13.61 35.58
N GLN I 271 2.40 -14.18 34.92
CA GLN I 271 3.45 -13.35 34.28
C GLN I 271 3.64 -13.82 32.84
N PRO I 272 3.97 -12.94 31.86
CA PRO I 272 4.25 -13.38 30.49
C PRO I 272 5.38 -14.40 30.44
N ARG I 273 5.05 -15.69 30.30
CA ARG I 273 6.08 -16.76 30.32
C ARG I 273 6.05 -17.55 29.01
N THR I 274 7.23 -17.92 28.49
CA THR I 274 7.27 -18.77 27.28
C THR I 274 7.23 -20.24 27.73
N PHE I 275 6.21 -21.00 27.30
CA PHE I 275 6.07 -22.38 27.81
C PHE I 275 6.15 -23.41 26.68
N LEU I 276 7.17 -24.27 26.69
CA LEU I 276 7.27 -25.37 25.69
C LEU I 276 6.19 -26.40 26.05
N LEU I 277 5.00 -26.26 25.48
CA LEU I 277 3.85 -27.15 25.87
C LEU I 277 3.94 -28.52 25.23
N LYS I 278 4.28 -29.55 26.00
CA LYS I 278 4.24 -30.93 25.46
C LYS I 278 2.78 -31.39 25.45
N TYR I 279 2.23 -31.64 24.27
CA TYR I 279 0.81 -32.05 24.16
C TYR I 279 0.71 -33.58 24.03
N ASN I 280 -0.50 -34.10 23.87
CA ASN I 280 -0.71 -35.53 23.69
C ASN I 280 -1.23 -35.79 22.27
N GLU I 281 -1.29 -37.07 21.89
CA GLU I 281 -1.83 -37.42 20.59
C GLU I 281 -3.31 -37.07 20.48
N ASN I 282 -3.96 -36.87 21.62
CA ASN I 282 -5.39 -36.62 21.77
C ASN I 282 -5.72 -35.14 21.90
N GLY I 283 -4.74 -34.30 22.18
CA GLY I 283 -4.98 -32.88 22.31
C GLY I 283 -4.81 -32.26 23.68
N THR I 284 -4.43 -33.01 24.70
CA THR I 284 -4.30 -32.44 26.03
C THR I 284 -2.85 -32.11 26.35
N ILE I 285 -2.67 -31.02 27.08
CA ILE I 285 -1.35 -30.62 27.57
C ILE I 285 -0.95 -31.55 28.70
N THR I 286 0.13 -32.30 28.49
CA THR I 286 0.63 -33.27 29.47
C THR I 286 1.85 -32.80 30.24
N ASP I 287 2.73 -32.01 29.63
CA ASP I 287 3.92 -31.51 30.29
C ASP I 287 4.24 -30.13 29.72
N ALA I 288 5.06 -29.38 30.45
CA ALA I 288 5.44 -28.04 30.02
C ALA I 288 6.86 -27.74 30.50
N VAL I 289 7.48 -26.77 29.84
CA VAL I 289 8.80 -26.27 30.20
C VAL I 289 8.71 -24.76 30.32
N ASP I 290 9.17 -24.21 31.45
CA ASP I 290 9.30 -22.77 31.62
C ASP I 290 10.69 -22.36 31.15
N CYS I 291 10.74 -21.65 30.02
CA CYS I 291 11.98 -21.34 29.33
C CYS I 291 12.83 -20.29 30.05
N ALA I 292 12.44 -19.87 31.26
CA ALA I 292 13.22 -18.86 31.96
C ALA I 292 13.62 -19.28 33.38
N LEU I 293 13.60 -20.59 33.69
CA LEU I 293 13.95 -21.03 35.03
C LEU I 293 15.47 -21.16 35.20
N ASP I 294 16.10 -22.00 34.40
CA ASP I 294 17.50 -22.33 34.59
C ASP I 294 18.13 -22.53 33.21
N PRO I 295 19.46 -22.61 33.13
CA PRO I 295 20.09 -22.80 31.81
C PRO I 295 19.60 -24.03 31.07
N LEU I 296 19.28 -25.11 31.79
CA LEU I 296 18.82 -26.33 31.13
C LEU I 296 17.46 -26.12 30.45
N SER I 297 16.54 -25.41 31.12
CA SER I 297 15.25 -25.15 30.50
C SER I 297 15.39 -24.25 29.29
N GLU I 298 16.27 -23.27 29.36
CA GLU I 298 16.53 -22.42 28.20
C GLU I 298 17.14 -23.23 27.05
N THR I 299 18.01 -24.19 27.37
CA THR I 299 18.57 -25.09 26.35
C THR I 299 17.48 -25.93 25.71
N LYS I 300 16.60 -26.50 26.53
CA LYS I 300 15.45 -27.24 26.01
C LYS I 300 14.62 -26.37 25.09
N CYS I 301 14.40 -25.12 25.49
CA CYS I 301 13.55 -24.22 24.72
C CYS I 301 14.22 -23.86 23.40
N THR I 302 15.53 -23.66 23.42
CA THR I 302 16.28 -23.38 22.20
C THR I 302 16.21 -24.55 21.23
N LEU I 303 16.32 -25.78 21.74
CA LEU I 303 16.27 -26.94 20.86
C LEU I 303 14.86 -27.38 20.52
N LYS I 304 13.85 -26.88 21.25
CA LYS I 304 12.46 -27.31 21.10
C LYS I 304 12.31 -28.81 21.35
N SER I 305 12.76 -29.24 22.53
CA SER I 305 12.77 -30.66 22.85
C SER I 305 12.73 -30.83 24.37
N PHE I 306 12.52 -32.06 24.80
CA PHE I 306 12.56 -32.42 26.20
C PHE I 306 13.73 -33.31 26.58
N THR I 307 14.51 -33.77 25.60
CA THR I 307 15.74 -34.52 25.85
C THR I 307 16.87 -33.85 25.08
N VAL I 308 17.80 -33.25 25.81
CA VAL I 308 19.01 -32.65 25.25
C VAL I 308 20.15 -33.66 25.40
N GLU I 309 20.81 -33.98 24.28
CA GLU I 309 21.97 -34.85 24.27
C GLU I 309 23.25 -34.04 24.51
N LYS I 310 24.34 -34.74 24.75
CA LYS I 310 25.60 -34.06 25.12
C LYS I 310 26.16 -33.25 23.95
N GLY I 311 26.76 -32.12 24.30
CA GLY I 311 27.27 -31.18 23.32
C GLY I 311 27.56 -29.85 24.01
N ILE I 312 27.64 -28.78 23.21
CA ILE I 312 27.65 -27.43 23.77
C ILE I 312 26.78 -26.53 22.89
N TYR I 313 25.86 -25.80 23.52
CA TYR I 313 24.81 -25.09 22.82
C TYR I 313 24.86 -23.61 23.17
N GLN I 314 24.96 -22.76 22.15
CA GLN I 314 24.73 -21.35 22.35
C GLN I 314 23.25 -21.14 22.65
N THR I 315 22.96 -20.42 23.72
CA THR I 315 21.60 -20.32 24.22
C THR I 315 21.06 -18.90 24.24
N SER I 316 21.88 -17.91 24.60
CA SER I 316 21.46 -16.51 24.54
C SER I 316 22.69 -15.60 24.57
N ASN I 317 22.45 -14.31 24.77
CA ASN I 317 23.53 -13.33 24.75
C ASN I 317 23.51 -12.54 26.06
N PHE I 318 24.68 -12.02 26.42
CA PHE I 318 24.87 -11.19 27.60
C PHE I 318 25.26 -9.80 27.15
N ARG I 319 24.45 -8.81 27.55
CA ARG I 319 24.59 -7.42 27.10
C ARG I 319 24.53 -6.53 28.33
N VAL I 320 25.63 -5.85 28.64
CA VAL I 320 25.70 -4.98 29.81
C VAL I 320 24.74 -3.82 29.63
N GLN I 321 24.02 -3.44 30.70
CA GLN I 321 22.97 -2.39 30.59
C GLN I 321 23.54 -1.02 30.19
N PRO I 322 23.11 -0.43 29.05
CA PRO I 322 23.54 0.90 28.65
C PRO I 322 22.44 1.92 28.98
N THR I 323 22.35 2.36 30.24
CA THR I 323 21.23 3.25 30.64
C THR I 323 21.73 4.66 30.97
N GLU I 324 21.06 5.36 31.90
CA GLU I 324 21.47 6.73 32.33
C GLU I 324 21.68 7.67 31.15
N SER I 325 20.71 7.77 30.23
CA SER I 325 20.82 8.72 29.10
C SER I 325 21.16 10.13 29.62
N ILE I 326 22.32 10.66 29.27
CA ILE I 326 22.74 12.00 29.78
C ILE I 326 22.84 12.98 28.61
N VAL I 327 22.73 14.28 28.88
CA VAL I 327 22.81 15.32 27.82
C VAL I 327 24.03 16.20 28.07
N ARG I 328 25.04 16.12 27.20
CA ARG I 328 26.23 17.01 27.32
C ARG I 328 26.07 18.15 26.31
N PHE I 329 24.93 18.20 25.63
CA PHE I 329 24.67 19.27 24.62
C PHE I 329 24.68 20.63 25.31
N PRO I 330 25.49 21.60 24.85
CA PRO I 330 25.46 22.96 25.41
C PRO I 330 24.06 23.56 25.24
N ASN I 331 23.41 23.90 26.36
CA ASN I 331 22.03 24.46 26.29
C ASN I 331 22.06 25.80 25.55
N ILE I 332 21.15 26.00 24.60
CA ILE I 332 21.06 27.31 23.88
C ILE I 332 20.40 28.32 24.80
N THR I 333 19.60 27.83 25.76
CA THR I 333 18.98 28.63 26.85
C THR I 333 18.50 29.98 26.31
N ASN I 334 17.58 29.96 25.33
CA ASN I 334 17.06 31.21 24.73
C ASN I 334 15.59 31.00 24.37
N LEU I 335 15.12 31.62 23.28
CA LEU I 335 13.72 31.44 22.81
C LEU I 335 13.63 31.95 21.37
N CYS I 336 13.27 31.07 20.43
CA CYS I 336 13.15 31.48 19.01
C CYS I 336 11.86 32.31 18.85
N PRO I 337 11.95 33.55 18.32
CA PRO I 337 10.77 34.41 18.14
C PRO I 337 9.87 33.86 17.03
N PHE I 338 9.05 32.84 17.35
CA PHE I 338 8.18 32.21 16.32
C PHE I 338 7.09 33.19 15.90
N GLY I 339 6.28 33.68 16.85
CA GLY I 339 5.18 34.62 16.54
C GLY I 339 5.61 35.74 15.62
N GLU I 340 6.82 36.27 15.81
CA GLU I 340 7.35 37.35 14.94
C GLU I 340 7.27 36.93 13.46
N VAL I 341 7.86 35.78 13.11
CA VAL I 341 7.88 35.32 11.69
C VAL I 341 6.63 34.50 11.39
N PHE I 342 5.75 34.31 12.37
CA PHE I 342 4.49 33.57 12.14
C PHE I 342 3.37 34.58 11.89
N ASN I 343 2.48 34.74 12.86
CA ASN I 343 1.34 35.69 12.71
C ASN I 343 1.84 37.11 12.98
N ALA I 344 2.20 37.85 11.94
CA ALA I 344 2.71 39.24 12.10
C ALA I 344 1.61 40.23 11.73
N THR I 345 1.97 41.49 11.47
CA THR I 345 0.97 42.49 11.02
C THR I 345 0.55 42.14 9.60
N ARG I 346 1.51 41.74 8.75
CA ARG I 346 1.21 41.34 7.36
C ARG I 346 2.21 40.25 6.95
N PHE I 347 2.22 39.86 5.67
CA PHE I 347 3.23 38.87 5.18
C PHE I 347 3.75 39.35 3.82
N ALA I 348 4.28 38.43 3.01
CA ALA I 348 4.74 38.80 1.65
C ALA I 348 3.93 38.04 0.61
N SER I 349 4.26 38.19 -0.68
CA SER I 349 3.56 37.41 -1.73
C SER I 349 4.41 36.18 -2.08
N VAL I 350 3.89 35.28 -2.92
CA VAL I 350 4.62 34.03 -3.26
C VAL I 350 5.67 34.33 -4.33
N TYR I 351 5.69 35.56 -4.86
CA TYR I 351 6.71 35.94 -5.87
C TYR I 351 7.93 36.51 -5.14
N ALA I 352 7.74 37.01 -3.92
CA ALA I 352 8.85 37.62 -3.15
C ALA I 352 8.84 37.08 -1.72
N TRP I 353 8.73 35.76 -1.56
CA TRP I 353 8.69 35.15 -0.20
C TRP I 353 10.01 35.39 0.52
N ASN I 354 9.96 35.85 1.76
CA ASN I 354 11.21 36.17 2.50
C ASN I 354 11.57 35.04 3.45
N ARG I 355 12.67 34.33 3.18
CA ARG I 355 13.13 33.24 4.08
C ARG I 355 13.87 33.85 5.27
N LYS I 356 13.28 33.79 6.46
CA LYS I 356 13.92 34.38 7.67
C LYS I 356 14.71 33.29 8.41
N ARG I 357 16.01 33.48 8.58
CA ARG I 357 16.82 32.50 9.35
C ARG I 357 16.57 32.71 10.84
N ILE I 358 15.67 31.91 11.42
CA ILE I 358 15.40 32.01 12.89
C ILE I 358 16.07 30.79 13.56
N SER I 359 17.30 30.97 14.05
CA SER I 359 18.06 29.82 14.61
C SER I 359 18.88 30.25 15.83
N ASN I 360 19.69 29.34 16.38
CA ASN I 360 20.54 29.63 17.57
C ASN I 360 19.67 30.07 18.75
N CYS I 361 18.54 29.40 18.99
CA CYS I 361 17.67 29.72 20.15
C CYS I 361 16.91 28.44 20.55
N VAL I 362 16.09 28.50 21.60
CA VAL I 362 15.27 27.31 21.93
C VAL I 362 14.11 27.26 20.93
N ALA I 363 14.13 26.27 20.03
CA ALA I 363 13.05 26.11 19.03
C ALA I 363 11.87 25.40 19.69
N ASP I 364 10.98 26.16 20.35
CA ASP I 364 9.81 25.56 21.06
C ASP I 364 8.67 25.31 20.06
N TYR I 365 8.60 24.12 19.49
CA TYR I 365 7.48 23.78 18.57
C TYR I 365 6.37 23.11 19.37
N SER I 366 6.67 22.78 20.63
CA SER I 366 5.62 22.19 21.51
C SER I 366 4.53 23.23 21.73
N VAL I 367 4.93 24.50 21.95
CA VAL I 367 3.94 25.60 22.15
C VAL I 367 3.14 25.82 20.86
N LEU I 368 3.77 25.66 19.70
CA LEU I 368 3.05 25.81 18.40
C LEU I 368 2.01 24.70 18.31
N TYR I 369 2.40 23.48 18.65
CA TYR I 369 1.47 22.32 18.54
C TYR I 369 0.29 22.49 19.51
N ASN I 370 0.55 22.91 20.76
CA ASN I 370 -0.56 22.99 21.74
C ASN I 370 -1.45 24.20 21.43
N SER I 371 -0.87 25.26 20.85
CA SER I 371 -1.69 26.43 20.45
C SER I 371 -2.67 26.00 19.36
N ALA I 372 -2.21 25.19 18.40
CA ALA I 372 -3.07 24.69 17.29
C ALA I 372 -3.93 25.81 16.72
N SER I 373 -3.33 26.97 16.46
CA SER I 373 -4.07 28.11 15.87
C SER I 373 -3.82 28.11 14.36
N PHE I 374 -3.08 27.11 13.87
CA PHE I 374 -2.73 27.02 12.44
C PHE I 374 -3.42 25.79 11.86
N SER I 375 -4.35 25.99 10.91
CA SER I 375 -5.13 24.88 10.32
C SER I 375 -4.20 23.74 9.88
N THR I 376 -3.16 24.06 9.09
CA THR I 376 -2.26 23.00 8.55
C THR I 376 -0.91 23.03 9.28
N PHE I 377 -0.26 21.87 9.39
CA PHE I 377 1.09 21.80 10.02
C PHE I 377 2.03 21.05 9.07
N LYS I 378 1.49 20.26 8.13
CA LYS I 378 2.27 19.50 7.11
C LYS I 378 3.77 19.47 7.39
N CYS I 379 4.22 18.63 8.34
CA CYS I 379 5.68 18.50 8.61
C CYS I 379 6.24 17.39 7.71
N TYR I 380 6.77 17.76 6.55
CA TYR I 380 7.26 16.73 5.59
C TYR I 380 8.77 16.57 5.77
N GLY I 381 9.23 15.35 6.03
CA GLY I 381 10.66 15.09 6.24
C GLY I 381 10.97 14.84 7.71
N VAL I 382 10.26 15.52 8.61
CA VAL I 382 10.54 15.41 10.07
C VAL I 382 9.22 15.22 10.82
N SER I 383 9.27 15.02 12.15
CA SER I 383 8.03 14.91 12.97
C SER I 383 7.74 16.26 13.61
N PRO I 384 6.50 16.80 13.56
CA PRO I 384 6.22 18.15 14.07
C PRO I 384 5.87 18.13 15.56
N THR I 385 5.47 16.97 16.07
CA THR I 385 5.12 16.84 17.51
C THR I 385 6.42 16.92 18.33
N LYS I 386 7.47 16.23 17.89
CA LYS I 386 8.75 16.19 18.65
C LYS I 386 9.77 17.15 18.01
N LEU I 387 9.29 18.16 17.28
CA LEU I 387 10.19 19.12 16.60
C LEU I 387 10.88 20.01 17.65
N ASN I 388 10.23 20.20 18.80
CA ASN I 388 10.83 21.02 19.90
C ASN I 388 12.17 20.40 20.32
N ASP I 389 12.15 19.14 20.76
CA ASP I 389 13.39 18.50 21.29
C ASP I 389 14.39 18.30 20.14
N LEU I 390 13.91 18.04 18.93
CA LEU I 390 14.81 17.80 17.77
C LEU I 390 15.75 19.00 17.61
N CYS I 391 17.06 18.74 17.52
CA CYS I 391 18.05 19.84 17.43
C CYS I 391 18.63 19.94 16.01
N PHE I 392 18.31 21.02 15.29
CA PHE I 392 18.85 21.23 13.93
C PHE I 392 19.97 22.28 14.01
N THR I 393 20.66 22.52 12.90
CA THR I 393 21.78 23.48 12.89
C THR I 393 21.27 24.86 12.44
N ASN I 394 20.40 24.90 11.43
CA ASN I 394 19.86 26.19 10.91
C ASN I 394 18.42 25.99 10.42
N VAL I 395 17.51 26.90 10.78
CA VAL I 395 16.08 26.78 10.40
C VAL I 395 15.67 28.02 9.58
N TYR I 396 14.82 27.85 8.57
CA TYR I 396 14.38 28.99 7.73
C TYR I 396 12.94 29.38 8.08
N ALA I 397 12.35 30.31 7.32
CA ALA I 397 10.94 30.73 7.56
C ALA I 397 10.42 31.42 6.30
N ASP I 398 10.25 30.68 5.20
CA ASP I 398 9.73 31.26 3.93
C ASP I 398 8.35 31.86 4.20
N SER I 399 8.26 33.20 4.27
CA SER I 399 6.97 33.85 4.64
C SER I 399 6.25 34.35 3.38
N PHE I 400 5.01 33.89 3.16
CA PHE I 400 4.22 34.31 1.98
C PHE I 400 2.74 33.99 2.21
N VAL I 401 1.84 34.56 1.40
CA VAL I 401 0.40 34.20 1.51
C VAL I 401 -0.04 33.54 0.20
N ILE I 402 -1.03 32.65 0.28
CA ILE I 402 -1.57 31.97 -0.94
C ILE I 402 -3.08 31.90 -0.81
N ARG I 403 -3.77 31.32 -1.80
CA ARG I 403 -5.23 31.13 -1.67
C ARG I 403 -5.46 29.81 -0.94
N GLY I 404 -6.72 29.49 -0.61
CA GLY I 404 -7.02 28.19 0.01
C GLY I 404 -6.89 27.05 -0.99
N ASP I 405 -7.02 27.35 -2.29
CA ASP I 405 -6.83 26.32 -3.33
C ASP I 405 -5.34 26.28 -3.72
N GLU I 406 -4.63 27.39 -3.51
CA GLU I 406 -3.19 27.47 -3.87
C GLU I 406 -2.34 27.06 -2.66
N VAL I 407 -2.97 26.68 -1.55
CA VAL I 407 -2.23 26.21 -0.35
C VAL I 407 -1.86 24.73 -0.58
N ARG I 408 -2.61 24.05 -1.46
CA ARG I 408 -2.33 22.63 -1.78
C ARG I 408 -1.26 22.60 -2.87
N GLN I 409 -1.29 23.59 -3.78
CA GLN I 409 -0.31 23.65 -4.90
C GLN I 409 1.12 23.48 -4.38
N ILE I 410 1.53 24.33 -3.43
CA ILE I 410 2.88 24.19 -2.82
C ILE I 410 2.98 22.80 -2.18
N ALA I 411 3.88 21.95 -2.70
CA ALA I 411 4.02 20.57 -2.19
C ALA I 411 5.36 20.01 -2.68
N PRO I 412 6.08 19.18 -1.88
CA PRO I 412 7.33 18.55 -2.32
C PRO I 412 7.04 17.55 -3.44
N GLY I 413 7.10 18.00 -4.70
CA GLY I 413 6.78 17.09 -5.83
C GLY I 413 5.65 17.65 -6.69
N GLN I 414 4.46 17.80 -6.11
CA GLN I 414 3.28 18.29 -6.88
C GLN I 414 3.56 19.72 -7.35
N THR I 415 3.58 19.95 -8.67
CA THR I 415 3.87 21.29 -9.23
C THR I 415 2.57 21.99 -9.59
N GLY I 416 2.62 23.32 -9.80
CA GLY I 416 1.43 24.08 -10.22
C GLY I 416 1.70 25.56 -10.35
N LYS I 417 0.68 26.39 -10.19
CA LYS I 417 0.85 27.87 -10.29
C LYS I 417 1.77 28.36 -9.17
N ILE I 418 1.84 27.63 -8.06
CA ILE I 418 2.75 28.00 -6.95
C ILE I 418 4.04 27.17 -7.05
N ALA I 419 3.94 25.85 -6.98
CA ALA I 419 5.16 25.00 -6.94
C ALA I 419 5.80 24.79 -8.32
N ASP I 420 5.71 25.78 -9.23
CA ASP I 420 6.40 25.71 -10.54
C ASP I 420 6.47 27.11 -11.16
N TYR I 421 5.87 28.10 -10.48
CA TYR I 421 5.83 29.48 -11.05
C TYR I 421 6.00 30.54 -9.96
N ASN I 422 5.65 30.21 -8.71
CA ASN I 422 5.71 31.21 -7.62
C ASN I 422 6.69 30.77 -6.54
N TYR I 423 6.27 29.84 -5.66
CA TYR I 423 7.18 29.30 -4.62
C TYR I 423 7.34 27.80 -4.85
N LYS I 424 8.54 27.36 -5.22
CA LYS I 424 8.76 25.93 -5.52
C LYS I 424 9.19 25.20 -4.26
N LEU I 425 8.52 24.10 -3.92
CA LEU I 425 8.93 23.28 -2.75
C LEU I 425 9.66 22.03 -3.28
N PRO I 426 10.99 21.91 -3.10
CA PRO I 426 11.73 20.74 -3.55
C PRO I 426 11.35 19.45 -2.81
N ASP I 427 11.67 18.29 -3.37
CA ASP I 427 11.29 16.99 -2.76
C ASP I 427 12.17 16.70 -1.54
N ASP I 428 13.27 17.44 -1.36
CA ASP I 428 14.17 17.26 -0.20
C ASP I 428 13.66 18.09 0.98
N PHE I 429 12.41 18.55 0.91
CA PHE I 429 11.81 19.34 2.03
C PHE I 429 11.97 18.56 3.34
N THR I 430 12.61 19.19 4.34
CA THR I 430 12.83 18.50 5.64
C THR I 430 12.30 19.40 6.77
N GLY I 431 11.24 20.17 6.51
CA GLY I 431 10.72 21.09 7.52
C GLY I 431 9.21 20.96 7.73
N CYS I 432 8.54 22.07 8.04
CA CYS I 432 7.07 22.02 8.31
C CYS I 432 6.36 23.19 7.66
N VAL I 433 5.35 22.93 6.82
CA VAL I 433 4.54 24.02 6.20
C VAL I 433 3.39 24.36 7.16
N ILE I 434 3.44 25.54 7.77
CA ILE I 434 2.36 25.96 8.72
C ILE I 434 1.42 26.93 8.01
N ALA I 435 0.13 26.59 7.92
CA ALA I 435 -0.82 27.44 7.16
C ALA I 435 -2.04 27.81 8.02
N TRP I 436 -2.48 29.07 7.94
CA TRP I 436 -3.69 29.52 8.68
C TRP I 436 -4.31 30.72 7.95
N ASN I 437 -5.63 30.88 8.02
CA ASN I 437 -6.31 32.02 7.36
C ASN I 437 -6.02 33.30 8.13
N SER I 438 -5.76 34.41 7.43
CA SER I 438 -5.40 35.68 8.12
C SER I 438 -6.18 36.86 7.52
N ASN I 439 -7.44 36.63 7.15
CA ASN I 439 -8.27 37.71 6.55
C ASN I 439 -8.24 38.97 7.41
N ASN I 440 -8.34 38.82 8.74
CA ASN I 440 -8.35 39.96 9.68
C ASN I 440 -7.21 40.95 9.36
N LEU I 441 -5.96 40.48 9.38
CA LEU I 441 -4.82 41.42 9.21
C LEU I 441 -4.17 41.27 7.83
N ASP I 442 -4.91 40.83 6.82
CA ASP I 442 -4.35 40.75 5.45
C ASP I 442 -5.41 41.10 4.42
N SER I 443 -6.46 40.28 4.30
CA SER I 443 -7.50 40.49 3.26
C SER I 443 -8.11 41.89 3.34
N LYS I 444 -7.87 42.73 2.32
CA LYS I 444 -8.55 44.05 2.27
C LYS I 444 -9.74 43.89 1.32
N VAL I 445 -10.88 44.51 1.64
CA VAL I 445 -12.10 44.30 0.81
C VAL I 445 -11.82 44.74 -0.65
N GLY I 446 -12.36 43.99 -1.62
CA GLY I 446 -12.16 44.33 -3.05
C GLY I 446 -10.93 43.69 -3.64
N GLY I 447 -10.24 42.83 -2.88
CA GLY I 447 -9.05 42.12 -3.41
C GLY I 447 -7.76 42.76 -2.97
N ASN I 448 -6.81 41.95 -2.49
CA ASN I 448 -5.50 42.48 -2.01
C ASN I 448 -4.67 42.94 -3.22
N TYR I 449 -4.30 44.22 -3.24
CA TYR I 449 -3.50 44.76 -4.37
C TYR I 449 -2.02 44.76 -3.97
N ASN I 450 -1.75 44.70 -2.66
CA ASN I 450 -0.34 44.65 -2.17
C ASN I 450 0.25 43.27 -2.48
N TYR I 451 -0.62 42.27 -2.69
CA TYR I 451 -0.15 40.90 -3.02
C TYR I 451 -0.44 40.62 -4.50
N LEU I 452 0.60 40.25 -5.26
CA LEU I 452 0.45 39.92 -6.70
C LEU I 452 1.24 38.65 -6.98
N TYR I 453 0.67 37.69 -7.72
CA TYR I 453 1.37 36.39 -7.93
C TYR I 453 1.59 36.12 -9.41
N ARG I 454 2.69 35.43 -9.76
CA ARG I 454 3.01 35.15 -11.18
C ARG I 454 2.00 34.16 -11.77
N LEU I 455 1.09 34.65 -12.62
CA LEU I 455 0.12 33.76 -13.31
C LEU I 455 0.80 33.19 -14.56
N PHE I 456 1.71 33.96 -15.17
CA PHE I 456 2.44 33.47 -16.37
C PHE I 456 3.90 33.94 -16.32
N ARG I 457 4.73 33.22 -15.56
CA ARG I 457 6.18 33.56 -15.48
C ARG I 457 6.82 33.20 -16.82
N LYS I 458 7.59 34.13 -17.40
CA LYS I 458 8.24 33.91 -18.72
C LYS I 458 8.87 32.51 -18.80
N SER I 459 9.79 32.20 -17.88
CA SER I 459 10.42 30.85 -17.85
C SER I 459 9.86 30.05 -16.68
N ASN I 460 10.20 28.76 -16.59
CA ASN I 460 9.75 27.95 -15.42
C ASN I 460 10.57 28.34 -14.19
N LEU I 461 9.92 28.44 -13.04
CA LEU I 461 10.64 28.83 -11.78
C LEU I 461 11.52 27.66 -11.33
N LYS I 462 12.59 27.96 -10.58
CA LYS I 462 13.54 26.91 -10.15
C LYS I 462 13.26 26.52 -8.69
N PRO I 463 13.64 25.32 -8.20
CA PRO I 463 13.45 24.95 -6.80
C PRO I 463 13.91 26.04 -5.81
N PHE I 464 13.05 26.42 -4.86
CA PHE I 464 13.38 27.46 -3.84
C PHE I 464 13.88 28.73 -4.52
N GLU I 465 13.06 29.34 -5.39
CA GLU I 465 13.45 30.63 -6.04
C GLU I 465 12.29 31.63 -5.91
N ARG I 466 12.61 32.89 -5.59
CA ARG I 466 11.56 33.94 -5.53
C ARG I 466 11.76 34.92 -6.69
N ASP I 467 11.39 34.52 -7.91
CA ASP I 467 11.55 35.40 -9.09
C ASP I 467 10.78 36.70 -8.86
N ILE I 468 11.47 37.84 -8.94
CA ILE I 468 10.82 39.15 -8.68
C ILE I 468 10.60 39.88 -10.01
N SER I 469 11.23 39.39 -11.09
CA SER I 469 11.12 40.05 -12.41
C SER I 469 9.81 39.66 -13.10
N THR I 470 8.88 40.60 -13.21
CA THR I 470 7.56 40.31 -13.85
C THR I 470 7.66 40.63 -15.36
N GLU I 471 8.58 39.97 -16.06
CA GLU I 471 8.70 40.18 -17.53
C GLU I 471 7.46 39.62 -18.22
N ILE I 472 6.92 40.36 -19.20
CA ILE I 472 5.68 39.93 -19.91
C ILE I 472 5.95 38.58 -20.58
N TYR I 473 5.15 37.57 -20.27
CA TYR I 473 5.31 36.22 -20.87
C TYR I 473 5.25 36.34 -22.40
N GLN I 474 6.25 35.80 -23.11
CA GLN I 474 6.21 35.80 -24.59
C GLN I 474 5.73 34.42 -25.05
N ALA I 475 4.56 34.33 -25.68
CA ALA I 475 4.01 33.02 -26.11
C ALA I 475 4.53 32.67 -27.50
N GLY I 476 5.74 32.11 -27.59
CA GLY I 476 6.33 31.72 -28.89
C GLY I 476 6.66 32.93 -29.74
N SER I 477 5.70 33.38 -30.56
CA SER I 477 5.92 34.57 -31.42
C SER I 477 5.69 35.87 -30.64
N THR I 478 5.79 37.02 -31.30
CA THR I 478 5.62 38.35 -30.63
C THR I 478 6.47 38.43 -29.36
N PRO I 479 7.81 38.63 -29.46
CA PRO I 479 8.67 38.75 -28.29
C PRO I 479 8.20 39.90 -27.38
N CYS I 480 7.77 39.57 -26.16
CA CYS I 480 7.27 40.60 -25.23
C CYS I 480 8.39 41.04 -24.27
N ASN I 481 9.42 41.70 -24.81
CA ASN I 481 10.53 42.20 -23.97
C ASN I 481 10.15 43.62 -23.49
N GLY I 482 9.17 43.72 -22.60
CA GLY I 482 8.69 45.05 -22.15
C GLY I 482 7.48 45.48 -22.96
N VAL I 483 7.17 44.74 -24.04
CA VAL I 483 6.04 45.12 -24.93
C VAL I 483 4.78 44.38 -24.46
N GLU I 484 3.60 45.00 -24.64
CA GLU I 484 2.32 44.35 -24.23
C GLU I 484 1.46 44.12 -25.47
N GLY I 485 0.41 43.31 -25.35
CA GLY I 485 -0.51 43.09 -26.49
C GLY I 485 -0.60 41.62 -26.87
N PHE I 486 -0.41 41.31 -28.15
CA PHE I 486 -0.56 39.92 -28.65
C PHE I 486 0.52 39.02 -28.04
N ASN I 487 0.15 37.83 -27.56
CA ASN I 487 1.12 36.85 -26.99
C ASN I 487 1.86 37.42 -25.78
N CYS I 488 1.34 38.48 -25.15
CA CYS I 488 2.06 39.13 -24.02
C CYS I 488 1.20 39.04 -22.76
N TYR I 489 1.71 38.39 -21.70
CA TYR I 489 0.89 38.17 -20.49
C TYR I 489 1.67 38.58 -19.24
N PHE I 490 1.36 39.76 -18.68
CA PHE I 490 2.03 40.21 -17.43
C PHE I 490 1.90 39.12 -16.36
N PRO I 491 3.01 38.48 -15.94
CA PRO I 491 2.96 37.42 -14.93
C PRO I 491 2.25 37.88 -13.65
N LEU I 492 2.81 38.85 -12.94
CA LEU I 492 2.23 39.31 -11.66
C LEU I 492 0.76 39.67 -11.85
N GLN I 493 -0.15 38.97 -11.16
CA GLN I 493 -1.61 39.21 -11.30
C GLN I 493 -2.19 39.45 -9.90
N SER I 494 -3.12 40.42 -9.77
CA SER I 494 -3.69 40.78 -8.44
C SER I 494 -4.18 39.52 -7.71
N TYR I 495 -3.65 39.28 -6.50
CA TYR I 495 -4.11 38.13 -5.68
C TYR I 495 -5.48 38.50 -5.08
N GLY I 496 -6.56 38.03 -5.69
CA GLY I 496 -7.93 38.35 -5.19
C GLY I 496 -8.12 37.86 -3.77
N PHE I 497 -7.97 38.76 -2.78
CA PHE I 497 -8.08 38.36 -1.36
C PHE I 497 -9.00 39.34 -0.62
N GLN I 498 -10.32 39.11 -0.67
CA GLN I 498 -11.26 39.97 0.10
C GLN I 498 -11.85 39.11 1.21
N PRO I 499 -12.23 39.66 2.39
CA PRO I 499 -12.89 38.88 3.44
C PRO I 499 -14.21 38.28 2.93
N THR I 500 -14.84 38.91 1.94
CA THR I 500 -16.09 38.37 1.33
C THR I 500 -15.78 37.10 0.54
N ASN I 501 -14.52 36.95 0.09
CA ASN I 501 -14.09 35.75 -0.68
C ASN I 501 -14.20 34.50 0.21
N GLY I 502 -14.43 33.34 -0.39
CA GLY I 502 -14.48 32.08 0.38
C GLY I 502 -13.10 31.72 0.91
N VAL I 503 -13.01 30.65 1.71
CA VAL I 503 -11.70 30.21 2.28
C VAL I 503 -10.78 29.81 1.12
N GLY I 504 -11.34 29.37 -0.01
CA GLY I 504 -10.53 28.91 -1.16
C GLY I 504 -9.86 30.05 -1.90
N TYR I 505 -10.23 31.30 -1.59
CA TYR I 505 -9.62 32.49 -2.24
C TYR I 505 -9.21 33.49 -1.16
N GLN I 506 -8.75 32.99 0.00
CA GLN I 506 -8.44 33.90 1.14
C GLN I 506 -6.96 33.78 1.50
N PRO I 507 -6.31 34.85 2.05
CA PRO I 507 -4.88 34.83 2.38
C PRO I 507 -4.48 33.79 3.43
N TYR I 508 -3.81 32.72 3.00
CA TYR I 508 -3.32 31.71 3.97
C TYR I 508 -1.88 32.03 4.33
N ARG I 509 -1.67 32.64 5.50
CA ARG I 509 -0.29 32.98 5.96
C ARG I 509 0.50 31.69 6.15
N VAL I 510 1.60 31.52 5.42
CA VAL I 510 2.38 30.25 5.48
C VAL I 510 3.85 30.54 5.77
N VAL I 511 4.39 29.98 6.86
CA VAL I 511 5.84 30.12 7.16
C VAL I 511 6.44 28.70 7.18
N VAL I 512 7.19 28.36 6.13
CA VAL I 512 7.74 26.96 6.05
C VAL I 512 9.16 26.99 6.61
N LEU I 513 9.47 26.09 7.55
CA LEU I 513 10.80 26.11 8.20
C LEU I 513 11.66 24.95 7.70
N SER I 514 12.19 25.06 6.47
CA SER I 514 13.10 24.01 5.95
C SER I 514 14.30 23.86 6.89
N PHE I 515 14.57 22.64 7.35
CA PHE I 515 15.68 22.41 8.31
C PHE I 515 16.91 21.88 7.57
N GLU I 516 18.11 22.36 7.95
CA GLU I 516 19.36 21.87 7.32
C GLU I 516 20.37 21.59 8.45
N VAL I 524 19.65 24.73 17.96
CA VAL I 524 18.19 25.05 17.84
C VAL I 524 17.38 23.83 18.32
N CYS I 525 17.51 23.49 19.60
CA CYS I 525 16.77 22.33 20.16
C CYS I 525 15.83 22.79 21.26
N GLY I 526 15.59 21.96 22.26
CA GLY I 526 14.72 22.35 23.40
C GLY I 526 15.55 22.62 24.65
N PRO I 527 15.30 21.93 25.77
CA PRO I 527 16.08 22.09 27.00
C PRO I 527 17.56 21.75 26.79
N LYS I 528 17.87 20.49 26.42
CA LYS I 528 19.27 20.04 26.16
C LYS I 528 20.18 20.33 27.36
N LYS I 529 19.95 19.67 28.50
CA LYS I 529 20.80 19.86 29.71
C LYS I 529 20.62 18.67 30.65
N SER I 530 21.71 18.19 31.28
CA SER I 530 21.61 17.07 32.26
C SER I 530 22.76 17.13 33.28
N THR I 531 23.46 16.01 33.48
CA THR I 531 24.53 15.95 34.52
C THR I 531 25.92 16.13 33.89
N ASN I 532 26.98 15.79 34.64
CA ASN I 532 28.36 15.99 34.15
C ASN I 532 28.89 14.70 33.50
N LEU I 533 30.19 14.65 33.23
CA LEU I 533 30.79 13.46 32.55
C LEU I 533 30.62 12.21 33.41
N VAL I 534 30.04 11.15 32.84
CA VAL I 534 29.93 9.85 33.56
C VAL I 534 31.06 8.96 33.04
N LYS I 535 32.30 9.30 33.39
CA LYS I 535 33.49 8.54 32.89
C LYS I 535 33.33 7.05 33.20
N ASN I 536 33.72 6.18 32.26
CA ASN I 536 33.70 4.70 32.46
C ASN I 536 32.29 4.18 32.84
N LYS I 537 31.27 4.46 32.03
CA LYS I 537 29.89 3.93 32.25
C LYS I 537 29.23 3.77 30.88
N CYS I 538 28.78 2.56 30.48
CA CYS I 538 28.04 2.46 29.18
C CYS I 538 26.82 3.36 29.32
N VAL I 539 26.89 4.53 28.71
CA VAL I 539 25.81 5.52 28.95
C VAL I 539 25.29 6.02 27.60
N ASN I 540 24.03 6.42 27.54
CA ASN I 540 23.51 7.01 26.28
C ASN I 540 23.92 8.49 26.33
N PHE I 541 24.77 8.94 25.41
CA PHE I 541 25.28 10.34 25.52
C PHE I 541 24.63 11.25 24.49
N ASN I 542 24.40 12.51 24.86
CA ASN I 542 23.86 13.49 23.88
C ASN I 542 24.95 14.56 23.71
N PHE I 543 26.02 14.20 22.99
CA PHE I 543 27.17 15.13 22.82
C PHE I 543 26.79 16.26 21.86
N THR I 549 25.50 5.18 22.27
CA THR I 549 25.82 4.71 23.65
C THR I 549 27.25 4.14 23.68
N GLY I 550 27.80 3.96 24.88
CA GLY I 550 29.16 3.42 25.02
C GLY I 550 29.79 3.78 26.35
N VAL I 551 30.77 2.99 26.80
CA VAL I 551 31.48 3.29 28.08
C VAL I 551 32.38 4.51 27.82
N LEU I 552 32.38 5.52 28.71
CA LEU I 552 33.05 6.82 28.47
C LEU I 552 34.52 6.77 28.93
N THR I 553 35.27 5.76 28.50
CA THR I 553 36.72 5.69 28.83
C THR I 553 37.40 6.95 28.31
N GLU I 554 38.64 7.21 28.72
CA GLU I 554 39.33 8.48 28.31
C GLU I 554 40.49 8.17 27.37
N SER I 555 41.18 9.20 26.87
CA SER I 555 42.33 9.02 25.94
C SER I 555 43.40 10.08 26.22
N ASN I 556 44.37 10.20 25.31
CA ASN I 556 45.46 11.21 25.46
C ASN I 556 45.86 11.68 24.06
N LYS I 557 44.92 11.64 23.10
CA LYS I 557 45.25 12.02 21.70
C LYS I 557 45.24 13.54 21.55
N LYS I 558 45.62 14.04 20.37
CA LYS I 558 45.64 15.50 20.12
C LYS I 558 44.52 15.84 19.15
N PHE I 559 44.56 17.04 18.55
CA PHE I 559 43.54 17.44 17.54
C PHE I 559 44.04 18.66 16.76
N LEU I 560 43.28 19.11 15.77
CA LEU I 560 43.63 20.35 15.04
C LEU I 560 42.52 21.35 15.38
N PRO I 561 42.83 22.61 15.80
CA PRO I 561 41.82 23.58 16.27
C PRO I 561 40.47 23.78 15.57
N PHE I 562 39.56 22.79 15.64
CA PHE I 562 38.21 22.86 14.99
C PHE I 562 37.50 21.51 15.16
N GLN I 563 38.23 20.39 15.18
CA GLN I 563 37.60 19.03 15.19
C GLN I 563 36.39 18.91 16.13
N GLN I 564 35.29 18.37 15.62
CA GLN I 564 34.02 18.28 16.41
C GLN I 564 34.00 17.00 17.25
N PHE I 565 33.76 15.85 16.62
CA PHE I 565 33.69 14.57 17.36
C PHE I 565 34.90 13.70 17.04
N GLY I 566 34.68 12.41 16.78
CA GLY I 566 35.79 11.48 16.46
C GLY I 566 35.27 10.24 15.76
N ARG I 567 36.08 9.66 14.85
CA ARG I 567 35.63 8.47 14.07
C ARG I 567 36.87 7.70 13.59
N ASP I 568 36.66 6.54 12.96
CA ASP I 568 37.79 5.73 12.44
C ASP I 568 37.37 4.99 11.17
N ILE I 569 37.88 3.77 10.98
CA ILE I 569 37.58 2.98 9.75
C ILE I 569 36.11 2.57 9.75
N ALA I 570 35.49 2.49 8.56
CA ALA I 570 34.04 2.15 8.45
C ALA I 570 33.21 3.10 9.32
N ASP I 571 33.59 4.39 9.37
CA ASP I 571 32.85 5.40 10.18
C ASP I 571 32.49 4.85 11.56
N THR I 572 33.47 4.31 12.29
CA THR I 572 33.20 3.81 13.66
C THR I 572 33.59 4.88 14.69
N THR I 573 32.62 5.40 15.44
CA THR I 573 32.93 6.40 16.51
C THR I 573 33.78 5.69 17.57
N ASP I 574 35.11 5.74 17.43
CA ASP I 574 36.01 5.03 18.38
C ASP I 574 36.55 6.04 19.39
N ALA I 575 36.52 7.32 19.03
CA ALA I 575 37.00 8.40 19.93
C ALA I 575 36.09 9.61 19.73
N VAL I 576 36.34 10.72 20.43
CA VAL I 576 35.55 11.98 20.25
C VAL I 576 36.36 13.16 20.77
N ARG I 577 36.33 14.30 20.08
CA ARG I 577 36.96 15.52 20.68
C ARG I 577 35.92 15.98 21.70
N ASP I 578 35.96 15.45 22.92
CA ASP I 578 34.91 15.74 23.93
C ASP I 578 34.28 17.11 23.72
N PRO I 579 32.97 17.28 23.39
CA PRO I 579 32.43 18.62 23.10
C PRO I 579 32.64 19.69 24.18
N GLN I 580 32.77 19.30 25.44
CA GLN I 580 32.82 20.30 26.54
C GLN I 580 34.27 20.59 26.97
N THR I 581 34.95 19.62 27.58
CA THR I 581 36.32 19.89 28.12
C THR I 581 37.38 19.75 27.02
N LEU I 582 36.96 19.61 25.76
CA LEU I 582 37.91 19.56 24.60
C LEU I 582 39.06 18.59 24.88
N GLU I 583 38.76 17.34 25.25
CA GLU I 583 39.82 16.32 25.43
C GLU I 583 39.38 15.10 24.63
N ILE I 584 40.18 14.03 24.57
CA ILE I 584 39.78 12.90 23.76
C ILE I 584 39.36 11.76 24.69
N LEU I 585 38.21 11.18 24.39
CA LEU I 585 37.68 10.03 25.10
C LEU I 585 37.44 8.92 24.08
N ASP I 586 37.89 7.72 24.42
CA ASP I 586 37.61 6.57 23.57
C ASP I 586 36.24 6.00 23.91
N ILE I 587 35.38 5.93 22.89
CA ILE I 587 34.05 5.34 22.99
C ILE I 587 34.17 3.87 22.62
N THR I 588 34.45 3.01 23.60
CA THR I 588 34.45 1.59 23.31
C THR I 588 33.00 1.09 23.32
N PRO I 589 32.62 0.25 22.35
CA PRO I 589 31.23 -0.22 22.31
C PRO I 589 30.88 -0.91 23.61
N CYS I 590 29.60 -1.12 23.86
CA CYS I 590 29.26 -1.69 25.16
C CYS I 590 29.75 -3.12 25.23
N SER I 591 29.76 -3.69 26.43
CA SER I 591 30.25 -5.05 26.63
C SER I 591 29.18 -6.04 26.20
N PHE I 592 29.58 -7.05 25.46
CA PHE I 592 28.61 -8.00 24.95
C PHE I 592 29.30 -9.31 24.62
N GLY I 593 28.49 -10.35 24.51
CA GLY I 593 29.00 -11.65 24.17
C GLY I 593 27.97 -12.76 24.21
N GLY I 594 28.19 -13.83 23.44
CA GLY I 594 27.27 -14.94 23.47
C GLY I 594 27.26 -15.63 24.82
N VAL I 595 26.23 -16.44 25.02
CA VAL I 595 26.08 -17.25 26.22
C VAL I 595 25.91 -18.70 25.81
N SER I 596 26.79 -19.56 26.31
CA SER I 596 26.81 -20.98 25.96
C SER I 596 26.46 -21.81 27.19
N VAL I 597 25.65 -22.85 26.98
CA VAL I 597 25.19 -23.74 28.04
C VAL I 597 25.80 -25.12 27.82
N ILE I 598 26.57 -25.59 28.80
CA ILE I 598 27.15 -26.92 28.78
C ILE I 598 26.34 -27.79 29.73
N THR I 599 25.80 -28.89 29.21
CA THR I 599 25.04 -29.82 30.03
C THR I 599 25.54 -31.24 29.75
N PRO I 600 25.71 -32.07 30.78
CA PRO I 600 26.06 -33.48 30.56
C PRO I 600 24.95 -34.31 29.94
N GLY I 601 23.78 -33.74 29.71
CA GLY I 601 22.63 -34.43 29.16
C GLY I 601 21.55 -34.57 30.22
N THR I 602 20.30 -34.31 29.82
CA THR I 602 19.18 -34.45 30.73
C THR I 602 18.95 -35.88 31.18
N ASN I 603 19.53 -36.85 30.48
CA ASN I 603 19.45 -38.26 30.81
C ASN I 603 20.53 -38.69 31.79
N THR I 604 21.38 -37.77 32.22
CA THR I 604 22.43 -38.02 33.20
C THR I 604 22.32 -37.11 34.41
N SER I 605 21.89 -35.87 34.22
CA SER I 605 21.82 -34.87 35.28
C SER I 605 21.12 -33.65 34.71
N ASN I 606 20.66 -32.77 35.60
CA ASN I 606 20.09 -31.50 35.19
C ASN I 606 20.95 -30.32 35.63
N GLN I 607 22.15 -30.57 36.16
CA GLN I 607 23.11 -29.52 36.41
C GLN I 607 23.60 -28.91 35.10
N VAL I 608 24.01 -27.65 35.16
CA VAL I 608 24.37 -26.89 33.97
C VAL I 608 25.57 -26.00 34.30
N ALA I 609 26.43 -25.78 33.30
CA ALA I 609 27.49 -24.80 33.35
C ALA I 609 27.26 -23.74 32.28
N VAL I 610 27.77 -22.53 32.52
CA VAL I 610 27.50 -21.40 31.65
C VAL I 610 28.82 -20.71 31.31
N LEU I 611 29.04 -20.44 30.02
CA LEU I 611 30.18 -19.68 29.54
C LEU I 611 29.67 -18.39 28.92
N TYR I 612 30.17 -17.26 29.42
CA TYR I 612 29.96 -15.95 28.82
C TYR I 612 31.16 -15.68 27.92
N GLN I 613 30.91 -15.64 26.62
CA GLN I 613 32.01 -15.72 25.66
C GLN I 613 32.77 -14.40 25.62
N ASP I 614 34.10 -14.51 25.65
CA ASP I 614 35.07 -13.40 25.68
C ASP I 614 34.56 -12.18 26.45
N VAL I 615 34.09 -12.44 27.66
CA VAL I 615 33.71 -11.42 28.62
C VAL I 615 34.55 -11.62 29.88
N ASN I 616 35.11 -10.53 30.39
CA ASN I 616 35.85 -10.61 31.65
C ASN I 616 34.90 -11.04 32.77
N CYS I 617 35.35 -11.97 33.60
CA CYS I 617 34.48 -12.65 34.54
C CYS I 617 34.12 -11.79 35.75
N THR I 618 34.50 -10.52 35.74
CA THR I 618 34.15 -9.59 36.82
C THR I 618 32.89 -8.78 36.52
N GLU I 619 32.43 -8.76 35.27
CA GLU I 619 31.27 -7.97 34.86
C GLU I 619 30.14 -8.88 34.38
N VAL I 620 30.05 -10.08 34.92
CA VAL I 620 29.06 -11.06 34.47
C VAL I 620 27.65 -10.64 34.88
N PRO I 621 27.37 -10.35 36.17
CA PRO I 621 26.00 -9.95 36.46
C PRO I 621 25.81 -8.43 36.47
N SER I 640 30.64 -20.24 45.12
CA SER I 640 30.45 -20.82 43.80
C SER I 640 31.75 -20.92 43.03
N ASN I 641 31.65 -21.34 41.77
CA ASN I 641 32.80 -21.49 40.89
C ASN I 641 32.70 -20.45 39.78
N VAL I 642 33.63 -19.51 39.79
CA VAL I 642 33.89 -18.65 38.64
C VAL I 642 35.33 -18.90 38.21
N PHE I 643 35.52 -19.17 36.93
CA PHE I 643 36.82 -19.55 36.39
C PHE I 643 37.03 -18.83 35.07
N GLN I 644 38.19 -18.18 34.93
CA GLN I 644 38.47 -17.37 33.75
C GLN I 644 39.22 -18.20 32.72
N THR I 645 38.74 -18.14 31.48
CA THR I 645 39.26 -18.90 30.35
C THR I 645 39.60 -17.91 29.25
N ARG I 646 40.60 -18.27 28.44
CA ARG I 646 40.88 -17.51 27.23
C ARG I 646 39.65 -17.40 26.33
N ALA I 647 38.62 -18.22 26.55
CA ALA I 647 37.38 -18.15 25.78
C ALA I 647 36.24 -17.44 26.51
N GLY I 648 36.47 -16.87 27.69
CA GLY I 648 35.45 -16.14 28.42
C GLY I 648 35.37 -16.59 29.87
N CYS I 649 34.21 -16.38 30.50
CA CYS I 649 34.02 -16.68 31.92
C CYS I 649 33.12 -17.91 32.08
N LEU I 650 33.57 -18.87 32.90
CA LEU I 650 32.87 -20.13 33.13
C LEU I 650 32.33 -20.18 34.56
N ILE I 651 31.03 -20.42 34.71
CA ILE I 651 30.36 -20.46 36.01
C ILE I 651 29.61 -21.78 36.11
N GLY I 652 29.79 -22.48 37.22
CA GLY I 652 29.17 -23.77 37.44
C GLY I 652 30.07 -24.96 37.22
N ALA I 653 31.35 -24.75 36.92
CA ALA I 653 32.33 -25.81 36.77
C ALA I 653 33.57 -25.49 37.58
N GLU I 654 34.06 -26.48 38.33
CA GLU I 654 35.27 -26.32 39.11
C GLU I 654 36.47 -26.71 38.26
N HIS I 655 37.57 -25.99 38.45
CA HIS I 655 38.79 -26.21 37.70
C HIS I 655 39.65 -27.24 38.43
N VAL I 656 40.00 -28.32 37.75
CA VAL I 656 40.83 -29.37 38.30
C VAL I 656 42.21 -29.30 37.67
N ASN I 657 43.14 -30.06 38.23
CA ASN I 657 44.54 -30.02 37.84
C ASN I 657 44.98 -31.31 37.14
N ASN I 658 44.11 -32.31 37.03
CA ASN I 658 44.38 -33.43 36.14
C ASN I 658 44.19 -33.00 34.69
N SER I 659 44.45 -33.93 33.75
CA SER I 659 44.14 -33.73 32.34
C SER I 659 43.61 -35.04 31.77
N TYR I 660 42.41 -35.00 31.22
CA TYR I 660 41.79 -36.16 30.63
C TYR I 660 41.68 -35.96 29.12
N GLU I 661 41.08 -36.94 28.45
CA GLU I 661 40.72 -36.76 27.06
C GLU I 661 39.53 -35.80 26.95
N CYS I 662 39.48 -35.02 25.87
CA CYS I 662 38.45 -34.03 25.71
C CYS I 662 37.07 -34.67 25.59
N ASP I 663 36.10 -34.11 26.31
CA ASP I 663 34.73 -34.61 26.34
C ASP I 663 33.74 -33.60 25.78
N ILE I 664 33.67 -32.40 26.36
CA ILE I 664 32.84 -31.30 25.90
C ILE I 664 33.76 -30.12 25.62
N PRO I 665 33.86 -29.62 24.39
CA PRO I 665 34.89 -28.63 24.06
C PRO I 665 34.48 -27.22 24.46
N ILE I 666 35.26 -26.59 25.33
CA ILE I 666 35.07 -25.18 25.65
C ILE I 666 35.93 -24.29 24.76
N GLY I 667 37.25 -24.45 24.80
CA GLY I 667 38.13 -23.70 23.92
C GLY I 667 39.45 -23.33 24.57
N ALA I 668 40.39 -22.90 23.73
CA ALA I 668 41.72 -22.48 24.16
C ALA I 668 42.41 -23.57 24.97
N GLY I 669 42.25 -24.82 24.53
CA GLY I 669 42.82 -25.96 25.22
C GLY I 669 41.97 -26.54 26.32
N ILE I 670 40.83 -25.92 26.63
CA ILE I 670 40.02 -26.27 27.79
C ILE I 670 38.85 -27.12 27.32
N CYS I 671 38.60 -28.22 28.03
CA CYS I 671 37.38 -29.00 27.88
C CYS I 671 36.74 -29.20 29.25
N ALA I 672 35.53 -29.78 29.23
CA ALA I 672 34.69 -29.93 30.41
C ALA I 672 34.10 -31.33 30.47
N SER I 673 33.87 -31.81 31.69
CA SER I 673 33.32 -33.16 31.87
C SER I 673 32.46 -33.23 33.13
N TYR I 674 31.50 -34.16 33.11
CA TYR I 674 30.67 -34.45 34.28
C TYR I 674 31.26 -35.67 34.98
N GLN I 675 32.36 -35.44 35.70
CA GLN I 675 33.07 -36.53 36.36
C GLN I 675 33.18 -36.36 37.88
N THR I 676 33.64 -35.19 38.31
CA THR I 676 34.15 -35.02 39.66
C THR I 676 33.46 -33.88 40.40
N GLN I 690 29.13 -35.75 40.29
CA GLN I 690 29.20 -34.77 41.37
C GLN I 690 28.98 -33.35 40.84
N SER I 691 29.74 -32.96 39.81
CA SER I 691 29.57 -31.64 39.20
C SER I 691 30.31 -31.62 37.87
N ILE I 692 30.16 -30.49 37.16
CA ILE I 692 30.96 -30.20 35.97
C ILE I 692 32.35 -29.75 36.40
N ILE I 693 33.37 -30.24 35.70
CA ILE I 693 34.76 -29.88 35.94
C ILE I 693 35.35 -29.41 34.62
N ALA I 694 36.40 -28.59 34.72
CA ALA I 694 37.11 -28.07 33.56
C ALA I 694 38.60 -28.41 33.69
N TYR I 695 39.26 -28.52 32.53
CA TYR I 695 40.70 -28.79 32.52
C TYR I 695 41.30 -28.47 31.16
N THR I 696 42.64 -28.52 31.08
CA THR I 696 43.34 -28.48 29.79
C THR I 696 43.48 -29.91 29.30
N MET I 697 42.90 -30.19 28.13
CA MET I 697 42.80 -31.56 27.67
C MET I 697 44.16 -32.22 27.52
N SER I 698 44.18 -33.55 27.45
CA SER I 698 45.41 -34.31 27.30
C SER I 698 45.65 -34.61 25.83
N LEU I 699 46.87 -34.32 25.38
CA LEU I 699 47.21 -34.67 24.01
C LEU I 699 47.22 -36.19 23.86
N GLY I 700 47.64 -36.87 24.92
CA GLY I 700 47.73 -38.31 24.93
C GLY I 700 48.66 -38.75 26.04
N ALA I 701 48.87 -40.06 26.09
CA ALA I 701 49.79 -40.62 27.06
C ALA I 701 51.22 -40.40 26.58
N GLU I 702 52.18 -41.11 27.18
CA GLU I 702 53.60 -40.82 26.94
C GLU I 702 54.35 -42.15 26.78
N ASN I 703 54.92 -42.39 25.60
CA ASN I 703 55.76 -43.55 25.36
C ASN I 703 57.20 -43.10 25.20
N SER I 704 58.12 -43.74 25.92
CA SER I 704 59.56 -43.43 25.79
C SER I 704 60.21 -44.40 24.80
N VAL I 705 61.49 -44.19 24.47
CA VAL I 705 62.15 -45.05 23.44
C VAL I 705 63.49 -45.55 24.00
N ALA I 706 64.04 -46.61 23.40
CA ALA I 706 65.35 -47.17 23.86
C ALA I 706 66.38 -47.06 22.72
N TYR I 707 66.50 -45.88 22.12
CA TYR I 707 67.43 -45.70 20.97
C TYR I 707 68.87 -45.62 21.45
N SER I 708 69.78 -46.35 20.79
CA SER I 708 71.22 -46.25 21.12
C SER I 708 71.96 -45.82 19.86
N ASN I 709 72.44 -46.78 19.07
CA ASN I 709 73.15 -46.48 17.80
C ASN I 709 73.29 -47.77 16.99
N ASN I 710 72.95 -48.91 17.59
CA ASN I 710 73.13 -50.22 16.91
C ASN I 710 72.16 -51.26 17.48
N SER I 711 71.02 -50.83 18.02
CA SER I 711 70.13 -51.82 18.67
C SER I 711 68.74 -51.88 18.02
N ILE I 712 68.31 -53.08 17.63
CA ILE I 712 66.95 -53.28 17.05
C ILE I 712 65.90 -54.04 17.89
N ALA I 713 64.60 -53.71 17.69
CA ALA I 713 63.46 -54.46 18.27
C ALA I 713 62.66 -55.18 17.22
N ILE I 714 62.23 -56.39 17.57
CA ILE I 714 61.55 -57.30 16.65
C ILE I 714 60.34 -57.87 17.38
N PRO I 715 59.17 -57.94 16.72
CA PRO I 715 57.97 -58.52 17.32
C PRO I 715 57.98 -60.03 17.22
N THR I 716 57.46 -60.72 18.24
CA THR I 716 57.57 -62.21 18.27
C THR I 716 56.20 -62.84 18.05
N ASN I 717 55.16 -62.36 18.74
CA ASN I 717 53.78 -62.87 18.50
C ASN I 717 53.07 -61.85 17.62
N PHE I 718 51.73 -61.86 17.60
CA PHE I 718 51.00 -60.82 16.83
C PHE I 718 49.49 -60.83 17.06
N THR I 719 48.76 -60.08 16.26
CA THR I 719 47.29 -59.91 16.32
C THR I 719 46.68 -59.50 14.97
N ILE I 720 45.54 -60.10 14.65
CA ILE I 720 44.71 -59.67 13.52
C ILE I 720 43.60 -58.78 14.06
N SER I 721 43.41 -57.63 13.44
CA SER I 721 42.40 -56.68 13.90
C SER I 721 41.49 -56.29 12.74
N VAL I 722 40.25 -55.98 13.08
CA VAL I 722 39.28 -55.50 12.10
C VAL I 722 38.57 -54.28 12.68
N THR I 723 38.52 -53.22 11.89
CA THR I 723 37.86 -51.99 12.29
C THR I 723 36.79 -51.65 11.28
N THR I 724 35.95 -50.67 11.61
CA THR I 724 34.91 -50.25 10.70
C THR I 724 35.15 -48.85 10.22
N GLU I 725 34.47 -48.54 9.12
CA GLU I 725 34.37 -47.15 8.74
C GLU I 725 33.06 -46.94 8.01
N ILE I 726 32.39 -45.86 8.37
CA ILE I 726 31.08 -45.50 7.85
C ILE I 726 31.28 -44.35 6.87
N LEU I 727 30.58 -44.38 5.74
CA LEU I 727 30.72 -43.33 4.73
C LEU I 727 29.35 -43.05 4.12
N PRO I 728 28.84 -41.82 4.21
CA PRO I 728 27.59 -41.48 3.50
C PRO I 728 27.84 -41.30 2.01
N VAL I 729 26.98 -41.94 1.20
CA VAL I 729 27.08 -41.88 -0.26
C VAL I 729 25.96 -41.04 -0.84
N SER I 730 24.78 -41.08 -0.21
CA SER I 730 23.61 -40.43 -0.77
C SER I 730 22.88 -39.60 0.26
N MET I 731 22.05 -38.69 -0.24
CA MET I 731 21.03 -38.02 0.54
C MET I 731 19.73 -38.08 -0.23
N THR I 732 18.72 -37.36 0.26
CA THR I 732 17.38 -37.47 -0.28
C THR I 732 17.14 -36.48 -1.39
N LYS I 733 16.46 -36.94 -2.44
CA LYS I 733 16.21 -36.16 -3.63
C LYS I 733 14.87 -35.48 -3.42
N THR I 734 14.85 -34.15 -3.41
CA THR I 734 13.60 -33.44 -3.20
C THR I 734 13.29 -32.58 -4.40
N SER I 735 12.00 -32.32 -4.58
CA SER I 735 11.53 -31.39 -5.60
C SER I 735 10.54 -30.42 -4.99
N VAL I 736 10.66 -29.16 -5.38
CA VAL I 736 9.69 -28.16 -4.99
C VAL I 736 9.04 -27.61 -6.26
N ASP I 737 7.76 -27.33 -6.14
CA ASP I 737 7.00 -26.66 -7.20
C ASP I 737 6.89 -25.21 -6.76
N CYS I 738 7.61 -24.33 -7.44
CA CYS I 738 7.76 -22.95 -6.98
C CYS I 738 6.41 -22.27 -6.80
N THR I 739 5.58 -22.32 -7.84
CA THR I 739 4.28 -21.64 -7.79
C THR I 739 3.45 -22.16 -6.63
N MET I 740 3.46 -23.48 -6.42
CA MET I 740 2.65 -24.07 -5.35
C MET I 740 3.24 -23.83 -3.97
N TYR I 741 4.52 -23.51 -3.89
CA TYR I 741 5.05 -23.08 -2.60
C TYR I 741 4.72 -21.63 -2.30
N ILE I 742 4.76 -20.78 -3.32
CA ILE I 742 4.66 -19.34 -3.08
C ILE I 742 3.20 -18.88 -3.14
N CYS I 743 2.48 -19.31 -4.17
CA CYS I 743 1.09 -18.91 -4.37
C CYS I 743 0.09 -19.86 -3.75
N GLY I 744 0.27 -21.17 -3.91
CA GLY I 744 -0.66 -22.11 -3.34
C GLY I 744 -2.01 -22.09 -4.03
N ASP I 745 -2.01 -22.15 -5.36
CA ASP I 745 -3.23 -22.26 -6.15
C ASP I 745 -4.14 -21.04 -5.95
N SER I 746 -3.59 -19.88 -6.31
CA SER I 746 -4.36 -18.64 -6.32
C SER I 746 -3.90 -17.81 -7.50
N THR I 747 -4.84 -17.44 -8.37
CA THR I 747 -4.50 -16.80 -9.63
C THR I 747 -3.95 -15.39 -9.46
N GLU I 748 -4.40 -14.65 -8.45
CA GLU I 748 -3.87 -13.31 -8.22
C GLU I 748 -2.37 -13.36 -7.94
N CYS I 749 -1.96 -14.21 -7.00
CA CYS I 749 -0.55 -14.41 -6.71
C CYS I 749 0.18 -14.94 -7.93
N SER I 750 -0.41 -15.90 -8.63
CA SER I 750 0.29 -16.53 -9.74
C SER I 750 0.50 -15.56 -10.89
N ASN I 751 -0.38 -14.56 -11.04
CA ASN I 751 -0.18 -13.52 -12.04
C ASN I 751 0.87 -12.51 -11.58
N LEU I 752 0.88 -12.15 -10.30
CA LEU I 752 1.96 -11.29 -9.82
C LEU I 752 3.33 -11.97 -9.98
N LEU I 753 3.36 -13.29 -9.81
CA LEU I 753 4.61 -14.05 -9.85
C LEU I 753 5.31 -13.95 -11.20
N LEU I 754 4.54 -13.83 -12.29
CA LEU I 754 5.13 -13.83 -13.62
C LEU I 754 6.06 -12.65 -13.85
N GLN I 755 5.86 -11.54 -13.11
CA GLN I 755 6.70 -10.37 -13.27
C GLN I 755 8.13 -10.60 -12.79
N TYR I 756 8.40 -11.71 -12.12
CA TYR I 756 9.73 -12.02 -11.65
C TYR I 756 10.54 -12.85 -12.64
N GLY I 757 9.98 -13.14 -13.79
CA GLY I 757 10.74 -13.79 -14.85
C GLY I 757 10.90 -15.28 -14.61
N SER I 758 12.15 -15.73 -14.57
CA SER I 758 12.46 -17.16 -14.63
C SER I 758 13.24 -17.62 -13.41
N PHE I 759 12.96 -17.06 -12.24
CA PHE I 759 13.60 -17.55 -11.03
C PHE I 759 13.16 -18.97 -10.72
N CYS I 760 11.88 -19.28 -10.92
CA CYS I 760 11.35 -20.57 -10.53
C CYS I 760 11.73 -21.68 -11.50
N THR I 761 12.20 -21.35 -12.70
CA THR I 761 12.77 -22.38 -13.57
C THR I 761 14.22 -22.69 -13.22
N GLN I 762 15.03 -21.66 -12.95
CA GLN I 762 16.38 -21.92 -12.47
C GLN I 762 16.35 -22.75 -11.21
N LEU I 763 15.36 -22.51 -10.34
CA LEU I 763 15.28 -23.29 -9.10
C LEU I 763 15.05 -24.75 -9.39
N ASN I 764 14.06 -25.07 -10.21
CA ASN I 764 13.77 -26.47 -10.48
C ASN I 764 14.93 -27.10 -11.24
N ARG I 765 15.57 -26.36 -12.14
CA ARG I 765 16.77 -26.87 -12.79
C ARG I 765 17.83 -27.25 -11.76
N ALA I 766 18.10 -26.36 -10.81
CA ALA I 766 19.10 -26.66 -9.79
C ALA I 766 18.74 -27.92 -9.02
N LEU I 767 17.50 -28.02 -8.57
CA LEU I 767 17.11 -29.17 -7.77
C LEU I 767 17.18 -30.46 -8.57
N THR I 768 16.82 -30.44 -9.85
CA THR I 768 16.98 -31.63 -10.68
C THR I 768 18.45 -31.98 -10.86
N GLY I 769 19.29 -30.96 -11.08
CA GLY I 769 20.71 -31.21 -11.25
C GLY I 769 21.33 -31.87 -10.04
N ILE I 770 20.83 -31.57 -8.84
CA ILE I 770 21.34 -32.28 -7.68
C ILE I 770 20.61 -33.58 -7.39
N ALA I 771 19.37 -33.74 -7.87
CA ALA I 771 18.70 -35.02 -7.69
C ALA I 771 19.33 -36.11 -8.53
N VAL I 772 19.81 -35.78 -9.73
CA VAL I 772 20.40 -36.80 -10.58
C VAL I 772 21.75 -37.28 -10.03
N GLU I 773 22.60 -36.36 -9.60
CA GLU I 773 23.91 -36.75 -9.09
C GLU I 773 23.82 -37.59 -7.84
N GLN I 774 22.71 -37.51 -7.13
CA GLN I 774 22.53 -38.40 -5.99
C GLN I 774 22.50 -39.85 -6.42
N ASP I 775 21.77 -40.17 -7.49
CA ASP I 775 21.87 -41.53 -8.00
C ASP I 775 23.25 -41.81 -8.55
N LYS I 776 23.82 -40.90 -9.35
CA LYS I 776 25.17 -41.16 -9.89
C LYS I 776 26.16 -41.51 -8.80
N ASN I 777 26.02 -40.89 -7.62
CA ASN I 777 26.81 -41.26 -6.45
C ASN I 777 26.72 -42.74 -6.17
N THR I 778 25.50 -43.23 -6.01
CA THR I 778 25.27 -44.63 -5.69
C THR I 778 25.82 -45.55 -6.78
N GLN I 779 25.59 -45.22 -8.04
CA GLN I 779 26.08 -46.15 -9.06
C GLN I 779 27.59 -46.19 -9.11
N GLU I 780 28.26 -45.08 -8.89
CA GLU I 780 29.71 -45.18 -8.93
C GLU I 780 30.31 -45.79 -7.68
N VAL I 781 29.69 -45.64 -6.53
CA VAL I 781 30.20 -46.43 -5.42
C VAL I 781 29.97 -47.92 -5.69
N PHE I 782 28.73 -48.37 -5.78
CA PHE I 782 28.48 -49.80 -5.66
C PHE I 782 28.64 -50.60 -6.95
N ALA I 783 28.40 -50.01 -8.12
CA ALA I 783 28.49 -50.77 -9.37
C ALA I 783 29.94 -50.85 -9.82
N GLN I 784 30.70 -51.72 -9.15
CA GLN I 784 32.04 -52.09 -9.58
C GLN I 784 32.20 -53.59 -9.79
N VAL I 785 31.13 -54.26 -10.21
CA VAL I 785 31.22 -55.64 -10.63
C VAL I 785 30.38 -55.82 -11.89
N LYS I 786 30.84 -56.71 -12.77
CA LYS I 786 30.08 -57.06 -13.97
C LYS I 786 29.15 -58.24 -13.70
N GLN I 787 29.66 -59.30 -13.12
CA GLN I 787 28.87 -60.48 -12.79
C GLN I 787 28.29 -60.32 -11.39
N ILE I 788 27.30 -61.16 -11.06
CA ILE I 788 26.74 -61.19 -9.72
C ILE I 788 27.27 -62.44 -9.02
N TYR I 789 28.33 -62.29 -8.25
CA TYR I 789 29.03 -63.43 -7.68
C TYR I 789 28.25 -64.09 -6.55
N LYS I 790 28.27 -65.43 -6.52
CA LYS I 790 27.67 -66.25 -5.45
C LYS I 790 28.72 -67.12 -4.79
N THR I 791 28.48 -67.46 -3.52
CA THR I 791 29.42 -68.29 -2.78
C THR I 791 29.08 -69.77 -2.92
N PRO I 792 30.06 -70.67 -2.73
CA PRO I 792 29.76 -72.10 -2.82
C PRO I 792 28.86 -72.54 -1.69
N PRO I 793 28.03 -73.56 -1.91
CA PRO I 793 27.15 -74.04 -0.83
C PRO I 793 27.89 -74.64 0.34
N ILE I 794 28.93 -75.43 0.09
CA ILE I 794 29.75 -75.98 1.18
C ILE I 794 30.92 -75.03 1.41
N LYS I 795 31.00 -74.52 2.63
CA LYS I 795 31.85 -73.37 2.93
C LYS I 795 32.92 -73.77 3.94
N ASP I 796 34.06 -74.21 3.44
CA ASP I 796 35.25 -74.44 4.26
C ASP I 796 36.37 -73.52 3.77
N PHE I 797 36.60 -72.43 4.50
CA PHE I 797 37.60 -71.42 4.04
C PHE I 797 38.82 -71.41 4.95
N GLY I 798 39.32 -72.59 5.34
CA GLY I 798 40.52 -72.67 6.18
C GLY I 798 40.27 -72.17 7.59
N GLY I 799 39.10 -72.47 8.15
CA GLY I 799 38.78 -72.05 9.54
C GLY I 799 38.41 -70.59 9.62
N PHE I 800 37.89 -70.02 8.53
CA PHE I 800 37.51 -68.59 8.51
C PHE I 800 35.98 -68.49 8.42
N ASN I 801 35.34 -68.07 9.52
CA ASN I 801 33.86 -67.99 9.55
C ASN I 801 33.42 -66.56 9.26
N PHE I 802 32.59 -66.38 8.22
CA PHE I 802 32.06 -65.03 7.90
C PHE I 802 30.53 -65.07 7.92
N SER I 803 29.94 -65.97 8.72
CA SER I 803 28.49 -66.09 8.68
C SER I 803 27.78 -64.78 8.95
N GLN I 804 28.35 -63.92 9.78
CA GLN I 804 27.67 -62.71 10.21
C GLN I 804 27.72 -61.59 9.19
N ILE I 805 28.43 -61.78 8.08
CA ILE I 805 28.44 -60.80 7.00
C ILE I 805 28.02 -61.40 5.67
N LEU I 806 27.52 -62.60 5.67
CA LEU I 806 27.01 -63.13 4.42
C LEU I 806 25.49 -63.03 4.39
N PRO I 807 24.89 -62.98 3.20
CA PRO I 807 23.44 -62.78 3.12
C PRO I 807 22.68 -63.91 3.80
N ASP I 808 21.60 -63.54 4.50
CA ASP I 808 20.77 -64.52 5.18
C ASP I 808 19.42 -64.58 4.49
N PRO I 809 19.00 -65.77 4.02
CA PRO I 809 17.72 -65.85 3.29
C PRO I 809 16.52 -65.56 4.16
N SER I 810 16.55 -65.97 5.43
CA SER I 810 15.42 -65.82 6.34
C SER I 810 15.24 -64.40 6.85
N LYS I 811 15.98 -63.45 6.32
CA LYS I 811 16.01 -62.07 6.81
C LYS I 811 15.29 -61.14 5.84
N PRO I 812 15.01 -59.90 6.27
CA PRO I 812 14.38 -58.94 5.35
C PRO I 812 15.38 -58.48 4.29
N SER I 813 14.97 -58.60 3.02
CA SER I 813 15.75 -58.15 1.85
C SER I 813 17.03 -58.95 1.65
N LYS I 814 17.11 -60.17 2.21
CA LYS I 814 18.26 -61.06 1.98
C LYS I 814 19.58 -60.42 2.40
N ARG I 815 19.55 -59.70 3.52
CA ARG I 815 20.75 -58.97 3.99
C ARG I 815 21.51 -59.78 5.05
N SER I 816 22.65 -59.27 5.50
CA SER I 816 23.50 -60.00 6.48
C SER I 816 23.11 -59.63 7.91
N PRO I 817 23.42 -60.46 8.94
CA PRO I 817 23.17 -60.09 10.34
C PRO I 817 23.74 -58.70 10.70
N ILE I 818 24.97 -58.42 10.28
CA ILE I 818 25.62 -57.10 10.57
C ILE I 818 24.82 -56.00 9.84
N GLU I 819 24.44 -56.24 8.58
CA GLU I 819 23.68 -55.23 7.78
C GLU I 819 22.34 -54.94 8.46
N ASP I 820 21.80 -55.90 9.22
CA ASP I 820 20.51 -55.69 9.92
C ASP I 820 20.70 -54.67 11.05
N LEU I 821 21.71 -54.86 11.92
CA LEU I 821 21.96 -53.90 12.97
C LEU I 821 22.15 -52.50 12.38
N LEU I 822 22.83 -52.41 11.24
CA LEU I 822 23.01 -51.09 10.63
C LEU I 822 21.67 -50.43 10.30
N PHE I 823 20.77 -51.13 9.61
CA PHE I 823 19.50 -50.50 9.24
C PHE I 823 18.53 -50.37 10.39
N ASN I 824 18.76 -51.03 11.52
CA ASN I 824 17.89 -50.76 12.67
C ASN I 824 18.40 -49.61 13.53
N LYS I 825 19.69 -49.31 13.50
CA LYS I 825 20.19 -48.19 14.30
C LYS I 825 19.87 -46.82 13.74
N VAL I 826 19.83 -46.67 12.41
CA VAL I 826 19.60 -45.35 11.82
C VAL I 826 18.52 -45.38 10.75
N PHE I 855 3.84 -31.82 0.94
CA PHE I 855 2.80 -31.24 1.77
C PHE I 855 2.19 -30.00 1.11
N ASN I 856 3.04 -29.15 0.53
CA ASN I 856 2.58 -28.09 -0.37
C ASN I 856 3.68 -27.80 -1.39
N GLY I 857 3.60 -28.49 -2.52
CA GLY I 857 4.62 -28.39 -3.54
C GLY I 857 5.95 -29.00 -3.17
N LEU I 858 5.99 -29.82 -2.12
CA LEU I 858 7.21 -30.47 -1.65
C LEU I 858 7.09 -31.97 -1.82
N THR I 859 8.00 -32.56 -2.56
CA THR I 859 7.96 -33.99 -2.78
C THR I 859 9.36 -34.56 -2.60
N VAL I 860 9.42 -35.85 -2.31
CA VAL I 860 10.67 -36.60 -2.20
C VAL I 860 10.63 -37.69 -3.25
N LEU I 861 11.68 -37.76 -4.05
CA LEU I 861 11.69 -38.81 -5.05
C LEU I 861 12.41 -40.04 -4.50
N PRO I 862 12.03 -41.23 -4.95
CA PRO I 862 12.72 -42.44 -4.50
C PRO I 862 14.08 -42.57 -5.16
N PRO I 863 14.98 -43.34 -4.57
CA PRO I 863 16.22 -43.69 -5.26
C PRO I 863 15.96 -44.70 -6.36
N LEU I 864 16.66 -44.51 -7.49
CA LEU I 864 16.61 -45.48 -8.57
C LEU I 864 16.97 -46.86 -8.08
N LEU I 865 17.86 -46.95 -7.10
CA LEU I 865 18.30 -48.25 -6.66
C LEU I 865 17.74 -48.53 -5.28
N THR I 866 17.03 -49.65 -5.17
CA THR I 866 16.35 -50.07 -3.94
C THR I 866 17.38 -50.55 -2.93
N ASP I 867 16.93 -50.86 -1.71
CA ASP I 867 17.90 -51.39 -0.76
C ASP I 867 18.25 -52.83 -1.08
N GLU I 868 17.31 -53.59 -1.67
CA GLU I 868 17.57 -54.94 -2.10
C GLU I 868 18.70 -54.99 -3.12
N MET I 869 18.67 -54.10 -4.10
CA MET I 869 19.67 -54.13 -5.16
C MET I 869 21.05 -53.76 -4.63
N ILE I 870 21.13 -52.82 -3.69
CA ILE I 870 22.41 -52.55 -3.03
C ILE I 870 22.88 -53.79 -2.27
N ALA I 871 21.96 -54.45 -1.55
CA ALA I 871 22.35 -55.65 -0.81
C ALA I 871 22.89 -56.73 -1.73
N GLN I 872 22.26 -56.87 -2.90
CA GLN I 872 22.77 -57.80 -3.91
C GLN I 872 24.15 -57.39 -4.39
N TYR I 873 24.36 -56.11 -4.64
CA TYR I 873 25.67 -55.64 -5.03
C TYR I 873 26.72 -56.05 -4.01
N THR I 874 26.43 -55.79 -2.74
CA THR I 874 27.41 -56.12 -1.71
C THR I 874 27.63 -57.62 -1.60
N SER I 875 26.57 -58.42 -1.69
CA SER I 875 26.77 -59.87 -1.68
C SER I 875 27.63 -60.30 -2.86
N ALA I 876 27.44 -59.68 -4.03
CA ALA I 876 28.29 -59.96 -5.17
C ALA I 876 29.75 -59.65 -4.88
N LEU I 877 30.01 -58.43 -4.40
CA LEU I 877 31.39 -58.05 -4.09
C LEU I 877 32.00 -59.01 -3.08
N LEU I 878 31.23 -59.40 -2.06
CA LEU I 878 31.75 -60.26 -1.01
C LEU I 878 32.00 -61.68 -1.50
N ALA I 879 31.08 -62.23 -2.28
CA ALA I 879 31.30 -63.55 -2.88
C ALA I 879 32.51 -63.53 -3.79
N GLY I 880 32.70 -62.46 -4.55
CA GLY I 880 33.89 -62.35 -5.36
C GLY I 880 35.16 -62.35 -4.53
N THR I 881 35.22 -61.50 -3.50
CA THR I 881 36.50 -61.38 -2.78
C THR I 881 36.80 -62.64 -1.97
N ILE I 882 35.78 -63.26 -1.36
CA ILE I 882 36.06 -64.41 -0.51
C ILE I 882 36.57 -65.59 -1.32
N THR I 883 36.43 -65.55 -2.64
CA THR I 883 36.63 -66.76 -3.42
C THR I 883 37.63 -66.61 -4.56
N SER I 884 37.89 -65.40 -5.05
CA SER I 884 38.91 -65.21 -6.09
C SER I 884 40.00 -64.22 -5.71
N GLY I 885 40.04 -63.76 -4.47
CA GLY I 885 40.95 -62.70 -4.14
C GLY I 885 40.68 -61.46 -4.99
N TRP I 886 41.76 -60.79 -5.37
CA TRP I 886 41.75 -59.55 -6.13
C TRP I 886 41.71 -59.78 -7.64
N THR I 887 41.60 -61.04 -8.10
CA THR I 887 41.63 -61.34 -9.54
C THR I 887 40.40 -60.87 -10.28
N PHE I 888 39.22 -60.85 -9.64
CA PHE I 888 37.99 -60.48 -10.33
C PHE I 888 37.86 -58.97 -10.54
N GLY I 889 38.68 -58.17 -9.88
CA GLY I 889 38.77 -56.75 -10.13
C GLY I 889 39.72 -56.36 -11.23
N ALA I 890 40.36 -57.35 -11.86
CA ALA I 890 41.33 -57.07 -12.94
C ALA I 890 40.99 -57.94 -14.16
N GLY I 891 39.87 -58.65 -14.11
CA GLY I 891 39.45 -59.49 -15.24
C GLY I 891 38.77 -60.77 -14.76
N PRO I 892 39.25 -61.96 -15.16
CA PRO I 892 38.59 -63.23 -14.80
C PRO I 892 38.64 -63.56 -13.31
N ALA I 893 37.56 -64.16 -12.78
CA ALA I 893 37.52 -64.55 -11.36
C ALA I 893 38.23 -65.90 -11.20
N LEU I 894 39.53 -65.87 -10.92
CA LEU I 894 40.32 -67.14 -10.80
C LEU I 894 40.22 -67.65 -9.36
N GLN I 895 39.51 -68.77 -9.12
CA GLN I 895 39.35 -69.21 -7.74
C GLN I 895 40.70 -69.62 -7.15
N ILE I 896 40.86 -69.31 -5.86
CA ILE I 896 42.11 -69.67 -5.13
C ILE I 896 41.68 -70.16 -3.74
N PRO I 897 42.38 -71.11 -3.09
CA PRO I 897 42.05 -71.49 -1.72
C PRO I 897 42.13 -70.27 -0.80
N PHE I 898 41.20 -70.13 0.15
CA PHE I 898 41.27 -69.00 1.11
C PHE I 898 42.61 -68.98 1.85
N PRO I 899 43.14 -70.08 2.45
CA PRO I 899 44.47 -70.05 3.07
C PRO I 899 45.57 -69.55 2.11
N MET I 900 45.48 -69.89 0.81
CA MET I 900 46.47 -69.39 -0.17
C MET I 900 46.27 -67.88 -0.35
N GLN I 901 45.04 -67.41 -0.49
CA GLN I 901 44.76 -65.95 -0.62
C GLN I 901 45.40 -65.24 0.58
N MET I 902 45.37 -65.87 1.76
CA MET I 902 45.91 -65.26 2.97
C MET I 902 47.44 -65.31 2.97
N ALA I 903 48.02 -66.40 2.46
CA ALA I 903 49.48 -66.45 2.33
C ALA I 903 49.99 -65.36 1.39
N TYR I 904 49.24 -65.09 0.32
CA TYR I 904 49.60 -64.01 -0.58
C TYR I 904 49.57 -62.66 0.12
N ARG I 905 48.49 -62.36 0.85
CA ARG I 905 48.39 -61.06 1.49
C ARG I 905 49.48 -60.88 2.55
N PHE I 906 49.80 -61.95 3.26
CA PHE I 906 50.94 -61.92 4.17
C PHE I 906 52.24 -61.61 3.44
N ASN I 907 52.47 -62.27 2.31
CA ASN I 907 53.64 -61.90 1.50
C ASN I 907 53.57 -60.43 1.11
N GLY I 908 52.35 -59.93 0.88
CA GLY I 908 52.13 -58.54 0.52
C GLY I 908 52.52 -57.54 1.58
N ILE I 909 52.38 -57.90 2.86
CA ILE I 909 52.88 -57.04 3.93
C ILE I 909 54.27 -57.46 4.39
N GLY I 910 54.96 -58.30 3.62
CA GLY I 910 56.37 -58.54 3.80
C GLY I 910 56.75 -59.68 4.71
N VAL I 911 55.78 -60.50 5.10
CA VAL I 911 56.04 -61.62 6.00
C VAL I 911 55.95 -62.90 5.16
N THR I 912 56.73 -63.90 5.56
CA THR I 912 56.85 -65.12 4.78
C THR I 912 55.60 -66.00 4.95
N GLN I 913 55.41 -66.93 4.02
CA GLN I 913 54.19 -67.74 4.02
C GLN I 913 54.16 -68.78 5.14
N ASN I 914 55.29 -69.40 5.48
CA ASN I 914 55.29 -70.41 6.54
C ASN I 914 54.73 -69.84 7.83
N VAL I 915 54.90 -68.53 8.04
CA VAL I 915 54.36 -67.85 9.20
C VAL I 915 52.84 -67.95 9.22
N LEU I 916 52.19 -67.76 8.07
CA LEU I 916 50.77 -68.07 8.03
C LEU I 916 50.51 -69.55 8.26
N TYR I 917 51.29 -70.41 7.60
CA TYR I 917 50.93 -71.81 7.46
C TYR I 917 51.11 -72.62 8.75
N GLU I 918 52.05 -72.24 9.61
CA GLU I 918 52.17 -72.87 10.93
C GLU I 918 51.28 -72.20 11.97
N ASN I 919 50.63 -71.09 11.62
CA ASN I 919 49.81 -70.32 12.56
C ASN I 919 48.36 -70.21 12.11
N GLN I 920 47.89 -71.13 11.27
CA GLN I 920 46.58 -70.98 10.65
C GLN I 920 45.46 -70.95 11.69
N LYS I 921 45.44 -71.93 12.59
CA LYS I 921 44.32 -72.03 13.52
C LYS I 921 44.25 -70.81 14.44
N LEU I 922 45.40 -70.30 14.87
CA LEU I 922 45.34 -69.11 15.73
C LEU I 922 44.79 -67.91 14.97
N ILE I 923 45.38 -67.59 13.81
CA ILE I 923 44.95 -66.42 13.03
C ILE I 923 43.46 -66.51 12.74
N ALA I 924 43.03 -67.70 12.34
CA ALA I 924 41.65 -68.12 12.32
C ALA I 924 40.85 -67.63 13.52
N ASN I 925 41.27 -68.07 14.70
CA ASN I 925 40.51 -67.83 15.91
C ASN I 925 40.45 -66.34 16.21
N GLN I 926 41.56 -65.64 16.00
CA GLN I 926 41.57 -64.21 16.25
C GLN I 926 40.65 -63.47 15.30
N PHE I 927 40.63 -63.86 14.03
CA PHE I 927 39.73 -63.23 13.08
C PHE I 927 38.28 -63.44 13.48
N ASN I 928 37.94 -64.67 13.85
CA ASN I 928 36.56 -64.96 14.25
C ASN I 928 36.19 -64.17 15.49
N SER I 929 37.10 -64.12 16.48
CA SER I 929 36.83 -63.39 17.71
C SER I 929 36.68 -61.89 17.47
N ALA I 930 37.45 -61.34 16.53
CA ALA I 930 37.38 -59.92 16.22
C ALA I 930 36.16 -59.55 15.41
N ILE I 931 35.69 -60.44 14.53
CA ILE I 931 34.37 -60.20 13.93
C ILE I 931 33.29 -60.36 14.98
N GLY I 932 33.53 -61.19 16.00
CA GLY I 932 32.59 -61.33 17.09
C GLY I 932 32.32 -60.06 17.86
N LYS I 933 33.32 -59.19 17.98
CA LYS I 933 33.15 -57.97 18.77
C LYS I 933 32.50 -56.84 17.99
N ILE I 934 32.62 -56.82 16.66
CA ILE I 934 31.95 -55.76 15.91
C ILE I 934 30.44 -55.87 16.09
N GLN I 935 29.96 -57.11 16.12
CA GLN I 935 28.54 -57.36 16.32
C GLN I 935 28.08 -56.86 17.68
N ASP I 936 28.90 -57.05 18.72
CA ASP I 936 28.54 -56.55 20.05
C ASP I 936 28.59 -55.03 20.11
N SER I 937 29.69 -54.45 19.64
CA SER I 937 29.87 -53.00 19.72
C SER I 937 28.77 -52.27 18.96
N LEU I 938 28.31 -52.83 17.84
CA LEU I 938 27.19 -52.23 17.13
C LEU I 938 25.85 -52.53 17.81
N SER I 939 25.62 -53.80 18.18
CA SER I 939 24.37 -54.16 18.90
C SER I 939 24.12 -53.19 20.05
N SER I 940 25.19 -52.78 20.74
CA SER I 940 25.06 -51.84 21.89
C SER I 940 24.89 -50.40 21.38
N ALA I 944 27.27 -44.62 17.04
CA ALA I 944 27.72 -45.70 16.13
C ALA I 944 27.83 -45.14 14.70
N LEU I 945 26.70 -44.97 14.02
CA LEU I 945 26.70 -44.44 12.62
C LEU I 945 26.28 -42.97 12.66
N GLY I 946 27.02 -42.14 13.40
CA GLY I 946 26.68 -40.71 13.54
C GLY I 946 26.59 -40.01 12.19
N LYS I 947 27.62 -40.13 11.36
CA LYS I 947 27.66 -39.42 10.05
C LYS I 947 26.37 -39.69 9.26
N LEU I 948 25.90 -40.94 9.26
CA LEU I 948 24.70 -41.29 8.46
C LEU I 948 23.44 -40.68 9.10
N GLN I 949 23.25 -40.85 10.40
CA GLN I 949 22.14 -40.16 11.05
C GLN I 949 22.18 -38.67 10.78
N ASP I 950 23.38 -38.10 10.70
CA ASP I 950 23.50 -36.65 10.66
C ASP I 950 23.00 -36.07 9.35
N VAL I 951 23.28 -36.73 8.22
CA VAL I 951 22.79 -36.18 6.95
C VAL I 951 21.27 -36.21 6.89
N VAL I 952 20.67 -37.30 7.38
CA VAL I 952 19.20 -37.37 7.45
C VAL I 952 18.66 -36.25 8.32
N ASN I 953 19.27 -36.06 9.49
CA ASN I 953 18.78 -35.04 10.42
C ASN I 953 18.88 -33.65 9.80
N GLN I 954 19.98 -33.38 9.10
CA GLN I 954 20.15 -32.07 8.46
C GLN I 954 19.11 -31.85 7.37
N ASN I 955 18.88 -32.86 6.53
CA ASN I 955 17.87 -32.68 5.49
C ASN I 955 16.49 -32.44 6.10
N ALA I 956 16.15 -33.21 7.13
CA ALA I 956 14.85 -33.06 7.76
C ALA I 956 14.69 -31.67 8.36
N GLN I 957 15.71 -31.19 9.09
CA GLN I 957 15.60 -29.86 9.68
C GLN I 957 15.44 -28.77 8.62
N ALA I 958 16.15 -28.89 7.50
CA ALA I 958 15.99 -27.89 6.46
C ALA I 958 14.59 -27.93 5.84
N LEU I 959 14.04 -29.13 5.62
CA LEU I 959 12.67 -29.20 5.12
C LEU I 959 11.69 -28.57 6.10
N ASN I 960 11.86 -28.85 7.38
CA ASN I 960 10.95 -28.32 8.38
C ASN I 960 11.01 -26.81 8.46
N THR I 961 12.22 -26.23 8.38
CA THR I 961 12.27 -24.77 8.35
C THR I 961 11.59 -24.22 7.10
N LEU I 962 11.81 -24.86 5.94
CA LEU I 962 11.15 -24.39 4.72
C LEU I 962 9.65 -24.31 4.92
N VAL I 963 9.05 -25.37 5.47
CA VAL I 963 7.61 -25.35 5.66
C VAL I 963 7.21 -24.31 6.71
N LYS I 964 7.92 -24.26 7.84
CA LYS I 964 7.54 -23.36 8.92
C LYS I 964 7.67 -21.90 8.52
N GLN I 965 8.34 -21.61 7.40
CA GLN I 965 8.35 -20.26 6.90
C GLN I 965 7.03 -19.81 6.29
N LEU I 966 6.13 -20.74 5.97
CA LEU I 966 4.88 -20.40 5.29
C LEU I 966 3.85 -19.76 6.22
N SER I 967 4.24 -19.44 7.45
CA SER I 967 3.36 -18.83 8.44
C SER I 967 4.01 -17.60 9.04
N SER I 968 4.74 -16.85 8.23
CA SER I 968 5.27 -15.56 8.64
C SER I 968 4.71 -14.49 7.72
N ASN I 969 4.49 -13.30 8.28
CA ASN I 969 3.95 -12.21 7.50
C ASN I 969 5.04 -11.52 6.68
N PHE I 970 6.23 -11.40 7.26
CA PHE I 970 7.36 -10.66 6.68
C PHE I 970 7.07 -9.17 6.55
N GLY I 971 6.19 -8.64 7.39
CA GLY I 971 5.80 -7.25 7.25
C GLY I 971 4.53 -7.17 6.44
N ALA I 972 3.74 -8.23 6.55
CA ALA I 972 2.43 -8.28 5.92
C ALA I 972 1.40 -8.31 7.03
N ILE I 973 0.16 -8.57 6.64
CA ILE I 973 -0.92 -8.26 7.55
C ILE I 973 -1.61 -9.54 8.02
N SER I 974 -1.40 -10.63 7.31
CA SER I 974 -1.58 -12.00 7.79
C SER I 974 -0.56 -12.84 7.05
N SER I 975 -0.71 -14.17 7.14
CA SER I 975 0.12 -15.08 6.36
C SER I 975 -0.67 -15.93 5.38
N VAL I 976 -1.96 -15.64 5.19
CA VAL I 976 -2.83 -16.43 4.33
C VAL I 976 -3.24 -15.56 3.14
N LEU I 977 -3.17 -16.14 1.94
CA LEU I 977 -3.64 -15.44 0.76
C LEU I 977 -5.16 -15.42 0.69
N ASN I 978 -5.80 -16.26 1.47
CA ASN I 978 -7.22 -16.10 1.71
C ASN I 978 -7.49 -15.21 2.90
N ASP I 979 -6.50 -14.41 3.31
CA ASP I 979 -6.70 -13.28 4.20
C ASP I 979 -6.26 -11.95 3.59
N ILE I 980 -5.78 -11.92 2.34
CA ILE I 980 -5.32 -10.65 1.79
C ILE I 980 -6.10 -10.20 0.56
N LEU I 981 -6.53 -11.12 -0.30
CA LEU I 981 -7.61 -10.78 -1.21
C LEU I 981 -8.86 -10.61 -0.43
N SER I 982 -8.76 -10.94 0.82
CA SER I 982 -9.90 -11.47 1.47
C SER I 982 -10.61 -10.42 2.21
N ARG I 983 -10.14 -9.83 3.32
CA ARG I 983 -10.81 -8.68 3.98
C ARG I 983 -10.35 -7.38 3.31
N LEU I 984 -9.27 -7.45 2.53
CA LEU I 984 -8.76 -6.25 1.82
C LEU I 984 -9.27 -6.27 0.37
N ASP I 985 -9.07 -5.17 -0.36
CA ASP I 985 -9.59 -5.08 -1.75
C ASP I 985 -8.44 -5.25 -2.75
N PRO I 986 -8.68 -5.85 -3.94
CA PRO I 986 -7.63 -6.05 -4.96
C PRO I 986 -6.57 -4.95 -5.19
N PRO I 987 -6.89 -3.64 -5.33
CA PRO I 987 -5.83 -2.63 -5.48
C PRO I 987 -4.82 -2.65 -4.31
N GLU I 988 -5.29 -2.65 -3.05
CA GLU I 988 -4.33 -2.62 -1.96
C GLU I 988 -3.74 -4.00 -1.72
N ALA I 989 -4.29 -5.04 -2.38
CA ALA I 989 -3.90 -6.44 -2.18
C ALA I 989 -2.56 -6.75 -2.78
N GLU I 990 -2.28 -6.15 -3.92
CA GLU I 990 -0.96 -6.27 -4.48
C GLU I 990 0.13 -5.90 -3.48
N VAL I 991 -0.04 -4.77 -2.78
CA VAL I 991 1.03 -4.27 -1.92
C VAL I 991 1.24 -5.17 -0.72
N GLN I 992 0.29 -6.05 -0.43
CA GLN I 992 0.49 -6.97 0.67
C GLN I 992 0.88 -8.36 0.19
N ILE I 993 0.44 -8.73 -1.02
CA ILE I 993 0.82 -9.99 -1.62
C ILE I 993 2.29 -9.97 -2.00
N ASP I 994 2.76 -8.87 -2.59
CA ASP I 994 4.16 -8.76 -2.99
C ASP I 994 5.10 -8.93 -1.82
N ARG I 995 4.74 -8.39 -0.65
CA ARG I 995 5.54 -8.59 0.54
C ARG I 995 5.71 -10.07 0.85
N LEU I 996 4.59 -10.80 0.86
CA LEU I 996 4.63 -12.24 1.06
C LEU I 996 5.49 -12.90 -0.01
N ILE I 997 5.35 -12.46 -1.25
CA ILE I 997 6.06 -13.09 -2.36
C ILE I 997 7.56 -12.94 -2.19
N THR I 998 8.02 -11.71 -1.98
CA THR I 998 9.43 -11.48 -1.74
C THR I 998 9.93 -12.38 -0.62
N GLY I 999 9.20 -12.43 0.50
CA GLY I 999 9.65 -13.25 1.61
C GLY I 999 9.80 -14.71 1.24
N ARG I 1000 8.78 -15.26 0.59
CA ARG I 1000 8.78 -16.69 0.30
C ARG I 1000 9.83 -17.04 -0.73
N LEU I 1001 10.04 -16.17 -1.72
CA LEU I 1001 11.11 -16.36 -2.66
C LEU I 1001 12.47 -16.39 -1.96
N GLN I 1002 12.71 -15.43 -1.07
CA GLN I 1002 13.96 -15.43 -0.33
C GLN I 1002 14.18 -16.75 0.38
N SER I 1003 13.15 -17.23 1.09
CA SER I 1003 13.33 -18.43 1.89
C SER I 1003 13.57 -19.65 1.00
N LEU I 1004 12.85 -19.76 -0.11
CA LEU I 1004 13.06 -20.87 -1.02
C LEU I 1004 14.47 -20.85 -1.61
N GLN I 1005 14.93 -19.66 -2.03
CA GLN I 1005 16.30 -19.55 -2.53
C GLN I 1005 17.32 -19.97 -1.50
N THR I 1006 17.14 -19.54 -0.25
CA THR I 1006 18.09 -19.92 0.79
C THR I 1006 18.13 -21.43 0.96
N TYR I 1007 16.96 -22.07 0.97
CA TYR I 1007 16.94 -23.53 1.04
C TYR I 1007 17.73 -24.16 -0.09
N VAL I 1008 17.52 -23.67 -1.31
CA VAL I 1008 18.17 -24.31 -2.45
C VAL I 1008 19.68 -24.09 -2.44
N THR I 1009 20.14 -22.90 -2.07
CA THR I 1009 21.58 -22.68 -1.96
C THR I 1009 22.19 -23.62 -0.91
N GLN I 1010 21.52 -23.76 0.23
CA GLN I 1010 22.11 -24.63 1.25
C GLN I 1010 22.06 -26.08 0.83
N GLN I 1011 21.10 -26.48 0.01
CA GLN I 1011 21.13 -27.84 -0.51
C GLN I 1011 22.27 -28.04 -1.49
N LEU I 1012 22.57 -27.03 -2.31
CA LEU I 1012 23.75 -27.14 -3.16
C LEU I 1012 25.00 -27.33 -2.32
N ILE I 1013 25.13 -26.55 -1.25
CA ILE I 1013 26.32 -26.64 -0.43
C ILE I 1013 26.42 -27.97 0.30
N ARG I 1014 25.29 -28.56 0.69
CA ARG I 1014 25.37 -29.89 1.31
C ARG I 1014 25.67 -30.98 0.28
N ALA I 1015 25.10 -30.86 -0.93
CA ALA I 1015 25.35 -31.85 -1.97
C ALA I 1015 26.82 -31.87 -2.35
N ALA I 1016 27.46 -30.71 -2.40
CA ALA I 1016 28.88 -30.69 -2.69
C ALA I 1016 29.69 -31.53 -1.71
N GLU I 1017 29.17 -31.77 -0.52
CA GLU I 1017 29.95 -32.52 0.46
C GLU I 1017 29.59 -33.99 0.46
N ILE I 1018 28.31 -34.29 0.29
CA ILE I 1018 27.96 -35.69 0.07
C ILE I 1018 28.70 -36.22 -1.14
N ARG I 1019 28.95 -35.36 -2.14
CA ARG I 1019 29.69 -35.81 -3.32
C ARG I 1019 31.12 -36.19 -2.99
N ALA I 1020 31.83 -35.39 -2.18
CA ALA I 1020 33.19 -35.75 -1.80
C ALA I 1020 33.20 -37.05 -1.00
N SER I 1021 32.25 -37.21 -0.08
CA SER I 1021 32.16 -38.45 0.67
C SER I 1021 31.99 -39.65 -0.24
N ALA I 1022 31.05 -39.56 -1.18
CA ALA I 1022 30.84 -40.66 -2.11
C ALA I 1022 32.08 -40.94 -2.94
N ASN I 1023 32.82 -39.89 -3.32
CA ASN I 1023 34.01 -40.14 -4.11
C ASN I 1023 35.07 -40.90 -3.32
N LEU I 1024 35.25 -40.55 -2.05
CA LEU I 1024 36.18 -41.31 -1.22
C LEU I 1024 35.71 -42.75 -1.06
N ALA I 1025 34.40 -42.95 -0.89
CA ALA I 1025 33.88 -44.31 -0.82
C ALA I 1025 34.22 -45.08 -2.10
N ALA I 1026 34.06 -44.44 -3.26
CA ALA I 1026 34.37 -45.11 -4.51
C ALA I 1026 35.84 -45.51 -4.58
N THR I 1027 36.73 -44.57 -4.26
CA THR I 1027 38.15 -44.87 -4.32
C THR I 1027 38.51 -46.00 -3.39
N LYS I 1028 37.96 -45.98 -2.18
CA LYS I 1028 38.34 -47.01 -1.25
C LYS I 1028 37.75 -48.35 -1.66
N MET I 1029 36.60 -48.36 -2.34
CA MET I 1029 36.14 -49.68 -2.75
C MET I 1029 37.04 -50.19 -3.87
N SER I 1030 37.52 -49.29 -4.72
CA SER I 1030 38.53 -49.71 -5.69
C SER I 1030 39.74 -50.31 -5.00
N GLU I 1031 40.20 -49.67 -3.93
CA GLU I 1031 41.54 -49.93 -3.42
C GLU I 1031 41.60 -50.83 -2.19
N CYS I 1032 40.49 -51.10 -1.53
CA CYS I 1032 40.53 -51.96 -0.35
C CYS I 1032 39.71 -53.23 -0.47
N VAL I 1033 38.68 -53.29 -1.31
CA VAL I 1033 38.03 -54.56 -1.59
C VAL I 1033 38.59 -55.19 -2.85
N LEU I 1034 38.63 -54.15 -3.70
CA LEU I 1034 39.16 -54.71 -4.94
C LEU I 1034 40.68 -54.67 -4.99
N GLY I 1035 41.32 -54.23 -3.92
CA GLY I 1035 42.77 -54.35 -3.87
C GLY I 1035 43.27 -54.70 -2.48
N GLN I 1036 44.58 -54.66 -2.34
CA GLN I 1036 45.23 -54.53 -1.05
C GLN I 1036 46.04 -53.24 -1.15
N SER I 1037 45.89 -52.34 -0.18
CA SER I 1037 46.52 -51.04 -0.26
C SER I 1037 47.77 -50.97 0.58
N LYS I 1038 48.87 -50.53 -0.04
CA LYS I 1038 50.11 -50.23 0.66
C LYS I 1038 50.08 -48.84 1.28
N ARG I 1039 49.07 -48.04 0.96
CA ARG I 1039 48.97 -46.70 1.53
C ARG I 1039 48.78 -46.79 3.04
N VAL I 1040 49.44 -45.88 3.75
CA VAL I 1040 49.40 -45.84 5.20
C VAL I 1040 48.09 -45.20 5.64
N ASP I 1041 47.33 -45.92 6.48
CA ASP I 1041 46.12 -45.40 7.10
C ASP I 1041 45.07 -45.00 6.07
N PHE I 1042 44.96 -45.76 4.98
CA PHE I 1042 43.87 -45.55 4.04
C PHE I 1042 42.77 -46.60 4.15
N CYS I 1043 43.09 -47.82 4.57
CA CYS I 1043 42.09 -48.88 4.68
C CYS I 1043 42.16 -49.50 6.07
N GLY I 1044 42.33 -48.67 7.09
CA GLY I 1044 42.48 -49.11 8.47
C GLY I 1044 43.76 -48.58 9.09
N LYS I 1045 44.01 -49.04 10.32
CA LYS I 1045 45.23 -48.70 11.06
C LYS I 1045 45.98 -49.99 11.38
N GLY I 1046 47.24 -50.05 10.99
CA GLY I 1046 48.03 -51.27 10.95
C GLY I 1046 48.38 -51.55 9.51
N TYR I 1047 48.61 -52.82 9.20
CA TYR I 1047 48.93 -53.23 7.84
C TYR I 1047 47.68 -53.81 7.20
N HIS I 1048 47.28 -53.25 6.05
CA HIS I 1048 46.04 -53.68 5.42
C HIS I 1048 46.13 -55.09 4.86
N LEU I 1049 45.13 -55.91 5.23
CA LEU I 1049 45.00 -57.28 4.72
C LEU I 1049 43.82 -57.39 3.74
N MET I 1050 42.65 -56.88 4.13
CA MET I 1050 41.47 -56.99 3.27
C MET I 1050 40.36 -56.11 3.83
N SER I 1051 39.31 -55.87 3.02
CA SER I 1051 38.14 -55.11 3.44
C SER I 1051 36.87 -55.82 2.98
N PHE I 1052 35.76 -55.54 3.68
CA PHE I 1052 34.44 -56.03 3.29
C PHE I 1052 33.42 -54.91 3.41
N PRO I 1053 32.62 -54.67 2.38
CA PRO I 1053 31.58 -53.66 2.49
C PRO I 1053 30.26 -54.23 3.00
N GLN I 1054 29.52 -53.37 3.68
CA GLN I 1054 28.17 -53.59 4.17
C GLN I 1054 27.39 -52.32 3.92
N SER I 1055 26.15 -52.44 3.53
CA SER I 1055 25.43 -51.22 3.24
C SER I 1055 24.86 -50.62 4.52
N ALA I 1056 24.49 -49.36 4.41
CA ALA I 1056 23.84 -48.60 5.46
C ALA I 1056 22.83 -47.71 4.77
N PRO I 1057 21.80 -47.25 5.48
CA PRO I 1057 20.68 -46.54 4.84
C PRO I 1057 21.05 -45.58 3.70
N HIS I 1058 21.92 -44.61 3.97
CA HIS I 1058 22.38 -43.72 2.89
C HIS I 1058 23.88 -43.79 2.74
N GLY I 1059 24.46 -44.95 2.95
CA GLY I 1059 25.88 -45.03 2.84
C GLY I 1059 26.39 -46.44 2.85
N VAL I 1060 27.68 -46.55 3.09
CA VAL I 1060 28.36 -47.82 3.15
C VAL I 1060 29.29 -47.83 4.34
N VAL I 1061 29.36 -48.97 5.00
CA VAL I 1061 30.34 -49.24 6.03
C VAL I 1061 31.31 -50.25 5.45
N PHE I 1062 32.55 -50.18 5.90
CA PHE I 1062 33.58 -51.12 5.48
C PHE I 1062 34.24 -51.71 6.71
N LEU I 1063 34.50 -53.00 6.63
CA LEU I 1063 35.21 -53.74 7.66
C LEU I 1063 36.65 -53.90 7.19
N HIS I 1064 37.56 -53.30 7.95
CA HIS I 1064 38.99 -53.29 7.67
C HIS I 1064 39.69 -54.36 8.47
N VAL I 1065 40.30 -55.32 7.75
CA VAL I 1065 41.06 -56.41 8.32
C VAL I 1065 42.53 -56.09 8.12
N THR I 1066 43.22 -55.84 9.23
CA THR I 1066 44.62 -55.44 9.28
C THR I 1066 45.43 -56.34 10.19
N TYR I 1067 46.73 -56.38 9.93
CA TYR I 1067 47.72 -57.12 10.69
C TYR I 1067 48.49 -56.14 11.59
N VAL I 1068 48.62 -56.48 12.88
CA VAL I 1068 49.30 -55.63 13.85
C VAL I 1068 50.36 -56.46 14.57
N PRO I 1069 51.63 -56.05 14.54
CA PRO I 1069 52.69 -56.83 15.21
C PRO I 1069 52.60 -56.71 16.73
N ALA I 1070 53.12 -57.71 17.47
CA ALA I 1070 53.08 -57.55 18.91
C ALA I 1070 54.15 -58.38 19.63
N GLN I 1071 54.41 -57.93 20.87
CA GLN I 1071 55.32 -58.57 21.83
C GLN I 1071 56.79 -58.50 21.37
N GLU I 1072 57.33 -57.27 21.42
CA GLU I 1072 58.70 -57.04 20.90
C GLU I 1072 59.79 -57.53 21.84
N LYS I 1073 61.01 -57.72 21.31
CA LYS I 1073 62.17 -58.14 22.13
C LYS I 1073 63.39 -57.38 21.59
N ASN I 1074 64.08 -56.64 22.44
CA ASN I 1074 65.22 -55.80 21.95
C ASN I 1074 66.47 -56.66 21.78
N PHE I 1075 67.09 -56.62 20.59
CA PHE I 1075 68.35 -57.35 20.35
C PHE I 1075 69.37 -56.35 19.79
N THR I 1076 70.64 -56.75 19.70
CA THR I 1076 71.65 -55.90 19.07
C THR I 1076 71.81 -56.18 17.58
N THR I 1077 72.27 -55.18 16.82
CA THR I 1077 72.46 -55.33 15.38
C THR I 1077 73.74 -54.70 14.87
N ALA I 1078 73.77 -54.74 13.55
CA ALA I 1078 74.71 -54.10 12.66
C ALA I 1078 74.17 -54.26 11.25
N PRO I 1079 74.27 -53.24 10.45
CA PRO I 1079 74.19 -53.41 9.01
C PRO I 1079 75.11 -54.42 8.30
N ALA I 1080 76.27 -54.80 8.82
CA ALA I 1080 77.13 -55.65 7.99
C ALA I 1080 77.96 -56.62 8.80
N ILE I 1081 78.42 -57.66 8.12
CA ILE I 1081 79.25 -58.71 8.70
C ILE I 1081 80.54 -58.84 7.90
N CYS I 1082 81.67 -58.78 8.59
CA CYS I 1082 82.98 -58.95 7.98
C CYS I 1082 83.41 -60.42 8.08
N HIS I 1083 83.93 -60.95 6.97
CA HIS I 1083 84.43 -62.32 6.97
C HIS I 1083 85.40 -62.51 5.82
N ASP I 1084 86.57 -63.09 6.12
CA ASP I 1084 87.59 -63.36 5.10
C ASP I 1084 87.97 -62.09 4.34
N GLY I 1085 87.90 -60.95 5.00
CA GLY I 1085 88.19 -59.68 4.37
C GLY I 1085 87.08 -59.10 3.51
N LYS I 1086 85.86 -59.63 3.63
CA LYS I 1086 84.72 -59.22 2.81
C LYS I 1086 83.57 -58.75 3.68
N ALA I 1087 82.68 -57.95 3.07
CA ALA I 1087 81.52 -57.41 3.76
C ALA I 1087 80.25 -58.02 3.19
N HIS I 1088 79.46 -58.65 4.06
CA HIS I 1088 78.21 -59.31 3.69
C HIS I 1088 77.04 -58.55 4.29
N PHE I 1089 76.00 -58.39 3.48
CA PHE I 1089 74.76 -57.71 3.80
C PHE I 1089 73.58 -58.65 3.61
N PRO I 1090 72.56 -58.58 4.48
CA PRO I 1090 71.47 -59.57 4.39
C PRO I 1090 70.62 -59.34 3.16
N ARG I 1091 70.13 -60.43 2.59
CA ARG I 1091 69.40 -60.32 1.33
C ARG I 1091 68.03 -59.67 1.54
N GLU I 1092 67.28 -60.12 2.56
CA GLU I 1092 65.97 -59.55 2.82
C GLU I 1092 65.68 -59.45 4.32
N GLY I 1093 66.70 -59.42 5.16
CA GLY I 1093 66.44 -59.44 6.59
C GLY I 1093 67.24 -58.45 7.42
N VAL I 1094 67.48 -58.80 8.68
CA VAL I 1094 68.36 -58.04 9.57
C VAL I 1094 69.21 -59.00 10.38
N PHE I 1095 70.40 -58.52 10.78
CA PHE I 1095 71.36 -59.35 11.57
C PHE I 1095 71.12 -59.07 13.06
N VAL I 1096 70.54 -60.03 13.78
CA VAL I 1096 70.26 -59.85 15.23
C VAL I 1096 71.23 -60.76 16.00
N SER I 1097 71.34 -60.59 17.31
CA SER I 1097 72.18 -61.54 18.10
C SER I 1097 71.41 -62.00 19.33
N ASN I 1098 71.54 -63.28 19.69
CA ASN I 1098 70.87 -63.82 20.90
C ASN I 1098 71.78 -63.56 22.11
N GLY I 1099 72.89 -62.84 21.90
CA GLY I 1099 73.87 -62.62 22.98
C GLY I 1099 75.15 -63.34 22.63
N THR I 1100 75.09 -64.25 21.65
CA THR I 1100 76.28 -65.02 21.21
C THR I 1100 76.29 -65.11 19.69
N HIS I 1101 75.60 -66.10 19.13
CA HIS I 1101 75.58 -66.31 17.64
C HIS I 1101 74.75 -65.22 16.97
N TRP I 1102 75.16 -64.79 15.78
CA TRP I 1102 74.40 -63.77 15.02
C TRP I 1102 73.37 -64.47 14.13
N PHE I 1103 72.18 -63.87 13.97
CA PHE I 1103 71.10 -64.56 13.23
C PHE I 1103 70.37 -63.60 12.27
N VAL I 1104 69.94 -64.10 11.11
CA VAL I 1104 69.17 -63.30 10.17
C VAL I 1104 67.69 -63.52 10.43
N THR I 1105 66.95 -62.43 10.52
CA THR I 1105 65.50 -62.49 10.68
C THR I 1105 64.83 -61.69 9.57
N GLN I 1106 63.54 -61.96 9.39
CA GLN I 1106 62.70 -61.03 8.68
C GLN I 1106 62.29 -59.91 9.64
N ARG I 1107 62.10 -58.72 9.07
CA ARG I 1107 61.99 -57.49 9.84
C ARG I 1107 60.69 -57.32 10.62
N ASN I 1108 59.58 -57.95 10.21
CA ASN I 1108 58.31 -57.78 10.89
C ASN I 1108 57.94 -58.92 11.84
N PHE I 1109 58.61 -60.07 11.74
CA PHE I 1109 58.32 -61.24 12.57
C PHE I 1109 59.63 -61.91 12.92
N TYR I 1110 59.87 -62.08 14.22
CA TYR I 1110 61.13 -62.63 14.71
C TYR I 1110 61.24 -64.11 14.39
N GLU I 1111 62.21 -64.46 13.54
CA GLU I 1111 62.40 -65.85 13.14
C GLU I 1111 63.84 -66.10 12.75
N PRO I 1112 64.72 -66.42 13.70
CA PRO I 1112 66.15 -66.41 13.42
C PRO I 1112 66.62 -67.57 12.54
N GLN I 1113 67.64 -67.28 11.73
CA GLN I 1113 68.27 -68.23 10.85
C GLN I 1113 69.77 -68.06 10.89
N ILE I 1114 70.49 -69.15 10.62
CA ILE I 1114 71.94 -69.09 10.55
C ILE I 1114 72.35 -68.23 9.35
N ILE I 1115 73.37 -67.38 9.55
CA ILE I 1115 73.88 -66.58 8.46
C ILE I 1115 74.69 -67.48 7.52
N THR I 1116 74.21 -67.63 6.29
CA THR I 1116 74.92 -68.38 5.25
C THR I 1116 75.10 -67.49 4.02
N THR I 1117 75.86 -67.99 3.05
CA THR I 1117 76.03 -67.28 1.79
C THR I 1117 74.82 -67.40 0.89
N ASP I 1118 73.72 -67.96 1.40
CA ASP I 1118 72.48 -68.06 0.64
C ASP I 1118 71.48 -66.98 1.01
N ASN I 1119 71.63 -66.33 2.17
CA ASN I 1119 70.74 -65.25 2.57
C ASN I 1119 71.46 -63.93 2.71
N THR I 1120 72.76 -63.87 2.43
CA THR I 1120 73.48 -62.61 2.34
C THR I 1120 74.09 -62.48 0.96
N PHE I 1121 74.70 -61.33 0.72
CA PHE I 1121 75.51 -61.09 -0.46
C PHE I 1121 76.76 -60.31 -0.03
N VAL I 1122 77.68 -60.13 -0.97
CA VAL I 1122 78.98 -59.55 -0.69
C VAL I 1122 79.17 -58.34 -1.58
N SER I 1123 79.80 -57.29 -1.03
CA SER I 1123 80.30 -56.19 -1.86
C SER I 1123 81.30 -55.37 -1.04
N GLY I 1124 82.56 -55.38 -1.46
CA GLY I 1124 83.58 -54.55 -0.86
C GLY I 1124 84.36 -55.25 0.24
N ASN I 1125 85.28 -54.49 0.84
CA ASN I 1125 86.08 -54.92 1.97
C ASN I 1125 85.58 -54.24 3.24
N CYS I 1126 85.62 -55.00 4.34
CA CYS I 1126 85.06 -54.55 5.61
C CYS I 1126 86.00 -53.54 6.28
N ASP I 1127 86.26 -52.43 5.61
CA ASP I 1127 86.98 -51.37 6.30
C ASP I 1127 86.39 -50.03 5.95
N VAL I 1128 85.31 -50.01 5.17
CA VAL I 1128 84.67 -48.76 4.87
C VAL I 1128 83.33 -48.63 5.58
N VAL I 1129 82.58 -49.72 5.76
CA VAL I 1129 81.36 -49.67 6.56
C VAL I 1129 81.72 -49.48 8.02
N ILE I 1130 80.86 -48.75 8.74
CA ILE I 1130 81.04 -48.51 10.17
C ILE I 1130 80.06 -49.40 10.96
N GLY I 1131 80.60 -50.47 11.57
CA GLY I 1131 79.75 -51.40 12.35
C GLY I 1131 79.95 -52.84 11.94
N ILE I 1132 80.81 -53.10 10.94
CA ILE I 1132 81.05 -54.48 10.44
C ILE I 1132 81.42 -55.39 11.62
N VAL I 1133 80.55 -56.35 11.94
CA VAL I 1133 80.86 -57.32 13.04
C VAL I 1133 81.57 -58.51 12.42
N ASN I 1134 82.77 -58.86 12.92
CA ASN I 1134 83.49 -60.05 12.41
C ASN I 1134 82.77 -61.32 12.89
N ASN I 1135 81.86 -61.85 12.07
CA ASN I 1135 81.10 -63.07 12.45
C ASN I 1135 81.32 -64.13 11.36
N THR I 1136 81.35 -65.40 11.72
CA THR I 1136 81.63 -66.48 10.72
C THR I 1136 80.38 -66.73 9.88
N VAL I 1137 80.49 -66.62 8.55
CA VAL I 1137 79.37 -66.86 7.64
C VAL I 1137 79.51 -68.26 7.03
N TYR I 1138 78.41 -69.02 6.97
CA TYR I 1138 78.49 -70.45 6.70
C TYR I 1138 78.23 -70.78 5.22
N ASP I 1139 79.22 -71.36 4.56
CA ASP I 1139 79.05 -71.83 3.20
C ASP I 1139 78.47 -73.24 3.21
N PRO I 1140 77.35 -73.49 2.56
CA PRO I 1140 76.73 -74.84 2.59
C PRO I 1140 77.53 -75.91 1.85
N LEU I 1141 78.14 -75.57 0.72
CA LEU I 1141 78.79 -76.58 -0.11
C LEU I 1141 80.05 -77.12 0.55
N GLN I 1142 80.84 -76.24 1.16
CA GLN I 1142 82.17 -76.60 1.65
C GLN I 1142 82.18 -77.85 2.54
N PRO I 1143 81.35 -77.96 3.58
CA PRO I 1143 81.32 -79.22 4.33
C PRO I 1143 80.67 -80.37 3.56
N GLU I 1144 79.49 -80.13 2.99
CA GLU I 1144 78.70 -81.21 2.42
C GLU I 1144 79.45 -81.94 1.32
N LEU I 1145 80.15 -81.20 0.45
CA LEU I 1145 80.97 -81.82 -0.57
C LEU I 1145 82.05 -82.68 0.06
N ASP I 1146 82.67 -82.17 1.13
CA ASP I 1146 83.78 -82.85 1.77
C ASP I 1146 83.35 -83.56 3.04
#